data_6NQT
#
_entry.id   6NQT
#
_cell.length_a   116.575
_cell.length_b   120.126
_cell.length_c   247.389
_cell.angle_alpha   90.00
_cell.angle_beta   90.00
_cell.angle_gamma   90.00
#
_symmetry.space_group_name_H-M   'P 21 21 21'
#
loop_
_entity.id
_entity.type
_entity.pdbx_description
1 polymer 'Polypeptide N-acetylgalactosaminyltransferase 2'
2 non-polymer 'MANGANESE (II) ION'
3 non-polymer '[[(2~{R},3~{S},4~{R},5~{R})-5-[2,4-bis(oxidanylidene)pyrimidin-1-yl]-3,4-bis(oxidanyl)oxolan-2-yl]methoxy-oxidanyl-phosphoryl] [(2~{R},3~{R},4~{R},5~{R},6~{R})-3-(hex-5-ynoylamino)-6-(hydroxymethyl)-4,5-bis(oxidanyl)oxan-2-yl] hydrogen phosphate'
4 water water
#
_entity_poly.entity_id   1
_entity_poly.type   'polypeptide(L)'
_entity_poly.pdbx_seq_one_letter_code
;MRRRSRMLLCFAFLWVLGIAYYMYSGGGSALAGGAGGGAGRKEDWNEIDPIKKKDLHHSNGEEKAQSMETLPPGKVRWPD
FNQEAYVGGTMVRSGQDPYARNKFNQVESDKLRMDRAIPDTRHDQCQRKQWRVDLPATSVVITFHNEARSALLRTVVSVL
KKSPPHLIKEIILVDDYSNDPEDGALLGKIEKVRVLRNDRREGLMRSRVRGADAAQAKVLTFLDSHCECNEHWLEPLLER
VAEDRTRVVSPIADVINMDNFQYVGASADLKGGFDWNLVFKWDYMTPEQRRSRQGNPVAPIKTPMIAGGAFVMDKFYFEE
LGKYDMMMDVWGGENLEISFRVWQCGGSLEIIPCSRVGHVFRKQHPYTFPGGSGTVFARNTRRAAEVWMDEYKNFYYAAV
PSARNVPYGNIQSRLELRKKLSCKPFKWYLENVYPELRVPDHQDIAFGALQQGTNCLDTLGHFADGVVGVYECHNAGGNQ
EWALTKEKSVKHMDLCLTVVDRAPGSLIKLQGCRENDSRQKWEQIEGNSKLRHVGSNLCLDSRTAKSGGLSVEVCGPALS
QQWKFTLNLQQ
;
_entity_poly.pdbx_strand_id   A,B,C,D,E,F
#
loop_
_chem_comp.id
_chem_comp.type
_chem_comp.name
_chem_comp.formula
LR7 non-polymer '[[(2~{R},3~{S},4~{R},5~{R})-5-[2,4-bis(oxidanylidene)pyrimidin-1-yl]-3,4-bis(oxidanyl)oxolan-2-yl]methoxy-oxidanyl-phosphoryl] [(2~{R},3~{R},4~{R},5~{R},6~{R})-3-(hex-5-ynoylamino)-6-(hydroxymethyl)-4,5-bis(oxidanyl)oxan-2-yl] hydrogen phosphate' 'C21 H31 N3 O17 P2'
MN non-polymer 'MANGANESE (II) ION' 'Mn 2'
#
# COMPACT_ATOMS: atom_id res chain seq x y z
N LYS A 75 -17.14 27.81 -64.92
CA LYS A 75 -16.54 28.81 -65.91
C LYS A 75 -15.07 28.59 -66.36
N VAL A 76 -14.50 27.49 -65.94
CA VAL A 76 -13.08 27.15 -66.13
C VAL A 76 -13.01 25.61 -66.02
N ARG A 77 -12.24 24.98 -66.92
CA ARG A 77 -11.92 23.57 -66.73
C ARG A 77 -11.01 23.47 -65.51
N TRP A 78 -11.22 22.43 -64.71
CA TRP A 78 -10.58 22.36 -63.41
C TRP A 78 -9.05 22.35 -63.45
N PRO A 79 -8.43 21.66 -64.46
CA PRO A 79 -6.97 21.67 -64.52
C PRO A 79 -6.35 23.02 -64.83
N ASP A 80 -7.09 23.86 -65.55
CA ASP A 80 -6.68 25.24 -65.82
C ASP A 80 -6.88 26.18 -64.64
N PHE A 81 -7.56 25.73 -63.61
CA PHE A 81 -7.61 26.49 -62.33
C PHE A 81 -6.25 26.57 -61.65
N ASN A 82 -5.97 27.71 -61.07
CA ASN A 82 -4.67 28.05 -60.53
C ASN A 82 -4.59 27.73 -59.03
N GLN A 83 -4.05 26.57 -58.71
CA GLN A 83 -3.72 26.29 -57.28
C GLN A 83 -2.88 27.39 -56.64
N GLU A 84 -1.74 27.74 -57.21
CA GLU A 84 -0.82 28.71 -56.57
C GLU A 84 -1.46 30.07 -56.28
N ALA A 85 -2.30 30.59 -57.15
CA ALA A 85 -3.02 31.85 -56.88
C ALA A 85 -4.02 31.73 -55.73
N TYR A 86 -4.81 30.67 -55.81
CA TYR A 86 -5.64 30.18 -54.67
C TYR A 86 -4.64 29.54 -53.71
N VAL A 87 -4.96 29.36 -52.46
CA VAL A 87 -3.99 28.94 -51.42
C VAL A 87 -2.73 29.78 -51.45
N GLY A 88 -2.86 31.03 -51.87
CA GLY A 88 -1.68 31.87 -52.27
C GLY A 88 -1.14 32.69 -51.12
N GLY A 89 -1.94 33.66 -50.70
CA GLY A 89 -1.64 34.47 -49.50
C GLY A 89 -1.94 33.71 -48.21
N THR A 90 -3.20 33.40 -47.98
CA THR A 90 -3.69 32.26 -47.15
C THR A 90 -2.89 30.96 -47.17
N MET A 91 -1.69 31.06 -46.61
CA MET A 91 -0.72 29.95 -46.53
C MET A 91 -0.31 29.79 -45.07
N VAL A 92 0.97 29.91 -44.75
CA VAL A 92 1.49 29.70 -43.42
C VAL A 92 2.77 30.51 -43.36
N ARG A 93 2.68 31.68 -42.75
CA ARG A 93 3.82 32.59 -42.73
C ARG A 93 4.98 31.98 -41.97
N SER A 94 6.14 32.59 -42.07
CA SER A 94 7.37 32.07 -41.46
C SER A 94 7.23 31.94 -39.93
N GLY A 95 7.71 30.80 -39.44
CA GLY A 95 7.78 30.50 -38.00
C GLY A 95 6.47 30.47 -37.25
N GLN A 96 5.33 30.40 -37.97
CA GLN A 96 4.03 30.14 -37.36
C GLN A 96 3.80 28.63 -37.10
N ASP A 97 2.82 28.35 -36.24
CA ASP A 97 2.26 27.03 -36.02
C ASP A 97 1.63 26.40 -37.31
N PRO A 98 2.21 25.30 -37.81
CA PRO A 98 1.62 24.59 -38.98
C PRO A 98 0.23 23.98 -38.77
N TYR A 99 0.00 23.47 -37.57
CA TYR A 99 -1.26 22.85 -37.13
C TYR A 99 -2.24 23.88 -36.59
N ALA A 100 -2.23 25.11 -37.08
CA ALA A 100 -2.83 26.22 -36.34
C ALA A 100 -4.33 26.27 -36.59
N ARG A 101 -4.71 26.65 -37.80
CA ARG A 101 -6.13 27.03 -38.06
C ARG A 101 -6.97 25.77 -38.20
N ASN A 102 -6.43 24.65 -38.63
CA ASN A 102 -7.27 23.45 -38.96
C ASN A 102 -7.04 22.16 -38.19
N LYS A 103 -6.11 22.15 -37.23
CA LYS A 103 -5.73 20.97 -36.44
C LYS A 103 -5.29 19.77 -37.31
N PHE A 104 -4.73 20.10 -38.46
CA PHE A 104 -3.91 19.22 -39.26
C PHE A 104 -2.78 20.06 -39.86
N ASN A 105 -1.76 19.38 -40.36
CA ASN A 105 -0.57 20.05 -40.86
C ASN A 105 -0.85 20.75 -42.19
N GLN A 106 -1.19 22.04 -42.14
CA GLN A 106 -1.48 22.80 -43.32
C GLN A 106 -0.31 22.90 -44.31
N VAL A 107 0.92 22.92 -43.80
CA VAL A 107 2.09 23.08 -44.67
C VAL A 107 2.15 21.89 -45.63
N GLU A 108 2.01 20.69 -45.07
CA GLU A 108 2.06 19.48 -45.86
C GLU A 108 0.87 19.35 -46.84
N SER A 109 -0.29 19.81 -46.42
CA SER A 109 -1.49 19.89 -47.26
C SER A 109 -1.26 20.83 -48.43
N ASP A 110 -0.78 22.03 -48.12
CA ASP A 110 -0.52 23.06 -49.11
C ASP A 110 0.51 22.60 -50.15
N LYS A 111 1.54 21.87 -49.69
CA LYS A 111 2.57 21.30 -50.57
C LYS A 111 2.04 20.46 -51.74
N LEU A 112 0.95 19.73 -51.48
CA LEU A 112 0.42 18.78 -52.47
C LEU A 112 -0.34 19.45 -53.60
N ARG A 113 -0.25 18.83 -54.77
CA ARG A 113 -0.96 19.32 -55.97
C ARG A 113 -2.48 19.11 -55.78
N MET A 114 -3.27 19.90 -56.47
CA MET A 114 -4.73 19.71 -56.50
C MET A 114 -5.11 18.38 -57.11
N ASP A 115 -4.36 17.91 -58.11
CA ASP A 115 -4.69 16.60 -58.76
C ASP A 115 -3.75 15.48 -58.34
N ARG A 116 -3.22 15.60 -57.12
CA ARG A 116 -2.18 14.67 -56.63
C ARG A 116 -2.49 13.16 -56.87
N ALA A 117 -1.45 12.38 -57.12
CA ALA A 117 -1.55 10.95 -57.25
C ALA A 117 -1.77 10.30 -55.90
N ILE A 118 -2.73 9.38 -55.82
CA ILE A 118 -2.98 8.59 -54.61
C ILE A 118 -3.04 7.11 -54.99
N PRO A 119 -2.64 6.20 -54.09
CA PRO A 119 -2.64 4.79 -54.43
C PRO A 119 -4.01 4.19 -54.52
N ASP A 120 -4.22 3.32 -55.49
CA ASP A 120 -5.49 2.63 -55.68
C ASP A 120 -5.60 1.60 -54.55
N THR A 121 -6.35 1.96 -53.51
CA THR A 121 -6.50 1.12 -52.32
C THR A 121 -7.66 0.11 -52.39
N ARG A 122 -8.24 -0.10 -53.56
CA ARG A 122 -9.33 -1.05 -53.70
C ARG A 122 -8.78 -2.45 -53.85
N HIS A 123 -9.62 -3.43 -53.49
CA HIS A 123 -9.29 -4.84 -53.71
C HIS A 123 -9.15 -5.09 -55.20
N ASP A 124 -8.29 -6.03 -55.55
CA ASP A 124 -8.14 -6.54 -56.89
C ASP A 124 -9.47 -6.79 -57.59
N GLN A 125 -10.45 -7.38 -56.90
CA GLN A 125 -11.79 -7.66 -57.45
C GLN A 125 -12.52 -6.44 -58.05
N CYS A 126 -12.29 -5.26 -57.48
CA CYS A 126 -12.98 -4.02 -57.91
C CYS A 126 -12.23 -3.42 -59.10
N GLN A 127 -10.93 -3.32 -58.88
CA GLN A 127 -9.94 -2.82 -59.78
C GLN A 127 -9.99 -4.00 -60.72
N ARG A 128 -10.65 -3.74 -61.79
CA ARG A 128 -10.93 -4.73 -62.92
C ARG A 128 -12.40 -5.19 -62.90
N LYS A 129 -13.28 -4.27 -63.22
CA LYS A 129 -14.71 -4.54 -63.38
C LYS A 129 -15.30 -3.42 -64.22
N GLN A 130 -15.69 -3.67 -65.48
CA GLN A 130 -16.44 -2.63 -66.23
C GLN A 130 -17.56 -2.08 -65.33
N TRP A 131 -17.31 -0.93 -64.68
CA TRP A 131 -18.31 -0.31 -63.84
C TRP A 131 -19.43 0.32 -64.62
N ARG A 132 -20.66 -0.05 -64.25
CA ARG A 132 -21.87 0.53 -64.80
C ARG A 132 -21.76 2.05 -64.76
N VAL A 133 -22.15 2.73 -65.84
CA VAL A 133 -22.08 4.20 -65.93
C VAL A 133 -23.38 4.86 -66.37
N ASP A 134 -24.37 4.05 -66.74
CA ASP A 134 -25.75 4.49 -67.01
C ASP A 134 -26.53 4.62 -65.72
N LEU A 135 -26.13 5.60 -64.93
CA LEU A 135 -26.65 5.76 -63.54
C LEU A 135 -27.24 7.13 -63.43
N PRO A 136 -28.10 7.38 -62.42
CA PRO A 136 -28.58 8.75 -62.22
C PRO A 136 -27.50 9.63 -61.64
N ALA A 137 -27.48 10.88 -62.08
CA ALA A 137 -26.37 11.80 -61.72
C ALA A 137 -26.64 12.29 -60.31
N THR A 138 -25.62 12.89 -59.70
CA THR A 138 -25.71 13.32 -58.30
C THR A 138 -25.26 14.76 -58.09
N SER A 139 -25.93 15.41 -57.14
CA SER A 139 -25.53 16.71 -56.64
C SER A 139 -24.64 16.45 -55.41
N VAL A 140 -23.36 16.81 -55.54
CA VAL A 140 -22.39 16.57 -54.50
C VAL A 140 -22.37 17.77 -53.57
N VAL A 141 -22.70 17.52 -52.29
CA VAL A 141 -22.80 18.56 -51.26
C VAL A 141 -21.61 18.53 -50.30
N ILE A 142 -20.80 19.58 -50.38
CA ILE A 142 -19.63 19.70 -49.50
C ILE A 142 -19.86 20.92 -48.62
N THR A 143 -19.79 20.73 -47.30
CA THR A 143 -20.07 21.76 -46.32
C THR A 143 -18.76 22.07 -45.61
N PHE A 144 -18.52 23.34 -45.31
CA PHE A 144 -17.26 23.78 -44.69
C PHE A 144 -17.32 25.09 -43.92
N HIS A 145 -16.55 25.15 -42.85
CA HIS A 145 -16.34 26.33 -42.03
C HIS A 145 -14.84 26.42 -41.76
N ASN A 146 -14.20 27.45 -42.32
CA ASN A 146 -12.77 27.75 -42.10
C ASN A 146 -11.87 26.61 -42.58
N GLU A 147 -12.15 26.03 -43.73
CA GLU A 147 -11.38 24.89 -44.22
C GLU A 147 -10.10 25.42 -44.80
N ALA A 148 -9.08 24.55 -44.85
CA ALA A 148 -7.84 24.86 -45.55
C ALA A 148 -8.09 24.90 -47.04
N ARG A 149 -7.70 25.99 -47.70
CA ARG A 149 -7.90 26.11 -49.15
C ARG A 149 -7.38 24.92 -49.95
N SER A 150 -6.19 24.46 -49.61
CA SER A 150 -5.58 23.30 -50.26
C SER A 150 -6.47 22.06 -50.16
N ALA A 151 -6.99 21.81 -48.96
CA ALA A 151 -7.80 20.61 -48.69
C ALA A 151 -9.17 20.67 -49.35
N LEU A 152 -9.79 21.85 -49.30
CA LEU A 152 -11.07 22.08 -49.93
C LEU A 152 -10.95 21.89 -51.44
N LEU A 153 -9.93 22.50 -52.04
CA LEU A 153 -9.70 22.39 -53.48
C LEU A 153 -9.49 20.96 -53.89
N ARG A 154 -8.56 20.28 -53.22
CA ARG A 154 -8.26 18.87 -53.49
C ARG A 154 -9.50 17.99 -53.44
N THR A 155 -10.40 18.25 -52.51
CA THR A 155 -11.67 17.55 -52.41
C THR A 155 -12.45 17.74 -53.70
N VAL A 156 -12.73 18.99 -54.02
CA VAL A 156 -13.51 19.37 -55.20
C VAL A 156 -12.94 18.77 -56.48
N VAL A 157 -11.63 18.92 -56.66
CA VAL A 157 -10.99 18.41 -57.87
C VAL A 157 -11.04 16.88 -57.93
N SER A 158 -10.84 16.23 -56.79
CA SER A 158 -10.88 14.76 -56.74
C SER A 158 -12.22 14.21 -57.20
N VAL A 159 -13.30 14.91 -56.84
CA VAL A 159 -14.64 14.58 -57.33
C VAL A 159 -14.72 14.65 -58.87
N LEU A 160 -14.24 15.74 -59.42
CA LEU A 160 -14.30 16.04 -60.84
C LEU A 160 -13.35 15.19 -61.65
N LYS A 161 -12.12 15.03 -61.18
CA LYS A 161 -11.14 14.16 -61.82
C LYS A 161 -11.58 12.68 -61.88
N LYS A 162 -12.09 12.15 -60.78
CA LYS A 162 -12.31 10.71 -60.64
C LYS A 162 -13.72 10.24 -60.93
N SER A 163 -14.67 11.15 -61.01
CA SER A 163 -16.06 10.81 -61.35
C SER A 163 -16.28 10.90 -62.84
N PRO A 164 -17.05 9.98 -63.44
CA PRO A 164 -17.50 10.19 -64.83
C PRO A 164 -18.31 11.47 -64.96
N PRO A 165 -17.94 12.35 -65.92
CA PRO A 165 -18.44 13.77 -65.92
C PRO A 165 -19.95 13.92 -65.96
N HIS A 166 -20.64 13.01 -66.63
CA HIS A 166 -22.09 13.07 -66.78
C HIS A 166 -22.84 12.74 -65.52
N LEU A 167 -22.19 12.06 -64.58
CA LEU A 167 -22.74 11.70 -63.29
C LEU A 167 -22.64 12.78 -62.23
N ILE A 168 -21.88 13.84 -62.52
CA ILE A 168 -21.81 15.01 -61.64
C ILE A 168 -22.67 16.10 -62.23
N LYS A 169 -23.89 16.26 -61.69
CA LYS A 169 -24.77 17.35 -62.10
C LYS A 169 -24.15 18.67 -61.68
N GLU A 170 -23.78 18.74 -60.40
CA GLU A 170 -23.18 19.93 -59.82
C GLU A 170 -22.45 19.57 -58.54
N ILE A 171 -21.51 20.43 -58.17
CA ILE A 171 -20.87 20.40 -56.87
C ILE A 171 -21.36 21.64 -56.12
N ILE A 172 -22.15 21.42 -55.06
CA ILE A 172 -22.62 22.51 -54.24
C ILE A 172 -21.69 22.65 -53.04
N LEU A 173 -21.03 23.78 -52.96
CA LEU A 173 -20.23 24.15 -51.79
C LEU A 173 -21.08 25.01 -50.90
N VAL A 174 -21.34 24.57 -49.67
CA VAL A 174 -22.04 25.35 -48.66
C VAL A 174 -20.99 25.89 -47.69
N ASP A 175 -20.62 27.15 -47.90
CA ASP A 175 -19.79 27.92 -47.00
C ASP A 175 -20.62 28.22 -45.74
N ASP A 176 -20.34 27.49 -44.66
CA ASP A 176 -20.98 27.72 -43.38
C ASP A 176 -20.29 28.83 -42.59
N TYR A 177 -20.51 30.07 -43.02
CA TYR A 177 -20.01 31.26 -42.36
C TYR A 177 -18.50 31.21 -42.10
N SER A 178 -17.75 30.89 -43.14
CA SER A 178 -16.28 30.94 -43.09
C SER A 178 -15.86 32.38 -43.04
N ASN A 179 -14.80 32.68 -42.29
CA ASN A 179 -14.39 34.06 -42.02
C ASN A 179 -14.19 34.84 -43.34
N ASP A 180 -13.37 34.29 -44.24
CA ASP A 180 -13.20 34.82 -45.58
C ASP A 180 -14.10 34.09 -46.59
N PRO A 181 -15.17 34.77 -47.10
CA PRO A 181 -15.98 34.18 -48.19
C PRO A 181 -15.22 33.81 -49.46
N GLU A 182 -14.05 34.44 -49.66
CA GLU A 182 -13.21 34.12 -50.80
C GLU A 182 -12.76 32.66 -50.84
N ASP A 183 -12.68 32.02 -49.67
CA ASP A 183 -12.34 30.60 -49.57
C ASP A 183 -13.24 29.77 -50.50
N GLY A 184 -14.56 29.95 -50.35
CA GLY A 184 -15.52 29.27 -51.19
C GLY A 184 -15.78 29.94 -52.53
N ALA A 185 -15.97 31.26 -52.46
CA ALA A 185 -16.33 32.10 -53.61
C ALA A 185 -15.44 31.87 -54.80
N LEU A 186 -14.13 31.89 -54.58
CA LEU A 186 -13.18 31.71 -55.68
C LEU A 186 -13.31 30.40 -56.46
N LEU A 187 -13.75 29.35 -55.77
CA LEU A 187 -13.92 28.06 -56.44
C LEU A 187 -15.10 28.06 -57.40
N GLY A 188 -16.07 28.94 -57.14
CA GLY A 188 -17.19 29.20 -58.07
C GLY A 188 -16.79 29.37 -59.55
N LYS A 189 -15.53 29.72 -59.79
CA LYS A 189 -14.96 29.65 -61.14
C LYS A 189 -14.91 28.25 -61.75
N ILE A 190 -15.08 27.18 -60.98
CA ILE A 190 -14.71 25.81 -61.45
C ILE A 190 -15.92 25.16 -62.10
N GLU A 191 -15.63 24.47 -63.23
CA GLU A 191 -16.61 23.72 -64.01
C GLU A 191 -18.05 23.59 -63.58
N LYS A 192 -18.32 22.81 -62.54
CA LYS A 192 -19.69 22.54 -62.12
C LYS A 192 -19.98 22.95 -60.63
N VAL A 193 -19.22 23.94 -60.17
CA VAL A 193 -19.18 24.34 -58.78
C VAL A 193 -20.13 25.52 -58.58
N ARG A 194 -21.10 25.34 -57.68
CA ARG A 194 -21.85 26.45 -57.12
C ARG A 194 -21.46 26.67 -55.66
N VAL A 195 -21.52 27.92 -55.24
CA VAL A 195 -21.20 28.30 -53.87
C VAL A 195 -22.40 28.98 -53.19
N LEU A 196 -22.72 28.50 -52.02
CA LEU A 196 -23.83 29.04 -51.20
C LEU A 196 -23.27 29.48 -49.87
N ARG A 197 -23.30 30.78 -49.63
CA ARG A 197 -22.79 31.32 -48.35
C ARG A 197 -23.92 31.41 -47.31
N ASN A 198 -23.67 30.84 -46.12
CA ASN A 198 -24.51 31.03 -44.97
C ASN A 198 -24.19 32.39 -44.31
N ASP A 199 -25.19 33.26 -44.31
CA ASP A 199 -25.04 34.60 -43.70
C ASP A 199 -24.80 34.59 -42.18
N ARG A 200 -25.26 33.56 -41.48
CA ARG A 200 -24.84 33.29 -40.11
C ARG A 200 -24.31 31.85 -40.00
N ARG A 201 -23.81 31.50 -38.84
CA ARG A 201 -23.39 30.17 -38.50
C ARG A 201 -24.56 29.19 -38.28
N GLU A 202 -24.68 28.25 -39.20
CA GLU A 202 -25.74 27.22 -39.14
C GLU A 202 -25.32 25.88 -38.56
N GLY A 203 -24.09 25.48 -38.82
CA GLY A 203 -23.57 24.22 -38.37
C GLY A 203 -23.81 23.12 -39.42
N LEU A 204 -23.07 22.03 -39.20
CA LEU A 204 -22.94 20.94 -40.15
C LEU A 204 -24.27 20.46 -40.70
N MET A 205 -25.16 20.06 -39.81
CA MET A 205 -26.44 19.50 -40.19
C MET A 205 -27.29 20.48 -40.99
N ARG A 206 -27.56 21.68 -40.48
CA ARG A 206 -28.35 22.64 -41.23
C ARG A 206 -27.76 22.97 -42.61
N SER A 207 -26.46 23.13 -42.65
CA SER A 207 -25.72 23.46 -43.89
C SER A 207 -25.88 22.38 -44.94
N ARG A 208 -25.80 21.13 -44.51
CA ARG A 208 -26.06 20.02 -45.41
C ARG A 208 -27.47 20.04 -45.99
N VAL A 209 -28.43 20.42 -45.17
CA VAL A 209 -29.84 20.46 -45.59
C VAL A 209 -30.05 21.55 -46.65
N ARG A 210 -29.39 22.68 -46.46
CA ARG A 210 -29.42 23.77 -47.44
C ARG A 210 -28.96 23.27 -48.80
N GLY A 211 -27.78 22.69 -48.83
CA GLY A 211 -27.21 22.13 -50.06
C GLY A 211 -28.12 21.11 -50.73
N ALA A 212 -28.76 20.28 -49.92
CA ALA A 212 -29.68 19.27 -50.43
C ALA A 212 -30.94 19.88 -51.05
N ASP A 213 -31.43 20.95 -50.45
CA ASP A 213 -32.59 21.69 -50.95
C ASP A 213 -32.29 22.43 -52.24
N ALA A 214 -31.03 22.88 -52.37
CA ALA A 214 -30.52 23.49 -53.59
C ALA A 214 -30.06 22.50 -54.67
N ALA A 215 -30.19 21.21 -54.40
CA ALA A 215 -29.70 20.16 -55.32
C ALA A 215 -30.71 19.94 -56.45
N GLN A 216 -30.21 19.94 -57.70
CA GLN A 216 -31.02 19.68 -58.86
C GLN A 216 -31.15 18.18 -59.13
N ALA A 217 -30.10 17.41 -58.86
CA ALA A 217 -30.08 15.99 -59.23
C ALA A 217 -31.03 15.16 -58.39
N LYS A 218 -31.31 13.94 -58.86
CA LYS A 218 -32.27 13.07 -58.17
C LYS A 218 -31.62 12.33 -57.00
N VAL A 219 -30.29 12.31 -56.97
CA VAL A 219 -29.49 11.66 -55.93
C VAL A 219 -28.51 12.64 -55.27
N LEU A 220 -28.43 12.57 -53.94
CA LEU A 220 -27.50 13.38 -53.14
C LEU A 220 -26.27 12.58 -52.79
N THR A 221 -25.10 13.23 -52.88
CA THR A 221 -23.85 12.71 -52.33
C THR A 221 -23.29 13.76 -51.40
N PHE A 222 -23.05 13.39 -50.15
CA PHE A 222 -22.42 14.25 -49.17
C PHE A 222 -20.98 13.87 -48.98
N LEU A 223 -20.14 14.84 -48.67
CA LEU A 223 -18.69 14.63 -48.47
C LEU A 223 -18.20 15.71 -47.53
N ASP A 224 -17.26 15.37 -46.67
CA ASP A 224 -16.55 16.36 -45.86
C ASP A 224 -15.61 17.14 -46.74
N SER A 225 -15.27 18.34 -46.32
CA SER A 225 -14.46 19.29 -47.08
C SER A 225 -12.94 19.07 -47.07
N HIS A 226 -12.51 17.91 -46.59
CA HIS A 226 -11.09 17.53 -46.58
C HIS A 226 -11.01 16.04 -46.92
N CYS A 227 -11.58 15.70 -48.09
CA CYS A 227 -11.61 14.32 -48.58
C CYS A 227 -10.87 14.23 -49.90
N GLU A 228 -10.63 13.01 -50.35
CA GLU A 228 -10.01 12.73 -51.65
C GLU A 228 -10.59 11.45 -52.23
N CYS A 229 -11.46 11.62 -53.22
CA CYS A 229 -12.06 10.51 -53.92
C CYS A 229 -10.98 9.70 -54.66
N ASN A 230 -11.15 8.38 -54.63
CA ASN A 230 -10.25 7.46 -55.30
C ASN A 230 -10.84 7.02 -56.64
N GLU A 231 -10.17 6.06 -57.30
CA GLU A 231 -10.57 5.55 -58.58
C GLU A 231 -11.94 4.89 -58.52
N HIS A 232 -12.74 5.20 -59.54
CA HIS A 232 -14.10 4.67 -59.71
C HIS A 232 -14.85 4.56 -58.40
N TRP A 233 -14.82 5.66 -57.66
CA TRP A 233 -15.41 5.76 -56.34
C TRP A 233 -16.94 5.85 -56.40
N LEU A 234 -17.44 6.62 -57.37
CA LEU A 234 -18.84 7.01 -57.39
C LEU A 234 -19.77 5.92 -57.90
N GLU A 235 -19.34 5.21 -58.94
CA GLU A 235 -20.19 4.21 -59.61
C GLU A 235 -20.78 3.17 -58.65
N PRO A 236 -19.94 2.53 -57.83
CA PRO A 236 -20.48 1.53 -56.91
C PRO A 236 -21.51 2.06 -55.92
N LEU A 237 -21.39 3.33 -55.55
CA LEU A 237 -22.37 3.97 -54.65
C LEU A 237 -23.69 4.15 -55.35
N LEU A 238 -23.66 4.76 -56.52
CA LEU A 238 -24.86 5.00 -57.33
C LEU A 238 -25.57 3.71 -57.72
N GLU A 239 -24.81 2.73 -58.18
CA GLU A 239 -25.35 1.40 -58.52
C GLU A 239 -26.25 0.86 -57.41
N ARG A 240 -25.87 1.05 -56.17
CA ARG A 240 -26.65 0.59 -55.01
C ARG A 240 -27.93 1.36 -54.89
N VAL A 241 -27.83 2.69 -54.94
CA VAL A 241 -29.01 3.55 -54.73
C VAL A 241 -29.96 3.43 -55.92
N ALA A 242 -29.41 3.31 -57.13
CA ALA A 242 -30.22 3.16 -58.34
C ALA A 242 -31.06 1.90 -58.33
N GLU A 243 -30.49 0.81 -57.83
CA GLU A 243 -31.18 -0.46 -57.69
C GLU A 243 -32.31 -0.37 -56.64
N ASP A 244 -32.02 0.31 -55.52
CA ASP A 244 -32.91 0.36 -54.36
C ASP A 244 -32.74 1.72 -53.71
N ARG A 245 -33.72 2.57 -53.92
CA ARG A 245 -33.74 3.94 -53.41
C ARG A 245 -33.68 4.08 -51.87
N THR A 246 -34.09 3.02 -51.17
CA THR A 246 -34.10 3.01 -49.70
C THR A 246 -32.73 2.80 -49.07
N ARG A 247 -31.75 2.34 -49.85
CA ARG A 247 -30.38 2.20 -49.38
C ARG A 247 -29.71 3.56 -49.25
N VAL A 248 -29.08 3.74 -48.08
CA VAL A 248 -28.17 4.85 -47.83
C VAL A 248 -26.78 4.25 -47.71
N VAL A 249 -25.89 4.68 -48.56
CA VAL A 249 -24.66 3.90 -48.91
C VAL A 249 -23.46 4.84 -48.68
N SER A 250 -22.39 4.27 -48.18
CA SER A 250 -21.18 5.06 -47.77
C SER A 250 -19.96 4.34 -48.30
N PRO A 251 -18.89 5.07 -48.64
CA PRO A 251 -17.68 4.39 -49.07
C PRO A 251 -16.88 3.91 -47.87
N ILE A 252 -15.83 3.16 -48.11
CA ILE A 252 -14.80 2.92 -47.13
C ILE A 252 -14.02 4.22 -47.01
N ALA A 253 -13.78 4.63 -45.76
CA ALA A 253 -13.08 5.87 -45.48
C ALA A 253 -11.61 5.59 -45.31
N ASP A 254 -10.86 5.80 -46.39
CA ASP A 254 -9.41 5.74 -46.34
C ASP A 254 -8.91 6.90 -45.50
N VAL A 255 -7.68 6.76 -45.00
CA VAL A 255 -7.12 7.69 -44.01
C VAL A 255 -6.08 8.59 -44.67
N ILE A 256 -6.30 9.90 -44.57
CA ILE A 256 -5.31 10.89 -44.92
C ILE A 256 -4.65 11.30 -43.59
N ASN A 257 -3.35 11.10 -43.52
CA ASN A 257 -2.60 11.38 -42.29
C ASN A 257 -2.61 12.85 -41.94
N MET A 258 -3.03 13.19 -40.73
CA MET A 258 -3.14 14.61 -40.31
C MET A 258 -1.80 15.35 -40.21
N ASP A 259 -0.71 14.62 -40.08
CA ASP A 259 0.63 15.20 -39.95
C ASP A 259 1.39 15.27 -41.29
N ASN A 260 1.53 14.15 -41.96
CA ASN A 260 2.30 14.05 -43.21
C ASN A 260 1.42 14.09 -44.47
N PHE A 261 0.11 13.92 -44.31
CA PHE A 261 -0.86 13.95 -45.44
C PHE A 261 -0.75 12.82 -46.46
N GLN A 262 -0.13 11.72 -46.03
CA GLN A 262 -0.05 10.51 -46.83
C GLN A 262 -1.43 9.86 -46.92
N TYR A 263 -1.75 9.31 -48.08
CA TYR A 263 -3.04 8.67 -48.33
C TYR A 263 -2.85 7.22 -47.96
N VAL A 264 -3.58 6.73 -46.97
CA VAL A 264 -3.37 5.38 -46.45
C VAL A 264 -4.65 4.58 -46.66
N GLY A 265 -4.49 3.36 -47.19
CA GLY A 265 -5.65 2.49 -47.44
C GLY A 265 -6.16 1.89 -46.17
N ALA A 266 -7.48 1.89 -46.03
CA ALA A 266 -8.14 1.45 -44.78
C ALA A 266 -8.70 0.08 -44.92
N SER A 267 -9.10 -0.51 -43.79
CA SER A 267 -9.62 -1.89 -43.77
C SER A 267 -11.01 -1.95 -44.41
N ALA A 268 -11.21 -2.99 -45.22
CA ALA A 268 -12.54 -3.31 -45.77
C ALA A 268 -13.31 -4.32 -44.92
N ASP A 269 -12.78 -4.63 -43.74
CA ASP A 269 -13.33 -5.68 -42.87
C ASP A 269 -14.02 -5.08 -41.63
N LEU A 270 -14.59 -3.91 -41.77
CA LEU A 270 -15.15 -3.17 -40.65
C LEU A 270 -16.59 -2.77 -40.95
N LYS A 271 -17.35 -2.63 -39.88
CA LYS A 271 -18.66 -1.97 -39.94
C LYS A 271 -18.67 -0.89 -38.89
N GLY A 272 -19.59 0.03 -39.05
CA GLY A 272 -19.72 1.18 -38.11
C GLY A 272 -20.60 0.74 -36.94
N GLY A 273 -20.41 1.37 -35.79
CA GLY A 273 -21.20 1.06 -34.62
C GLY A 273 -21.07 2.06 -33.47
N PHE A 274 -21.42 1.59 -32.27
CA PHE A 274 -21.36 2.41 -31.05
C PHE A 274 -21.46 1.58 -29.77
N ASP A 275 -20.94 2.14 -28.69
CA ASP A 275 -21.20 1.70 -27.32
C ASP A 275 -22.34 2.53 -26.76
N TRP A 276 -22.81 2.18 -25.57
CA TRP A 276 -23.93 2.89 -24.96
C TRP A 276 -23.69 4.37 -24.63
N ASN A 277 -22.44 4.82 -24.61
CA ASN A 277 -22.13 6.27 -24.58
C ASN A 277 -22.50 7.05 -25.87
N LEU A 278 -22.91 6.34 -26.92
CA LEU A 278 -23.43 6.90 -28.18
C LEU A 278 -22.41 7.73 -28.95
N VAL A 279 -21.15 7.29 -28.84
CA VAL A 279 -20.04 7.81 -29.61
C VAL A 279 -19.84 6.83 -30.76
N PHE A 280 -19.50 7.34 -31.93
CA PHE A 280 -19.23 6.46 -33.07
C PHE A 280 -17.96 5.65 -32.82
N LYS A 281 -18.00 4.37 -33.20
CA LYS A 281 -16.80 3.53 -33.24
C LYS A 281 -16.90 2.50 -34.36
N TRP A 282 -15.73 2.07 -34.86
CA TRP A 282 -15.67 1.01 -35.84
C TRP A 282 -15.64 -0.37 -35.18
N ASP A 283 -16.58 -1.24 -35.57
CA ASP A 283 -16.61 -2.64 -35.10
C ASP A 283 -15.81 -3.49 -36.04
N TYR A 284 -15.19 -4.55 -35.53
CA TYR A 284 -14.61 -5.59 -36.40
C TYR A 284 -15.76 -6.46 -36.89
N MET A 285 -15.69 -6.95 -38.12
CA MET A 285 -16.81 -7.78 -38.62
C MET A 285 -16.72 -9.14 -37.94
N THR A 286 -17.86 -9.68 -37.52
CA THR A 286 -17.86 -10.92 -36.72
C THR A 286 -17.40 -12.10 -37.59
N PRO A 287 -16.90 -13.18 -36.94
CA PRO A 287 -16.43 -14.31 -37.71
C PRO A 287 -17.53 -14.91 -38.58
N GLU A 288 -18.73 -15.05 -38.01
CA GLU A 288 -19.88 -15.59 -38.75
C GLU A 288 -20.18 -14.77 -40.02
N GLN A 289 -20.02 -13.46 -39.93
CA GLN A 289 -20.26 -12.54 -41.06
C GLN A 289 -19.18 -12.66 -42.11
N ARG A 290 -17.95 -12.48 -41.67
CA ARG A 290 -16.77 -12.60 -42.56
C ARG A 290 -16.87 -13.86 -43.38
N ARG A 291 -17.04 -14.98 -42.66
CA ARG A 291 -17.12 -16.34 -43.27
C ARG A 291 -18.22 -16.47 -44.27
N SER A 292 -19.37 -15.87 -44.02
CA SER A 292 -20.47 -15.78 -45.04
C SER A 292 -20.13 -14.93 -46.27
N ARG A 293 -19.15 -14.03 -46.11
CA ARG A 293 -18.69 -13.14 -47.16
C ARG A 293 -17.33 -13.57 -47.73
N GLN A 294 -16.84 -14.75 -47.40
CA GLN A 294 -15.46 -15.20 -47.73
C GLN A 294 -15.23 -15.21 -49.24
N GLY A 295 -16.24 -15.73 -49.97
CA GLY A 295 -16.21 -15.83 -51.38
C GLY A 295 -16.80 -14.68 -52.12
N ASN A 296 -17.27 -13.66 -51.42
CA ASN A 296 -17.73 -12.37 -52.00
C ASN A 296 -17.09 -11.27 -51.13
N PRO A 297 -15.78 -11.02 -51.30
CA PRO A 297 -15.12 -10.12 -50.32
C PRO A 297 -15.51 -8.65 -50.51
N VAL A 298 -15.80 -8.27 -51.76
CA VAL A 298 -16.12 -6.85 -52.06
C VAL A 298 -17.63 -6.56 -52.11
N ALA A 299 -18.44 -7.48 -51.60
CA ALA A 299 -19.86 -7.30 -51.51
C ALA A 299 -20.19 -6.13 -50.59
N PRO A 300 -21.38 -5.55 -50.72
CA PRO A 300 -21.82 -4.54 -49.77
C PRO A 300 -21.81 -5.04 -48.33
N ILE A 301 -21.55 -4.16 -47.39
CA ILE A 301 -21.52 -4.48 -45.97
C ILE A 301 -22.73 -3.79 -45.38
N LYS A 302 -23.55 -4.52 -44.67
CA LYS A 302 -24.74 -3.95 -44.03
C LYS A 302 -24.30 -3.37 -42.71
N THR A 303 -24.14 -2.05 -42.64
CA THR A 303 -23.67 -1.40 -41.40
C THR A 303 -24.81 -0.85 -40.55
N PRO A 304 -24.80 -1.13 -39.22
CA PRO A 304 -25.82 -0.56 -38.33
C PRO A 304 -25.72 0.94 -38.14
N MET A 305 -24.56 1.49 -38.46
CA MET A 305 -24.34 2.93 -38.42
C MET A 305 -23.41 3.38 -39.54
N ILE A 306 -23.71 4.54 -40.11
CA ILE A 306 -22.77 5.20 -41.04
C ILE A 306 -21.91 6.18 -40.26
N ALA A 307 -20.66 6.32 -40.66
CA ALA A 307 -19.78 7.31 -40.09
C ALA A 307 -20.37 8.73 -40.18
N GLY A 308 -21.05 9.00 -41.30
CA GLY A 308 -21.83 10.23 -41.46
C GLY A 308 -21.24 11.31 -42.33
N GLY A 309 -19.99 11.16 -42.75
CA GLY A 309 -19.29 12.21 -43.54
C GLY A 309 -19.50 12.10 -45.01
N ALA A 310 -19.18 10.93 -45.54
CA ALA A 310 -19.37 10.60 -46.94
C ALA A 310 -20.48 9.60 -47.10
N PHE A 311 -21.58 9.98 -47.73
CA PHE A 311 -22.62 9.03 -48.09
C PHE A 311 -23.49 9.51 -49.24
N VAL A 312 -24.19 8.56 -49.84
CA VAL A 312 -25.06 8.80 -50.99
C VAL A 312 -26.47 8.35 -50.61
N MET A 313 -27.45 9.15 -50.99
CA MET A 313 -28.84 8.90 -50.66
C MET A 313 -29.74 9.49 -51.70
N ASP A 314 -30.82 8.78 -52.06
CA ASP A 314 -31.83 9.28 -53.00
C ASP A 314 -32.43 10.56 -52.44
N LYS A 315 -32.49 11.62 -53.25
CA LYS A 315 -32.96 12.93 -52.73
C LYS A 315 -34.40 12.86 -52.23
N PHE A 316 -35.29 12.22 -52.98
CA PHE A 316 -36.70 12.11 -52.58
C PHE A 316 -36.80 11.32 -51.28
N TYR A 317 -36.04 10.25 -51.14
CA TYR A 317 -35.97 9.47 -49.89
C TYR A 317 -35.44 10.27 -48.71
N PHE A 318 -34.41 11.07 -48.96
CA PHE A 318 -33.82 11.96 -47.95
C PHE A 318 -34.89 12.88 -47.39
N GLU A 319 -35.63 13.55 -48.29
CA GLU A 319 -36.62 14.54 -47.86
C GLU A 319 -37.82 13.86 -47.29
N GLU A 320 -38.32 12.79 -47.93
CA GLU A 320 -39.46 12.04 -47.39
C GLU A 320 -39.20 11.55 -45.98
N LEU A 321 -38.03 10.96 -45.77
CA LEU A 321 -37.64 10.39 -44.45
C LEU A 321 -37.19 11.45 -43.41
N GLY A 322 -37.44 12.73 -43.66
CA GLY A 322 -37.22 13.75 -42.67
C GLY A 322 -35.89 14.50 -42.69
N LYS A 323 -35.09 14.33 -43.72
CA LYS A 323 -33.84 15.09 -43.89
C LYS A 323 -32.92 15.00 -42.64
N TYR A 324 -32.63 16.10 -41.92
CA TYR A 324 -31.88 16.06 -40.69
C TYR A 324 -32.67 16.80 -39.62
N ASP A 325 -32.38 16.50 -38.34
CA ASP A 325 -32.96 17.25 -37.22
C ASP A 325 -32.47 18.68 -37.26
N MET A 326 -33.29 19.58 -37.80
CA MET A 326 -32.90 20.99 -38.02
C MET A 326 -32.44 21.78 -36.76
N MET A 327 -32.77 21.30 -35.58
CA MET A 327 -32.40 21.93 -34.31
C MET A 327 -31.12 21.37 -33.71
N MET A 328 -30.41 20.54 -34.44
CA MET A 328 -29.07 20.09 -34.06
C MET A 328 -28.08 21.14 -34.54
N ASP A 329 -27.00 21.25 -33.79
CA ASP A 329 -26.06 22.38 -33.94
C ASP A 329 -24.67 21.89 -34.09
N VAL A 330 -23.86 22.68 -34.80
CA VAL A 330 -22.43 22.43 -35.06
C VAL A 330 -22.05 21.03 -35.60
N TRP A 331 -22.08 20.00 -34.76
CA TRP A 331 -21.43 18.73 -35.00
C TRP A 331 -21.97 17.70 -34.01
N GLY A 332 -21.89 16.45 -34.42
CA GLY A 332 -22.22 15.32 -33.57
C GLY A 332 -23.72 15.06 -33.48
N GLY A 333 -24.08 13.77 -33.41
CA GLY A 333 -25.46 13.36 -33.25
C GLY A 333 -26.12 12.95 -34.56
N GLU A 334 -26.04 13.84 -35.55
CA GLU A 334 -26.75 13.61 -36.83
C GLU A 334 -26.49 12.22 -37.43
N ASN A 335 -25.28 11.69 -37.32
CA ASN A 335 -24.94 10.38 -37.89
C ASN A 335 -25.71 9.25 -37.21
N LEU A 336 -25.77 9.33 -35.88
CA LEU A 336 -26.58 8.44 -35.05
C LEU A 336 -28.08 8.52 -35.39
N GLU A 337 -28.57 9.74 -35.39
CA GLU A 337 -29.97 10.05 -35.64
C GLU A 337 -30.45 9.46 -36.96
N ILE A 338 -29.75 9.80 -38.04
CA ILE A 338 -30.13 9.35 -39.37
C ILE A 338 -29.98 7.84 -39.49
N SER A 339 -28.95 7.28 -38.84
CA SER A 339 -28.69 5.85 -38.96
C SER A 339 -29.84 5.06 -38.34
N PHE A 340 -30.22 5.46 -37.14
CA PHE A 340 -31.38 4.88 -36.46
C PHE A 340 -32.64 5.03 -37.30
N ARG A 341 -32.90 6.27 -37.71
CA ARG A 341 -34.10 6.60 -38.49
C ARG A 341 -34.27 5.73 -39.73
N VAL A 342 -33.23 5.71 -40.56
CA VAL A 342 -33.25 4.97 -41.82
C VAL A 342 -33.55 3.50 -41.59
N TRP A 343 -32.84 2.89 -40.65
CA TRP A 343 -33.02 1.46 -40.32
C TRP A 343 -34.40 1.20 -39.75
N GLN A 344 -34.75 1.98 -38.74
CA GLN A 344 -36.03 1.84 -38.05
C GLN A 344 -37.25 2.08 -38.93
N CYS A 345 -37.13 2.99 -39.92
CA CYS A 345 -38.25 3.33 -40.81
C CYS A 345 -38.18 2.62 -42.19
N GLY A 346 -37.58 1.44 -42.24
CA GLY A 346 -37.67 0.55 -43.40
C GLY A 346 -36.58 0.58 -44.45
N GLY A 347 -35.64 1.52 -44.32
CA GLY A 347 -34.49 1.58 -45.24
C GLY A 347 -33.32 0.79 -44.72
N SER A 348 -32.19 0.87 -45.42
CA SER A 348 -30.95 0.21 -44.98
C SER A 348 -29.72 1.10 -45.18
N LEU A 349 -28.66 0.79 -44.45
CA LEU A 349 -27.36 1.43 -44.51
C LEU A 349 -26.27 0.47 -44.97
N GLU A 350 -25.41 0.91 -45.86
CA GLU A 350 -24.32 0.06 -46.36
C GLU A 350 -22.96 0.76 -46.45
N ILE A 351 -21.90 -0.03 -46.29
CA ILE A 351 -20.55 0.37 -46.65
C ILE A 351 -20.19 -0.41 -47.90
N ILE A 352 -19.71 0.28 -48.93
CA ILE A 352 -19.37 -0.32 -50.23
C ILE A 352 -17.86 -0.36 -50.38
N PRO A 353 -17.24 -1.57 -50.29
CA PRO A 353 -15.78 -1.66 -50.32
C PRO A 353 -15.07 -1.18 -51.58
N CYS A 354 -15.76 -1.19 -52.72
CA CYS A 354 -15.13 -0.74 -53.95
C CYS A 354 -15.13 0.78 -54.12
N SER A 355 -15.92 1.45 -53.29
CA SER A 355 -15.91 2.89 -53.26
C SER A 355 -14.92 3.33 -52.19
N ARG A 356 -13.85 4.00 -52.59
CA ARG A 356 -12.84 4.48 -51.67
C ARG A 356 -12.78 5.98 -51.69
N VAL A 357 -12.86 6.60 -50.52
CA VAL A 357 -12.73 8.05 -50.35
C VAL A 357 -11.85 8.32 -49.15
N GLY A 358 -10.74 9.02 -49.36
CA GLY A 358 -9.86 9.39 -48.26
C GLY A 358 -10.45 10.51 -47.41
N HIS A 359 -10.05 10.58 -46.14
CA HIS A 359 -10.52 11.62 -45.22
C HIS A 359 -9.46 11.96 -44.16
N VAL A 360 -9.27 13.24 -43.91
CA VAL A 360 -8.35 13.72 -42.91
C VAL A 360 -8.98 13.54 -41.52
N PHE A 361 -8.66 12.45 -40.85
CA PHE A 361 -9.13 12.20 -39.50
C PHE A 361 -8.23 12.99 -38.58
N ARG A 362 -8.80 13.56 -37.54
CA ARG A 362 -8.08 14.46 -36.61
C ARG A 362 -8.50 14.25 -35.21
N LYS A 363 -7.71 14.76 -34.27
CA LYS A 363 -7.87 14.51 -32.83
C LYS A 363 -8.65 15.61 -32.09
N GLN A 364 -8.57 16.86 -32.60
CA GLN A 364 -9.22 18.01 -32.00
C GLN A 364 -10.09 18.71 -33.06
N HIS A 365 -11.12 19.42 -32.58
CA HIS A 365 -11.92 20.28 -33.45
C HIS A 365 -11.27 21.67 -33.61
N PRO A 366 -11.04 22.12 -34.85
CA PRO A 366 -10.43 23.45 -35.06
C PRO A 366 -11.40 24.62 -34.92
N TYR A 367 -12.69 24.36 -35.12
CA TYR A 367 -13.73 25.40 -35.11
C TYR A 367 -14.42 25.55 -33.77
N THR A 368 -15.17 26.66 -33.65
CA THR A 368 -15.84 27.07 -32.42
C THR A 368 -17.15 26.34 -32.22
N PHE A 369 -17.45 25.96 -30.99
CA PHE A 369 -18.76 25.42 -30.62
C PHE A 369 -19.46 26.44 -29.76
N PRO A 370 -20.48 27.18 -30.26
CA PRO A 370 -21.26 28.10 -29.44
C PRO A 370 -21.54 27.69 -27.99
N GLY A 371 -22.26 26.59 -27.79
CA GLY A 371 -22.69 26.17 -26.46
C GLY A 371 -21.69 25.43 -25.60
N GLY A 372 -20.41 25.42 -25.95
CA GLY A 372 -19.40 24.47 -25.42
C GLY A 372 -19.42 23.26 -26.30
N SER A 373 -18.23 22.74 -26.68
CA SER A 373 -18.09 21.47 -27.40
C SER A 373 -18.93 20.31 -26.84
N GLY A 374 -18.56 19.81 -25.67
CA GLY A 374 -19.22 18.62 -25.09
C GLY A 374 -20.68 18.80 -24.73
N THR A 375 -21.04 20.06 -24.44
CA THR A 375 -22.44 20.37 -24.11
C THR A 375 -23.36 20.20 -25.34
N VAL A 376 -22.92 20.76 -26.47
CA VAL A 376 -23.70 20.68 -27.72
C VAL A 376 -23.79 19.25 -28.28
N PHE A 377 -22.69 18.52 -28.15
CA PHE A 377 -22.64 17.11 -28.55
C PHE A 377 -23.70 16.30 -27.80
N ALA A 378 -23.70 16.48 -26.48
CA ALA A 378 -24.71 15.86 -25.62
C ALA A 378 -26.13 16.30 -26.01
N ARG A 379 -26.34 17.59 -26.30
CA ARG A 379 -27.65 18.09 -26.69
C ARG A 379 -28.18 17.34 -27.92
N ASN A 380 -27.36 17.31 -28.96
CA ASN A 380 -27.72 16.64 -30.21
C ASN A 380 -27.94 15.15 -29.97
N THR A 381 -26.95 14.51 -29.33
CA THR A 381 -27.04 13.09 -29.05
C THR A 381 -28.33 12.75 -28.30
N ARG A 382 -28.67 13.58 -27.35
CA ARG A 382 -29.91 13.46 -26.59
C ARG A 382 -31.13 13.55 -27.50
N ARG A 383 -31.18 14.62 -28.28
CA ARG A 383 -32.25 14.85 -29.27
C ARG A 383 -32.52 13.66 -30.17
N ALA A 384 -31.46 12.92 -30.50
CA ALA A 384 -31.58 11.70 -31.28
C ALA A 384 -32.12 10.59 -30.41
N ALA A 385 -31.45 10.36 -29.28
CA ALA A 385 -31.78 9.27 -28.37
C ALA A 385 -33.23 9.34 -27.89
N GLU A 386 -33.64 10.53 -27.49
CA GLU A 386 -34.99 10.81 -26.98
C GLU A 386 -36.11 10.56 -27.96
N VAL A 387 -35.82 10.67 -29.26
CA VAL A 387 -36.81 10.38 -30.30
C VAL A 387 -36.85 8.90 -30.70
N TRP A 388 -35.68 8.27 -30.82
CA TRP A 388 -35.56 6.98 -31.54
C TRP A 388 -35.27 5.75 -30.69
N MET A 389 -34.60 5.95 -29.56
CA MET A 389 -34.20 4.88 -28.67
C MET A 389 -35.23 4.29 -27.73
N ASP A 390 -36.42 4.87 -27.64
CA ASP A 390 -37.45 4.43 -26.67
C ASP A 390 -36.81 4.38 -25.24
N GLU A 391 -37.17 3.37 -24.46
CA GLU A 391 -36.64 3.24 -23.07
C GLU A 391 -35.15 2.97 -23.05
N TYR A 392 -34.55 2.48 -24.13
CA TYR A 392 -33.10 2.14 -24.13
C TYR A 392 -32.17 3.38 -24.06
N LYS A 393 -32.77 4.55 -24.30
CA LYS A 393 -32.17 5.86 -23.95
C LYS A 393 -31.54 5.94 -22.57
N ASN A 394 -32.00 5.11 -21.65
CA ASN A 394 -31.57 5.08 -20.28
C ASN A 394 -30.20 4.46 -20.16
N PHE A 395 -29.91 3.47 -20.99
CA PHE A 395 -28.58 2.87 -21.03
C PHE A 395 -27.53 3.88 -21.47
N TYR A 396 -27.92 4.83 -22.31
CA TYR A 396 -27.07 5.99 -22.66
C TYR A 396 -26.86 6.87 -21.44
N TYR A 397 -27.95 7.28 -20.80
CA TYR A 397 -27.88 8.08 -19.59
C TYR A 397 -27.16 7.36 -18.45
N ALA A 398 -27.24 6.04 -18.44
CA ALA A 398 -26.50 5.21 -17.50
C ALA A 398 -25.00 5.32 -17.74
N ALA A 399 -24.61 5.27 -19.01
CA ALA A 399 -23.20 5.40 -19.41
C ALA A 399 -22.67 6.82 -19.26
N VAL A 400 -23.48 7.79 -19.62
CA VAL A 400 -23.14 9.23 -19.53
C VAL A 400 -24.15 9.93 -18.61
N PRO A 401 -24.02 9.78 -17.29
CA PRO A 401 -25.03 10.40 -16.38
C PRO A 401 -25.10 11.91 -16.56
N SER A 402 -23.95 12.53 -16.76
CA SER A 402 -23.76 13.96 -17.01
C SER A 402 -24.74 14.55 -18.03
N ALA A 403 -25.09 13.75 -19.03
CA ALA A 403 -25.98 14.12 -20.12
C ALA A 403 -27.38 14.51 -19.66
N ARG A 404 -27.89 13.88 -18.61
CA ARG A 404 -29.20 14.22 -18.04
C ARG A 404 -29.38 15.71 -17.69
N ASN A 405 -28.32 16.38 -17.29
CA ASN A 405 -28.32 17.84 -17.07
C ASN A 405 -28.47 18.72 -18.32
N VAL A 406 -27.99 18.28 -19.48
CA VAL A 406 -27.99 19.15 -20.69
C VAL A 406 -29.37 19.25 -21.30
N PRO A 407 -29.98 20.47 -21.34
CA PRO A 407 -31.32 20.61 -21.95
C PRO A 407 -31.26 20.50 -23.47
N TYR A 408 -32.27 19.87 -24.07
CA TYR A 408 -32.28 19.54 -25.49
C TYR A 408 -33.48 20.10 -26.24
N GLY A 409 -34.32 20.91 -25.61
CA GLY A 409 -35.44 21.58 -26.28
C GLY A 409 -36.61 20.71 -26.76
N ASN A 410 -37.32 21.22 -27.75
CA ASN A 410 -38.54 20.63 -28.27
C ASN A 410 -38.17 19.54 -29.27
N ILE A 411 -38.91 18.43 -29.23
CA ILE A 411 -38.70 17.33 -30.20
C ILE A 411 -40.00 16.86 -30.88
N GLN A 412 -41.09 17.65 -30.76
CA GLN A 412 -42.41 17.23 -31.17
C GLN A 412 -42.46 16.93 -32.66
N SER A 413 -41.81 17.77 -33.47
CA SER A 413 -41.79 17.57 -34.92
C SER A 413 -41.17 16.22 -35.31
N ARG A 414 -40.00 15.92 -34.73
CA ARG A 414 -39.24 14.72 -35.06
C ARG A 414 -39.88 13.47 -34.49
N LEU A 415 -40.57 13.64 -33.34
CA LEU A 415 -41.31 12.55 -32.74
C LEU A 415 -42.52 12.23 -33.60
N GLU A 416 -43.23 13.24 -34.06
CA GLU A 416 -44.40 13.01 -34.94
C GLU A 416 -43.90 12.38 -36.21
N LEU A 417 -42.84 12.95 -36.79
CA LEU A 417 -42.20 12.34 -38.01
C LEU A 417 -42.15 10.80 -37.87
N ARG A 418 -41.62 10.35 -36.71
CA ARG A 418 -41.53 8.95 -36.45
C ARG A 418 -42.85 8.17 -36.56
N LYS A 419 -43.89 8.70 -35.92
CA LYS A 419 -45.23 8.05 -35.96
C LYS A 419 -45.85 8.13 -37.35
N LYS A 420 -45.66 9.29 -38.00
CA LYS A 420 -46.08 9.55 -39.38
C LYS A 420 -45.52 8.47 -40.33
N LEU A 421 -44.23 8.15 -40.16
CA LEU A 421 -43.57 7.16 -41.00
C LEU A 421 -43.86 5.70 -40.65
N SER A 422 -44.60 5.47 -39.55
CA SER A 422 -44.90 4.13 -39.04
C SER A 422 -43.62 3.28 -38.82
N CYS A 423 -42.70 3.90 -38.09
CA CYS A 423 -41.36 3.40 -37.86
C CYS A 423 -41.35 2.29 -36.78
N LYS A 424 -40.43 1.33 -36.95
CA LYS A 424 -40.23 0.24 -35.98
C LYS A 424 -39.55 0.72 -34.70
N PRO A 425 -39.72 -0.04 -33.59
CA PRO A 425 -39.14 0.36 -32.30
C PRO A 425 -37.67 0.04 -32.18
N PHE A 426 -36.99 0.69 -31.24
CA PHE A 426 -35.55 0.47 -31.07
C PHE A 426 -35.19 -0.97 -30.74
N LYS A 427 -36.06 -1.65 -29.98
CA LYS A 427 -35.93 -3.07 -29.70
C LYS A 427 -35.76 -3.88 -30.99
N TRP A 428 -36.49 -3.48 -32.05
CA TRP A 428 -36.36 -4.09 -33.38
C TRP A 428 -34.96 -3.90 -33.91
N TYR A 429 -34.51 -2.64 -33.90
CA TYR A 429 -33.17 -2.27 -34.37
C TYR A 429 -32.11 -3.08 -33.64
N LEU A 430 -32.22 -3.17 -32.33
CA LEU A 430 -31.23 -3.89 -31.53
C LEU A 430 -31.20 -5.37 -31.82
N GLU A 431 -32.35 -5.97 -32.09
CA GLU A 431 -32.44 -7.41 -32.27
C GLU A 431 -32.07 -7.83 -33.70
N ASN A 432 -32.45 -7.00 -34.67
CA ASN A 432 -32.29 -7.34 -36.10
C ASN A 432 -31.12 -6.68 -36.84
N VAL A 433 -30.82 -5.42 -36.52
CA VAL A 433 -29.73 -4.66 -37.14
C VAL A 433 -28.41 -4.73 -36.38
N TYR A 434 -28.43 -4.59 -35.05
CA TYR A 434 -27.21 -4.52 -34.24
C TYR A 434 -27.29 -5.44 -33.02
N PRO A 435 -27.48 -6.76 -33.24
CA PRO A 435 -27.54 -7.71 -32.10
C PRO A 435 -26.26 -7.72 -31.31
N GLU A 436 -25.13 -7.58 -32.00
CA GLU A 436 -23.81 -7.47 -31.43
C GLU A 436 -23.69 -6.57 -30.19
N LEU A 437 -24.47 -5.52 -30.14
CA LEU A 437 -24.46 -4.58 -29.01
C LEU A 437 -25.00 -5.26 -27.77
N ARG A 438 -24.13 -5.33 -26.76
CA ARG A 438 -24.47 -5.93 -25.48
C ARG A 438 -25.50 -5.09 -24.74
N VAL A 439 -26.69 -5.66 -24.54
CA VAL A 439 -27.76 -5.00 -23.75
C VAL A 439 -27.88 -5.65 -22.35
N PRO A 440 -27.79 -4.83 -21.27
CA PRO A 440 -28.08 -5.35 -19.92
C PRO A 440 -29.56 -5.73 -19.72
N ASP A 441 -29.82 -6.67 -18.84
CA ASP A 441 -31.17 -7.12 -18.58
C ASP A 441 -31.97 -6.03 -17.88
N HIS A 442 -33.26 -5.90 -18.17
CA HIS A 442 -34.15 -4.89 -17.53
C HIS A 442 -34.07 -4.93 -16.01
N GLN A 443 -33.83 -6.09 -15.45
CA GLN A 443 -33.69 -6.32 -14.00
C GLN A 443 -32.25 -6.19 -13.44
N ASP A 444 -31.26 -5.89 -14.31
CA ASP A 444 -29.89 -5.74 -13.87
C ASP A 444 -29.76 -4.42 -13.10
N ILE A 445 -28.85 -4.39 -12.13
CA ILE A 445 -28.57 -3.21 -11.31
C ILE A 445 -27.46 -2.37 -11.90
N ALA A 446 -26.42 -3.05 -12.35
CA ALA A 446 -25.33 -2.41 -13.10
C ALA A 446 -24.90 -3.37 -14.21
N PHE A 447 -23.98 -2.91 -15.06
CA PHE A 447 -23.44 -3.72 -16.16
C PHE A 447 -22.14 -3.14 -16.65
N GLY A 448 -21.41 -3.91 -17.47
CA GLY A 448 -20.22 -3.42 -18.18
C GLY A 448 -18.94 -4.00 -17.56
N ALA A 449 -17.90 -3.18 -17.57
CA ALA A 449 -16.69 -3.54 -16.87
C ALA A 449 -16.75 -3.01 -15.46
N LEU A 450 -16.08 -3.69 -14.54
CA LEU A 450 -15.92 -3.21 -13.17
C LEU A 450 -14.52 -2.61 -13.05
N GLN A 451 -14.47 -1.28 -13.03
CA GLN A 451 -13.23 -0.54 -13.14
C GLN A 451 -12.62 -0.16 -11.80
N GLN A 452 -11.30 -0.29 -11.69
CA GLN A 452 -10.52 0.26 -10.57
C GLN A 452 -9.26 0.95 -11.15
N GLY A 453 -9.38 2.25 -11.42
CA GLY A 453 -8.35 3.02 -12.08
C GLY A 453 -8.30 2.59 -13.54
N THR A 454 -7.09 2.24 -13.97
CA THR A 454 -6.86 1.67 -15.31
C THR A 454 -7.22 0.18 -15.36
N ASN A 455 -7.07 -0.52 -14.25
CA ASN A 455 -7.38 -1.95 -14.17
C ASN A 455 -8.88 -2.20 -14.11
N CYS A 456 -9.30 -3.31 -14.70
CA CYS A 456 -10.71 -3.73 -14.81
C CYS A 456 -10.80 -5.20 -14.42
N LEU A 457 -11.96 -5.60 -13.90
CA LEU A 457 -12.14 -6.97 -13.38
C LEU A 457 -12.09 -7.97 -14.54
N ASP A 458 -11.08 -8.83 -14.53
CA ASP A 458 -10.85 -9.79 -15.62
C ASP A 458 -10.92 -11.20 -15.07
N THR A 459 -11.46 -12.12 -15.86
CA THR A 459 -11.53 -13.53 -15.43
C THR A 459 -10.24 -14.26 -15.67
N LEU A 460 -9.47 -13.73 -16.62
CA LEU A 460 -8.16 -14.29 -17.03
C LEU A 460 -8.37 -15.67 -17.63
N GLY A 461 -9.46 -15.80 -18.39
CA GLY A 461 -9.88 -17.06 -19.00
C GLY A 461 -10.26 -18.16 -18.04
N HIS A 462 -10.45 -17.85 -16.75
CA HIS A 462 -10.69 -18.90 -15.76
C HIS A 462 -12.12 -19.37 -15.83
N PHE A 463 -12.33 -20.65 -15.62
CA PHE A 463 -13.68 -21.23 -15.49
C PHE A 463 -13.95 -21.53 -14.04
N ALA A 464 -15.08 -22.17 -13.74
CA ALA A 464 -15.44 -22.67 -12.43
C ALA A 464 -14.30 -23.14 -11.54
N ASP A 465 -14.47 -22.88 -10.25
CA ASP A 465 -13.38 -23.01 -9.23
C ASP A 465 -12.12 -22.17 -9.49
N GLY A 466 -12.28 -21.13 -10.28
CA GLY A 466 -11.13 -20.31 -10.74
C GLY A 466 -10.94 -19.06 -9.92
N VAL A 467 -9.71 -18.57 -9.89
CA VAL A 467 -9.43 -17.28 -9.26
C VAL A 467 -9.79 -16.19 -10.24
N VAL A 468 -10.26 -15.07 -9.71
CA VAL A 468 -10.56 -13.89 -10.55
C VAL A 468 -9.47 -12.89 -10.35
N GLY A 469 -9.23 -12.01 -11.33
CA GLY A 469 -8.10 -11.05 -11.33
C GLY A 469 -8.44 -9.64 -11.83
N VAL A 470 -7.39 -8.87 -12.06
CA VAL A 470 -7.46 -7.56 -12.72
C VAL A 470 -6.48 -7.59 -13.89
N TYR A 471 -6.82 -6.83 -14.92
CA TYR A 471 -5.99 -6.62 -16.09
C TYR A 471 -6.33 -5.26 -16.63
N GLU A 472 -5.41 -4.52 -17.25
CA GLU A 472 -5.73 -3.18 -17.78
C GLU A 472 -7.01 -3.20 -18.63
N CYS A 473 -7.83 -2.18 -18.51
CA CYS A 473 -9.07 -2.07 -19.27
C CYS A 473 -8.86 -1.97 -20.80
N HIS A 474 -9.70 -2.60 -21.57
CA HIS A 474 -9.64 -2.60 -23.05
C HIS A 474 -11.00 -2.38 -23.70
N ASN A 475 -11.88 -1.65 -23.03
CA ASN A 475 -13.36 -1.53 -23.27
C ASN A 475 -14.02 -2.29 -24.44
N ALA A 476 -13.72 -3.58 -24.47
CA ALA A 476 -14.22 -4.55 -25.45
C ALA A 476 -15.06 -5.70 -24.85
N GLY A 477 -15.31 -5.66 -23.54
CA GLY A 477 -16.14 -6.59 -22.84
C GLY A 477 -15.95 -8.04 -23.07
N GLY A 478 -14.71 -8.49 -23.28
CA GLY A 478 -14.41 -9.93 -23.56
C GLY A 478 -14.58 -10.70 -22.23
N ASN A 479 -13.48 -11.32 -21.82
CA ASN A 479 -13.36 -11.88 -20.48
C ASN A 479 -13.30 -10.81 -19.33
N GLN A 480 -13.72 -9.59 -19.62
CA GLN A 480 -13.82 -8.45 -18.72
C GLN A 480 -15.26 -7.90 -18.67
N GLU A 481 -16.27 -8.65 -19.12
CA GLU A 481 -17.65 -8.18 -19.06
C GLU A 481 -18.32 -8.78 -17.84
N TRP A 482 -19.04 -7.94 -17.10
CA TRP A 482 -19.70 -8.36 -15.86
C TRP A 482 -21.05 -7.68 -15.72
N ALA A 483 -21.95 -8.35 -14.99
CA ALA A 483 -23.24 -7.77 -14.64
C ALA A 483 -23.40 -7.77 -13.13
N LEU A 484 -24.22 -6.85 -12.62
CA LEU A 484 -24.62 -6.91 -11.23
C LEU A 484 -26.11 -7.13 -11.19
N THR A 485 -26.53 -8.37 -10.88
CA THR A 485 -27.90 -8.80 -11.08
C THR A 485 -28.87 -8.37 -10.00
N LYS A 486 -30.17 -8.50 -10.29
CA LYS A 486 -31.24 -8.38 -9.29
C LYS A 486 -31.07 -9.34 -8.11
N GLU A 487 -30.56 -10.54 -8.40
CA GLU A 487 -30.20 -11.53 -7.35
C GLU A 487 -28.99 -11.11 -6.49
N LYS A 488 -28.41 -9.95 -6.78
CA LYS A 488 -27.27 -9.37 -6.06
C LYS A 488 -25.95 -10.04 -6.33
N SER A 489 -25.77 -10.61 -7.50
CA SER A 489 -24.52 -11.33 -7.85
C SER A 489 -23.71 -10.62 -8.91
N VAL A 490 -22.38 -10.72 -8.80
CA VAL A 490 -21.48 -10.16 -9.78
C VAL A 490 -21.16 -11.26 -10.76
N LYS A 491 -21.82 -11.24 -11.92
CA LYS A 491 -21.82 -12.41 -12.83
C LYS A 491 -21.16 -12.11 -14.15
N HIS A 492 -20.35 -13.06 -14.63
CA HIS A 492 -19.83 -13.09 -15.98
C HIS A 492 -20.30 -14.39 -16.62
N MET A 493 -21.11 -14.29 -17.68
CA MET A 493 -21.81 -15.42 -18.30
C MET A 493 -22.73 -16.05 -17.23
N ASP A 494 -22.58 -17.33 -16.89
CA ASP A 494 -23.26 -17.91 -15.70
C ASP A 494 -22.27 -18.33 -14.61
N LEU A 495 -21.09 -17.73 -14.62
CA LEU A 495 -20.15 -17.82 -13.51
C LEU A 495 -20.13 -16.54 -12.68
N CYS A 496 -20.20 -16.69 -11.38
CA CYS A 496 -20.47 -15.53 -10.47
C CYS A 496 -19.45 -15.54 -9.35
N LEU A 497 -19.14 -14.33 -8.88
CA LEU A 497 -18.08 -14.17 -7.89
C LEU A 497 -18.61 -14.74 -6.62
N THR A 498 -17.89 -15.67 -6.03
CA THR A 498 -18.29 -16.41 -4.86
C THR A 498 -17.24 -16.35 -3.75
N VAL A 499 -17.66 -16.07 -2.52
CA VAL A 499 -16.83 -16.01 -1.33
C VAL A 499 -16.73 -17.40 -0.72
N VAL A 500 -15.69 -18.11 -1.13
CA VAL A 500 -15.37 -19.43 -0.62
C VAL A 500 -15.07 -19.46 0.89
N ASP A 501 -14.39 -18.42 1.35
CA ASP A 501 -13.87 -18.38 2.73
C ASP A 501 -13.92 -16.96 3.26
N ARG A 502 -14.70 -16.72 4.31
CA ARG A 502 -14.88 -15.39 4.89
C ARG A 502 -13.67 -14.80 5.60
N ALA A 503 -12.59 -15.57 5.82
CA ALA A 503 -11.47 -15.05 6.62
C ALA A 503 -10.78 -13.97 5.82
N PRO A 504 -10.38 -12.86 6.44
CA PRO A 504 -9.60 -11.82 5.75
C PRO A 504 -8.34 -12.34 5.05
N GLY A 505 -8.14 -11.91 3.80
CA GLY A 505 -7.10 -12.40 2.94
C GLY A 505 -7.46 -13.54 2.00
N SER A 506 -8.60 -14.14 2.22
CA SER A 506 -9.02 -15.33 1.43
C SER A 506 -9.42 -14.99 0.01
N LEU A 507 -9.02 -15.84 -0.93
CA LEU A 507 -9.33 -15.67 -2.35
C LEU A 507 -10.81 -15.96 -2.56
N ILE A 508 -11.37 -15.30 -3.59
CA ILE A 508 -12.71 -15.61 -4.05
C ILE A 508 -12.60 -16.46 -5.31
N LYS A 509 -13.61 -17.31 -5.50
CA LYS A 509 -13.66 -18.22 -6.63
C LYS A 509 -14.88 -17.96 -7.52
N LEU A 510 -14.71 -18.21 -8.80
CA LEU A 510 -15.74 -18.25 -9.78
C LEU A 510 -16.54 -19.58 -9.68
N GLN A 511 -17.85 -19.47 -9.45
CA GLN A 511 -18.69 -20.66 -9.40
C GLN A 511 -19.96 -20.49 -10.26
N GLY A 512 -20.64 -21.61 -10.48
CA GLY A 512 -21.93 -21.62 -11.14
C GLY A 512 -22.94 -20.81 -10.33
N CYS A 513 -23.77 -20.08 -11.01
CA CYS A 513 -24.74 -19.20 -10.40
C CYS A 513 -25.92 -19.94 -9.77
N ARG A 514 -26.08 -19.76 -8.46
CA ARG A 514 -27.17 -20.29 -7.68
C ARG A 514 -27.91 -19.02 -7.22
N GLU A 515 -29.24 -18.97 -7.39
CA GLU A 515 -30.07 -17.85 -6.93
C GLU A 515 -30.13 -17.68 -5.37
N ASN A 516 -29.42 -18.52 -4.64
CA ASN A 516 -29.46 -18.62 -3.21
C ASN A 516 -28.15 -18.99 -2.55
N ASP A 517 -27.00 -18.96 -3.22
CA ASP A 517 -25.75 -19.56 -2.67
C ASP A 517 -25.36 -18.79 -1.41
N SER A 518 -25.63 -17.51 -1.45
CA SER A 518 -25.46 -16.61 -0.29
C SER A 518 -24.03 -16.04 -0.27
N ARG A 519 -23.06 -16.89 -0.57
CA ARG A 519 -21.65 -16.54 -0.69
C ARG A 519 -21.35 -15.72 -1.94
N GLN A 520 -22.20 -15.75 -2.93
CA GLN A 520 -22.07 -14.96 -4.17
C GLN A 520 -23.07 -13.84 -4.28
N LYS A 521 -23.53 -13.36 -3.15
CA LYS A 521 -24.36 -12.11 -3.05
C LYS A 521 -23.50 -10.91 -2.64
N TRP A 522 -23.55 -9.87 -3.44
CA TRP A 522 -22.75 -8.63 -3.25
C TRP A 522 -23.64 -7.37 -3.32
N GLU A 523 -23.15 -6.31 -2.67
CA GLU A 523 -23.84 -5.01 -2.65
C GLU A 523 -22.82 -3.89 -2.84
N GLN A 524 -23.28 -2.81 -3.48
CA GLN A 524 -22.46 -1.62 -3.74
C GLN A 524 -22.60 -0.63 -2.57
N ILE A 525 -21.48 -0.16 -2.03
CA ILE A 525 -21.52 0.76 -0.88
C ILE A 525 -20.62 1.96 -1.09
N GLU A 526 -20.68 2.90 -0.14
CA GLU A 526 -19.88 4.13 -0.11
C GLU A 526 -20.05 4.85 -1.46
N GLY A 527 -21.30 5.16 -1.79
CA GLY A 527 -21.67 5.86 -3.00
C GLY A 527 -21.28 5.23 -4.32
N ASN A 528 -21.52 3.94 -4.45
CA ASN A 528 -21.11 3.12 -5.62
C ASN A 528 -19.61 3.06 -5.89
N SER A 529 -18.79 3.33 -4.87
CA SER A 529 -17.33 3.25 -5.02
C SER A 529 -16.76 1.90 -4.61
N LYS A 530 -17.37 1.28 -3.63
CA LYS A 530 -16.95 -0.03 -3.13
C LYS A 530 -17.92 -1.12 -3.57
N LEU A 531 -17.51 -2.36 -3.31
CA LEU A 531 -18.29 -3.53 -3.54
C LEU A 531 -18.13 -4.47 -2.31
N ARG A 532 -19.18 -4.48 -1.48
CA ARG A 532 -19.18 -5.27 -0.26
C ARG A 532 -19.91 -6.58 -0.41
N HIS A 533 -19.37 -7.62 0.23
CA HIS A 533 -20.07 -8.90 0.34
C HIS A 533 -21.21 -8.74 1.36
N VAL A 534 -22.42 -9.10 0.93
CA VAL A 534 -23.62 -8.88 1.71
C VAL A 534 -23.60 -9.80 2.92
N GLY A 535 -24.23 -9.33 4.01
CA GLY A 535 -24.29 -10.08 5.27
C GLY A 535 -22.93 -10.24 5.92
N SER A 536 -22.07 -9.23 5.75
CA SER A 536 -20.67 -9.34 6.08
C SER A 536 -20.05 -7.96 6.34
N ASN A 537 -18.83 -8.00 6.88
CA ASN A 537 -17.98 -6.82 7.03
C ASN A 537 -16.83 -6.83 6.02
N LEU A 538 -17.09 -7.40 4.82
CA LEU A 538 -16.04 -7.80 3.88
C LEU A 538 -16.27 -7.21 2.50
N CYS A 539 -15.17 -6.68 1.93
CA CYS A 539 -15.21 -5.98 0.63
C CYS A 539 -14.22 -6.59 -0.34
N LEU A 540 -14.62 -6.60 -1.62
CA LEU A 540 -13.74 -7.06 -2.68
C LEU A 540 -12.47 -6.21 -2.72
N ASP A 541 -11.32 -6.87 -2.82
CA ASP A 541 -10.02 -6.30 -2.64
C ASP A 541 -9.02 -6.88 -3.63
N SER A 542 -8.33 -6.01 -4.37
CA SER A 542 -7.38 -6.38 -5.42
C SER A 542 -5.92 -6.41 -5.00
N ARG A 543 -5.59 -6.16 -3.73
CA ARG A 543 -4.21 -6.10 -3.29
C ARG A 543 -3.47 -7.43 -3.49
N THR A 544 -4.19 -8.52 -3.32
CA THR A 544 -3.73 -9.89 -3.52
C THR A 544 -3.66 -10.42 -4.95
N ALA A 545 -4.06 -9.62 -5.96
CA ALA A 545 -4.07 -10.09 -7.33
C ALA A 545 -2.71 -10.71 -7.76
N LYS A 546 -1.67 -9.89 -7.63
CA LYS A 546 -0.32 -10.28 -8.02
C LYS A 546 0.25 -11.46 -7.19
N SER A 547 -0.44 -11.85 -6.13
CA SER A 547 -0.01 -12.97 -5.31
C SER A 547 -1.09 -13.98 -5.06
N GLY A 548 -1.84 -14.38 -6.09
CA GLY A 548 -2.93 -15.37 -5.91
C GLY A 548 -4.16 -15.07 -6.70
N GLY A 549 -4.60 -13.81 -6.70
CA GLY A 549 -5.89 -13.39 -7.24
C GLY A 549 -6.61 -12.47 -6.26
N LEU A 550 -7.71 -11.89 -6.75
CA LEU A 550 -8.63 -11.06 -5.97
C LEU A 550 -9.15 -11.83 -4.80
N SER A 551 -9.29 -11.10 -3.70
CA SER A 551 -9.64 -11.62 -2.42
C SER A 551 -10.81 -10.84 -1.81
N VAL A 552 -11.34 -11.40 -0.72
CA VAL A 552 -12.11 -10.62 0.23
C VAL A 552 -11.11 -10.20 1.32
N GLU A 553 -11.09 -8.92 1.68
CA GLU A 553 -10.31 -8.43 2.82
C GLU A 553 -11.18 -7.54 3.68
N VAL A 554 -10.63 -7.12 4.84
CA VAL A 554 -11.48 -6.47 5.85
C VAL A 554 -11.86 -5.04 5.37
N CYS A 555 -13.16 -4.77 5.39
CA CYS A 555 -13.74 -3.76 4.48
C CYS A 555 -13.52 -2.36 4.96
N GLY A 556 -12.38 -1.78 4.51
CA GLY A 556 -11.91 -0.50 5.03
C GLY A 556 -11.27 0.37 3.93
N PRO A 557 -10.57 1.44 4.34
CA PRO A 557 -10.23 2.55 3.41
C PRO A 557 -9.11 2.27 2.41
N ALA A 558 -9.01 1.10 1.80
CA ALA A 558 -7.94 0.83 0.84
C ALA A 558 -8.38 1.37 -0.51
N LEU A 559 -7.45 1.81 -1.32
CA LEU A 559 -7.67 2.04 -2.77
C LEU A 559 -7.90 0.77 -3.60
N SER A 560 -7.45 -0.37 -3.08
CA SER A 560 -7.69 -1.69 -3.67
C SER A 560 -9.13 -2.19 -3.55
N GLN A 561 -9.90 -1.63 -2.62
CA GLN A 561 -11.32 -1.93 -2.44
C GLN A 561 -12.29 -1.08 -3.25
N GLN A 562 -11.77 -0.20 -4.05
CA GLN A 562 -12.56 0.74 -4.89
C GLN A 562 -12.92 0.13 -6.27
N TRP A 563 -14.21 0.02 -6.54
CA TRP A 563 -14.76 -0.55 -7.76
C TRP A 563 -15.98 0.18 -8.29
N LYS A 564 -15.89 0.65 -9.52
CA LYS A 564 -16.98 1.39 -10.17
C LYS A 564 -17.37 0.73 -11.45
N PHE A 565 -18.67 0.49 -11.61
CA PHE A 565 -19.23 -0.15 -12.81
C PHE A 565 -19.36 0.84 -13.95
N THR A 566 -18.96 0.43 -15.15
CA THR A 566 -19.11 1.21 -16.39
C THR A 566 -20.50 1.76 -16.70
N LEU A 567 -21.50 0.96 -16.46
CA LEU A 567 -22.94 1.33 -16.60
C LEU A 567 -23.61 1.12 -15.22
N ASN A 568 -24.17 2.21 -14.67
CA ASN A 568 -24.89 2.07 -13.39
C ASN A 568 -26.37 2.39 -13.54
N LEU A 569 -27.23 1.49 -13.07
CA LEU A 569 -28.67 1.70 -13.01
C LEU A 569 -29.03 1.69 -11.52
N VAL B 76 -18.42 26.57 28.05
CA VAL B 76 -18.35 25.08 28.19
C VAL B 76 -16.98 24.56 27.74
N ARG B 77 -16.39 23.72 28.57
CA ARG B 77 -15.00 23.27 28.40
C ARG B 77 -14.93 22.28 27.25
N TRP B 78 -13.79 22.22 26.57
CA TRP B 78 -13.74 21.48 25.31
C TRP B 78 -14.04 19.98 25.42
N PRO B 79 -13.56 19.31 26.49
CA PRO B 79 -13.87 17.86 26.58
C PRO B 79 -15.33 17.56 26.84
N ASP B 80 -16.02 18.48 27.51
CA ASP B 80 -17.44 18.38 27.80
C ASP B 80 -18.29 18.74 26.58
N PHE B 81 -17.68 19.30 25.53
CA PHE B 81 -18.38 19.56 24.28
C PHE B 81 -18.79 18.27 23.59
N ASN B 82 -19.98 18.31 22.98
CA ASN B 82 -20.61 17.08 22.49
C ASN B 82 -20.25 16.78 21.02
N GLN B 83 -19.15 16.04 20.87
CA GLN B 83 -18.75 15.57 19.54
C GLN B 83 -19.89 14.89 18.78
N GLU B 84 -20.49 13.86 19.35
CA GLU B 84 -21.52 13.06 18.68
C GLU B 84 -22.70 13.87 18.12
N ALA B 85 -23.16 14.88 18.85
CA ALA B 85 -24.20 15.78 18.45
C ALA B 85 -23.81 16.69 17.27
N TYR B 86 -22.63 17.25 17.37
CA TYR B 86 -22.03 18.09 16.36
C TYR B 86 -21.78 17.34 15.06
N VAL B 87 -20.92 16.33 15.03
CA VAL B 87 -20.73 15.50 13.83
C VAL B 87 -22.06 14.95 13.32
N GLY B 88 -23.04 14.81 14.20
CA GLY B 88 -24.41 14.39 13.89
C GLY B 88 -25.16 14.80 12.66
N GLY B 89 -25.17 16.07 12.30
CA GLY B 89 -25.73 16.51 11.01
C GLY B 89 -24.83 16.23 9.81
N THR B 90 -23.75 16.96 9.76
CA THR B 90 -22.62 16.72 8.77
C THR B 90 -22.03 15.30 8.88
N MET B 91 -22.83 14.32 8.48
CA MET B 91 -22.46 12.92 8.48
C MET B 91 -22.91 12.26 7.20
N VAL B 92 -22.13 11.27 6.79
CA VAL B 92 -22.35 10.57 5.50
C VAL B 92 -23.62 9.75 5.58
N ARG B 93 -24.63 10.15 4.81
CA ARG B 93 -25.96 9.58 4.91
C ARG B 93 -25.99 8.16 4.34
N SER B 94 -26.95 7.36 4.84
CA SER B 94 -27.25 5.99 4.41
C SER B 94 -26.22 5.27 3.49
N GLY B 95 -26.27 5.57 2.20
CA GLY B 95 -25.19 5.20 1.26
C GLY B 95 -24.26 6.40 1.07
N GLN B 96 -24.19 6.87 -0.17
CA GLN B 96 -23.64 8.18 -0.55
C GLN B 96 -22.11 8.23 -0.60
N ASP B 97 -21.59 9.02 -1.54
CA ASP B 97 -20.15 9.12 -1.79
C ASP B 97 -19.43 9.83 -0.62
N PRO B 98 -18.53 9.12 0.10
CA PRO B 98 -17.76 9.72 1.20
C PRO B 98 -16.83 10.89 0.83
N TYR B 99 -16.26 10.84 -0.38
CA TYR B 99 -15.34 11.87 -0.84
C TYR B 99 -15.97 13.12 -1.43
N ALA B 100 -17.28 13.16 -1.61
CA ALA B 100 -17.88 14.16 -2.49
C ALA B 100 -17.93 15.57 -1.90
N ARG B 101 -18.35 15.70 -0.65
CA ARG B 101 -18.54 17.00 -0.02
C ARG B 101 -17.16 17.64 0.30
N ASN B 102 -16.13 16.85 0.59
CA ASN B 102 -14.86 17.38 1.07
C ASN B 102 -13.60 17.07 0.26
N LYS B 103 -13.65 16.19 -0.75
CA LYS B 103 -12.44 15.67 -1.42
C LYS B 103 -11.41 15.02 -0.47
N PHE B 104 -11.90 14.55 0.68
CA PHE B 104 -11.25 13.61 1.53
C PHE B 104 -12.35 12.69 2.11
N ASN B 105 -11.91 11.56 2.67
CA ASN B 105 -12.83 10.55 3.15
C ASN B 105 -13.53 11.00 4.44
N GLN B 106 -14.72 11.59 4.31
CA GLN B 106 -15.44 12.07 5.47
C GLN B 106 -15.80 10.97 6.50
N VAL B 107 -16.04 9.75 6.04
CA VAL B 107 -16.45 8.68 6.94
C VAL B 107 -15.33 8.40 7.93
N GLU B 108 -14.11 8.27 7.40
CA GLU B 108 -12.96 8.01 8.25
C GLU B 108 -12.65 9.18 9.22
N SER B 109 -12.85 10.40 8.74
CA SER B 109 -12.71 11.60 9.55
C SER B 109 -13.73 11.60 10.69
N ASP B 110 -14.99 11.38 10.33
CA ASP B 110 -16.09 11.36 11.29
C ASP B 110 -15.90 10.29 12.37
N LYS B 111 -15.38 9.11 11.96
CA LYS B 111 -15.08 8.02 12.89
C LYS B 111 -14.18 8.41 14.08
N LEU B 112 -13.22 9.29 13.82
CA LEU B 112 -12.20 9.66 14.80
C LEU B 112 -12.73 10.62 15.84
N ARG B 113 -12.17 10.48 17.04
CA ARG B 113 -12.53 11.33 18.18
C ARG B 113 -12.05 12.76 17.94
N MET B 114 -12.69 13.73 18.58
CA MET B 114 -12.20 15.12 18.55
C MET B 114 -10.79 15.22 19.16
N ASP B 115 -10.57 14.44 20.22
CA ASP B 115 -9.42 14.38 21.06
C ASP B 115 -8.31 13.38 20.61
N ARG B 116 -8.53 12.79 19.43
CA ARG B 116 -7.77 11.64 18.94
C ARG B 116 -6.28 11.56 19.29
N ALA B 117 -5.80 10.37 19.66
CA ALA B 117 -4.38 10.15 19.93
C ALA B 117 -3.62 10.08 18.61
N ILE B 118 -2.52 10.80 18.49
CA ILE B 118 -1.65 10.77 17.34
C ILE B 118 -0.20 10.69 17.82
N PRO B 119 0.71 10.08 17.05
CA PRO B 119 2.06 9.88 17.49
C PRO B 119 2.87 11.16 17.51
N ASP B 120 3.72 11.28 18.52
CA ASP B 120 4.71 12.32 18.63
C ASP B 120 5.77 12.11 17.54
N THR B 121 5.64 12.88 16.47
CA THR B 121 6.50 12.78 15.32
C THR B 121 7.72 13.70 15.32
N ARG B 122 8.29 13.95 16.51
CA ARG B 122 9.41 14.89 16.69
C ARG B 122 10.71 14.21 17.13
N HIS B 123 11.82 14.82 16.77
CA HIS B 123 13.15 14.31 17.10
C HIS B 123 13.31 14.22 18.58
N ASP B 124 14.03 13.18 19.03
CA ASP B 124 14.22 13.00 20.49
C ASP B 124 14.90 14.23 21.07
N GLN B 125 15.84 14.81 20.35
CA GLN B 125 16.60 16.00 20.80
C GLN B 125 15.72 17.23 20.73
N CYS B 126 14.58 17.19 21.34
CA CYS B 126 13.44 18.18 21.14
C CYS B 126 12.34 17.82 22.17
N GLN B 127 12.03 16.53 22.19
CA GLN B 127 11.22 15.92 23.28
C GLN B 127 11.89 16.05 24.65
N ARG B 128 13.20 16.25 24.70
CA ARG B 128 13.99 16.66 25.85
C ARG B 128 14.37 18.15 25.79
N LYS B 129 13.40 19.04 25.92
CA LYS B 129 13.68 20.49 26.07
C LYS B 129 12.56 21.18 26.79
N GLN B 130 12.72 21.43 28.10
CA GLN B 130 11.65 22.09 28.88
C GLN B 130 11.30 23.44 28.20
N TRP B 131 10.15 23.46 27.53
CA TRP B 131 9.78 24.56 26.68
C TRP B 131 9.36 25.82 27.41
N ARG B 132 10.02 26.91 27.06
CA ARG B 132 9.77 28.22 27.67
C ARG B 132 8.28 28.50 27.65
N VAL B 133 7.73 29.03 28.75
CA VAL B 133 6.31 29.38 28.86
C VAL B 133 6.00 30.87 29.05
N ASP B 134 7.04 31.67 29.30
CA ASP B 134 6.96 33.10 29.51
C ASP B 134 6.86 33.89 28.21
N LEU B 135 5.89 33.58 27.40
CA LEU B 135 5.84 33.94 25.98
C LEU B 135 4.51 34.64 25.76
N PRO B 136 4.39 35.45 24.69
CA PRO B 136 3.14 36.13 24.42
C PRO B 136 2.09 35.15 23.89
N ALA B 137 0.84 35.38 24.27
CA ALA B 137 -0.26 34.58 23.82
C ALA B 137 -0.58 34.86 22.37
N THR B 138 -1.35 33.97 21.76
CA THR B 138 -1.75 34.12 20.35
C THR B 138 -3.23 33.97 20.10
N SER B 139 -3.71 34.75 19.13
CA SER B 139 -5.05 34.63 18.60
C SER B 139 -4.95 33.71 17.38
N VAL B 140 -5.56 32.54 17.51
CA VAL B 140 -5.49 31.50 16.49
C VAL B 140 -6.64 31.72 15.51
N VAL B 141 -6.30 31.95 14.25
CA VAL B 141 -7.26 32.19 13.17
C VAL B 141 -7.47 30.97 12.27
N ILE B 142 -8.66 30.42 12.33
CA ILE B 142 -9.06 29.31 11.46
C ILE B 142 -10.14 29.80 10.53
N THR B 143 -9.90 29.65 9.23
CA THR B 143 -10.83 30.08 8.22
C THR B 143 -11.35 28.83 7.54
N PHE B 144 -12.64 28.85 7.21
CA PHE B 144 -13.31 27.69 6.60
C PHE B 144 -14.54 28.01 5.78
N HIS B 145 -14.69 27.27 4.69
CA HIS B 145 -15.90 27.28 3.86
C HIS B 145 -16.32 25.84 3.63
N ASN B 146 -17.39 25.44 4.30
CA ASN B 146 -17.99 24.10 4.20
C ASN B 146 -17.02 22.98 4.53
N GLU B 147 -16.35 23.14 5.67
CA GLU B 147 -15.43 22.12 6.16
C GLU B 147 -16.23 21.01 6.74
N ALA B 148 -15.61 19.83 6.83
CA ALA B 148 -16.21 18.69 7.56
C ALA B 148 -16.21 19.01 9.05
N ARG B 149 -17.38 18.94 9.70
CA ARG B 149 -17.48 19.22 11.13
C ARG B 149 -16.48 18.44 11.97
N SER B 150 -16.28 17.17 11.70
CA SER B 150 -15.29 16.35 12.38
C SER B 150 -13.87 16.96 12.31
N ALA B 151 -13.48 17.39 11.13
CA ALA B 151 -12.13 17.92 10.87
C ALA B 151 -11.93 19.29 11.51
N LEU B 152 -12.95 20.13 11.39
CA LEU B 152 -12.93 21.45 11.99
C LEU B 152 -12.82 21.34 13.50
N LEU B 153 -13.64 20.49 14.10
CA LEU B 153 -13.63 20.28 15.55
C LEU B 153 -12.29 19.79 16.01
N ARG B 154 -11.80 18.71 15.39
CA ARG B 154 -10.49 18.14 15.71
C ARG B 154 -9.36 19.20 15.67
N THR B 155 -9.41 20.10 14.71
CA THR B 155 -8.47 21.20 14.61
C THR B 155 -8.55 22.04 15.87
N VAL B 156 -9.74 22.58 16.14
CA VAL B 156 -9.99 23.45 17.29
C VAL B 156 -9.54 22.80 18.59
N VAL B 157 -9.94 21.55 18.81
CA VAL B 157 -9.61 20.84 20.04
C VAL B 157 -8.10 20.62 20.14
N SER B 158 -7.46 20.27 19.03
CA SER B 158 -6.01 20.03 19.04
C SER B 158 -5.23 21.26 19.48
N VAL B 159 -5.70 22.43 19.08
CA VAL B 159 -5.15 23.71 19.56
C VAL B 159 -5.23 23.83 21.08
N LEU B 160 -6.42 23.59 21.61
CA LEU B 160 -6.73 23.74 23.02
C LEU B 160 -6.08 22.66 23.86
N LYS B 161 -6.15 21.42 23.42
CA LYS B 161 -5.54 20.29 24.13
C LYS B 161 -4.02 20.39 24.20
N LYS B 162 -3.36 20.76 23.10
CA LYS B 162 -1.90 20.67 23.03
C LYS B 162 -1.18 21.95 23.36
N SER B 163 -1.89 23.09 23.35
CA SER B 163 -1.28 24.38 23.72
C SER B 163 -1.51 24.64 25.21
N PRO B 164 -0.48 25.14 25.92
CA PRO B 164 -0.74 25.58 27.31
C PRO B 164 -1.78 26.70 27.34
N PRO B 165 -2.82 26.61 28.17
CA PRO B 165 -3.99 27.51 28.02
C PRO B 165 -3.68 29.01 28.19
N HIS B 166 -2.57 29.42 28.88
CA HIS B 166 -2.25 30.82 28.97
C HIS B 166 -1.75 31.44 27.65
N LEU B 167 -1.25 30.59 26.75
CA LEU B 167 -0.76 31.01 25.45
C LEU B 167 -1.85 31.10 24.38
N ILE B 168 -3.05 30.59 24.65
CA ILE B 168 -4.18 30.74 23.73
C ILE B 168 -5.09 31.81 24.25
N LYS B 169 -5.00 33.02 23.69
CA LYS B 169 -5.94 34.10 24.06
C LYS B 169 -7.34 33.73 23.62
N GLU B 170 -7.45 33.36 22.35
CA GLU B 170 -8.72 33.04 21.71
C GLU B 170 -8.47 32.24 20.45
N ILE B 171 -9.51 31.49 20.07
CA ILE B 171 -9.57 30.83 18.77
C ILE B 171 -10.65 31.54 18.00
N ILE B 172 -10.27 32.24 16.93
CA ILE B 172 -11.22 32.94 16.07
C ILE B 172 -11.53 32.00 14.90
N LEU B 173 -12.79 31.57 14.82
CA LEU B 173 -13.30 30.92 13.63
C LEU B 173 -13.92 31.96 12.69
N VAL B 174 -13.40 32.02 11.47
CA VAL B 174 -13.97 32.85 10.41
C VAL B 174 -14.68 31.90 9.46
N ASP B 175 -16.00 31.82 9.63
CA ASP B 175 -16.90 31.13 8.71
C ASP B 175 -16.97 31.95 7.43
N ASP B 176 -16.27 31.48 6.38
CA ASP B 176 -16.32 32.14 5.08
C ASP B 176 -17.54 31.66 4.25
N TYR B 177 -18.70 32.17 4.62
CA TYR B 177 -19.94 31.90 3.90
C TYR B 177 -20.24 30.41 3.69
N SER B 178 -20.12 29.64 4.76
CA SER B 178 -20.43 28.21 4.72
C SER B 178 -21.93 28.02 4.57
N ASN B 179 -22.33 26.99 3.87
CA ASN B 179 -23.73 26.64 3.65
C ASN B 179 -24.56 26.64 4.94
N ASP B 180 -24.13 25.84 5.91
CA ASP B 180 -24.78 25.80 7.25
C ASP B 180 -23.97 26.65 8.23
N PRO B 181 -24.48 27.83 8.65
CA PRO B 181 -23.81 28.62 9.72
C PRO B 181 -23.59 27.89 11.05
N GLU B 182 -24.42 26.85 11.29
CA GLU B 182 -24.29 26.04 12.49
C GLU B 182 -22.93 25.32 12.58
N ASP B 183 -22.28 25.10 11.46
CA ASP B 183 -20.91 24.54 11.43
C ASP B 183 -19.98 25.29 12.34
N GLY B 184 -19.96 26.61 12.19
CA GLY B 184 -19.14 27.48 13.04
C GLY B 184 -19.84 27.85 14.35
N ALA B 185 -21.11 28.24 14.21
CA ALA B 185 -21.91 28.75 15.32
C ALA B 185 -21.87 27.86 16.55
N LEU B 186 -22.10 26.59 16.34
CA LEU B 186 -22.15 25.61 17.44
C LEU B 186 -20.83 25.47 18.22
N LEU B 187 -19.70 25.71 17.55
CA LEU B 187 -18.41 25.64 18.23
C LEU B 187 -18.20 26.81 19.19
N GLY B 188 -18.91 27.91 18.94
CA GLY B 188 -18.96 29.05 19.86
C GLY B 188 -19.23 28.69 21.32
N LYS B 189 -19.96 27.59 21.55
CA LYS B 189 -20.07 27.02 22.87
C LYS B 189 -18.73 26.66 23.56
N ILE B 190 -17.66 26.45 22.79
CA ILE B 190 -16.37 25.99 23.36
C ILE B 190 -15.57 27.17 23.94
N GLU B 191 -14.90 26.90 25.07
CA GLU B 191 -13.98 27.85 25.70
C GLU B 191 -13.04 28.49 24.70
N LYS B 192 -12.89 29.79 24.80
CA LYS B 192 -11.99 30.59 23.95
C LYS B 192 -12.38 30.70 22.47
N VAL B 193 -13.51 30.10 22.05
CA VAL B 193 -13.85 30.07 20.63
C VAL B 193 -14.80 31.21 20.31
N ARG B 194 -14.39 32.06 19.39
CA ARG B 194 -15.26 33.13 18.87
C ARG B 194 -15.55 32.85 17.40
N VAL B 195 -16.78 33.16 16.97
CA VAL B 195 -17.20 32.85 15.61
C VAL B 195 -17.62 34.13 14.87
N LEU B 196 -17.02 34.29 13.69
CA LEU B 196 -17.33 35.45 12.83
C LEU B 196 -17.83 34.90 11.51
N ARG B 197 -19.10 35.16 11.20
CA ARG B 197 -19.64 34.74 9.91
C ARG B 197 -19.51 35.84 8.85
N ASN B 198 -18.93 35.49 7.70
CA ASN B 198 -18.92 36.29 6.53
C ASN B 198 -20.25 36.08 5.79
N ASP B 199 -21.06 37.15 5.76
CA ASP B 199 -22.37 37.13 5.06
C ASP B 199 -22.22 37.14 3.55
N ARG B 200 -21.06 37.41 2.97
CA ARG B 200 -20.73 37.07 1.59
C ARG B 200 -19.50 36.17 1.53
N ARG B 201 -19.24 35.64 0.36
CA ARG B 201 -18.01 34.89 0.10
C ARG B 201 -16.83 35.81 -0.13
N GLU B 202 -15.87 35.78 0.80
CA GLU B 202 -14.62 36.55 0.69
C GLU B 202 -13.39 35.79 0.20
N GLY B 203 -13.34 34.49 0.48
CA GLY B 203 -12.18 33.68 0.22
C GLY B 203 -11.18 33.67 1.35
N LEU B 204 -10.19 32.81 1.18
CA LEU B 204 -9.11 32.59 2.13
C LEU B 204 -8.50 33.89 2.64
N MET B 205 -7.96 34.65 1.73
CA MET B 205 -7.15 35.83 2.09
C MET B 205 -7.92 36.89 2.87
N ARG B 206 -9.02 37.36 2.32
CA ARG B 206 -9.84 38.34 3.03
C ARG B 206 -10.33 37.85 4.40
N SER B 207 -10.74 36.60 4.45
CA SER B 207 -11.24 35.97 5.68
C SER B 207 -10.18 35.93 6.76
N ARG B 208 -8.97 35.62 6.37
CA ARG B 208 -7.82 35.63 7.30
C ARG B 208 -7.59 37.03 7.88
N VAL B 209 -7.76 38.05 7.03
CA VAL B 209 -7.53 39.43 7.44
C VAL B 209 -8.60 39.85 8.47
N ARG B 210 -9.84 39.43 8.25
CA ARG B 210 -10.93 39.69 9.18
C ARG B 210 -10.58 39.17 10.55
N GLY B 211 -10.24 37.89 10.62
CA GLY B 211 -9.85 37.26 11.88
C GLY B 211 -8.70 37.97 12.58
N ALA B 212 -7.73 38.40 11.79
CA ALA B 212 -6.56 39.10 12.31
C ALA B 212 -6.90 40.47 12.87
N ASP B 213 -7.84 41.17 12.23
CA ASP B 213 -8.31 42.47 12.72
C ASP B 213 -9.12 42.34 14.00
N ALA B 214 -9.86 41.23 14.10
CA ALA B 214 -10.60 40.89 15.32
C ALA B 214 -9.75 40.23 16.43
N ALA B 215 -8.47 40.01 16.16
CA ALA B 215 -7.54 39.42 17.11
C ALA B 215 -7.15 40.37 18.23
N GLN B 216 -7.11 39.80 19.41
CA GLN B 216 -6.83 40.56 20.65
C GLN B 216 -5.36 40.48 20.97
N ALA B 217 -4.77 39.30 20.83
CA ALA B 217 -3.39 39.03 21.25
C ALA B 217 -2.38 39.79 20.42
N LYS B 218 -1.13 39.83 20.89
CA LYS B 218 -0.05 40.50 20.20
C LYS B 218 0.46 39.69 19.00
N VAL B 219 0.21 38.38 19.02
CA VAL B 219 0.69 37.43 18.01
C VAL B 219 -0.45 36.67 17.32
N LEU B 220 -0.36 36.57 16.00
CA LEU B 220 -1.31 35.80 15.19
C LEU B 220 -0.76 34.41 14.88
N THR B 221 -1.63 33.42 14.96
CA THR B 221 -1.36 32.07 14.45
C THR B 221 -2.48 31.75 13.48
N PHE B 222 -2.10 31.42 12.25
CA PHE B 222 -3.06 30.96 11.24
C PHE B 222 -2.96 29.47 11.13
N LEU B 223 -4.08 28.84 10.85
CA LEU B 223 -4.16 27.36 10.71
C LEU B 223 -5.31 27.10 9.78
N ASP B 224 -5.16 26.10 8.94
CA ASP B 224 -6.22 25.59 8.12
C ASP B 224 -7.17 24.81 8.99
N SER B 225 -8.40 24.70 8.50
CA SER B 225 -9.52 24.09 9.24
C SER B 225 -9.56 22.55 9.22
N HIS B 226 -8.50 21.92 8.79
CA HIS B 226 -8.32 20.47 8.81
C HIS B 226 -6.89 20.15 9.20
N CYS B 227 -6.50 20.65 10.37
CA CYS B 227 -5.16 20.44 10.93
C CYS B 227 -5.27 19.71 12.26
N GLU B 228 -4.14 19.25 12.75
CA GLU B 228 -4.01 18.62 14.06
C GLU B 228 -2.67 18.96 14.67
N CYS B 229 -2.71 19.87 15.63
CA CYS B 229 -1.52 20.25 16.38
C CYS B 229 -1.00 19.06 17.17
N ASN B 230 0.33 18.94 17.19
CA ASN B 230 1.01 17.88 17.91
C ASN B 230 1.50 18.39 19.28
N GLU B 231 2.27 17.55 19.96
CA GLU B 231 2.80 17.83 21.28
C GLU B 231 3.73 19.05 21.19
N HIS B 232 3.56 19.93 22.19
CA HIS B 232 4.31 21.15 22.39
C HIS B 232 4.66 21.85 21.07
N TRP B 233 3.62 22.02 20.27
CA TRP B 233 3.70 22.58 18.94
C TRP B 233 3.92 24.07 18.95
N LEU B 234 3.24 24.76 19.86
CA LEU B 234 3.14 26.22 19.82
C LEU B 234 4.36 26.92 20.37
N GLU B 235 4.92 26.38 21.44
CA GLU B 235 6.03 27.04 22.14
C GLU B 235 7.21 27.38 21.22
N PRO B 236 7.70 26.40 20.44
CA PRO B 236 8.82 26.70 19.56
C PRO B 236 8.57 27.80 18.55
N LEU B 237 7.32 27.94 18.11
CA LEU B 237 6.94 28.98 17.15
C LEU B 237 6.98 30.34 17.81
N LEU B 238 6.30 30.45 18.95
CA LEU B 238 6.26 31.70 19.72
C LEU B 238 7.63 32.16 20.17
N GLU B 239 8.42 31.24 20.72
CA GLU B 239 9.78 31.57 21.17
C GLU B 239 10.57 32.32 20.09
N ARG B 240 10.41 31.93 18.84
CA ARG B 240 11.09 32.59 17.72
C ARG B 240 10.54 33.98 17.48
N VAL B 241 9.23 34.10 17.42
CA VAL B 241 8.60 35.41 17.14
C VAL B 241 8.81 36.37 18.31
N ALA B 242 8.75 35.86 19.55
CA ALA B 242 8.97 36.66 20.75
C ALA B 242 10.36 37.26 20.80
N GLU B 243 11.35 36.49 20.39
CA GLU B 243 12.75 36.92 20.31
C GLU B 243 12.94 38.00 19.22
N ASP B 244 12.28 37.81 18.08
CA ASP B 244 12.43 38.68 16.92
C ASP B 244 11.11 38.75 16.19
N ARG B 245 10.42 39.87 16.35
CA ARG B 245 9.12 40.16 15.77
C ARG B 245 9.04 40.03 14.22
N THR B 246 10.18 40.21 13.56
CA THR B 246 10.26 40.18 12.10
C THR B 246 10.26 38.76 11.51
N ARG B 247 10.48 37.75 12.34
CA ARG B 247 10.36 36.37 11.89
C ARG B 247 8.89 35.98 11.66
N VAL B 248 8.65 35.36 10.50
CA VAL B 248 7.44 34.59 10.27
C VAL B 248 7.81 33.10 10.29
N VAL B 249 7.17 32.34 11.19
CA VAL B 249 7.54 30.97 11.39
C VAL B 249 6.37 30.02 11.09
N SER B 250 6.71 28.86 10.53
CA SER B 250 5.76 27.81 10.21
C SER B 250 6.22 26.50 10.85
N PRO B 251 5.29 25.60 11.20
CA PRO B 251 5.72 24.29 11.69
C PRO B 251 6.06 23.39 10.53
N ILE B 252 6.60 22.22 10.81
CA ILE B 252 6.68 21.14 9.84
C ILE B 252 5.26 20.61 9.68
N ALA B 253 4.84 20.45 8.41
CA ALA B 253 3.51 20.04 8.08
C ALA B 253 3.47 18.53 7.95
N ASP B 254 3.06 17.87 9.04
CA ASP B 254 2.83 16.45 9.02
C ASP B 254 1.62 16.16 8.15
N VAL B 255 1.51 14.91 7.70
CA VAL B 255 0.51 14.54 6.68
C VAL B 255 -0.62 13.73 7.32
N ILE B 256 -1.83 14.23 7.18
CA ILE B 256 -3.01 13.48 7.53
C ILE B 256 -3.54 12.88 6.22
N ASN B 257 -3.61 11.56 6.16
CA ASN B 257 -3.95 10.86 4.92
C ASN B 257 -5.42 11.16 4.54
N MET B 258 -5.62 11.63 3.32
CA MET B 258 -6.97 11.99 2.84
C MET B 258 -7.94 10.82 2.69
N ASP B 259 -7.43 9.59 2.62
CA ASP B 259 -8.28 8.39 2.53
C ASP B 259 -8.54 7.72 3.87
N ASN B 260 -7.50 7.36 4.57
CA ASN B 260 -7.61 6.61 5.86
C ASN B 260 -7.52 7.50 7.10
N PHE B 261 -7.08 8.76 6.92
CA PHE B 261 -6.99 9.76 8.02
C PHE B 261 -5.94 9.45 9.09
N GLN B 262 -4.96 8.62 8.74
CA GLN B 262 -3.84 8.31 9.61
C GLN B 262 -2.94 9.54 9.69
N TYR B 263 -2.39 9.78 10.89
CA TYR B 263 -1.47 10.91 11.08
C TYR B 263 -0.23 11.08 10.25
N VAL B 264 0.75 10.20 10.31
CA VAL B 264 1.96 10.31 9.47
C VAL B 264 2.92 11.54 9.59
N GLY B 265 4.08 11.20 10.15
CA GLY B 265 5.15 12.14 10.38
C GLY B 265 5.86 12.48 9.08
N ALA B 266 6.16 13.76 8.89
CA ALA B 266 6.76 14.26 7.66
C ALA B 266 8.24 14.50 7.83
N SER B 267 8.93 14.72 6.71
CA SER B 267 10.35 14.98 6.69
C SER B 267 10.68 16.36 7.27
N ALA B 268 11.73 16.41 8.08
CA ALA B 268 12.31 17.68 8.55
C ALA B 268 13.46 18.16 7.68
N ASP B 269 13.68 17.50 6.54
CA ASP B 269 14.78 17.81 5.63
C ASP B 269 14.32 18.52 4.35
N LEU B 270 13.21 19.25 4.44
CA LEU B 270 12.62 19.92 3.29
C LEU B 270 12.40 21.38 3.61
N LYS B 271 12.50 22.21 2.58
CA LYS B 271 12.09 23.61 2.67
C LYS B 271 11.15 23.88 1.54
N GLY B 272 10.41 24.98 1.66
CA GLY B 272 9.42 25.39 0.68
C GLY B 272 10.07 26.14 -0.48
N GLY B 273 9.44 26.09 -1.64
CA GLY B 273 9.97 26.77 -2.81
C GLY B 273 8.99 26.84 -3.98
N PHE B 274 9.55 27.05 -5.18
CA PHE B 274 8.78 27.17 -6.42
C PHE B 274 9.66 27.08 -7.66
N ASP B 275 9.05 26.68 -8.76
CA ASP B 275 9.62 26.87 -10.13
C ASP B 275 9.05 28.13 -10.71
N TRP B 276 9.50 28.50 -11.88
CA TRP B 276 9.07 29.75 -12.54
C TRP B 276 7.56 29.79 -12.88
N ASN B 277 6.86 28.66 -12.90
CA ASN B 277 5.38 28.65 -12.93
C ASN B 277 4.69 29.22 -11.66
N LEU B 278 5.47 29.49 -10.61
CA LEU B 278 5.04 30.15 -9.36
C LEU B 278 3.99 29.37 -8.58
N VAL B 279 4.10 28.04 -8.69
CA VAL B 279 3.29 27.08 -7.95
C VAL B 279 4.16 26.60 -6.81
N PHE B 280 3.55 26.39 -5.64
CA PHE B 280 4.32 25.97 -4.47
C PHE B 280 4.84 24.55 -4.68
N LYS B 281 6.09 24.33 -4.27
CA LYS B 281 6.64 22.98 -4.19
C LYS B 281 7.65 22.87 -3.07
N TRP B 282 7.81 21.64 -2.55
CA TRP B 282 8.83 21.37 -1.54
C TRP B 282 10.17 21.03 -2.19
N ASP B 283 11.21 21.76 -1.79
CA ASP B 283 12.58 21.47 -2.27
C ASP B 283 13.23 20.54 -1.27
N TYR B 284 14.11 19.67 -1.74
CA TYR B 284 15.03 18.94 -0.87
C TYR B 284 15.93 19.92 -0.14
N MET B 285 16.51 19.56 0.98
CA MET B 285 17.45 20.49 1.63
C MET B 285 18.69 20.59 0.79
N THR B 286 19.21 21.83 0.65
CA THR B 286 20.37 22.07 -0.26
C THR B 286 21.57 21.27 0.20
N PRO B 287 22.37 20.64 -0.68
CA PRO B 287 23.39 19.70 -0.20
C PRO B 287 24.36 20.40 0.77
N GLU B 288 24.78 21.61 0.41
CA GLU B 288 25.60 22.46 1.26
C GLU B 288 24.99 22.70 2.67
N GLN B 289 23.69 22.89 2.68
CA GLN B 289 22.91 23.21 3.90
C GLN B 289 22.79 21.99 4.81
N ARG B 290 22.36 20.87 4.24
CA ARG B 290 22.23 19.61 4.96
C ARG B 290 23.48 19.19 5.76
N ARG B 291 24.66 19.45 5.17
CA ARG B 291 25.95 19.20 5.84
C ARG B 291 26.13 20.12 7.06
N SER B 292 25.81 21.40 6.91
CA SER B 292 25.88 22.38 8.00
C SER B 292 24.93 22.12 9.19
N ARG B 293 23.90 21.34 9.01
CA ARG B 293 23.14 20.88 10.19
C ARG B 293 24.12 20.24 11.18
N GLN B 294 24.16 18.91 11.25
CA GLN B 294 24.91 18.16 12.30
C GLN B 294 25.14 18.96 13.59
N GLY B 295 25.47 20.24 13.40
CA GLY B 295 25.29 21.31 14.37
C GLY B 295 23.79 21.69 14.40
N ASN B 296 23.08 20.98 15.28
CA ASN B 296 21.68 21.24 15.63
C ASN B 296 20.82 20.65 14.55
N PRO B 297 20.43 19.36 14.64
CA PRO B 297 19.41 18.82 13.70
C PRO B 297 18.04 19.55 13.72
N VAL B 298 17.65 20.01 14.90
CA VAL B 298 16.35 20.64 15.13
C VAL B 298 16.40 22.17 15.12
N ALA B 299 17.47 22.75 14.59
CA ALA B 299 17.55 24.20 14.47
C ALA B 299 16.53 24.72 13.52
N PRO B 300 16.13 25.99 13.61
CA PRO B 300 15.23 26.56 12.62
C PRO B 300 15.76 26.45 11.21
N ILE B 301 14.88 26.35 10.24
CA ILE B 301 15.22 26.12 8.84
C ILE B 301 14.81 27.40 8.13
N LYS B 302 15.76 28.02 7.43
CA LYS B 302 15.50 29.27 6.73
C LYS B 302 14.90 28.87 5.37
N THR B 303 13.60 29.07 5.24
CA THR B 303 12.97 28.79 3.94
C THR B 303 12.78 30.03 3.05
N PRO B 304 12.84 29.82 1.75
CA PRO B 304 12.50 30.95 0.81
C PRO B 304 11.01 31.22 0.74
N MET B 305 10.21 30.18 1.00
CA MET B 305 8.76 30.27 0.97
C MET B 305 8.11 29.47 2.10
N ILE B 306 7.04 29.98 2.67
CA ILE B 306 6.17 29.19 3.55
C ILE B 306 5.03 28.56 2.75
N ALA B 307 4.60 27.39 3.15
CA ALA B 307 3.42 26.76 2.56
C ALA B 307 2.18 27.67 2.66
N GLY B 308 2.06 28.39 3.78
CA GLY B 308 1.05 29.42 3.97
C GLY B 308 -0.23 29.06 4.74
N GLY B 309 -0.31 27.81 5.17
CA GLY B 309 -1.52 27.32 5.87
C GLY B 309 -1.42 27.51 7.36
N ALA B 310 -0.36 26.93 7.94
CA ALA B 310 -0.03 27.09 9.34
C ALA B 310 1.19 27.99 9.46
N PHE B 311 1.04 29.16 10.06
CA PHE B 311 2.18 29.99 10.42
C PHE B 311 1.83 30.98 11.53
N VAL B 312 2.87 31.51 12.15
CA VAL B 312 2.76 32.44 13.25
C VAL B 312 3.50 33.72 12.87
N MET B 313 2.87 34.86 13.17
CA MET B 313 3.40 36.16 12.79
C MET B 313 2.95 37.19 13.81
N ASP B 314 3.84 38.11 14.18
CA ASP B 314 3.49 39.22 15.09
C ASP B 314 2.35 40.02 14.50
N LYS B 315 1.30 40.29 15.26
CA LYS B 315 0.12 41.02 14.73
C LYS B 315 0.49 42.41 14.24
N PHE B 316 1.28 43.15 15.00
CA PHE B 316 1.70 44.50 14.60
C PHE B 316 2.53 44.45 13.30
N TYR B 317 3.43 43.47 13.22
CA TYR B 317 4.22 43.22 11.99
C TYR B 317 3.36 42.84 10.80
N PHE B 318 2.32 42.04 11.03
CA PHE B 318 1.34 41.68 9.99
C PHE B 318 0.69 42.90 9.41
N GLU B 319 0.20 43.78 10.28
CA GLU B 319 -0.49 45.03 9.88
C GLU B 319 0.51 45.98 9.20
N GLU B 320 1.63 46.22 9.88
CA GLU B 320 2.66 47.12 9.36
C GLU B 320 3.12 46.72 7.98
N LEU B 321 3.44 45.45 7.84
CA LEU B 321 3.97 44.89 6.55
C LEU B 321 2.89 44.61 5.51
N GLY B 322 1.68 45.16 5.66
CA GLY B 322 0.68 45.14 4.60
C GLY B 322 -0.35 44.02 4.59
N LYS B 323 -0.44 43.26 5.67
CA LYS B 323 -1.45 42.20 5.85
C LYS B 323 -1.44 41.20 4.67
N TYR B 324 -2.58 40.89 4.10
CA TYR B 324 -2.68 40.14 2.84
C TYR B 324 -3.20 41.09 1.78
N ASP B 325 -2.85 40.78 0.52
CA ASP B 325 -3.32 41.58 -0.63
C ASP B 325 -4.85 41.46 -0.72
N MET B 326 -5.53 42.48 -0.21
CA MET B 326 -6.97 42.44 0.02
C MET B 326 -7.88 42.13 -1.17
N MET B 327 -7.38 42.32 -2.38
CA MET B 327 -8.13 42.09 -3.63
C MET B 327 -7.87 40.72 -4.23
N MET B 328 -7.20 39.82 -3.48
CA MET B 328 -6.96 38.42 -3.99
C MET B 328 -8.22 37.61 -3.59
N ASP B 329 -8.51 36.57 -4.33
CA ASP B 329 -9.73 35.81 -4.21
C ASP B 329 -9.50 34.34 -3.94
N VAL B 330 -10.46 33.74 -3.23
CA VAL B 330 -10.58 32.31 -2.97
C VAL B 330 -9.34 31.61 -2.38
N TRP B 331 -8.33 31.36 -3.19
CA TRP B 331 -7.25 30.45 -2.88
C TRP B 331 -6.07 30.74 -3.81
N GLY B 332 -4.88 30.44 -3.33
CA GLY B 332 -3.69 30.51 -4.14
C GLY B 332 -3.15 31.94 -4.29
N GLY B 333 -1.80 32.03 -4.25
CA GLY B 333 -1.12 33.28 -4.45
C GLY B 333 -0.69 33.93 -3.17
N GLU B 334 -1.61 34.04 -2.20
CA GLU B 334 -1.29 34.53 -0.86
C GLU B 334 0.09 34.14 -0.30
N ASN B 335 0.44 32.83 -0.46
CA ASN B 335 1.64 32.31 0.16
C ASN B 335 2.89 32.88 -0.50
N LEU B 336 2.85 32.98 -1.83
CA LEU B 336 3.91 33.60 -2.60
C LEU B 336 4.13 35.05 -2.26
N GLU B 337 2.99 35.78 -2.29
CA GLU B 337 2.99 37.20 -2.05
C GLU B 337 3.63 37.54 -0.69
N ILE B 338 3.11 36.92 0.37
CA ILE B 338 3.60 37.19 1.71
C ILE B 338 5.05 36.75 1.88
N SER B 339 5.42 35.64 1.24
CA SER B 339 6.75 35.10 1.40
C SER B 339 7.79 36.04 0.84
N PHE B 340 7.51 36.51 -0.39
CA PHE B 340 8.37 37.51 -1.01
C PHE B 340 8.44 38.77 -0.16
N ARG B 341 7.25 39.27 0.19
CA ARG B 341 7.13 40.53 0.94
C ARG B 341 7.94 40.52 2.24
N VAL B 342 7.72 39.50 3.06
CA VAL B 342 8.39 39.39 4.35
C VAL B 342 9.90 39.44 4.21
N TRP B 343 10.43 38.60 3.28
CA TRP B 343 11.86 38.54 3.05
C TRP B 343 12.40 39.87 2.51
N GLN B 344 11.74 40.33 1.44
CA GLN B 344 12.14 41.55 0.75
C GLN B 344 12.05 42.80 1.61
N CYS B 345 11.10 42.87 2.54
CA CYS B 345 10.90 44.05 3.42
C CYS B 345 11.51 43.86 4.83
N GLY B 346 12.62 43.14 4.91
CA GLY B 346 13.52 43.15 6.05
C GLY B 346 13.46 41.91 6.91
N GLY B 347 12.31 41.18 6.90
CA GLY B 347 12.11 40.09 7.80
C GLY B 347 12.59 38.74 7.28
N SER B 348 12.24 37.66 7.97
CA SER B 348 12.69 36.33 7.57
C SER B 348 11.56 35.29 7.75
N LEU B 349 11.68 34.18 6.99
CA LEU B 349 10.71 33.07 7.12
C LEU B 349 11.43 31.79 7.53
N GLU B 350 10.79 31.06 8.44
CA GLU B 350 11.40 29.84 8.99
C GLU B 350 10.39 28.67 9.06
N ILE B 351 10.94 27.46 8.95
CA ILE B 351 10.27 26.23 9.36
C ILE B 351 10.93 25.81 10.68
N ILE B 352 10.13 25.50 11.69
CA ILE B 352 10.63 25.09 13.01
C ILE B 352 10.39 23.60 13.19
N PRO B 353 11.46 22.77 13.15
CA PRO B 353 11.28 21.33 13.17
C PRO B 353 10.63 20.74 14.42
N CYS B 354 10.72 21.43 15.56
CA CYS B 354 10.12 20.94 16.78
C CYS B 354 8.64 21.21 16.89
N SER B 355 8.15 22.10 16.03
CA SER B 355 6.73 22.39 15.95
C SER B 355 6.15 21.46 14.90
N ARG B 356 5.27 20.56 15.30
CA ARG B 356 4.61 19.65 14.36
C ARG B 356 3.12 19.92 14.32
N VAL B 357 2.59 20.15 13.12
CA VAL B 357 1.16 20.30 12.92
C VAL B 357 0.75 19.46 11.71
N GLY B 358 -0.17 18.53 11.91
CA GLY B 358 -0.69 17.73 10.81
C GLY B 358 -1.62 18.50 9.92
N HIS B 359 -1.76 18.07 8.67
CA HIS B 359 -2.63 18.73 7.72
C HIS B 359 -3.17 17.75 6.67
N VAL B 360 -4.46 17.84 6.40
CA VAL B 360 -5.10 17.00 5.39
C VAL B 360 -4.77 17.59 4.03
N PHE B 361 -3.74 17.02 3.39
CA PHE B 361 -3.37 17.39 2.04
C PHE B 361 -4.31 16.63 1.13
N ARG B 362 -4.75 17.30 0.05
CA ARG B 362 -5.74 16.75 -0.88
C ARG B 362 -5.29 16.96 -2.31
N LYS B 363 -5.97 16.26 -3.22
CA LYS B 363 -5.68 16.25 -4.64
C LYS B 363 -6.54 17.25 -5.44
N GLN B 364 -7.73 17.58 -4.93
CA GLN B 364 -8.71 18.43 -5.57
C GLN B 364 -9.27 19.44 -4.58
N HIS B 365 -9.81 20.54 -5.10
CA HIS B 365 -10.58 21.50 -4.28
C HIS B 365 -12.04 21.09 -4.17
N PRO B 366 -12.59 20.94 -2.97
CA PRO B 366 -14.03 20.63 -2.81
C PRO B 366 -14.98 21.80 -3.03
N TYR B 367 -14.48 23.02 -2.86
CA TYR B 367 -15.30 24.25 -2.97
C TYR B 367 -15.22 24.92 -4.34
N THR B 368 -16.16 25.84 -4.53
CA THR B 368 -16.38 26.51 -5.84
C THR B 368 -15.52 27.73 -5.99
N PHE B 369 -14.98 27.94 -7.19
CA PHE B 369 -14.16 29.12 -7.50
C PHE B 369 -14.95 30.05 -8.43
N PRO B 370 -15.48 31.19 -7.94
CA PRO B 370 -16.35 32.03 -8.71
C PRO B 370 -15.40 32.78 -9.61
N GLY B 371 -15.42 32.43 -10.89
CA GLY B 371 -14.48 32.95 -11.89
C GLY B 371 -13.68 31.91 -12.68
N GLY B 372 -13.94 30.61 -12.44
CA GLY B 372 -13.05 29.53 -12.86
C GLY B 372 -12.00 29.31 -11.76
N SER B 373 -11.52 28.10 -11.69
CA SER B 373 -10.46 27.66 -10.77
C SER B 373 -9.11 28.31 -11.20
N GLY B 374 -8.53 27.82 -12.29
CA GLY B 374 -7.19 28.23 -12.72
C GLY B 374 -7.05 29.69 -13.11
N THR B 375 -8.18 30.32 -13.47
CA THR B 375 -8.24 31.75 -13.73
C THR B 375 -7.90 32.59 -12.50
N VAL B 376 -8.55 32.26 -11.36
CA VAL B 376 -8.35 33.01 -10.09
C VAL B 376 -6.92 32.81 -9.56
N PHE B 377 -6.41 31.58 -9.67
CA PHE B 377 -5.03 31.29 -9.26
C PHE B 377 -4.06 32.18 -10.03
N ALA B 378 -4.21 32.21 -11.34
CA ALA B 378 -3.40 33.07 -12.20
C ALA B 378 -3.57 34.55 -11.85
N ARG B 379 -4.79 34.99 -11.57
CA ARG B 379 -5.04 36.40 -11.19
C ARG B 379 -4.19 36.78 -9.97
N ASN B 380 -4.34 35.98 -8.92
CA ASN B 380 -3.63 36.25 -7.67
C ASN B 380 -2.13 36.15 -7.89
N THR B 381 -1.69 35.04 -8.49
CA THR B 381 -0.28 34.80 -8.74
C THR B 381 0.34 35.97 -9.49
N ARG B 382 -0.39 36.47 -10.49
CA ARG B 382 0.04 37.63 -11.26
C ARG B 382 0.21 38.85 -10.37
N ARG B 383 -0.85 39.15 -9.61
CA ARG B 383 -0.87 40.26 -8.66
C ARG B 383 0.34 40.29 -7.73
N ALA B 384 0.81 39.11 -7.35
CA ALA B 384 2.00 38.96 -6.54
C ALA B 384 3.23 39.23 -7.37
N ALA B 385 3.34 38.50 -8.48
CA ALA B 385 4.51 38.56 -9.36
C ALA B 385 4.82 40.00 -9.83
N GLU B 386 3.73 40.63 -10.32
CA GLU B 386 3.79 41.98 -10.86
C GLU B 386 4.20 43.08 -9.87
N VAL B 387 3.95 42.85 -8.58
CA VAL B 387 4.36 43.78 -7.55
C VAL B 387 5.80 43.56 -7.04
N TRP B 388 6.18 42.29 -6.89
CA TRP B 388 7.38 41.95 -6.09
C TRP B 388 8.59 41.43 -6.87
N MET B 389 8.35 40.86 -8.05
CA MET B 389 9.43 40.20 -8.81
C MET B 389 10.35 41.10 -9.65
N ASP B 390 10.13 42.41 -9.72
CA ASP B 390 10.82 43.31 -10.58
C ASP B 390 10.75 42.94 -12.05
N GLU B 391 11.91 42.73 -12.70
CA GLU B 391 12.07 42.02 -13.99
C GLU B 391 11.60 40.65 -13.65
N TYR B 392 12.24 39.57 -14.04
CA TYR B 392 11.88 38.21 -13.51
C TYR B 392 10.40 37.72 -13.56
N LYS B 393 9.42 38.59 -13.33
CA LYS B 393 8.02 38.39 -13.66
C LYS B 393 7.78 37.79 -15.05
N ASN B 394 8.70 38.04 -15.97
CA ASN B 394 8.64 37.58 -17.33
C ASN B 394 8.90 36.11 -17.45
N PHE B 395 9.78 35.62 -16.62
CA PHE B 395 10.08 34.19 -16.56
C PHE B 395 8.88 33.40 -16.11
N TYR B 396 8.03 34.00 -15.29
CA TYR B 396 6.71 33.41 -14.96
C TYR B 396 5.83 33.35 -16.19
N TYR B 397 5.66 34.49 -16.85
CA TYR B 397 4.87 34.56 -18.08
C TYR B 397 5.45 33.67 -19.19
N ALA B 398 6.77 33.49 -19.17
CA ALA B 398 7.44 32.57 -20.08
C ALA B 398 7.02 31.13 -19.81
N ALA B 399 6.96 30.76 -18.54
CA ALA B 399 6.54 29.41 -18.11
C ALA B 399 5.05 29.19 -18.28
N VAL B 400 4.25 30.20 -17.96
CA VAL B 400 2.78 30.15 -18.07
C VAL B 400 2.32 31.27 -18.99
N PRO B 401 2.45 31.09 -20.32
CA PRO B 401 2.06 32.18 -21.25
C PRO B 401 0.60 32.58 -21.10
N SER B 402 -0.26 31.56 -20.88
CA SER B 402 -1.70 31.71 -20.70
C SER B 402 -2.09 32.79 -19.71
N ALA B 403 -1.26 33.00 -18.69
CA ALA B 403 -1.50 34.01 -17.65
C ALA B 403 -1.61 35.45 -18.18
N ARG B 404 -0.82 35.78 -19.19
CA ARG B 404 -0.84 37.11 -19.81
C ARG B 404 -2.25 37.57 -20.30
N ASN B 405 -3.01 36.61 -20.81
CA ASN B 405 -4.36 36.80 -21.34
C ASN B 405 -5.38 36.59 -20.22
N VAL B 406 -5.27 37.31 -19.10
CA VAL B 406 -6.10 37.12 -17.91
C VAL B 406 -6.10 38.42 -17.08
N PRO B 407 -7.28 38.99 -16.76
CA PRO B 407 -7.35 40.26 -16.07
C PRO B 407 -6.89 40.20 -14.62
N TYR B 408 -6.17 41.23 -14.15
CA TYR B 408 -5.42 41.16 -12.92
C TYR B 408 -5.55 42.42 -12.04
N GLY B 409 -6.43 43.34 -12.35
CA GLY B 409 -6.88 44.36 -11.41
C GLY B 409 -5.95 45.51 -11.14
N ASN B 410 -6.37 46.36 -10.20
CA ASN B 410 -5.56 47.47 -9.66
C ASN B 410 -4.60 46.90 -8.62
N ILE B 411 -3.36 47.36 -8.61
CA ILE B 411 -2.37 46.96 -7.60
C ILE B 411 -1.62 48.15 -6.98
N GLN B 412 -2.11 49.37 -7.18
CA GLN B 412 -1.25 50.58 -6.97
C GLN B 412 -0.88 50.72 -5.47
N SER B 413 -1.85 50.43 -4.61
CA SER B 413 -1.66 50.42 -3.17
C SER B 413 -0.52 49.52 -2.71
N ARG B 414 -0.43 48.32 -3.21
CA ARG B 414 0.64 47.36 -2.89
C ARG B 414 2.01 47.75 -3.38
N LEU B 415 2.07 48.45 -4.50
CA LEU B 415 3.36 49.03 -4.93
C LEU B 415 3.72 50.20 -4.07
N GLU B 416 2.74 51.03 -3.72
CA GLU B 416 2.93 52.15 -2.79
C GLU B 416 3.48 51.62 -1.47
N LEU B 417 2.86 50.55 -0.95
CA LEU B 417 3.36 49.83 0.23
C LEU B 417 4.84 49.50 0.15
N ARG B 418 5.22 48.86 -0.95
CA ARG B 418 6.60 48.38 -1.18
C ARG B 418 7.62 49.51 -1.11
N LYS B 419 7.35 50.61 -1.82
CA LYS B 419 8.24 51.78 -1.83
C LYS B 419 8.22 52.48 -0.47
N LYS B 420 7.05 52.57 0.14
CA LYS B 420 6.87 53.09 1.52
C LYS B 420 7.73 52.37 2.53
N LEU B 421 7.82 51.06 2.40
CA LEU B 421 8.65 50.23 3.31
C LEU B 421 10.14 50.26 2.98
N SER B 422 10.51 50.89 1.85
CA SER B 422 11.87 50.90 1.30
C SER B 422 12.40 49.46 1.12
N CYS B 423 11.57 48.65 0.48
CA CYS B 423 11.73 47.19 0.43
C CYS B 423 12.77 46.80 -0.64
N LYS B 424 13.51 45.73 -0.34
CA LYS B 424 14.71 45.36 -1.10
C LYS B 424 14.31 44.61 -2.37
N PRO B 425 15.19 44.61 -3.40
CA PRO B 425 14.75 44.18 -4.75
C PRO B 425 14.79 42.66 -4.89
N PHE B 426 14.08 42.14 -5.88
CA PHE B 426 13.96 40.70 -6.06
C PHE B 426 15.29 40.03 -6.36
N LYS B 427 16.16 40.74 -7.09
CA LYS B 427 17.53 40.28 -7.35
C LYS B 427 18.25 39.94 -6.03
N TRP B 428 18.00 40.75 -4.99
CA TRP B 428 18.54 40.49 -3.65
C TRP B 428 18.01 39.17 -3.11
N TYR B 429 16.70 39.04 -3.14
CA TYR B 429 16.00 37.83 -2.69
C TYR B 429 16.57 36.59 -3.39
N LEU B 430 16.72 36.67 -4.70
CA LEU B 430 17.22 35.53 -5.47
C LEU B 430 18.64 35.14 -5.11
N GLU B 431 19.47 36.14 -4.84
CA GLU B 431 20.90 35.89 -4.62
C GLU B 431 21.19 35.48 -3.18
N ASN B 432 20.42 36.03 -2.21
CA ASN B 432 20.66 35.82 -0.77
C ASN B 432 19.30 35.33 -0.30
N VAL B 433 19.08 34.05 -0.45
CA VAL B 433 17.73 33.40 -0.30
C VAL B 433 17.07 33.08 -1.67
N TYR B 434 17.21 31.81 -1.94
CA TYR B 434 16.83 31.13 -3.22
C TYR B 434 17.74 31.23 -4.42
N PRO B 435 19.08 31.18 -4.23
CA PRO B 435 20.01 31.02 -5.36
C PRO B 435 19.74 29.71 -6.11
N GLU B 436 19.36 28.67 -5.37
CA GLU B 436 18.92 27.39 -5.90
C GLU B 436 18.03 27.43 -7.14
N LEU B 437 17.18 28.45 -7.24
CA LEU B 437 16.29 28.62 -8.40
C LEU B 437 17.12 28.92 -9.65
N ARG B 438 17.02 28.02 -10.62
CA ARG B 438 17.77 28.12 -11.88
C ARG B 438 17.24 29.28 -12.70
N VAL B 439 18.08 30.29 -12.90
CA VAL B 439 17.66 31.57 -13.51
C VAL B 439 18.34 31.76 -14.86
N PRO B 440 17.55 31.94 -15.95
CA PRO B 440 18.16 32.01 -17.30
C PRO B 440 18.94 33.28 -17.53
N ASP B 441 19.93 33.24 -18.43
CA ASP B 441 20.63 34.47 -18.86
C ASP B 441 19.67 35.40 -19.59
N HIS B 442 19.72 36.71 -19.29
CA HIS B 442 18.66 37.65 -19.75
C HIS B 442 18.49 37.64 -21.28
N GLN B 443 19.59 37.35 -21.98
CA GLN B 443 19.64 37.22 -23.45
C GLN B 443 19.40 35.80 -24.00
N ASP B 444 19.00 34.84 -23.15
CA ASP B 444 18.59 33.53 -23.59
C ASP B 444 17.22 33.68 -24.32
N ILE B 445 17.00 32.84 -25.32
CA ILE B 445 15.78 32.83 -26.11
C ILE B 445 14.76 31.87 -25.52
N ALA B 446 15.24 30.68 -25.11
CA ALA B 446 14.49 29.74 -24.35
C ALA B 446 15.33 29.17 -23.21
N PHE B 447 14.67 28.48 -22.29
CA PHE B 447 15.36 27.85 -21.16
C PHE B 447 14.46 26.73 -20.60
N GLY B 448 15.08 25.89 -19.78
CA GLY B 448 14.39 24.88 -18.99
C GLY B 448 14.79 23.50 -19.45
N ALA B 449 13.81 22.57 -19.40
CA ALA B 449 13.98 21.30 -20.05
C ALA B 449 13.46 21.40 -21.48
N LEU B 450 13.92 20.50 -22.33
CA LEU B 450 13.47 20.41 -23.69
C LEU B 450 12.59 19.17 -23.72
N GLN B 451 11.29 19.40 -24.01
CA GLN B 451 10.29 18.35 -23.83
C GLN B 451 9.79 17.76 -25.13
N GLN B 452 9.62 16.45 -25.14
CA GLN B 452 8.87 15.70 -26.16
C GLN B 452 8.00 14.66 -25.41
N GLY B 453 6.77 15.02 -25.10
CA GLY B 453 5.83 14.18 -24.40
C GLY B 453 6.25 14.04 -22.95
N THR B 454 6.44 12.82 -22.49
CA THR B 454 7.04 12.51 -21.19
C THR B 454 8.59 12.68 -21.22
N ASN B 455 9.20 12.44 -22.39
CA ASN B 455 10.60 12.54 -22.58
C ASN B 455 11.15 13.95 -22.58
N CYS B 456 12.39 14.05 -22.10
CA CYS B 456 13.15 15.29 -22.15
C CYS B 456 14.53 14.97 -22.69
N LEU B 457 15.14 16.00 -23.33
CA LEU B 457 16.55 15.88 -23.78
C LEU B 457 17.45 15.77 -22.57
N ASP B 458 18.15 14.66 -22.44
CA ASP B 458 19.00 14.33 -21.26
C ASP B 458 20.43 14.09 -21.72
N THR B 459 21.40 14.37 -20.88
CA THR B 459 22.83 14.07 -21.17
C THR B 459 23.16 12.61 -20.93
N LEU B 460 22.39 12.00 -20.02
CA LEU B 460 22.64 10.67 -19.51
C LEU B 460 24.04 10.52 -18.90
N GLY B 461 24.43 11.56 -18.18
CA GLY B 461 25.79 11.75 -17.72
C GLY B 461 26.53 12.44 -18.82
N HIS B 462 26.93 11.62 -19.79
CA HIS B 462 28.00 11.94 -20.80
C HIS B 462 28.65 13.33 -20.88
N PHE B 463 29.89 13.47 -20.43
CA PHE B 463 30.46 14.83 -20.22
C PHE B 463 30.98 15.41 -21.54
N ALA B 464 32.29 15.66 -21.72
CA ALA B 464 32.83 15.96 -23.04
C ALA B 464 32.54 14.81 -24.01
N ASP B 465 32.54 15.10 -25.31
CA ASP B 465 32.81 14.08 -26.38
C ASP B 465 31.96 12.78 -26.33
N GLY B 466 30.78 12.93 -25.80
CA GLY B 466 29.81 11.80 -25.80
C GLY B 466 28.54 12.11 -26.55
N VAL B 467 27.68 11.13 -26.57
CA VAL B 467 26.40 11.23 -27.26
C VAL B 467 25.46 11.94 -26.30
N VAL B 468 24.48 12.61 -26.88
CA VAL B 468 23.31 13.11 -26.15
C VAL B 468 22.17 12.10 -26.25
N GLY B 469 21.31 12.08 -25.23
CA GLY B 469 20.20 11.11 -25.15
C GLY B 469 18.82 11.69 -24.78
N VAL B 470 17.88 10.79 -24.63
CA VAL B 470 16.53 11.11 -24.13
C VAL B 470 16.31 10.24 -22.90
N TYR B 471 15.48 10.75 -21.99
CA TYR B 471 15.03 10.06 -20.81
C TYR B 471 13.58 10.51 -20.58
N GLU B 472 13.03 10.15 -19.46
CA GLU B 472 11.71 10.57 -19.01
C GLU B 472 11.75 12.03 -18.54
N CYS B 473 11.36 12.38 -17.29
CA CYS B 473 11.25 13.79 -16.94
C CYS B 473 11.52 14.18 -15.51
N HIS B 474 12.29 13.37 -14.79
CA HIS B 474 12.69 13.67 -13.38
C HIS B 474 13.01 15.19 -13.19
N ASN B 475 11.94 15.96 -13.09
CA ASN B 475 11.94 17.44 -13.23
C ASN B 475 12.99 18.19 -12.38
N ALA B 476 14.23 18.15 -12.82
CA ALA B 476 15.26 19.16 -12.36
C ALA B 476 16.02 19.79 -13.53
N GLY B 477 17.17 19.21 -13.87
CA GLY B 477 18.15 19.88 -14.71
C GLY B 477 19.46 19.19 -14.92
N GLY B 478 20.09 18.72 -13.86
CA GLY B 478 21.46 18.14 -13.90
C GLY B 478 21.66 16.98 -14.88
N ASN B 479 20.66 16.12 -14.97
CA ASN B 479 20.52 15.22 -16.14
C ASN B 479 20.03 16.09 -17.39
N GLN B 480 19.02 16.92 -17.19
CA GLN B 480 18.11 17.31 -18.38
C GLN B 480 17.83 18.82 -18.53
N GLU B 481 18.82 19.64 -18.41
CA GLU B 481 18.67 21.10 -18.46
C GLU B 481 19.24 21.62 -19.73
N TRP B 482 18.53 22.54 -20.43
CA TRP B 482 19.06 23.16 -21.65
C TRP B 482 18.67 24.64 -21.71
N ALA B 483 19.47 25.40 -22.44
CA ALA B 483 19.13 26.78 -22.79
C ALA B 483 19.26 26.91 -24.30
N LEU B 484 18.59 27.90 -24.87
CA LEU B 484 18.75 28.26 -26.26
C LEU B 484 19.24 29.70 -26.29
N THR B 485 20.52 29.87 -26.58
CA THR B 485 21.20 31.14 -26.36
C THR B 485 21.01 32.17 -27.45
N LYS B 486 21.36 33.42 -27.14
CA LYS B 486 21.45 34.51 -28.14
C LYS B 486 22.37 34.16 -29.29
N GLU B 487 23.46 33.44 -29.02
CA GLU B 487 24.35 32.87 -30.07
C GLU B 487 23.72 31.77 -30.93
N LYS B 488 22.43 31.49 -30.72
CA LYS B 488 21.63 30.50 -31.52
C LYS B 488 22.09 29.03 -31.28
N SER B 489 22.46 28.73 -30.06
CA SER B 489 23.02 27.41 -29.73
C SER B 489 22.19 26.74 -28.65
N VAL B 490 22.09 25.42 -28.70
CA VAL B 490 21.34 24.67 -27.69
C VAL B 490 22.36 24.16 -26.70
N LYS B 491 22.42 24.82 -25.55
CA LYS B 491 23.52 24.64 -24.57
C LYS B 491 23.03 24.00 -23.27
N HIS B 492 23.83 23.07 -22.76
CA HIS B 492 23.71 22.51 -21.41
C HIS B 492 24.99 22.82 -20.66
N MET B 493 24.88 23.60 -19.59
CA MET B 493 26.06 24.15 -18.86
C MET B 493 26.94 24.96 -19.86
N ASP B 494 28.19 24.56 -20.08
CA ASP B 494 29.04 25.16 -21.17
C ASP B 494 29.34 24.16 -22.29
N LEU B 495 28.49 23.17 -22.46
CA LEU B 495 28.57 22.16 -23.54
C LEU B 495 27.38 22.36 -24.45
N CYS B 496 27.55 22.27 -25.78
CA CYS B 496 26.44 22.51 -26.73
C CYS B 496 26.15 21.32 -27.61
N LEU B 497 24.96 21.30 -28.20
CA LEU B 497 24.61 20.28 -29.16
C LEU B 497 25.46 20.52 -30.37
N THR B 498 26.28 19.53 -30.73
CA THR B 498 27.22 19.73 -31.81
C THR B 498 26.98 18.72 -32.93
N VAL B 499 26.80 19.29 -34.13
CA VAL B 499 26.50 18.52 -35.34
C VAL B 499 27.85 18.25 -36.00
N VAL B 500 28.43 17.12 -35.64
CA VAL B 500 29.68 16.65 -36.25
C VAL B 500 29.47 16.31 -37.74
N ASP B 501 28.31 15.73 -38.03
CA ASP B 501 28.06 15.16 -39.37
C ASP B 501 26.72 15.58 -39.90
N ARG B 502 26.74 16.43 -40.94
CA ARG B 502 25.54 16.92 -41.59
C ARG B 502 24.74 15.88 -42.39
N ALA B 503 25.25 14.66 -42.57
CA ALA B 503 24.54 13.67 -43.36
C ALA B 503 23.31 13.24 -42.56
N PRO B 504 22.16 13.06 -43.23
CA PRO B 504 20.98 12.44 -42.61
C PRO B 504 21.26 11.10 -41.94
N GLY B 505 20.70 10.93 -40.73
CA GLY B 505 20.90 9.76 -39.90
C GLY B 505 22.01 9.88 -38.85
N SER B 506 22.83 10.92 -38.98
CA SER B 506 24.06 11.04 -38.18
C SER B 506 23.79 11.42 -36.73
N LEU B 507 24.56 10.85 -35.83
CA LEU B 507 24.55 11.20 -34.42
C LEU B 507 25.11 12.59 -34.17
N ILE B 508 24.55 13.27 -33.18
CA ILE B 508 25.13 14.52 -32.71
C ILE B 508 25.80 14.25 -31.37
N LYS B 509 26.84 15.02 -31.08
CA LYS B 509 27.73 14.83 -29.93
C LYS B 509 27.78 16.11 -29.09
N LEU B 510 28.07 15.90 -27.81
CA LEU B 510 28.18 16.98 -26.82
C LEU B 510 29.66 17.37 -26.75
N GLN B 511 29.98 18.60 -27.14
CA GLN B 511 31.29 19.20 -26.81
C GLN B 511 31.15 20.68 -26.42
N GLY B 512 32.27 21.26 -26.00
CA GLY B 512 32.35 22.57 -25.45
C GLY B 512 31.78 23.64 -26.33
N CYS B 513 31.02 24.55 -25.74
CA CYS B 513 30.35 25.62 -26.46
C CYS B 513 31.32 26.71 -26.89
N ARG B 514 31.34 26.93 -28.20
CA ARG B 514 32.22 27.89 -28.88
C ARG B 514 31.33 28.73 -29.79
N GLU B 515 31.31 30.05 -29.56
CA GLU B 515 30.28 30.95 -30.16
C GLU B 515 30.49 31.19 -31.68
N ASN B 516 31.45 30.50 -32.30
CA ASN B 516 31.99 30.79 -33.61
C ASN B 516 31.56 29.82 -34.77
N ASP B 517 31.53 28.53 -34.45
CA ASP B 517 31.37 27.50 -35.49
C ASP B 517 29.89 27.13 -35.67
N SER B 518 29.58 26.98 -36.94
CA SER B 518 28.19 26.72 -37.39
C SER B 518 27.72 25.31 -37.03
N ARG B 519 28.60 24.42 -36.56
CA ARG B 519 28.20 23.07 -36.15
C ARG B 519 27.39 23.03 -34.84
N GLN B 520 27.57 24.07 -34.01
CA GLN B 520 26.81 24.18 -32.72
C GLN B 520 25.59 25.13 -32.79
N LYS B 521 25.29 25.61 -33.98
CA LYS B 521 24.28 26.65 -34.20
C LYS B 521 22.97 26.07 -34.72
N TRP B 522 21.88 26.40 -34.01
CA TRP B 522 20.53 25.90 -34.30
C TRP B 522 19.49 27.02 -34.37
N GLU B 523 18.29 26.72 -34.88
CA GLU B 523 17.11 27.62 -34.86
C GLU B 523 15.84 26.87 -34.60
N GLN B 524 14.86 27.50 -33.95
CA GLN B 524 13.52 26.90 -33.71
C GLN B 524 12.56 27.26 -34.82
N ILE B 525 11.86 26.27 -35.37
CA ILE B 525 10.87 26.56 -36.45
C ILE B 525 9.50 25.92 -36.24
N GLU B 526 8.58 26.20 -37.12
CA GLU B 526 7.20 25.64 -37.12
C GLU B 526 6.57 25.97 -35.78
N GLY B 527 6.45 27.25 -35.53
CA GLY B 527 5.78 27.78 -34.31
C GLY B 527 6.43 27.38 -32.99
N ASN B 528 7.75 27.39 -32.98
CA ASN B 528 8.61 26.97 -31.85
C ASN B 528 8.44 25.49 -31.42
N SER B 529 7.95 24.65 -32.34
CA SER B 529 7.70 23.24 -32.06
C SER B 529 8.87 22.34 -32.44
N LYS B 530 9.55 22.68 -33.51
CA LYS B 530 10.69 21.92 -34.02
C LYS B 530 12.01 22.62 -33.73
N LEU B 531 13.09 21.94 -34.09
CA LEU B 531 14.42 22.49 -33.89
C LEU B 531 15.32 22.19 -35.06
N ARG B 532 15.51 23.21 -35.92
CA ARG B 532 16.22 23.08 -37.17
C ARG B 532 17.71 23.48 -37.07
N HIS B 533 18.54 22.70 -37.73
CA HIS B 533 19.95 23.00 -37.90
C HIS B 533 20.14 24.17 -38.83
N VAL B 534 20.89 25.18 -38.42
CA VAL B 534 21.16 26.37 -39.25
C VAL B 534 21.95 25.98 -40.51
N GLY B 535 21.66 26.67 -41.61
CA GLY B 535 22.30 26.42 -42.89
C GLY B 535 21.97 25.07 -43.47
N SER B 536 20.75 24.57 -43.23
CA SER B 536 20.46 23.14 -43.46
C SER B 536 18.99 22.85 -43.60
N ASN B 537 18.66 21.66 -44.08
CA ASN B 537 17.25 21.13 -44.00
C ASN B 537 17.33 19.92 -43.07
N LEU B 538 17.86 20.16 -41.89
CA LEU B 538 18.01 19.09 -40.87
C LEU B 538 17.39 19.45 -39.53
N CYS B 539 16.71 18.49 -38.86
CA CYS B 539 16.10 18.70 -37.57
C CYS B 539 16.54 17.71 -36.51
N LEU B 540 16.64 18.16 -35.26
CA LEU B 540 16.90 17.24 -34.13
C LEU B 540 15.77 16.22 -34.02
N ASP B 541 16.16 14.96 -33.85
CA ASP B 541 15.17 13.84 -33.94
C ASP B 541 14.73 12.96 -32.75
N SER B 542 15.46 11.97 -32.33
CA SER B 542 15.16 11.11 -31.21
C SER B 542 14.59 9.75 -31.55
N ARG B 543 14.28 9.46 -32.82
CA ARG B 543 14.01 8.09 -33.26
C ARG B 543 15.17 7.12 -32.92
N THR B 544 16.40 7.63 -33.03
CA THR B 544 17.61 6.91 -32.77
C THR B 544 18.08 6.81 -31.32
N ALA B 545 17.35 7.40 -30.37
CA ALA B 545 17.69 7.35 -28.96
C ALA B 545 17.93 5.88 -28.49
N LYS B 546 16.95 5.01 -28.76
CA LYS B 546 17.03 3.62 -28.36
C LYS B 546 18.07 2.80 -29.13
N SER B 547 18.48 3.28 -30.33
CA SER B 547 19.71 2.80 -31.00
C SER B 547 20.92 3.80 -30.87
N GLY B 548 21.29 4.14 -29.65
CA GLY B 548 22.50 4.83 -29.31
C GLY B 548 22.58 6.33 -29.31
N GLY B 549 21.43 7.04 -29.28
CA GLY B 549 21.37 8.46 -29.06
C GLY B 549 20.76 9.30 -30.17
N LEU B 550 20.66 10.59 -29.93
CA LEU B 550 19.87 11.49 -30.80
C LEU B 550 20.60 11.64 -32.11
N SER B 551 19.82 11.72 -33.18
CA SER B 551 20.34 12.03 -34.49
C SER B 551 19.76 13.32 -35.08
N VAL B 552 20.49 13.81 -36.06
CA VAL B 552 20.04 14.86 -36.94
C VAL B 552 19.51 14.15 -38.18
N GLU B 553 18.30 14.52 -38.61
CA GLU B 553 17.55 13.82 -39.67
C GLU B 553 16.93 14.85 -40.61
N VAL B 554 16.18 14.38 -41.60
CA VAL B 554 15.83 15.16 -42.78
C VAL B 554 14.89 16.34 -42.56
N CYS B 555 14.09 16.32 -41.54
CA CYS B 555 13.27 17.53 -41.20
C CYS B 555 12.07 17.71 -42.14
N GLY B 556 11.47 16.57 -42.44
CA GLY B 556 10.07 16.51 -42.93
C GLY B 556 9.12 16.34 -41.72
N PRO B 557 7.82 16.20 -41.98
CA PRO B 557 6.78 16.27 -40.95
C PRO B 557 6.72 15.05 -40.03
N ALA B 558 7.79 14.78 -39.30
CA ALA B 558 7.87 13.58 -38.48
C ALA B 558 7.10 13.77 -37.20
N LEU B 559 6.48 12.69 -36.73
CA LEU B 559 5.79 12.63 -35.43
C LEU B 559 6.88 12.29 -34.33
N SER B 560 7.99 13.01 -34.37
CA SER B 560 9.21 12.68 -33.60
C SER B 560 10.23 13.78 -33.44
N GLN B 561 10.24 14.75 -34.36
CA GLN B 561 11.22 15.89 -34.32
C GLN B 561 10.65 17.14 -33.60
N GLN B 562 9.50 16.99 -32.93
CA GLN B 562 8.85 17.98 -32.13
C GLN B 562 9.47 18.13 -30.71
N TRP B 563 9.85 19.37 -30.43
CA TRP B 563 10.45 19.75 -29.15
C TRP B 563 9.91 21.09 -28.64
N LYS B 564 9.31 21.05 -27.45
CA LYS B 564 8.80 22.24 -26.80
C LYS B 564 9.61 22.55 -25.55
N PHE B 565 10.29 23.69 -25.57
CA PHE B 565 11.01 24.23 -24.42
C PHE B 565 10.01 24.70 -23.36
N THR B 566 10.30 24.40 -22.10
CA THR B 566 9.48 24.82 -20.97
C THR B 566 9.26 26.34 -20.85
N LEU B 567 10.31 27.11 -21.13
CA LEU B 567 10.29 28.57 -21.04
C LEU B 567 10.67 29.16 -22.40
N ASN B 568 9.64 29.52 -23.17
CA ASN B 568 9.84 30.15 -24.50
C ASN B 568 9.55 31.64 -24.43
N LEU B 569 10.38 32.43 -25.11
CA LEU B 569 10.32 33.89 -25.05
C LEU B 569 11.07 34.49 -26.24
N LYS C 75 -23.57 -58.78 -4.40
CA LYS C 75 -23.56 -59.59 -3.17
C LYS C 75 -23.98 -58.65 -2.02
N VAL C 76 -23.09 -57.75 -1.63
CA VAL C 76 -23.30 -56.77 -0.57
C VAL C 76 -23.77 -55.46 -1.15
N ARG C 77 -24.81 -54.86 -0.58
CA ARG C 77 -25.33 -53.56 -1.05
C ARG C 77 -24.35 -52.46 -0.70
N TRP C 78 -24.32 -51.38 -1.47
CA TRP C 78 -23.25 -50.40 -1.33
C TRP C 78 -23.21 -49.71 0.06
N PRO C 79 -24.39 -49.41 0.68
CA PRO C 79 -24.34 -48.79 2.00
C PRO C 79 -23.80 -49.70 3.11
N ASP C 80 -23.98 -51.01 2.95
CA ASP C 80 -23.42 -52.01 3.86
C ASP C 80 -21.95 -52.29 3.62
N PHE C 81 -21.40 -51.76 2.53
CA PHE C 81 -19.94 -51.85 2.29
C PHE C 81 -19.17 -51.04 3.30
N ASN C 82 -18.01 -51.57 3.70
CA ASN C 82 -17.22 -50.95 4.75
C ASN C 82 -16.19 -49.95 4.22
N GLN C 83 -16.63 -48.71 4.07
CA GLN C 83 -15.72 -47.62 3.68
C GLN C 83 -14.46 -47.57 4.53
N GLU C 84 -14.61 -47.45 5.85
CA GLU C 84 -13.50 -47.54 6.79
C GLU C 84 -12.96 -49.00 6.67
N ALA C 85 -11.67 -49.08 6.53
CA ALA C 85 -11.01 -50.41 6.32
C ALA C 85 -10.69 -50.53 4.89
N TYR C 86 -11.61 -50.32 3.93
CA TYR C 86 -11.23 -50.17 2.54
C TYR C 86 -10.30 -48.95 2.34
N VAL C 87 -10.81 -47.74 2.59
CA VAL C 87 -9.95 -46.54 2.57
C VAL C 87 -8.79 -46.74 3.57
N GLY C 88 -9.01 -47.53 4.62
CA GLY C 88 -8.07 -47.80 5.67
C GLY C 88 -6.65 -48.22 5.36
N GLY C 89 -6.51 -49.23 4.51
CA GLY C 89 -5.18 -49.67 4.09
C GLY C 89 -4.69 -48.83 2.94
N THR C 90 -4.33 -47.58 3.21
CA THR C 90 -3.92 -46.59 2.16
C THR C 90 -3.51 -45.28 2.81
N MET C 91 -4.35 -44.83 3.71
CA MET C 91 -4.28 -43.54 4.38
C MET C 91 -2.86 -43.07 4.77
N GLN C 96 4.85 -38.54 4.52
CA GLN C 96 3.46 -38.60 4.08
C GLN C 96 3.02 -37.29 3.43
N ASP C 97 3.17 -37.25 2.12
CA ASP C 97 2.77 -36.16 1.22
C ASP C 97 1.48 -36.59 0.48
N PRO C 98 0.36 -35.83 0.66
CA PRO C 98 -0.90 -36.12 -0.05
C PRO C 98 -0.86 -36.06 -1.58
N TYR C 99 -0.05 -35.15 -2.11
CA TYR C 99 0.07 -34.95 -3.56
C TYR C 99 1.01 -35.89 -4.28
N ALA C 100 1.84 -36.62 -3.56
CA ALA C 100 2.79 -37.55 -4.14
C ALA C 100 2.09 -38.81 -4.59
N ARG C 101 1.10 -39.28 -3.82
CA ARG C 101 0.29 -40.44 -4.21
C ARG C 101 -0.55 -40.25 -5.51
N ASN C 102 -1.50 -39.32 -5.50
CA ASN C 102 -2.43 -39.15 -6.63
C ASN C 102 -2.47 -37.81 -7.36
N LYS C 103 -1.55 -36.87 -7.04
CA LYS C 103 -1.60 -35.47 -7.47
C LYS C 103 -2.94 -34.76 -7.18
N PHE C 104 -3.58 -35.18 -6.09
CA PHE C 104 -4.65 -34.39 -5.45
C PHE C 104 -4.57 -34.65 -3.95
N ASN C 105 -5.27 -33.82 -3.18
CA ASN C 105 -5.25 -33.92 -1.72
C ASN C 105 -5.93 -35.18 -1.20
N GLN C 106 -5.16 -36.26 -1.03
CA GLN C 106 -5.74 -37.55 -0.64
C GLN C 106 -6.37 -37.52 0.75
N VAL C 107 -5.82 -36.69 1.65
CA VAL C 107 -6.32 -36.60 3.01
C VAL C 107 -7.77 -36.14 2.99
N GLU C 108 -8.03 -35.08 2.24
CA GLU C 108 -9.35 -34.47 2.16
C GLU C 108 -10.34 -35.43 1.45
N SER C 109 -9.86 -36.16 0.43
CA SER C 109 -10.64 -37.16 -0.27
C SER C 109 -11.03 -38.29 0.69
N ASP C 110 -10.03 -38.82 1.40
CA ASP C 110 -10.24 -39.91 2.34
C ASP C 110 -11.22 -39.52 3.47
N LYS C 111 -11.11 -38.28 3.93
CA LYS C 111 -12.00 -37.72 4.99
C LYS C 111 -13.46 -37.78 4.65
N LEU C 112 -13.81 -37.65 3.38
CA LEU C 112 -15.21 -37.62 2.94
C LEU C 112 -15.87 -38.98 2.96
N ARG C 113 -17.17 -38.96 3.21
CA ARG C 113 -18.03 -40.16 3.14
C ARG C 113 -18.07 -40.68 1.70
N MET C 114 -18.32 -41.98 1.53
CA MET C 114 -18.48 -42.53 0.16
C MET C 114 -19.73 -41.93 -0.50
N ASP C 115 -20.78 -41.71 0.30
CA ASP C 115 -22.04 -41.11 -0.17
C ASP C 115 -22.18 -39.66 0.22
N ARG C 116 -21.09 -38.95 0.16
CA ARG C 116 -21.00 -37.50 0.47
C ARG C 116 -22.16 -36.66 -0.15
N ALA C 117 -22.58 -35.64 0.57
CA ALA C 117 -23.53 -34.66 0.07
C ALA C 117 -22.84 -33.74 -0.94
N ILE C 118 -23.49 -33.54 -2.08
CA ILE C 118 -23.00 -32.55 -3.05
C ILE C 118 -24.17 -31.66 -3.46
N PRO C 119 -23.91 -30.37 -3.76
CA PRO C 119 -25.01 -29.46 -4.11
C PRO C 119 -25.56 -29.74 -5.49
N ASP C 120 -26.87 -29.63 -5.64
CA ASP C 120 -27.52 -29.78 -6.92
C ASP C 120 -27.19 -28.59 -7.80
N THR C 121 -26.21 -28.75 -8.67
CA THR C 121 -25.71 -27.69 -9.53
C THR C 121 -26.43 -27.55 -10.87
N ARG C 122 -27.61 -28.18 -11.04
CA ARG C 122 -28.38 -28.05 -12.23
C ARG C 122 -29.17 -26.76 -12.26
N HIS C 123 -29.50 -26.28 -13.46
CA HIS C 123 -30.41 -25.15 -13.60
C HIS C 123 -31.75 -25.51 -13.01
N ASP C 124 -32.44 -24.52 -12.47
CA ASP C 124 -33.79 -24.71 -11.94
C ASP C 124 -34.71 -25.37 -12.97
N GLN C 125 -34.59 -24.97 -14.24
CA GLN C 125 -35.40 -25.49 -15.33
C GLN C 125 -35.01 -26.91 -15.69
N CYS C 126 -35.06 -27.79 -14.72
CA CYS C 126 -34.60 -29.19 -14.81
C CYS C 126 -34.96 -29.94 -13.54
N GLN C 127 -34.87 -29.26 -12.40
CA GLN C 127 -35.42 -29.75 -11.13
C GLN C 127 -36.94 -30.05 -11.18
N ARG C 128 -37.66 -29.41 -12.11
CA ARG C 128 -39.05 -29.72 -12.45
C ARG C 128 -39.09 -30.34 -13.85
N LYS C 129 -38.66 -31.59 -13.99
CA LYS C 129 -38.82 -32.29 -15.29
C LYS C 129 -39.15 -33.75 -15.07
N GLN C 130 -40.43 -34.14 -15.27
CA GLN C 130 -40.76 -35.59 -15.24
C GLN C 130 -39.86 -36.29 -16.26
N TRP C 131 -38.79 -36.93 -15.77
CA TRP C 131 -37.84 -37.63 -16.65
C TRP C 131 -38.45 -38.96 -17.09
N ARG C 132 -38.57 -39.19 -18.40
CA ARG C 132 -39.10 -40.49 -18.87
C ARG C 132 -38.13 -41.56 -18.34
N VAL C 133 -38.62 -42.70 -17.84
CA VAL C 133 -37.72 -43.67 -17.15
C VAL C 133 -37.77 -45.12 -17.70
N ASP C 134 -38.65 -45.32 -18.68
CA ASP C 134 -38.65 -46.40 -19.67
C ASP C 134 -37.55 -46.18 -20.71
N LEU C 135 -36.33 -46.30 -20.26
CA LEU C 135 -35.13 -46.06 -21.07
C LEU C 135 -34.28 -47.31 -21.01
N PRO C 136 -33.34 -47.50 -21.96
CA PRO C 136 -32.45 -48.63 -21.89
C PRO C 136 -31.41 -48.47 -20.77
N ALA C 137 -31.06 -49.58 -20.13
CA ALA C 137 -30.04 -49.61 -19.13
C ALA C 137 -28.65 -49.44 -19.72
N THR C 138 -27.66 -49.17 -18.88
CA THR C 138 -26.28 -48.99 -19.31
C THR C 138 -25.26 -49.76 -18.49
N SER C 139 -24.21 -50.20 -19.18
CA SER C 139 -23.04 -50.79 -18.54
C SER C 139 -22.02 -49.67 -18.35
N VAL C 140 -21.75 -49.33 -17.09
CA VAL C 140 -20.89 -48.21 -16.73
C VAL C 140 -19.46 -48.72 -16.61
N VAL C 141 -18.57 -48.16 -17.44
CA VAL C 141 -17.15 -48.56 -17.49
C VAL C 141 -16.21 -47.55 -16.84
N ILE C 142 -15.65 -47.93 -15.71
CA ILE C 142 -14.72 -47.09 -14.97
C ILE C 142 -13.36 -47.76 -14.96
N THR C 143 -12.35 -47.03 -15.39
CA THR C 143 -11.02 -47.59 -15.63
C THR C 143 -10.06 -46.85 -14.76
N PHE C 144 -9.04 -47.55 -14.24
CA PHE C 144 -8.11 -46.97 -13.25
C PHE C 144 -6.76 -47.66 -13.13
N HIS C 145 -5.73 -46.86 -12.91
CA HIS C 145 -4.36 -47.31 -12.60
C HIS C 145 -3.88 -46.51 -11.42
N ASN C 146 -3.82 -47.16 -10.25
CA ASN C 146 -3.40 -46.50 -8.99
C ASN C 146 -4.29 -45.31 -8.62
N GLU C 147 -5.59 -45.53 -8.64
CA GLU C 147 -6.53 -44.55 -8.12
C GLU C 147 -6.49 -44.53 -6.62
N ALA C 148 -6.89 -43.41 -6.03
CA ALA C 148 -7.20 -43.35 -4.59
C ALA C 148 -8.45 -44.20 -4.31
N ARG C 149 -8.35 -45.11 -3.37
CA ARG C 149 -9.50 -45.91 -2.93
C ARG C 149 -10.74 -45.08 -2.60
N SER C 150 -10.55 -43.97 -1.88
CA SER C 150 -11.65 -43.07 -1.54
C SER C 150 -12.36 -42.54 -2.77
N ALA C 151 -11.58 -42.12 -3.76
CA ALA C 151 -12.12 -41.52 -5.00
C ALA C 151 -12.83 -42.54 -5.88
N LEU C 152 -12.22 -43.72 -6.00
CA LEU C 152 -12.79 -44.81 -6.77
C LEU C 152 -14.12 -45.23 -6.17
N LEU C 153 -14.15 -45.43 -4.86
CA LEU C 153 -15.37 -45.84 -4.15
C LEU C 153 -16.48 -44.81 -4.35
N ARG C 154 -16.15 -43.56 -4.04
CA ARG C 154 -17.09 -42.44 -4.20
C ARG C 154 -17.72 -42.37 -5.62
N THR C 155 -16.90 -42.64 -6.62
CA THR C 155 -17.37 -42.72 -8.00
C THR C 155 -18.42 -43.78 -8.13
N VAL C 156 -18.05 -45.01 -7.78
CA VAL C 156 -18.92 -46.20 -7.88
C VAL C 156 -20.23 -45.97 -7.15
N VAL C 157 -20.16 -45.50 -5.90
CA VAL C 157 -21.36 -45.30 -5.11
C VAL C 157 -22.25 -44.20 -5.73
N SER C 158 -21.63 -43.12 -6.23
CA SER C 158 -22.39 -42.04 -6.86
C SER C 158 -23.21 -42.56 -8.06
N VAL C 159 -22.61 -43.43 -8.85
CA VAL C 159 -23.33 -44.08 -9.97
C VAL C 159 -23.75 -45.35 -9.33
N LEU C 160 -24.73 -45.29 -8.50
CA LEU C 160 -25.50 -46.37 -7.83
C LEU C 160 -26.54 -45.63 -6.98
N LYS C 161 -26.07 -44.70 -6.12
CA LYS C 161 -26.98 -43.84 -5.39
C LYS C 161 -27.83 -42.92 -6.28
N LYS C 162 -27.22 -42.31 -7.27
CA LYS C 162 -27.89 -41.16 -7.96
C LYS C 162 -28.59 -41.58 -9.26
N SER C 163 -28.21 -42.74 -9.80
CA SER C 163 -28.90 -43.35 -10.93
C SER C 163 -29.99 -44.27 -10.46
N PRO C 164 -31.17 -44.25 -11.12
CA PRO C 164 -32.21 -45.23 -10.82
C PRO C 164 -31.71 -46.65 -11.04
N PRO C 165 -31.92 -47.55 -10.07
CA PRO C 165 -31.31 -48.91 -10.11
C PRO C 165 -31.53 -49.76 -11.39
N HIS C 166 -32.71 -49.57 -12.01
CA HIS C 166 -33.05 -50.34 -13.20
C HIS C 166 -32.27 -49.94 -14.44
N LEU C 167 -31.74 -48.72 -14.43
CA LEU C 167 -30.93 -48.19 -15.53
C LEU C 167 -29.45 -48.58 -15.44
N ILE C 168 -29.02 -49.12 -14.32
CA ILE C 168 -27.64 -49.58 -14.15
C ILE C 168 -27.62 -51.08 -14.25
N LYS C 169 -27.25 -51.61 -15.40
CA LYS C 169 -27.10 -53.08 -15.59
C LYS C 169 -25.94 -53.56 -14.72
N GLU C 170 -24.81 -52.91 -14.87
CA GLU C 170 -23.60 -53.29 -14.11
C GLU C 170 -22.57 -52.18 -14.15
N ILE C 171 -21.66 -52.23 -13.20
CA ILE C 171 -20.50 -51.34 -13.16
C ILE C 171 -19.29 -52.21 -13.43
N ILE C 172 -18.64 -52.00 -14.58
CA ILE C 172 -17.41 -52.71 -14.92
C ILE C 172 -16.21 -51.87 -14.49
N LEU C 173 -15.45 -52.40 -13.56
CA LEU C 173 -14.20 -51.81 -13.11
C LEU C 173 -13.05 -52.47 -13.85
N VAL C 174 -12.31 -51.69 -14.65
CA VAL C 174 -11.10 -52.23 -15.28
C VAL C 174 -9.87 -51.73 -14.57
N ASP C 175 -9.33 -52.57 -13.70
CA ASP C 175 -8.03 -52.35 -13.04
C ASP C 175 -6.92 -52.46 -14.08
N ASP C 176 -6.39 -51.33 -14.49
CA ASP C 176 -5.23 -51.29 -15.40
C ASP C 176 -3.90 -51.47 -14.70
N TYR C 177 -3.62 -52.71 -14.32
CA TYR C 177 -2.34 -53.10 -13.68
C TYR C 177 -1.97 -52.22 -12.49
N SER C 178 -2.92 -52.01 -11.59
CA SER C 178 -2.69 -51.18 -10.38
C SER C 178 -1.82 -52.00 -9.44
N ASN C 179 -0.93 -51.33 -8.71
CA ASN C 179 0.08 -51.97 -7.88
C ASN C 179 -0.52 -53.02 -6.94
N ASP C 180 -1.49 -52.61 -6.13
CA ASP C 180 -2.28 -53.54 -5.30
C ASP C 180 -3.59 -53.90 -6.01
N PRO C 181 -3.73 -55.14 -6.54
CA PRO C 181 -5.04 -55.58 -7.12
C PRO C 181 -6.24 -55.53 -6.16
N GLU C 182 -5.96 -55.54 -4.87
CA GLU C 182 -7.01 -55.40 -3.85
C GLU C 182 -7.79 -54.08 -3.97
N ASP C 183 -7.18 -53.05 -4.54
CA ASP C 183 -7.85 -51.76 -4.81
C ASP C 183 -9.14 -51.98 -5.56
N GLY C 184 -9.07 -52.73 -6.66
CA GLY C 184 -10.24 -53.08 -7.45
C GLY C 184 -10.99 -54.30 -6.93
N ALA C 185 -10.22 -55.33 -6.63
CA ALA C 185 -10.75 -56.64 -6.24
C ALA C 185 -11.76 -56.56 -5.11
N LEU C 186 -11.43 -55.83 -4.07
CA LEU C 186 -12.32 -55.68 -2.92
C LEU C 186 -13.71 -55.09 -3.24
N LEU C 187 -13.77 -54.24 -4.25
CA LEU C 187 -15.02 -53.63 -4.66
C LEU C 187 -15.94 -54.62 -5.34
N GLY C 188 -15.38 -55.71 -5.88
CA GLY C 188 -16.15 -56.85 -6.39
C GLY C 188 -17.25 -57.36 -5.45
N LYS C 189 -17.01 -57.22 -4.14
CA LYS C 189 -18.05 -57.43 -3.15
C LYS C 189 -19.33 -56.58 -3.34
N ILE C 190 -19.23 -55.41 -4.01
CA ILE C 190 -20.33 -54.46 -4.07
C ILE C 190 -21.31 -54.82 -5.17
N GLU C 191 -22.60 -54.61 -4.88
CA GLU C 191 -23.70 -54.87 -5.81
C GLU C 191 -23.42 -54.27 -7.19
N LYS C 192 -23.67 -55.07 -8.21
CA LYS C 192 -23.50 -54.67 -9.61
C LYS C 192 -22.05 -54.42 -10.09
N VAL C 193 -21.05 -54.60 -9.22
CA VAL C 193 -19.67 -54.32 -9.59
C VAL C 193 -18.97 -55.57 -10.10
N ARG C 194 -18.32 -55.44 -11.23
CA ARG C 194 -17.45 -56.49 -11.79
C ARG C 194 -16.07 -55.97 -11.92
N VAL C 195 -15.06 -56.77 -11.61
CA VAL C 195 -13.66 -56.32 -11.67
C VAL C 195 -12.90 -57.15 -12.71
N LEU C 196 -12.21 -56.42 -13.58
CA LEU C 196 -11.30 -57.03 -14.53
C LEU C 196 -9.92 -56.50 -14.29
N ARG C 197 -8.99 -57.35 -13.87
CA ARG C 197 -7.58 -57.01 -13.79
C ARG C 197 -6.84 -57.19 -15.11
N ASN C 198 -6.09 -56.15 -15.48
CA ASN C 198 -5.21 -56.19 -16.64
C ASN C 198 -3.89 -56.77 -16.18
N ASP C 199 -3.59 -57.97 -16.68
CA ASP C 199 -2.30 -58.67 -16.66
C ASP C 199 -1.03 -57.79 -16.84
N ARG C 200 -1.12 -56.90 -17.83
CA ARG C 200 -0.07 -55.92 -18.09
C ARG C 200 -0.64 -54.52 -18.09
N ARG C 201 0.23 -53.53 -18.17
CA ARG C 201 -0.15 -52.14 -18.34
C ARG C 201 -0.61 -51.82 -19.78
N GLU C 202 -1.89 -51.57 -19.92
CA GLU C 202 -2.54 -51.34 -21.23
C GLU C 202 -2.74 -49.80 -21.54
N GLY C 203 -3.29 -49.14 -20.57
CA GLY C 203 -3.61 -47.73 -20.67
C GLY C 203 -5.09 -47.52 -21.02
N LEU C 204 -5.48 -46.24 -20.87
CA LEU C 204 -6.90 -45.92 -20.76
C LEU C 204 -7.71 -46.39 -21.94
N MET C 205 -7.30 -46.18 -23.16
CA MET C 205 -8.02 -46.63 -24.34
C MET C 205 -8.21 -48.12 -24.41
N ARG C 206 -7.14 -48.91 -24.34
CA ARG C 206 -7.28 -50.37 -24.40
C ARG C 206 -8.19 -50.91 -23.27
N SER C 207 -7.99 -50.34 -22.07
CA SER C 207 -8.74 -50.74 -20.89
C SER C 207 -10.23 -50.48 -21.03
N ARG C 208 -10.55 -49.34 -21.59
CA ARG C 208 -11.94 -48.98 -21.92
C ARG C 208 -12.57 -49.95 -22.89
N VAL C 209 -11.80 -50.40 -23.87
CA VAL C 209 -12.31 -51.32 -24.89
C VAL C 209 -12.65 -52.67 -24.26
N ARG C 210 -11.78 -53.11 -23.34
CA ARG C 210 -12.04 -54.35 -22.60
C ARG C 210 -13.38 -54.29 -21.90
N GLY C 211 -13.57 -53.26 -21.09
CA GLY C 211 -14.80 -53.03 -20.36
C GLY C 211 -16.04 -53.01 -21.26
N ALA C 212 -15.88 -52.38 -22.42
CA ALA C 212 -16.98 -52.26 -23.38
C ALA C 212 -17.34 -53.62 -24.00
N ASP C 213 -16.33 -54.44 -24.25
CA ASP C 213 -16.52 -55.79 -24.78
C ASP C 213 -17.16 -56.73 -23.76
N ALA C 214 -16.84 -56.49 -22.49
CA ALA C 214 -17.47 -57.19 -21.36
C ALA C 214 -18.84 -56.63 -20.93
N ALA C 215 -19.33 -55.62 -21.63
CA ALA C 215 -20.61 -54.99 -21.32
C ALA C 215 -21.76 -55.84 -21.85
N GLN C 216 -22.79 -56.05 -21.04
CA GLN C 216 -24.07 -56.60 -21.46
C GLN C 216 -24.99 -55.61 -22.13
N ALA C 217 -25.95 -54.97 -21.45
CA ALA C 217 -26.57 -53.69 -21.86
C ALA C 217 -26.45 -53.12 -23.28
N LYS C 218 -27.49 -52.42 -23.66
CA LYS C 218 -27.60 -51.87 -25.02
C LYS C 218 -26.72 -50.60 -25.18
N VAL C 219 -26.42 -49.96 -24.06
CA VAL C 219 -25.78 -48.64 -24.00
C VAL C 219 -24.55 -48.65 -23.08
N LEU C 220 -23.45 -48.03 -23.53
CA LEU C 220 -22.24 -47.85 -22.74
C LEU C 220 -22.19 -46.47 -22.12
N THR C 221 -21.73 -46.41 -20.87
CA THR C 221 -21.39 -45.17 -20.20
C THR C 221 -19.96 -45.30 -19.69
N PHE C 222 -19.11 -44.36 -20.10
CA PHE C 222 -17.74 -44.28 -19.58
C PHE C 222 -17.65 -43.20 -18.55
N LEU C 223 -16.78 -43.40 -17.58
CA LEU C 223 -16.52 -42.45 -16.49
C LEU C 223 -15.08 -42.63 -16.03
N ASP C 224 -14.48 -41.53 -15.64
CA ASP C 224 -13.19 -41.56 -14.96
C ASP C 224 -13.39 -42.03 -13.55
N SER C 225 -12.33 -42.60 -12.99
CA SER C 225 -12.36 -43.21 -11.65
C SER C 225 -12.28 -42.24 -10.45
N HIS C 226 -12.46 -40.96 -10.71
CA HIS C 226 -12.52 -39.92 -9.66
C HIS C 226 -13.60 -38.92 -10.02
N CYS C 227 -14.82 -39.45 -10.21
CA CYS C 227 -15.99 -38.62 -10.55
C CYS C 227 -17.05 -38.76 -9.48
N GLU C 228 -18.06 -37.89 -9.57
CA GLU C 228 -19.20 -37.91 -8.64
C GLU C 228 -20.45 -37.46 -9.37
N CYS C 229 -21.28 -38.44 -9.71
CA CYS C 229 -22.55 -38.18 -10.36
C CYS C 229 -23.48 -37.35 -9.48
N ASN C 230 -24.20 -36.44 -10.11
CA ASN C 230 -25.18 -35.59 -9.43
C ASN C 230 -26.59 -36.12 -9.62
N GLU C 231 -27.56 -35.34 -9.18
CA GLU C 231 -28.98 -35.72 -9.17
C GLU C 231 -29.45 -35.88 -10.60
N HIS C 232 -30.22 -36.93 -10.83
CA HIS C 232 -30.80 -37.27 -12.13
C HIS C 232 -29.85 -37.00 -13.29
N TRP C 233 -28.64 -37.48 -13.14
CA TRP C 233 -27.56 -37.26 -14.10
C TRP C 233 -27.74 -38.12 -15.35
N LEU C 234 -28.16 -39.37 -15.16
CA LEU C 234 -28.12 -40.37 -16.22
C LEU C 234 -29.28 -40.25 -17.21
N GLU C 235 -30.47 -39.95 -16.71
CA GLU C 235 -31.68 -39.93 -17.53
C GLU C 235 -31.56 -39.03 -18.77
N PRO C 236 -31.13 -37.76 -18.59
CA PRO C 236 -31.05 -36.89 -19.76
C PRO C 236 -30.07 -37.40 -20.84
N LEU C 237 -29.02 -38.12 -20.43
CA LEU C 237 -28.05 -38.68 -21.36
C LEU C 237 -28.71 -39.81 -22.17
N LEU C 238 -29.30 -40.76 -21.46
CA LEU C 238 -29.98 -41.90 -22.09
C LEU C 238 -31.13 -41.47 -23.01
N GLU C 239 -31.98 -40.56 -22.53
CA GLU C 239 -33.09 -40.06 -23.33
C GLU C 239 -32.62 -39.61 -24.73
N ARG C 240 -31.46 -38.99 -24.82
CA ARG C 240 -30.90 -38.54 -26.09
C ARG C 240 -30.48 -39.73 -26.95
N VAL C 241 -29.74 -40.66 -26.36
CA VAL C 241 -29.26 -41.82 -27.10
C VAL C 241 -30.41 -42.73 -27.53
N ALA C 242 -31.37 -42.89 -26.65
CA ALA C 242 -32.57 -43.72 -26.92
C ALA C 242 -33.39 -43.20 -28.11
N GLU C 243 -33.50 -41.90 -28.21
CA GLU C 243 -34.13 -41.22 -29.36
C GLU C 243 -33.36 -41.39 -30.67
N ASP C 244 -32.03 -41.28 -30.58
CA ASP C 244 -31.13 -41.29 -31.75
C ASP C 244 -29.80 -41.92 -31.33
N ARG C 245 -29.60 -43.14 -31.75
CA ARG C 245 -28.42 -43.94 -31.40
C ARG C 245 -27.08 -43.37 -31.86
N THR C 246 -27.11 -42.48 -32.85
CA THR C 246 -25.87 -41.86 -33.37
C THR C 246 -25.33 -40.74 -32.49
N ARG C 247 -26.14 -40.24 -31.54
CA ARG C 247 -25.67 -39.24 -30.60
C ARG C 247 -24.73 -39.86 -29.57
N VAL C 248 -23.59 -39.21 -29.38
CA VAL C 248 -22.68 -39.46 -28.29
C VAL C 248 -22.77 -38.26 -27.36
N VAL C 249 -23.17 -38.49 -26.12
CA VAL C 249 -23.57 -37.42 -25.24
C VAL C 249 -22.71 -37.45 -23.97
N SER C 250 -22.36 -36.24 -23.51
CA SER C 250 -21.50 -36.06 -22.36
C SER C 250 -22.19 -35.11 -21.38
N PRO C 251 -21.97 -35.28 -20.07
CA PRO C 251 -22.53 -34.32 -19.14
C PRO C 251 -21.69 -33.07 -19.09
N ILE C 252 -22.20 -32.05 -18.41
CA ILE C 252 -21.39 -30.88 -18.12
C ILE C 252 -20.57 -31.33 -16.90
N ALA C 253 -19.28 -31.01 -16.97
CA ALA C 253 -18.29 -31.59 -16.04
C ALA C 253 -18.08 -30.59 -14.93
N ASP C 254 -18.76 -30.85 -13.81
CA ASP C 254 -18.56 -30.04 -12.62
C ASP C 254 -17.16 -30.33 -12.07
N VAL C 255 -16.68 -29.39 -11.25
CA VAL C 255 -15.28 -29.40 -10.80
C VAL C 255 -15.21 -29.80 -9.34
N ILE C 256 -14.44 -30.86 -9.08
CA ILE C 256 -14.09 -31.25 -7.74
C ILE C 256 -12.70 -30.67 -7.49
N ASN C 257 -12.59 -29.83 -6.47
CA ASN C 257 -11.35 -29.14 -6.16
C ASN C 257 -10.26 -30.12 -5.77
N MET C 258 -9.11 -30.02 -6.47
CA MET C 258 -7.95 -30.86 -6.22
C MET C 258 -7.36 -30.76 -4.81
N ASP C 259 -7.57 -29.60 -4.15
CA ASP C 259 -7.06 -29.36 -2.81
C ASP C 259 -8.12 -29.56 -1.73
N ASN C 260 -9.25 -28.87 -1.86
CA ASN C 260 -10.35 -28.85 -0.90
C ASN C 260 -11.26 -30.12 -0.97
N PHE C 261 -11.37 -30.63 -2.20
CA PHE C 261 -12.36 -31.63 -2.62
C PHE C 261 -13.83 -31.18 -2.54
N GLN C 262 -14.02 -29.86 -2.57
CA GLN C 262 -15.33 -29.24 -2.64
C GLN C 262 -15.88 -29.47 -4.05
N TYR C 263 -17.18 -29.70 -4.14
CA TYR C 263 -17.87 -29.95 -5.40
C TYR C 263 -18.33 -28.61 -5.87
N VAL C 264 -17.87 -28.17 -7.03
CA VAL C 264 -18.15 -26.81 -7.50
C VAL C 264 -18.90 -26.91 -8.83
N GLY C 265 -19.99 -26.16 -8.96
CA GLY C 265 -20.80 -26.16 -10.17
C GLY C 265 -20.09 -25.43 -11.30
N ALA C 266 -20.15 -26.02 -12.50
CA ALA C 266 -19.45 -25.49 -13.66
C ALA C 266 -20.37 -24.70 -14.57
N SER C 267 -19.78 -23.99 -15.52
CA SER C 267 -20.54 -23.21 -16.50
C SER C 267 -21.25 -24.13 -17.50
N ALA C 268 -22.51 -23.78 -17.80
CA ALA C 268 -23.28 -24.44 -18.85
C ALA C 268 -23.17 -23.72 -20.21
N ASP C 269 -22.27 -22.72 -20.28
CA ASP C 269 -22.10 -21.91 -21.47
C ASP C 269 -20.80 -22.21 -22.21
N LEU C 270 -20.35 -23.46 -22.14
CA LEU C 270 -19.09 -23.86 -22.76
C LEU C 270 -19.29 -25.02 -23.69
N LYS C 271 -18.48 -25.05 -24.75
CA LYS C 271 -18.35 -26.18 -25.67
C LYS C 271 -16.91 -26.64 -25.60
N GLY C 272 -16.69 -27.88 -26.02
CA GLY C 272 -15.32 -28.42 -26.10
C GLY C 272 -14.67 -28.06 -27.39
N GLY C 273 -13.35 -27.98 -27.40
CA GLY C 273 -12.60 -27.66 -28.62
C GLY C 273 -11.10 -27.88 -28.55
N PHE C 274 -10.36 -27.22 -29.43
CA PHE C 274 -8.89 -27.34 -29.51
C PHE C 274 -8.24 -26.24 -30.36
N ASP C 275 -6.97 -25.99 -30.07
CA ASP C 275 -6.07 -25.23 -30.92
C ASP C 275 -5.30 -26.21 -31.80
N TRP C 276 -4.51 -25.67 -32.73
CA TRP C 276 -3.75 -26.49 -33.66
C TRP C 276 -2.71 -27.42 -33.04
N ASN C 277 -2.30 -27.17 -31.80
CA ASN C 277 -1.49 -28.14 -31.02
C ASN C 277 -2.24 -29.43 -30.62
N LEU C 278 -3.55 -29.48 -30.88
CA LEU C 278 -4.40 -30.68 -30.67
C LEU C 278 -4.51 -31.13 -29.22
N VAL C 279 -4.48 -30.13 -28.35
CA VAL C 279 -4.70 -30.30 -26.91
C VAL C 279 -6.13 -29.84 -26.67
N PHE C 280 -6.84 -30.56 -25.80
CA PHE C 280 -8.22 -30.20 -25.51
C PHE C 280 -8.31 -28.87 -24.79
N LYS C 281 -9.31 -28.06 -25.16
CA LYS C 281 -9.62 -26.83 -24.41
C LYS C 281 -11.12 -26.51 -24.48
N TRP C 282 -11.60 -25.79 -23.48
CA TRP C 282 -12.98 -25.35 -23.45
C TRP C 282 -13.15 -24.01 -24.17
N ASP C 283 -14.05 -23.97 -25.16
CA ASP C 283 -14.37 -22.72 -25.88
C ASP C 283 -15.52 -22.03 -25.21
N TYR C 284 -15.43 -20.71 -25.08
CA TYR C 284 -16.59 -19.95 -24.57
C TYR C 284 -17.54 -19.82 -25.78
N MET C 285 -18.82 -20.28 -25.64
CA MET C 285 -19.65 -20.41 -26.81
C MET C 285 -20.11 -19.01 -27.29
N THR C 286 -20.25 -18.85 -28.58
CA THR C 286 -20.26 -17.54 -29.24
C THR C 286 -21.46 -16.70 -28.85
N PRO C 287 -21.34 -15.36 -29.00
CA PRO C 287 -22.51 -14.50 -28.78
C PRO C 287 -23.70 -14.91 -29.65
N GLU C 288 -23.44 -15.21 -30.91
CA GLU C 288 -24.47 -15.70 -31.85
C GLU C 288 -25.23 -16.93 -31.33
N GLN C 289 -24.50 -17.83 -30.70
CA GLN C 289 -25.04 -19.08 -30.14
C GLN C 289 -25.86 -18.80 -28.88
N ARG C 290 -25.26 -18.09 -27.93
CA ARG C 290 -25.92 -17.68 -26.70
C ARG C 290 -27.28 -16.96 -26.92
N ARG C 291 -27.38 -16.16 -27.96
CA ARG C 291 -28.66 -15.51 -28.35
C ARG C 291 -29.70 -16.55 -28.81
N SER C 292 -29.26 -17.48 -29.66
CA SER C 292 -30.11 -18.55 -30.21
C SER C 292 -30.62 -19.55 -29.17
N ARG C 293 -29.91 -19.64 -28.03
CA ARG C 293 -30.26 -20.53 -26.94
C ARG C 293 -30.91 -19.77 -25.75
N GLN C 294 -31.45 -18.59 -25.98
CA GLN C 294 -32.29 -17.86 -25.00
C GLN C 294 -33.53 -18.63 -24.62
N GLY C 295 -34.18 -19.18 -25.63
CA GLY C 295 -35.51 -19.79 -25.50
C GLY C 295 -35.65 -21.06 -24.65
N ASN C 296 -34.72 -21.97 -24.84
CA ASN C 296 -34.57 -23.24 -24.13
C ASN C 296 -33.07 -23.34 -23.71
N PRO C 297 -32.70 -22.65 -22.62
CA PRO C 297 -31.28 -22.56 -22.26
C PRO C 297 -30.60 -23.87 -21.84
N VAL C 298 -31.37 -24.82 -21.37
CA VAL C 298 -30.86 -26.17 -20.99
C VAL C 298 -30.95 -27.23 -22.09
N ALA C 299 -31.12 -26.80 -23.33
CA ALA C 299 -31.12 -27.69 -24.48
C ALA C 299 -29.74 -28.31 -24.65
N PRO C 300 -29.67 -29.41 -25.38
CA PRO C 300 -28.40 -29.96 -25.82
C PRO C 300 -27.49 -28.96 -26.50
N ILE C 301 -26.18 -29.14 -26.33
CA ILE C 301 -25.17 -28.32 -26.93
C ILE C 301 -24.49 -29.21 -27.95
N LYS C 302 -24.41 -28.79 -29.21
CA LYS C 302 -23.66 -29.55 -30.20
C LYS C 302 -22.18 -29.23 -30.06
N THR C 303 -21.41 -30.08 -29.41
CA THR C 303 -19.98 -29.81 -29.19
C THR C 303 -19.08 -30.47 -30.24
N PRO C 304 -18.10 -29.71 -30.82
CA PRO C 304 -17.16 -30.30 -31.77
C PRO C 304 -16.21 -31.32 -31.18
N MET C 305 -16.07 -31.29 -29.87
CA MET C 305 -15.23 -32.24 -29.13
C MET C 305 -15.85 -32.58 -27.79
N ILE C 306 -15.75 -33.85 -27.40
CA ILE C 306 -16.04 -34.27 -26.04
C ILE C 306 -14.74 -34.28 -25.25
N ALA C 307 -14.82 -33.94 -23.97
CA ALA C 307 -13.64 -34.02 -23.10
C ALA C 307 -13.06 -35.44 -23.05
N GLY C 308 -13.94 -36.43 -23.13
CA GLY C 308 -13.54 -37.85 -23.32
C GLY C 308 -13.62 -38.72 -22.08
N GLY C 309 -13.90 -38.13 -20.92
CA GLY C 309 -13.91 -38.85 -19.65
C GLY C 309 -15.24 -39.45 -19.31
N ALA C 310 -16.26 -38.61 -19.29
CA ALA C 310 -17.64 -39.05 -19.05
C ALA C 310 -18.44 -38.90 -20.31
N PHE C 311 -18.89 -40.01 -20.88
CA PHE C 311 -19.86 -39.94 -22.01
C PHE C 311 -20.64 -41.24 -22.13
N VAL C 312 -21.76 -41.13 -22.84
CA VAL C 312 -22.66 -42.23 -23.08
C VAL C 312 -22.79 -42.43 -24.59
N MET C 313 -22.77 -43.69 -25.01
CA MET C 313 -22.82 -44.04 -26.42
C MET C 313 -23.48 -45.39 -26.57
N ASP C 314 -24.32 -45.55 -27.59
CA ASP C 314 -24.95 -46.85 -27.92
C ASP C 314 -23.86 -47.90 -28.13
N LYS C 315 -24.00 -49.05 -27.49
CA LYS C 315 -22.95 -50.08 -27.53
C LYS C 315 -22.68 -50.57 -28.94
N PHE C 316 -23.75 -50.85 -29.71
CA PHE C 316 -23.57 -51.36 -31.07
C PHE C 316 -22.92 -50.27 -31.94
N TYR C 317 -23.34 -49.01 -31.76
CA TYR C 317 -22.71 -47.86 -32.45
C TYR C 317 -21.22 -47.70 -32.11
N PHE C 318 -20.88 -47.89 -30.84
CA PHE C 318 -19.49 -47.89 -30.40
C PHE C 318 -18.66 -48.93 -31.16
N GLU C 319 -19.18 -50.15 -31.21
CA GLU C 319 -18.52 -51.27 -31.91
C GLU C 319 -18.45 -51.02 -33.42
N GLU C 320 -19.59 -50.69 -34.01
CA GLU C 320 -19.68 -50.44 -35.45
C GLU C 320 -18.70 -49.35 -35.88
N LEU C 321 -18.68 -48.23 -35.14
CA LEU C 321 -17.82 -47.10 -35.45
C LEU C 321 -16.35 -47.27 -35.08
N GLY C 322 -15.91 -48.50 -34.74
CA GLY C 322 -14.51 -48.80 -34.53
C GLY C 322 -13.97 -48.67 -33.12
N LYS C 323 -14.84 -48.55 -32.11
CA LYS C 323 -14.41 -48.52 -30.72
C LYS C 323 -13.30 -47.47 -30.45
N TYR C 324 -12.06 -47.87 -30.06
CA TYR C 324 -10.96 -46.92 -29.92
C TYR C 324 -9.78 -47.38 -30.75
N ASP C 325 -8.91 -46.46 -31.16
CA ASP C 325 -7.65 -46.79 -31.83
C ASP C 325 -6.77 -47.62 -30.92
N MET C 326 -6.82 -48.93 -31.12
CA MET C 326 -6.24 -49.90 -30.14
C MET C 326 -4.74 -49.76 -29.83
N MET C 327 -4.00 -49.09 -30.69
CA MET C 327 -2.55 -48.91 -30.54
C MET C 327 -2.19 -47.58 -29.90
N MET C 328 -3.19 -46.86 -29.35
CA MET C 328 -2.96 -45.72 -28.49
C MET C 328 -2.68 -46.20 -27.09
N ASP C 329 -1.86 -45.49 -26.36
CA ASP C 329 -1.30 -46.03 -25.08
C ASP C 329 -1.87 -45.68 -23.69
N VAL C 330 -1.43 -44.63 -23.06
CA VAL C 330 -1.68 -44.40 -21.66
C VAL C 330 -2.78 -43.36 -21.57
N TRP C 331 -2.55 -42.22 -22.22
CA TRP C 331 -3.42 -41.03 -22.09
C TRP C 331 -3.32 -40.18 -23.36
N GLY C 332 -4.37 -39.42 -23.61
CA GLY C 332 -4.38 -38.45 -24.66
C GLY C 332 -4.53 -38.99 -26.07
N GLY C 333 -5.17 -38.21 -26.90
CA GLY C 333 -5.45 -38.57 -28.30
C GLY C 333 -6.84 -39.15 -28.47
N GLU C 334 -7.17 -40.16 -27.69
CA GLU C 334 -8.47 -40.87 -27.86
C GLU C 334 -9.68 -39.94 -27.95
N ASN C 335 -9.69 -38.86 -27.17
CA ASN C 335 -10.82 -37.94 -27.15
C ASN C 335 -10.97 -37.21 -28.49
N LEU C 336 -9.83 -36.77 -29.01
CA LEU C 336 -9.72 -36.17 -30.34
C LEU C 336 -10.16 -37.13 -31.45
N GLU C 337 -9.57 -38.31 -31.41
CA GLU C 337 -9.81 -39.36 -32.42
C GLU C 337 -11.30 -39.69 -32.52
N ILE C 338 -11.91 -40.04 -31.40
CA ILE C 338 -13.32 -40.41 -31.40
C ILE C 338 -14.20 -39.24 -31.79
N SER C 339 -13.81 -38.02 -31.36
CA SER C 339 -14.64 -36.85 -31.62
C SER C 339 -14.70 -36.57 -33.11
N PHE C 340 -13.53 -36.59 -33.74
CA PHE C 340 -13.43 -36.45 -35.18
C PHE C 340 -14.23 -37.55 -35.89
N ARG C 341 -13.95 -38.79 -35.51
CA ARG C 341 -14.56 -39.96 -36.12
C ARG C 341 -16.10 -39.88 -36.13
N VAL C 342 -16.67 -39.69 -34.94
CA VAL C 342 -18.12 -39.66 -34.77
C VAL C 342 -18.75 -38.60 -35.66
N TRP C 343 -18.19 -37.39 -35.64
CA TRP C 343 -18.70 -36.26 -36.43
C TRP C 343 -18.54 -36.53 -37.92
N GLN C 344 -17.32 -36.88 -38.30
CA GLN C 344 -16.97 -37.13 -39.69
C GLN C 344 -17.74 -38.29 -40.31
N CYS C 345 -18.07 -39.33 -39.52
CA CYS C 345 -18.77 -40.51 -40.03
C CYS C 345 -20.28 -40.52 -39.72
N GLY C 346 -20.88 -39.34 -39.63
CA GLY C 346 -22.34 -39.19 -39.61
C GLY C 346 -23.10 -39.17 -38.30
N GLY C 347 -22.37 -39.18 -37.21
CA GLY C 347 -22.99 -39.08 -35.86
C GLY C 347 -22.79 -37.70 -35.29
N SER C 348 -23.32 -37.48 -34.07
CA SER C 348 -23.15 -36.20 -33.38
C SER C 348 -22.66 -36.33 -31.94
N LEU C 349 -22.01 -35.27 -31.48
CA LEU C 349 -21.51 -35.13 -30.09
C LEU C 349 -22.27 -34.03 -29.38
N GLU C 350 -22.68 -34.28 -28.16
CA GLU C 350 -23.45 -33.30 -27.39
C GLU C 350 -23.00 -33.17 -25.94
N ILE C 351 -23.17 -31.94 -25.42
CA ILE C 351 -23.07 -31.71 -23.98
C ILE C 351 -24.50 -31.46 -23.50
N ILE C 352 -24.93 -32.19 -22.46
CA ILE C 352 -26.28 -32.11 -21.94
C ILE C 352 -26.26 -31.40 -20.59
N PRO C 353 -26.74 -30.15 -20.51
CA PRO C 353 -26.52 -29.34 -19.31
C PRO C 353 -27.19 -29.84 -18.03
N CYS C 354 -28.25 -30.61 -18.15
CA CYS C 354 -28.95 -31.13 -16.98
C CYS C 354 -28.36 -32.39 -16.44
N SER C 355 -27.42 -32.96 -17.17
CA SER C 355 -26.60 -34.06 -16.66
C SER C 355 -25.36 -33.44 -16.04
N ARG C 356 -25.22 -33.58 -14.73
CA ARG C 356 -24.08 -33.01 -14.00
C ARG C 356 -23.24 -34.14 -13.40
N VAL C 357 -21.96 -34.16 -13.73
CA VAL C 357 -21.04 -35.14 -13.12
C VAL C 357 -19.77 -34.42 -12.72
N GLY C 358 -19.43 -34.48 -11.44
CA GLY C 358 -18.22 -33.84 -10.96
C GLY C 358 -16.97 -34.64 -11.34
N HIS C 359 -15.83 -33.95 -11.42
CA HIS C 359 -14.56 -34.58 -11.76
C HIS C 359 -13.37 -33.87 -11.14
N VAL C 360 -12.45 -34.65 -10.59
CA VAL C 360 -11.24 -34.11 -10.00
C VAL C 360 -10.26 -33.80 -11.13
N PHE C 361 -10.21 -32.53 -11.50
CA PHE C 361 -9.24 -32.07 -12.50
C PHE C 361 -7.90 -31.88 -11.81
N ARG C 362 -6.82 -32.23 -12.50
CA ARG C 362 -5.46 -32.30 -11.93
C ARG C 362 -4.43 -31.59 -12.82
N LYS C 363 -3.24 -31.37 -12.27
CA LYS C 363 -2.24 -30.48 -12.90
C LYS C 363 -1.17 -31.23 -13.70
N GLN C 364 -0.72 -32.35 -13.12
CA GLN C 364 0.23 -33.29 -13.74
C GLN C 364 -0.31 -34.71 -13.48
N HIS C 365 0.17 -35.67 -14.25
CA HIS C 365 -0.29 -37.05 -14.24
C HIS C 365 0.43 -37.87 -13.13
N PRO C 366 -0.33 -38.51 -12.22
CA PRO C 366 0.27 -39.19 -11.07
C PRO C 366 0.86 -40.57 -11.39
N TYR C 367 0.41 -41.19 -12.48
CA TYR C 367 0.95 -42.40 -13.04
C TYR C 367 2.11 -42.21 -14.03
N THR C 368 2.76 -43.35 -14.30
CA THR C 368 3.93 -43.40 -15.20
C THR C 368 3.49 -43.70 -16.62
N PHE C 369 4.24 -43.18 -17.57
CA PHE C 369 4.01 -43.41 -19.00
C PHE C 369 5.15 -44.27 -19.53
N PRO C 370 4.89 -45.54 -19.90
CA PRO C 370 5.77 -46.26 -20.84
C PRO C 370 5.94 -45.50 -22.17
N GLY C 371 7.09 -44.85 -22.31
CA GLY C 371 7.35 -43.99 -23.47
C GLY C 371 7.87 -42.58 -23.19
N GLY C 372 7.72 -42.10 -21.96
CA GLY C 372 8.19 -40.78 -21.54
C GLY C 372 7.20 -39.61 -21.78
N SER C 373 5.98 -39.87 -21.44
CA SER C 373 4.90 -38.88 -21.23
C SER C 373 4.63 -38.06 -22.46
N GLY C 374 5.45 -37.06 -22.75
CA GLY C 374 5.22 -36.15 -23.91
C GLY C 374 5.29 -36.87 -25.28
N THR C 375 6.14 -37.90 -25.28
CA THR C 375 6.34 -38.73 -26.47
C THR C 375 5.08 -39.53 -26.81
N VAL C 376 4.49 -40.17 -25.81
CA VAL C 376 3.28 -41.00 -25.99
C VAL C 376 2.08 -40.17 -26.42
N PHE C 377 1.93 -38.99 -25.82
CA PHE C 377 0.87 -38.06 -26.19
C PHE C 377 0.96 -37.70 -27.67
N ALA C 378 2.15 -37.31 -28.09
CA ALA C 378 2.43 -37.03 -29.49
C ALA C 378 2.15 -38.25 -30.40
N ARG C 379 2.55 -39.45 -29.97
CA ARG C 379 2.30 -40.66 -30.76
C ARG C 379 0.82 -40.84 -31.04
N ASN C 380 0.03 -40.81 -29.97
CA ASN C 380 -1.41 -40.99 -30.06
C ASN C 380 -2.03 -39.87 -30.91
N THR C 381 -1.70 -38.64 -30.55
CA THR C 381 -2.25 -37.47 -31.24
C THR C 381 -1.98 -37.57 -32.74
N ARG C 382 -0.76 -37.98 -33.07
CA ARG C 382 -0.37 -38.20 -34.46
C ARG C 382 -1.24 -39.24 -35.14
N ARG C 383 -1.35 -40.41 -34.49
CA ARG C 383 -2.17 -41.52 -34.96
C ARG C 383 -3.61 -41.11 -35.30
N ALA C 384 -4.14 -40.16 -34.54
CA ALA C 384 -5.45 -39.60 -34.80
C ALA C 384 -5.39 -38.67 -36.00
N ALA C 385 -4.48 -37.70 -35.91
CA ALA C 385 -4.32 -36.66 -36.93
C ALA C 385 -4.09 -37.24 -38.33
N GLU C 386 -3.16 -38.18 -38.39
CA GLU C 386 -2.76 -38.84 -39.64
C GLU C 386 -3.88 -39.63 -40.32
N VAL C 387 -4.86 -40.11 -39.54
CA VAL C 387 -6.01 -40.81 -40.09
C VAL C 387 -7.14 -39.88 -40.52
N TRP C 388 -7.42 -38.87 -39.71
CA TRP C 388 -8.70 -38.12 -39.81
C TRP C 388 -8.62 -36.69 -40.34
N MET C 389 -7.49 -36.05 -40.09
CA MET C 389 -7.28 -34.66 -40.46
C MET C 389 -6.95 -34.33 -41.90
N ASP C 390 -6.68 -35.32 -42.75
CA ASP C 390 -6.24 -35.07 -44.13
C ASP C 390 -5.03 -34.06 -44.10
N GLU C 391 -4.95 -33.17 -45.06
CA GLU C 391 -3.85 -32.20 -45.22
C GLU C 391 -3.61 -31.32 -43.97
N TYR C 392 -4.66 -31.08 -43.20
CA TYR C 392 -4.63 -30.15 -42.07
C TYR C 392 -3.78 -30.64 -40.88
N LYS C 393 -3.43 -31.94 -40.90
CA LYS C 393 -2.38 -32.51 -40.06
C LYS C 393 -1.10 -31.67 -40.00
N ASN C 394 -0.82 -30.90 -41.03
CA ASN C 394 0.35 -30.09 -41.18
C ASN C 394 0.31 -28.90 -40.23
N PHE C 395 -0.88 -28.34 -40.03
CA PHE C 395 -1.03 -27.24 -39.11
C PHE C 395 -0.75 -27.68 -37.66
N TYR C 396 -1.01 -28.95 -37.36
CA TYR C 396 -0.60 -29.56 -36.10
C TYR C 396 0.91 -29.66 -36.02
N TYR C 397 1.52 -30.25 -37.04
CA TYR C 397 2.98 -30.35 -37.12
C TYR C 397 3.65 -28.97 -37.14
N ALA C 398 2.96 -27.99 -37.69
CA ALA C 398 3.41 -26.60 -37.65
C ALA C 398 3.46 -26.07 -36.22
N ALA C 399 2.41 -26.36 -35.47
CA ALA C 399 2.30 -25.95 -34.06
C ALA C 399 3.25 -26.74 -33.13
N VAL C 400 3.36 -28.04 -33.38
CA VAL C 400 4.23 -28.94 -32.62
C VAL C 400 5.25 -29.58 -33.58
N PRO C 401 6.31 -28.83 -33.97
CA PRO C 401 7.26 -29.38 -34.95
C PRO C 401 7.90 -30.68 -34.53
N SER C 402 8.22 -30.79 -33.23
CA SER C 402 8.86 -32.00 -32.65
C SER C 402 8.12 -33.32 -33.01
N ALA C 403 6.80 -33.20 -33.13
CA ALA C 403 5.94 -34.34 -33.47
C ALA C 403 6.18 -34.92 -34.83
N ARG C 404 6.66 -34.18 -35.80
CA ARG C 404 7.04 -34.71 -37.14
C ARG C 404 7.97 -35.93 -37.07
N ASN C 405 8.88 -35.94 -36.08
CA ASN C 405 9.62 -37.20 -35.74
C ASN C 405 8.82 -37.96 -34.66
N VAL C 406 9.45 -38.61 -33.69
CA VAL C 406 8.83 -39.66 -32.84
C VAL C 406 7.63 -40.50 -33.42
N PRO C 407 7.92 -41.75 -33.78
CA PRO C 407 7.12 -42.45 -34.81
C PRO C 407 5.76 -42.87 -34.32
N TYR C 408 4.75 -42.76 -35.20
CA TYR C 408 3.37 -43.05 -34.86
C TYR C 408 2.98 -44.45 -35.21
N GLY C 409 3.87 -45.30 -35.77
CA GLY C 409 3.56 -46.69 -36.08
C GLY C 409 2.55 -46.94 -37.21
N ASN C 410 1.97 -48.13 -37.20
CA ASN C 410 1.08 -48.57 -38.27
C ASN C 410 -0.32 -48.06 -38.00
N ILE C 411 -1.02 -47.58 -39.03
CA ILE C 411 -2.41 -47.12 -38.89
C ILE C 411 -3.35 -47.69 -39.96
N GLN C 412 -2.94 -48.76 -40.64
CA GLN C 412 -3.62 -49.22 -41.86
C GLN C 412 -5.07 -49.64 -41.55
N SER C 413 -5.27 -50.30 -40.42
CA SER C 413 -6.60 -50.72 -39.98
C SER C 413 -7.57 -49.55 -39.83
N ARG C 414 -7.12 -48.50 -39.14
CA ARG C 414 -7.93 -47.30 -38.87
C ARG C 414 -8.17 -46.47 -40.09
N LEU C 415 -7.25 -46.49 -41.05
CA LEU C 415 -7.49 -45.85 -42.34
C LEU C 415 -8.55 -46.64 -43.11
N GLU C 416 -8.41 -47.96 -43.10
CA GLU C 416 -9.40 -48.84 -43.72
C GLU C 416 -10.76 -48.61 -43.12
N LEU C 417 -10.84 -48.55 -41.81
CA LEU C 417 -12.07 -48.24 -41.05
C LEU C 417 -12.78 -47.00 -41.60
N ARG C 418 -12.00 -45.93 -41.80
CA ARG C 418 -12.55 -44.70 -42.34
C ARG C 418 -13.27 -44.87 -43.68
N LYS C 419 -12.62 -45.55 -44.61
CA LYS C 419 -13.18 -45.83 -45.95
C LYS C 419 -14.35 -46.80 -45.86
N LYS C 420 -14.22 -47.81 -45.00
CA LYS C 420 -15.27 -48.78 -44.68
C LYS C 420 -16.57 -48.10 -44.23
N LEU C 421 -16.43 -47.07 -43.40
CA LEU C 421 -17.57 -46.29 -42.93
C LEU C 421 -18.09 -45.22 -43.94
N SER C 422 -17.45 -45.12 -45.07
CA SER C 422 -17.43 -43.96 -45.98
C SER C 422 -16.68 -42.82 -45.33
N CYS C 423 -17.33 -42.04 -44.50
CA CYS C 423 -16.74 -40.95 -43.74
C CYS C 423 -16.40 -39.68 -44.53
N LYS C 424 -16.79 -38.52 -44.00
CA LYS C 424 -16.59 -37.23 -44.63
C LYS C 424 -15.19 -36.70 -44.35
N PRO C 425 -14.67 -35.77 -45.19
CA PRO C 425 -13.32 -35.25 -45.02
C PRO C 425 -13.21 -34.17 -43.96
N PHE C 426 -11.99 -33.93 -43.47
CA PHE C 426 -11.79 -32.99 -42.37
C PHE C 426 -12.23 -31.57 -42.71
N LYS C 427 -12.06 -31.17 -43.97
CA LYS C 427 -12.55 -29.87 -44.45
C LYS C 427 -14.05 -29.70 -44.15
N TRP C 428 -14.80 -30.80 -44.26
CA TRP C 428 -16.23 -30.84 -43.89
C TRP C 428 -16.39 -30.52 -42.41
N TYR C 429 -15.67 -31.26 -41.59
CA TYR C 429 -15.69 -31.07 -40.13
C TYR C 429 -15.39 -29.64 -39.76
N LEU C 430 -14.35 -29.07 -40.36
CA LEU C 430 -13.94 -27.71 -40.04
C LEU C 430 -14.98 -26.67 -40.42
N GLU C 431 -15.67 -26.89 -41.54
CA GLU C 431 -16.60 -25.91 -42.06
C GLU C 431 -17.98 -26.03 -41.45
N ASN C 432 -18.39 -27.24 -41.08
CA ASN C 432 -19.74 -27.51 -40.53
C ASN C 432 -19.85 -27.70 -39.02
N VAL C 433 -18.87 -28.39 -38.44
CA VAL C 433 -18.83 -28.69 -37.00
C VAL C 433 -18.06 -27.68 -36.16
N TYR C 434 -16.90 -27.23 -36.62
CA TYR C 434 -16.04 -26.33 -35.81
C TYR C 434 -15.56 -25.11 -36.66
N PRO C 435 -16.51 -24.31 -37.20
CA PRO C 435 -16.14 -23.20 -38.04
C PRO C 435 -15.30 -22.15 -37.32
N GLU C 436 -15.64 -21.94 -36.05
CA GLU C 436 -14.97 -20.88 -35.26
C GLU C 436 -13.45 -21.11 -35.14
N LEU C 437 -12.92 -22.31 -35.40
CA LEU C 437 -11.50 -22.54 -35.39
C LEU C 437 -10.80 -21.74 -36.49
N ARG C 438 -9.89 -20.85 -36.05
CA ARG C 438 -9.07 -20.05 -36.94
C ARG C 438 -8.08 -20.93 -37.73
N VAL C 439 -8.28 -20.99 -39.03
CA VAL C 439 -7.55 -21.87 -39.95
C VAL C 439 -6.75 -21.03 -40.93
N PRO C 440 -5.42 -21.26 -41.07
CA PRO C 440 -4.63 -20.46 -42.05
C PRO C 440 -4.95 -20.79 -43.49
N ASP C 441 -4.76 -19.84 -44.40
CA ASP C 441 -4.91 -20.11 -45.84
C ASP C 441 -3.73 -21.01 -46.28
N HIS C 442 -3.97 -22.06 -47.09
CA HIS C 442 -2.87 -23.06 -47.25
C HIS C 442 -1.68 -22.47 -48.00
N GLN C 443 -1.81 -21.30 -48.63
CA GLN C 443 -0.67 -20.49 -49.15
C GLN C 443 -0.19 -19.38 -48.15
N ASP C 444 -0.42 -19.54 -46.87
CA ASP C 444 0.31 -18.83 -45.80
C ASP C 444 1.63 -19.51 -45.55
N ILE C 445 2.58 -18.77 -45.01
CA ILE C 445 3.96 -19.23 -44.68
C ILE C 445 4.08 -19.48 -43.19
N ALA C 446 3.53 -18.56 -42.41
CA ALA C 446 3.43 -18.72 -40.96
C ALA C 446 2.07 -18.20 -40.52
N PHE C 447 1.72 -18.49 -39.28
CA PHE C 447 0.42 -18.13 -38.73
C PHE C 447 0.44 -18.13 -37.22
N GLY C 448 -0.55 -17.48 -36.63
CA GLY C 448 -0.85 -17.52 -35.20
C GLY C 448 -0.56 -16.16 -34.58
N ALA C 449 -0.01 -16.18 -33.36
CA ALA C 449 0.52 -15.00 -32.76
C ALA C 449 1.99 -14.90 -33.07
N LEU C 450 2.54 -13.69 -32.90
CA LEU C 450 3.95 -13.44 -33.07
C LEU C 450 4.58 -13.12 -31.71
N GLN C 451 5.26 -14.11 -31.15
CA GLN C 451 5.70 -14.09 -29.76
C GLN C 451 7.12 -13.60 -29.57
N GLN C 452 7.30 -12.75 -28.55
CA GLN C 452 8.59 -12.31 -28.08
C GLN C 452 8.54 -12.32 -26.53
N GLY C 453 9.02 -13.42 -25.95
CA GLY C 453 9.01 -13.61 -24.51
C GLY C 453 7.58 -13.96 -24.14
N THR C 454 7.09 -13.25 -23.13
CA THR C 454 5.63 -13.33 -22.77
C THR C 454 4.78 -12.45 -23.70
N ASN C 455 5.38 -11.40 -24.27
CA ASN C 455 4.71 -10.48 -25.14
C ASN C 455 4.42 -11.04 -26.51
N CYS C 456 3.29 -10.62 -27.10
CA CYS C 456 2.89 -10.90 -28.44
C CYS C 456 2.62 -9.62 -29.23
N LEU C 457 2.74 -9.71 -30.55
CA LEU C 457 2.44 -8.58 -31.44
C LEU C 457 0.95 -8.26 -31.39
N ASP C 458 0.63 -7.09 -30.86
CA ASP C 458 -0.77 -6.69 -30.56
C ASP C 458 -1.03 -5.39 -31.35
N THR C 459 -2.25 -5.27 -31.88
CA THR C 459 -2.65 -4.10 -32.63
C THR C 459 -3.08 -2.95 -31.75
N LEU C 460 -3.49 -3.30 -30.54
CA LEU C 460 -3.87 -2.31 -29.49
C LEU C 460 -5.10 -1.56 -29.94
N GLY C 461 -6.00 -2.26 -30.61
CA GLY C 461 -7.22 -1.69 -31.17
C GLY C 461 -7.01 -0.69 -32.27
N HIS C 462 -5.80 -0.53 -32.78
CA HIS C 462 -5.48 0.49 -33.78
C HIS C 462 -5.94 -0.04 -35.13
N PHE C 463 -6.46 0.86 -35.96
CA PHE C 463 -6.95 0.53 -37.30
C PHE C 463 -5.89 0.97 -38.29
N ALA C 464 -6.27 1.16 -39.57
CA ALA C 464 -5.36 1.68 -40.58
C ALA C 464 -4.77 3.01 -40.13
N ASP C 465 -3.54 3.29 -40.60
CA ASP C 465 -2.71 4.41 -40.12
C ASP C 465 -2.32 4.39 -38.67
N GLY C 466 -2.52 3.26 -37.97
CA GLY C 466 -2.16 3.15 -36.55
C GLY C 466 -0.79 2.60 -36.28
N VAL C 467 -0.24 2.86 -35.11
CA VAL C 467 1.01 2.17 -34.72
C VAL C 467 0.65 0.78 -34.23
N VAL C 468 1.55 -0.17 -34.47
CA VAL C 468 1.44 -1.50 -33.90
C VAL C 468 2.33 -1.60 -32.66
N GLY C 469 2.00 -2.50 -31.75
CA GLY C 469 2.81 -2.71 -30.53
C GLY C 469 2.96 -4.10 -30.00
N VAL C 470 3.55 -4.19 -28.81
CA VAL C 470 3.63 -5.45 -28.05
C VAL C 470 2.85 -5.32 -26.74
N TYR C 471 2.27 -6.42 -26.33
CA TYR C 471 1.45 -6.49 -25.14
C TYR C 471 1.49 -7.93 -24.69
N GLU C 472 1.54 -8.21 -23.39
CA GLU C 472 1.70 -9.59 -22.92
C GLU C 472 0.67 -10.52 -23.58
N CYS C 473 1.09 -11.73 -23.93
CA CYS C 473 0.26 -12.57 -24.81
C CYS C 473 -0.90 -13.19 -24.07
N HIS C 474 -2.14 -12.94 -24.52
CA HIS C 474 -3.32 -13.58 -23.95
C HIS C 474 -3.77 -14.81 -24.73
N ASN C 475 -2.91 -15.35 -25.62
CA ASN C 475 -3.21 -16.53 -26.44
C ASN C 475 -4.65 -16.77 -26.96
N ALA C 476 -5.47 -15.72 -27.07
CA ALA C 476 -6.89 -15.83 -27.35
C ALA C 476 -7.39 -15.21 -28.67
N GLY C 477 -6.45 -14.76 -29.51
CA GLY C 477 -6.71 -14.32 -30.85
C GLY C 477 -6.80 -12.80 -31.05
N GLY C 478 -7.73 -12.41 -31.91
CA GLY C 478 -8.13 -11.02 -32.11
C GLY C 478 -7.05 -10.05 -32.52
N ASN C 479 -6.84 -9.08 -31.67
CA ASN C 479 -5.74 -8.11 -31.76
C ASN C 479 -4.33 -8.72 -31.87
N GLN C 480 -4.17 -9.99 -31.53
CA GLN C 480 -2.89 -10.69 -31.61
C GLN C 480 -2.80 -11.84 -32.64
N GLU C 481 -3.78 -11.87 -33.59
CA GLU C 481 -3.74 -12.79 -34.68
C GLU C 481 -2.99 -12.19 -35.87
N TRP C 482 -2.07 -12.97 -36.41
CA TRP C 482 -1.23 -12.55 -37.52
C TRP C 482 -0.96 -13.70 -38.46
N ALA C 483 -0.76 -13.37 -39.73
CA ALA C 483 -0.32 -14.33 -40.72
C ALA C 483 0.90 -13.76 -41.42
N LEU C 484 1.71 -14.63 -41.99
CA LEU C 484 2.78 -14.25 -42.90
C LEU C 484 2.48 -14.88 -44.23
N THR C 485 2.05 -14.07 -45.18
CA THR C 485 1.49 -14.56 -46.45
C THR C 485 2.52 -14.96 -47.49
N LYS C 486 2.09 -15.69 -48.50
CA LYS C 486 2.91 -15.99 -49.70
C LYS C 486 3.34 -14.70 -50.41
N GLU C 487 2.49 -13.68 -50.38
CA GLU C 487 2.80 -12.33 -50.86
C GLU C 487 3.88 -11.58 -50.01
N LYS C 488 4.42 -12.26 -48.99
CA LYS C 488 5.54 -11.81 -48.16
C LYS C 488 5.14 -10.77 -47.11
N SER C 489 3.89 -10.70 -46.71
CA SER C 489 3.37 -9.65 -45.84
C SER C 489 2.93 -10.13 -44.49
N VAL C 490 3.12 -9.31 -43.47
CA VAL C 490 2.76 -9.68 -42.10
C VAL C 490 1.39 -9.04 -41.87
N LYS C 491 0.35 -9.85 -41.96
CA LYS C 491 -1.03 -9.37 -42.05
C LYS C 491 -1.88 -9.77 -40.85
N HIS C 492 -2.65 -8.79 -40.36
CA HIS C 492 -3.73 -8.99 -39.40
C HIS C 492 -5.01 -8.54 -40.04
N MET C 493 -5.98 -9.45 -40.18
CA MET C 493 -7.28 -9.15 -40.84
C MET C 493 -6.95 -8.79 -42.32
N ASP C 494 -7.31 -7.58 -42.79
CA ASP C 494 -6.87 -7.07 -44.11
C ASP C 494 -5.89 -5.90 -43.99
N LEU C 495 -5.25 -5.75 -42.83
CA LEU C 495 -4.27 -4.71 -42.59
C LEU C 495 -2.91 -5.39 -42.46
N CYS C 496 -1.88 -4.82 -43.08
CA CYS C 496 -0.52 -5.38 -43.06
C CYS C 496 0.47 -4.38 -42.42
N LEU C 497 1.57 -4.92 -41.93
CA LEU C 497 2.61 -4.11 -41.32
C LEU C 497 3.25 -3.37 -42.43
N THR C 498 3.44 -2.06 -42.28
CA THR C 498 4.01 -1.24 -43.34
C THR C 498 5.20 -0.44 -42.84
N VAL C 499 6.31 -0.52 -43.59
CA VAL C 499 7.46 0.33 -43.32
C VAL C 499 7.33 1.65 -44.08
N VAL C 500 6.74 2.63 -43.38
CA VAL C 500 6.55 3.95 -43.96
C VAL C 500 7.85 4.72 -44.17
N ASP C 501 8.81 4.48 -43.29
CA ASP C 501 10.06 5.29 -43.28
C ASP C 501 11.26 4.38 -43.03
N ARG C 502 12.14 4.29 -44.02
CA ARG C 502 13.31 3.42 -43.96
C ARG C 502 14.41 3.81 -42.99
N ALA C 503 14.35 5.01 -42.40
CA ALA C 503 15.44 5.44 -41.50
C ALA C 503 15.36 4.61 -40.23
N PRO C 504 16.50 4.14 -39.69
CA PRO C 504 16.51 3.44 -38.40
C PRO C 504 15.87 4.23 -37.27
N GLY C 505 15.05 3.53 -36.47
CA GLY C 505 14.28 4.13 -35.38
C GLY C 505 12.86 4.52 -35.72
N SER C 506 12.53 4.47 -37.01
CA SER C 506 11.22 4.85 -37.52
C SER C 506 10.12 3.90 -37.10
N LEU C 507 8.97 4.48 -36.75
CA LEU C 507 7.78 3.71 -36.39
C LEU C 507 7.21 3.07 -37.65
N ILE C 508 6.65 1.88 -37.45
CA ILE C 508 5.94 1.21 -38.53
C ILE C 508 4.46 1.47 -38.25
N LYS C 509 3.74 1.59 -39.37
CA LYS C 509 2.31 1.85 -39.34
C LYS C 509 1.54 0.71 -40.01
N LEU C 510 0.36 0.48 -39.49
CA LEU C 510 -0.57 -0.52 -39.97
C LEU C 510 -1.37 0.08 -41.11
N GLN C 511 -1.32 -0.53 -42.30
CA GLN C 511 -2.05 -0.03 -43.47
C GLN C 511 -2.82 -1.13 -44.18
N GLY C 512 -3.73 -0.71 -45.05
CA GLY C 512 -4.48 -1.62 -45.91
C GLY C 512 -3.50 -2.41 -46.78
N CYS C 513 -3.78 -3.71 -46.94
CA CYS C 513 -2.87 -4.62 -47.61
C CYS C 513 -3.03 -4.46 -49.13
N ARG C 514 -1.91 -4.14 -49.78
CA ARG C 514 -1.79 -4.14 -51.23
C ARG C 514 -0.66 -5.07 -51.68
N GLU C 515 -0.95 -6.08 -52.51
CA GLU C 515 0.04 -7.11 -52.88
C GLU C 515 1.27 -6.61 -53.69
N ASN C 516 1.29 -5.33 -54.03
CA ASN C 516 2.31 -4.66 -54.84
C ASN C 516 3.15 -3.64 -54.10
N ASP C 517 2.88 -3.33 -52.81
CA ASP C 517 3.68 -2.36 -52.03
C ASP C 517 4.88 -3.07 -51.44
N SER C 518 6.07 -2.74 -51.92
CA SER C 518 7.34 -3.30 -51.37
C SER C 518 7.58 -2.96 -49.88
N ARG C 519 6.92 -1.91 -49.40
CA ARG C 519 7.03 -1.47 -48.01
C ARG C 519 6.28 -2.39 -47.02
N GLN C 520 5.33 -3.16 -47.54
CA GLN C 520 4.53 -4.14 -46.77
C GLN C 520 5.07 -5.60 -46.83
N LYS C 521 6.27 -5.77 -47.38
CA LYS C 521 6.89 -7.05 -47.57
C LYS C 521 7.95 -7.32 -46.48
N TRP C 522 7.86 -8.51 -45.86
CA TRP C 522 8.93 -9.10 -45.09
C TRP C 522 9.46 -10.46 -45.53
N GLU C 523 10.60 -10.79 -44.93
CA GLU C 523 11.17 -12.14 -44.99
C GLU C 523 11.61 -12.54 -43.57
N GLN C 524 11.52 -13.85 -43.30
CA GLN C 524 12.01 -14.46 -42.07
C GLN C 524 13.48 -14.87 -42.28
N ILE C 525 14.36 -14.45 -41.35
CA ILE C 525 15.78 -14.72 -41.49
C ILE C 525 16.38 -15.29 -40.22
N GLU C 526 17.66 -15.71 -40.34
CA GLU C 526 18.44 -16.25 -39.25
C GLU C 526 17.68 -17.40 -38.61
N GLY C 527 17.28 -18.38 -39.41
CA GLY C 527 16.53 -19.53 -39.00
C GLY C 527 15.21 -19.30 -38.29
N ASN C 528 14.34 -18.52 -38.96
CA ASN C 528 12.97 -18.23 -38.45
C ASN C 528 12.89 -17.46 -37.13
N SER C 529 13.97 -16.77 -36.77
CA SER C 529 14.01 -16.07 -35.47
C SER C 529 13.77 -14.57 -35.64
N LYS C 530 14.29 -14.03 -36.73
CA LYS C 530 14.18 -12.61 -37.01
C LYS C 530 13.15 -12.42 -38.11
N LEU C 531 12.82 -11.15 -38.31
CA LEU C 531 11.78 -10.76 -39.25
C LEU C 531 12.25 -9.50 -39.96
N ARG C 532 12.84 -9.70 -41.14
CA ARG C 532 13.58 -8.65 -41.85
C ARG C 532 12.74 -8.08 -42.96
N HIS C 533 12.76 -6.74 -43.09
CA HIS C 533 12.05 -6.05 -44.16
C HIS C 533 12.81 -6.30 -45.45
N VAL C 534 12.07 -6.82 -46.46
CA VAL C 534 12.75 -7.33 -47.67
C VAL C 534 13.22 -6.14 -48.48
N GLY C 535 14.31 -6.33 -49.22
CA GLY C 535 14.93 -5.26 -50.02
C GLY C 535 15.51 -4.16 -49.13
N SER C 536 16.05 -4.55 -47.99
CA SER C 536 16.50 -3.63 -46.97
C SER C 536 17.53 -4.25 -46.02
N ASN C 537 18.11 -3.42 -45.18
CA ASN C 537 18.97 -3.85 -44.07
C ASN C 537 18.26 -3.69 -42.71
N LEU C 538 16.95 -3.91 -42.72
CA LEU C 538 16.06 -3.46 -41.61
C LEU C 538 15.19 -4.55 -41.05
N CYS C 539 15.04 -4.61 -39.72
CA CYS C 539 14.36 -5.72 -39.03
C CYS C 539 13.34 -5.20 -38.03
N LEU C 540 12.23 -5.91 -37.87
CA LEU C 540 11.18 -5.55 -36.91
C LEU C 540 11.73 -5.61 -35.50
N ASP C 541 11.49 -4.57 -34.71
CA ASP C 541 12.23 -4.35 -33.46
C ASP C 541 11.36 -3.73 -32.38
N SER C 542 11.42 -4.21 -31.14
CA SER C 542 10.67 -3.71 -30.00
C SER C 542 11.39 -2.74 -29.07
N ARG C 543 12.55 -2.22 -29.43
CA ARG C 543 13.21 -1.12 -28.74
C ARG C 543 12.32 0.07 -28.37
N THR C 544 11.55 0.48 -29.37
CA THR C 544 10.63 1.67 -29.23
C THR C 544 9.23 1.32 -28.69
N ALA C 545 8.90 0.03 -28.61
CA ALA C 545 7.56 -0.44 -28.38
C ALA C 545 6.85 0.28 -27.23
N LYS C 546 7.54 0.36 -26.09
CA LYS C 546 7.01 1.03 -24.90
C LYS C 546 6.85 2.54 -25.06
N SER C 547 7.76 3.14 -25.83
CA SER C 547 7.75 4.62 -25.92
C SER C 547 6.51 5.12 -26.72
N GLY C 548 6.51 4.80 -27.99
CA GLY C 548 5.35 5.10 -28.87
C GLY C 548 4.76 3.78 -29.36
N GLY C 549 5.36 3.30 -30.43
CA GLY C 549 5.04 2.01 -31.05
C GLY C 549 6.32 1.24 -31.41
N LEU C 550 6.09 0.09 -32.02
CA LEU C 550 7.13 -0.78 -32.59
C LEU C 550 7.82 -0.08 -33.71
N SER C 551 9.10 -0.36 -33.86
CA SER C 551 9.87 0.29 -34.93
C SER C 551 10.53 -0.71 -35.88
N VAL C 552 10.93 -0.17 -37.02
CA VAL C 552 11.85 -0.82 -37.93
C VAL C 552 13.22 -0.22 -37.56
N GLU C 553 14.21 -1.09 -37.39
CA GLU C 553 15.49 -0.72 -36.77
C GLU C 553 16.65 -1.26 -37.60
N VAL C 554 17.81 -0.77 -37.25
CA VAL C 554 19.07 -0.99 -37.92
C VAL C 554 19.45 -2.44 -38.19
N CYS C 555 18.97 -3.40 -37.40
CA CYS C 555 18.96 -4.82 -37.78
C CYS C 555 20.34 -5.43 -37.61
N GLY C 556 20.48 -6.13 -36.51
CA GLY C 556 21.72 -6.77 -36.07
C GLY C 556 21.45 -7.49 -34.75
N PRO C 557 22.51 -7.86 -33.98
CA PRO C 557 22.40 -8.64 -32.75
C PRO C 557 21.67 -7.97 -31.58
N ALA C 558 20.36 -7.82 -31.74
CA ALA C 558 19.51 -7.06 -30.76
C ALA C 558 18.91 -7.72 -29.53
N LEU C 559 18.17 -8.79 -29.68
CA LEU C 559 17.31 -9.37 -28.66
C LEU C 559 15.93 -8.78 -28.72
N SER C 560 15.76 -7.49 -29.01
CA SER C 560 14.46 -6.87 -29.35
C SER C 560 13.92 -7.28 -30.73
N GLN C 561 14.76 -7.81 -31.59
CA GLN C 561 14.39 -8.25 -32.94
C GLN C 561 13.99 -9.71 -33.05
N GLN C 562 13.86 -10.39 -31.90
CA GLN C 562 13.55 -11.83 -31.88
C GLN C 562 12.05 -12.12 -31.91
N TRP C 563 11.61 -12.87 -32.95
CA TRP C 563 10.19 -13.17 -33.10
C TRP C 563 9.94 -14.62 -33.48
N LYS C 564 9.11 -15.29 -32.69
CA LYS C 564 8.70 -16.66 -33.02
C LYS C 564 7.20 -16.66 -33.34
N PHE C 565 6.89 -17.02 -34.58
CA PHE C 565 5.51 -17.33 -34.97
C PHE C 565 5.12 -18.68 -34.37
N THR C 566 3.93 -18.76 -33.76
CA THR C 566 3.42 -19.99 -33.15
C THR C 566 3.26 -21.17 -34.11
N LEU C 567 2.87 -20.89 -35.34
CA LEU C 567 2.80 -21.89 -36.45
C LEU C 567 3.74 -21.49 -37.58
N ASN C 568 4.66 -22.36 -38.00
CA ASN C 568 5.49 -22.19 -39.16
C ASN C 568 5.28 -23.31 -40.17
N LEU C 569 5.37 -22.96 -41.44
CA LEU C 569 5.12 -23.94 -42.54
C LEU C 569 5.85 -23.53 -43.83
N LYS D 75 72.70 19.60 -29.11
CA LYS D 75 71.21 19.74 -29.01
C LYS D 75 70.63 20.67 -30.13
N VAL D 76 69.30 20.80 -30.19
CA VAL D 76 68.57 21.15 -31.43
C VAL D 76 67.16 21.64 -31.07
N ARG D 77 66.67 22.67 -31.73
CA ARG D 77 65.37 23.26 -31.44
C ARG D 77 64.25 22.32 -31.88
N TRP D 78 63.10 22.41 -31.23
CA TRP D 78 62.04 21.44 -31.47
C TRP D 78 61.51 21.40 -32.92
N PRO D 79 61.41 22.56 -33.62
CA PRO D 79 60.93 22.49 -35.00
C PRO D 79 61.94 21.82 -35.97
N ASP D 80 63.22 21.90 -35.64
CA ASP D 80 64.28 21.26 -36.41
C ASP D 80 64.39 19.75 -36.07
N PHE D 81 63.68 19.28 -35.04
CA PHE D 81 63.61 17.87 -34.75
C PHE D 81 62.89 17.10 -35.85
N ASN D 82 63.36 15.88 -36.13
CA ASN D 82 62.95 15.12 -37.27
C ASN D 82 61.77 14.18 -36.96
N GLN D 83 60.59 14.75 -36.96
CA GLN D 83 59.31 14.08 -36.82
C GLN D 83 59.23 12.83 -37.68
N GLU D 84 59.35 12.98 -39.00
CA GLU D 84 59.06 11.86 -39.92
C GLU D 84 60.00 10.67 -39.70
N ALA D 85 61.26 10.89 -39.34
CA ALA D 85 62.19 9.85 -39.02
C ALA D 85 61.90 9.09 -37.75
N TYR D 86 61.61 9.83 -36.69
CA TYR D 86 61.40 9.26 -35.35
C TYR D 86 60.10 8.47 -35.34
N VAL D 87 58.95 9.12 -35.56
CA VAL D 87 57.67 8.41 -35.62
C VAL D 87 57.74 7.31 -36.70
N GLY D 88 58.58 7.51 -37.71
CA GLY D 88 58.81 6.57 -38.80
C GLY D 88 59.23 5.16 -38.47
N GLY D 89 60.25 5.04 -37.62
CA GLY D 89 60.70 3.75 -37.14
C GLY D 89 59.83 2.93 -36.21
N THR D 90 58.58 3.36 -35.88
CA THR D 90 57.67 2.67 -35.03
C THR D 90 56.19 2.85 -35.41
N MET D 91 55.88 2.77 -36.71
CA MET D 91 54.54 3.04 -37.23
C MET D 91 53.95 1.84 -37.95
N VAL D 92 52.62 1.74 -37.87
CA VAL D 92 51.87 0.58 -38.34
C VAL D 92 52.14 0.26 -39.81
N ARG D 93 52.77 -0.88 -40.05
CA ARG D 93 52.97 -1.38 -41.40
C ARG D 93 51.67 -1.98 -41.98
N SER D 94 50.79 -1.13 -42.49
CA SER D 94 49.65 -1.50 -43.35
C SER D 94 48.54 -2.16 -42.53
N GLY D 95 48.15 -3.40 -42.89
CA GLY D 95 46.99 -4.08 -42.28
C GLY D 95 47.19 -4.66 -40.90
N GLN D 96 48.25 -4.24 -40.21
CA GLN D 96 48.51 -4.54 -38.80
C GLN D 96 47.63 -3.69 -37.84
N ASP D 97 47.26 -4.28 -36.71
CA ASP D 97 46.31 -3.69 -35.78
C ASP D 97 46.90 -2.46 -35.06
N PRO D 98 46.33 -1.24 -35.29
CA PRO D 98 46.83 -0.04 -34.61
C PRO D 98 46.64 0.02 -33.10
N TYR D 99 45.53 -0.57 -32.60
CA TYR D 99 45.16 -0.37 -31.18
C TYR D 99 45.91 -1.25 -30.15
N ALA D 100 46.80 -2.09 -30.64
CA ALA D 100 47.46 -3.07 -29.81
C ALA D 100 48.46 -2.50 -28.79
N ARG D 101 49.44 -1.76 -29.29
CA ARG D 101 50.61 -1.41 -28.48
C ARG D 101 50.27 -0.32 -27.47
N ASN D 102 49.30 0.55 -27.74
CA ASN D 102 48.93 1.65 -26.80
C ASN D 102 47.46 1.89 -27.01
N LYS D 103 46.61 1.29 -26.25
CA LYS D 103 45.13 1.12 -26.60
C LYS D 103 44.40 2.39 -27.11
N PHE D 104 44.95 2.93 -28.19
CA PHE D 104 44.40 4.03 -28.97
C PHE D 104 44.90 3.84 -30.40
N ASN D 105 44.24 4.53 -31.31
CA ASN D 105 44.55 4.43 -32.74
C ASN D 105 45.88 5.04 -33.10
N GLN D 106 46.94 4.24 -33.11
CA GLN D 106 48.27 4.75 -33.39
C GLN D 106 48.41 5.37 -34.80
N VAL D 107 47.68 4.84 -35.78
CA VAL D 107 47.80 5.32 -37.14
C VAL D 107 47.36 6.78 -37.21
N GLU D 108 46.21 7.05 -36.62
CA GLU D 108 45.68 8.42 -36.58
C GLU D 108 46.54 9.39 -35.77
N SER D 109 47.12 8.90 -34.69
CA SER D 109 48.10 9.64 -33.88
C SER D 109 49.32 10.01 -34.69
N ASP D 110 49.89 8.98 -35.32
CA ASP D 110 51.08 9.15 -36.15
C ASP D 110 50.87 10.12 -37.30
N LYS D 111 49.68 10.09 -37.92
CA LYS D 111 49.30 11.00 -39.00
C LYS D 111 49.48 12.49 -38.68
N LEU D 112 49.20 12.86 -37.42
CA LEU D 112 49.25 14.27 -37.05
C LEU D 112 50.62 14.87 -36.89
N ARG D 113 50.73 16.16 -37.21
CA ARG D 113 51.91 16.97 -37.00
C ARG D 113 52.28 17.04 -35.50
N MET D 114 53.55 17.27 -35.24
CA MET D 114 54.08 17.46 -33.87
C MET D 114 53.41 18.62 -33.16
N ASP D 115 53.32 19.71 -33.91
CA ASP D 115 52.77 21.00 -33.35
C ASP D 115 51.44 21.28 -33.97
N ARG D 116 50.67 20.23 -34.18
CA ARG D 116 49.30 20.29 -34.75
C ARG D 116 48.43 21.41 -34.16
N ALA D 117 47.59 22.02 -35.00
CA ALA D 117 46.63 23.02 -34.59
C ALA D 117 45.50 22.37 -33.82
N ILE D 118 45.18 22.98 -32.68
CA ILE D 118 44.11 22.51 -31.81
C ILE D 118 43.26 23.71 -31.45
N PRO D 119 41.93 23.52 -31.26
CA PRO D 119 41.06 24.68 -31.03
C PRO D 119 41.24 25.23 -29.63
N ASP D 120 41.16 26.55 -29.51
CA ASP D 120 41.30 27.19 -28.22
C ASP D 120 40.00 26.97 -27.46
N THR D 121 40.01 25.98 -26.56
CA THR D 121 38.84 25.53 -25.83
C THR D 121 38.64 26.26 -24.50
N ARG D 122 39.36 27.38 -24.26
CA ARG D 122 39.22 28.10 -23.05
C ARG D 122 37.97 28.98 -23.07
N HIS D 123 37.48 29.36 -21.89
CA HIS D 123 36.43 30.34 -21.79
C HIS D 123 36.86 31.64 -22.44
N ASP D 124 35.91 32.36 -23.04
CA ASP D 124 36.25 33.59 -23.71
C ASP D 124 36.93 34.59 -22.77
N GLN D 125 36.51 34.61 -21.50
CA GLN D 125 37.18 35.43 -20.47
C GLN D 125 38.70 35.22 -20.29
N CYS D 126 39.21 34.04 -20.63
CA CYS D 126 40.63 33.73 -20.57
C CYS D 126 41.34 34.18 -21.82
N GLN D 127 40.69 33.97 -22.95
CA GLN D 127 41.20 34.37 -24.25
C GLN D 127 41.51 35.88 -24.40
N ARG D 128 40.97 36.73 -23.52
CA ARG D 128 41.36 38.14 -23.38
C ARG D 128 42.40 38.41 -22.24
N LYS D 129 42.09 38.05 -21.00
CA LYS D 129 42.92 38.32 -19.85
C LYS D 129 44.43 38.03 -20.04
N GLN D 130 45.19 39.06 -20.37
CA GLN D 130 46.65 38.98 -20.44
C GLN D 130 47.26 38.38 -19.19
N TRP D 131 48.32 37.58 -19.42
CA TRP D 131 48.83 36.64 -18.40
C TRP D 131 50.16 37.07 -17.85
N ARG D 132 50.27 37.17 -16.53
CA ARG D 132 51.54 37.42 -15.83
C ARG D 132 52.60 36.45 -16.36
N VAL D 133 53.81 36.94 -16.65
CA VAL D 133 54.88 36.09 -17.20
C VAL D 133 56.20 36.14 -16.46
N ASP D 134 56.35 37.05 -15.51
CA ASP D 134 57.51 37.02 -14.56
C ASP D 134 57.23 36.06 -13.41
N LEU D 135 57.15 34.76 -13.77
CA LEU D 135 56.88 33.68 -12.88
C LEU D 135 58.12 32.77 -12.75
N PRO D 136 58.09 31.84 -11.79
CA PRO D 136 59.22 30.93 -11.66
C PRO D 136 59.22 29.87 -12.71
N ALA D 137 60.41 29.45 -13.10
CA ALA D 137 60.61 28.40 -14.11
C ALA D 137 60.42 27.01 -13.58
N THR D 138 59.74 26.13 -14.34
CA THR D 138 59.41 24.78 -13.91
C THR D 138 60.14 23.67 -14.64
N SER D 139 60.42 22.60 -13.90
CA SER D 139 60.92 21.36 -14.45
C SER D 139 59.70 20.47 -14.76
N VAL D 140 59.50 20.22 -16.05
CA VAL D 140 58.35 19.45 -16.49
C VAL D 140 58.72 17.97 -16.53
N VAL D 141 58.01 17.18 -15.74
CA VAL D 141 58.28 15.73 -15.59
C VAL D 141 57.26 14.86 -16.32
N ILE D 142 57.71 14.20 -17.39
CA ILE D 142 56.86 13.33 -18.16
C ILE D 142 57.41 11.91 -18.03
N THR D 143 56.56 10.99 -17.62
CA THR D 143 56.99 9.61 -17.35
C THR D 143 56.23 8.70 -18.27
N PHE D 144 56.88 7.63 -18.73
CA PHE D 144 56.30 6.75 -19.77
C PHE D 144 56.92 5.33 -19.81
N HIS D 145 56.04 4.37 -20.13
CA HIS D 145 56.43 2.99 -20.39
C HIS D 145 55.78 2.56 -21.71
N ASN D 146 56.59 2.47 -22.75
CA ASN D 146 56.18 2.11 -24.12
C ASN D 146 55.10 2.98 -24.68
N GLU D 147 55.35 4.28 -24.61
CA GLU D 147 54.40 5.26 -25.21
C GLU D 147 54.59 5.24 -26.70
N ALA D 148 53.56 5.68 -27.41
CA ALA D 148 53.63 5.92 -28.86
C ALA D 148 54.53 7.12 -29.11
N ARG D 149 55.55 6.94 -29.96
CA ARG D 149 56.47 8.03 -30.30
C ARG D 149 55.77 9.32 -30.72
N SER D 150 54.71 9.20 -31.55
CA SER D 150 53.94 10.37 -31.97
C SER D 150 53.36 11.14 -30.79
N ALA D 151 52.77 10.41 -29.86
CA ALA D 151 52.08 10.98 -28.69
C ALA D 151 53.05 11.62 -27.69
N LEU D 152 54.15 10.92 -27.46
CA LEU D 152 55.20 11.40 -26.58
C LEU D 152 55.79 12.69 -27.12
N LEU D 153 56.13 12.69 -28.40
CA LEU D 153 56.69 13.87 -29.05
C LEU D 153 55.76 15.05 -28.98
N ARG D 154 54.52 14.84 -29.42
CA ARG D 154 53.47 15.87 -29.37
C ARG D 154 53.33 16.51 -27.99
N THR D 155 53.43 15.71 -26.95
CA THR D 155 53.40 16.19 -25.57
C THR D 155 54.54 17.16 -25.36
N VAL D 156 55.76 16.67 -25.56
CA VAL D 156 56.99 17.44 -25.36
C VAL D 156 56.96 18.76 -26.13
N VAL D 157 56.62 18.68 -27.43
CA VAL D 157 56.60 19.87 -28.25
C VAL D 157 55.53 20.86 -27.79
N SER D 158 54.35 20.35 -27.40
CA SER D 158 53.26 21.22 -26.93
C SER D 158 53.66 22.04 -25.72
N VAL D 159 54.45 21.43 -24.84
CA VAL D 159 55.04 22.15 -23.69
C VAL D 159 55.93 23.31 -24.15
N LEU D 160 56.83 23.03 -25.07
CA LEU D 160 57.83 23.97 -25.56
C LEU D 160 57.20 25.05 -26.43
N LYS D 161 56.32 24.64 -27.34
CA LYS D 161 55.63 25.59 -28.22
C LYS D 161 54.71 26.55 -27.48
N LYS D 162 53.96 26.07 -26.50
CA LYS D 162 52.93 26.88 -25.84
C LYS D 162 53.38 27.58 -24.56
N SER D 163 54.49 27.14 -23.99
CA SER D 163 55.06 27.78 -22.80
C SER D 163 56.10 28.81 -23.19
N PRO D 164 56.10 29.99 -22.53
CA PRO D 164 57.21 30.94 -22.74
C PRO D 164 58.55 30.35 -22.35
N PRO D 165 59.58 30.42 -23.19
CA PRO D 165 60.90 29.79 -22.96
C PRO D 165 61.55 29.96 -21.61
N HIS D 166 61.39 31.13 -21.00
CA HIS D 166 62.00 31.41 -19.69
C HIS D 166 61.32 30.68 -18.54
N LEU D 167 60.10 30.24 -18.74
CA LEU D 167 59.38 29.41 -17.75
C LEU D 167 59.70 27.91 -17.81
N ILE D 168 60.32 27.43 -18.87
CA ILE D 168 60.66 26.01 -19.01
C ILE D 168 62.14 25.85 -18.74
N LYS D 169 62.51 25.44 -17.53
CA LYS D 169 63.90 25.19 -17.22
C LYS D 169 64.39 23.98 -17.98
N GLU D 170 63.63 22.91 -17.89
CA GLU D 170 64.00 21.63 -18.51
C GLU D 170 62.78 20.71 -18.58
N ILE D 171 62.83 19.78 -19.53
CA ILE D 171 61.83 18.74 -19.67
C ILE D 171 62.54 17.43 -19.28
N ILE D 172 62.11 16.83 -18.18
CA ILE D 172 62.68 15.58 -17.72
C ILE D 172 61.79 14.44 -18.22
N LEU D 173 62.34 13.61 -19.12
CA LEU D 173 61.69 12.41 -19.56
C LEU D 173 62.17 11.22 -18.75
N VAL D 174 61.25 10.56 -18.04
CA VAL D 174 61.58 9.35 -17.28
C VAL D 174 61.06 8.14 -18.04
N ASP D 175 61.95 7.49 -18.77
CA ASP D 175 61.70 6.20 -19.43
C ASP D 175 61.60 5.12 -18.34
N ASP D 176 60.38 4.71 -18.03
CA ASP D 176 60.15 3.61 -17.07
C ASP D 176 60.25 2.25 -17.74
N TYR D 177 61.49 1.83 -17.99
CA TYR D 177 61.80 0.51 -18.52
C TYR D 177 61.00 0.16 -19.77
N SER D 178 61.00 1.09 -20.73
CA SER D 178 60.36 0.84 -22.05
C SER D 178 61.23 -0.12 -22.79
N ASN D 179 60.62 -1.01 -23.59
CA ASN D 179 61.35 -2.00 -24.39
C ASN D 179 62.54 -1.39 -25.17
N ASP D 180 62.24 -0.36 -25.98
CA ASP D 180 63.24 0.39 -26.71
C ASP D 180 63.66 1.65 -25.96
N PRO D 181 64.89 1.70 -25.40
CA PRO D 181 65.41 2.97 -24.80
C PRO D 181 65.45 4.18 -25.77
N GLU D 182 65.53 3.86 -27.06
CA GLU D 182 65.55 4.87 -28.11
C GLU D 182 64.26 5.69 -28.15
N ASP D 183 63.13 5.21 -27.61
CA ASP D 183 61.95 6.03 -27.41
C ASP D 183 62.27 7.40 -26.80
N GLY D 184 62.94 7.31 -25.65
CA GLY D 184 63.29 8.47 -24.85
C GLY D 184 64.62 9.05 -25.28
N ALA D 185 65.61 8.17 -25.47
CA ALA D 185 66.97 8.56 -25.83
C ALA D 185 67.02 9.50 -27.01
N LEU D 186 66.31 9.18 -28.07
CA LEU D 186 66.31 10.02 -29.27
C LEU D 186 65.79 11.45 -29.06
N LEU D 187 64.87 11.62 -28.12
CA LEU D 187 64.31 12.96 -27.82
C LEU D 187 65.33 13.82 -27.10
N GLY D 188 66.31 13.19 -26.43
CA GLY D 188 67.49 13.86 -25.87
C GLY D 188 68.17 14.87 -26.80
N LYS D 189 68.09 14.63 -28.12
CA LYS D 189 68.47 15.63 -29.10
C LYS D 189 67.74 17.00 -28.96
N ILE D 190 66.54 17.03 -28.36
CA ILE D 190 65.71 18.24 -28.34
C ILE D 190 66.13 19.18 -27.22
N GLU D 191 66.10 20.48 -27.50
CA GLU D 191 66.38 21.56 -26.56
C GLU D 191 65.68 21.34 -25.24
N LYS D 192 66.43 21.46 -24.14
CA LYS D 192 65.89 21.33 -22.78
C LYS D 192 65.41 19.93 -22.36
N VAL D 193 65.51 18.92 -23.24
CA VAL D 193 64.96 17.59 -22.94
C VAL D 193 66.07 16.71 -22.40
N ARG D 194 65.91 16.24 -21.17
CA ARG D 194 66.87 15.30 -20.60
C ARG D 194 66.14 14.02 -20.25
N VAL D 195 66.86 12.90 -20.35
CA VAL D 195 66.27 11.56 -20.33
C VAL D 195 66.90 10.75 -19.20
N LEU D 196 66.02 10.14 -18.41
CA LEU D 196 66.40 9.21 -17.35
C LEU D 196 65.81 7.84 -17.64
N ARG D 197 66.64 6.86 -17.95
CA ARG D 197 66.15 5.49 -18.11
C ARG D 197 66.18 4.68 -16.84
N ASN D 198 65.05 4.09 -16.46
CA ASN D 198 64.94 3.19 -15.35
C ASN D 198 65.44 1.77 -15.71
N ASP D 199 66.46 1.33 -14.99
CA ASP D 199 67.06 0.00 -15.08
C ASP D 199 66.09 -1.19 -14.93
N ARG D 200 65.10 -1.02 -14.07
CA ARG D 200 64.00 -1.99 -13.91
C ARG D 200 62.68 -1.22 -13.98
N ARG D 201 61.58 -1.96 -13.97
CA ARG D 201 60.27 -1.37 -13.93
C ARG D 201 59.87 -0.88 -12.54
N GLU D 202 59.76 0.44 -12.41
CA GLU D 202 59.40 1.12 -11.16
C GLU D 202 57.95 1.57 -11.00
N GLY D 203 57.28 1.87 -12.09
CA GLY D 203 55.93 2.36 -12.05
C GLY D 203 55.77 3.84 -12.08
N LEU D 204 54.54 4.28 -12.29
CA LEU D 204 54.17 5.70 -12.43
C LEU D 204 54.72 6.52 -11.31
N MET D 205 54.29 6.20 -10.08
CA MET D 205 54.76 6.96 -8.90
C MET D 205 56.08 6.22 -8.74
N ARG D 206 57.04 6.83 -8.23
CA ARG D 206 58.41 6.27 -8.17
C ARG D 206 59.08 6.87 -9.34
N SER D 207 58.68 6.63 -10.60
CA SER D 207 59.29 7.27 -11.77
C SER D 207 59.13 8.78 -11.72
N ARG D 208 57.95 9.22 -11.35
CA ARG D 208 57.71 10.65 -11.11
C ARG D 208 58.64 11.26 -10.05
N VAL D 209 58.89 10.50 -9.00
CA VAL D 209 59.72 10.96 -7.89
C VAL D 209 61.17 11.12 -8.35
N ARG D 210 61.64 10.18 -9.16
CA ARG D 210 62.98 10.26 -9.75
C ARG D 210 63.15 11.58 -10.50
N GLY D 211 62.25 11.82 -11.44
CA GLY D 211 62.24 13.03 -12.23
C GLY D 211 62.24 14.31 -11.40
N ALA D 212 61.43 14.28 -10.33
CA ALA D 212 61.28 15.42 -9.45
C ALA D 212 62.54 15.69 -8.65
N ASP D 213 63.23 14.63 -8.23
CA ASP D 213 64.49 14.75 -7.47
C ASP D 213 65.62 15.25 -8.35
N ALA D 214 65.56 14.87 -9.64
CA ALA D 214 66.49 15.37 -10.66
C ALA D 214 66.13 16.74 -11.25
N ALA D 215 65.07 17.37 -10.73
CA ALA D 215 64.61 18.67 -11.22
C ALA D 215 65.49 19.77 -10.65
N GLN D 216 66.14 20.49 -11.55
CA GLN D 216 67.09 21.56 -11.23
C GLN D 216 66.34 22.87 -11.18
N ALA D 217 65.12 22.89 -10.66
CA ALA D 217 64.16 24.01 -10.82
C ALA D 217 63.20 24.12 -9.61
N LYS D 218 62.61 25.28 -9.43
CA LYS D 218 61.97 25.63 -8.16
C LYS D 218 60.57 25.12 -8.06
N VAL D 219 59.97 24.84 -9.21
CA VAL D 219 58.54 24.38 -9.33
C VAL D 219 58.48 23.12 -10.20
N LEU D 220 57.66 22.15 -9.80
CA LEU D 220 57.42 20.93 -10.58
C LEU D 220 56.12 21.03 -11.36
N THR D 221 56.18 20.55 -12.61
CA THR D 221 54.98 20.32 -13.40
C THR D 221 55.03 18.85 -13.84
N PHE D 222 53.99 18.09 -13.52
CA PHE D 222 53.87 16.71 -14.00
C PHE D 222 52.88 16.65 -15.12
N LEU D 223 53.10 15.73 -16.06
CA LEU D 223 52.24 15.56 -17.23
C LEU D 223 52.27 14.12 -17.67
N ASP D 224 51.13 13.64 -18.16
CA ASP D 224 51.12 12.33 -18.81
C ASP D 224 51.77 12.42 -20.16
N SER D 225 52.28 11.28 -20.62
CA SER D 225 53.05 11.19 -21.87
C SER D 225 52.24 11.17 -23.17
N HIS D 226 50.95 11.47 -23.09
CA HIS D 226 50.06 11.58 -24.25
C HIS D 226 49.11 12.74 -24.05
N CYS D 227 49.71 13.91 -23.83
CA CYS D 227 48.95 15.16 -23.59
C CYS D 227 49.27 16.16 -24.69
N GLU D 228 48.47 17.23 -24.73
CA GLU D 228 48.68 18.35 -25.67
C GLU D 228 48.26 19.64 -24.96
N CYS D 229 49.26 20.39 -24.52
CA CYS D 229 49.04 21.68 -23.92
C CYS D 229 48.38 22.64 -24.89
N ASN D 230 47.44 23.44 -24.38
CA ASN D 230 46.72 24.40 -25.18
C ASN D 230 47.34 25.81 -24.93
N GLU D 231 46.66 26.83 -25.46
CA GLU D 231 47.14 28.19 -25.43
C GLU D 231 47.25 28.68 -24.01
N HIS D 232 48.35 29.39 -23.75
CA HIS D 232 48.66 30.01 -22.46
C HIS D 232 48.24 29.14 -21.28
N TRP D 233 48.65 27.88 -21.35
CA TRP D 233 48.28 26.86 -20.38
C TRP D 233 49.02 27.02 -19.05
N LEU D 234 50.31 27.34 -19.14
CA LEU D 234 51.20 27.25 -17.98
C LEU D 234 51.06 28.42 -17.01
N GLU D 235 50.92 29.62 -17.55
CA GLU D 235 50.92 30.84 -16.73
C GLU D 235 49.85 30.80 -15.62
N PRO D 236 48.59 30.48 -15.96
CA PRO D 236 47.56 30.48 -14.94
C PRO D 236 47.82 29.51 -13.79
N LEU D 237 48.51 28.39 -14.08
CA LEU D 237 48.86 27.42 -13.05
C LEU D 237 49.90 28.02 -12.10
N LEU D 238 50.99 28.51 -12.68
CA LEU D 238 52.06 29.14 -11.92
C LEU D 238 51.62 30.34 -11.11
N GLU D 239 50.84 31.24 -11.69
CA GLU D 239 50.30 32.42 -10.99
C GLU D 239 49.75 32.02 -9.61
N ARG D 240 48.99 30.89 -9.56
CA ARG D 240 48.46 30.43 -8.29
C ARG D 240 49.55 29.94 -7.33
N VAL D 241 50.41 29.09 -7.85
CA VAL D 241 51.44 28.48 -7.01
C VAL D 241 52.46 29.51 -6.55
N ALA D 242 52.82 30.45 -7.42
CA ALA D 242 53.84 31.47 -7.12
C ALA D 242 53.36 32.40 -6.01
N GLU D 243 52.04 32.72 -6.02
CA GLU D 243 51.44 33.51 -4.97
C GLU D 243 51.42 32.78 -3.61
N ASP D 244 51.04 31.49 -3.66
CA ASP D 244 50.87 30.67 -2.44
C ASP D 244 51.38 29.27 -2.78
N ARG D 245 52.57 29.00 -2.26
CA ARG D 245 53.27 27.75 -2.55
C ARG D 245 52.59 26.48 -2.08
N THR D 246 51.63 26.59 -1.15
CA THR D 246 50.89 25.43 -0.65
C THR D 246 49.79 24.92 -1.62
N ARG D 247 49.41 25.76 -2.61
CA ARG D 247 48.44 25.33 -3.61
C ARG D 247 49.05 24.35 -4.61
N VAL D 248 48.31 23.28 -4.83
CA VAL D 248 48.59 22.30 -5.87
C VAL D 248 47.47 22.45 -6.91
N VAL D 249 47.88 22.76 -8.15
CA VAL D 249 46.92 23.16 -9.14
C VAL D 249 46.98 22.23 -10.36
N SER D 250 45.80 21.95 -10.94
CA SER D 250 45.66 21.11 -12.10
C SER D 250 44.89 21.85 -13.18
N PRO D 251 45.18 21.58 -14.47
CA PRO D 251 44.40 22.20 -15.52
C PRO D 251 43.10 21.44 -15.73
N ILE D 252 42.20 21.99 -16.54
CA ILE D 252 41.07 21.25 -17.07
C ILE D 252 41.61 20.28 -18.09
N ALA D 253 41.19 19.03 -18.01
CA ALA D 253 41.62 17.99 -18.93
C ALA D 253 40.71 17.89 -20.13
N ASP D 254 41.11 18.54 -21.21
CA ASP D 254 40.40 18.39 -22.49
C ASP D 254 40.60 16.98 -23.01
N VAL D 255 39.73 16.58 -23.93
CA VAL D 255 39.68 15.19 -24.41
C VAL D 255 40.25 15.06 -25.80
N ILE D 256 41.24 14.20 -25.93
CA ILE D 256 41.76 13.77 -27.23
C ILE D 256 41.09 12.42 -27.50
N ASN D 257 40.35 12.34 -28.59
CA ASN D 257 39.65 11.12 -28.98
C ASN D 257 40.62 9.98 -29.28
N MET D 258 40.45 8.86 -28.61
CA MET D 258 41.32 7.68 -28.77
C MET D 258 41.29 7.03 -30.15
N ASP D 259 40.21 7.24 -30.91
CA ASP D 259 40.03 6.64 -32.24
C ASP D 259 40.46 7.57 -33.39
N ASN D 260 39.94 8.79 -33.40
CA ASN D 260 40.29 9.77 -34.46
C ASN D 260 41.33 10.80 -34.08
N PHE D 261 41.63 10.92 -32.79
CA PHE D 261 42.65 11.91 -32.25
C PHE D 261 42.27 13.38 -32.38
N GLN D 262 40.96 13.62 -32.48
CA GLN D 262 40.39 14.97 -32.50
C GLN D 262 40.50 15.58 -31.11
N TYR D 263 40.78 16.86 -31.05
CA TYR D 263 40.97 17.58 -29.77
C TYR D 263 39.62 18.14 -29.42
N VAL D 264 39.04 17.75 -28.31
CA VAL D 264 37.68 18.17 -27.94
C VAL D 264 37.70 18.92 -26.62
N GLY D 265 36.99 20.04 -26.53
CA GLY D 265 36.93 20.84 -25.31
C GLY D 265 36.09 20.18 -24.24
N ALA D 266 36.58 20.22 -23.02
CA ALA D 266 35.88 19.65 -21.86
C ALA D 266 35.14 20.70 -21.05
N SER D 267 34.29 20.25 -20.16
CA SER D 267 33.48 21.14 -19.31
C SER D 267 34.33 21.76 -18.21
N ALA D 268 34.14 23.04 -17.93
CA ALA D 268 34.69 23.72 -16.77
C ALA D 268 33.73 23.77 -15.59
N ASP D 269 32.70 22.93 -15.60
CA ASP D 269 31.73 22.87 -14.48
C ASP D 269 31.89 21.66 -13.56
N LEU D 270 33.08 21.12 -13.53
CA LEU D 270 33.32 19.83 -12.85
C LEU D 270 34.45 20.00 -11.86
N LYS D 271 34.28 19.38 -10.69
CA LYS D 271 35.35 19.20 -9.71
C LYS D 271 35.55 17.71 -9.54
N GLY D 272 36.76 17.33 -9.13
CA GLY D 272 37.12 15.95 -8.95
C GLY D 272 36.65 15.39 -7.63
N GLY D 273 36.40 14.10 -7.56
CA GLY D 273 35.91 13.44 -6.35
C GLY D 273 35.98 11.93 -6.37
N PHE D 274 35.17 11.31 -5.52
CA PHE D 274 35.12 9.84 -5.41
C PHE D 274 33.85 9.34 -4.69
N ASP D 275 33.52 8.10 -5.06
CA ASP D 275 32.58 7.27 -4.34
C ASP D 275 33.38 6.39 -3.36
N TRP D 276 32.69 5.67 -2.47
CA TRP D 276 33.36 4.87 -1.47
C TRP D 276 34.24 3.72 -1.99
N ASN D 277 34.06 3.31 -3.24
CA ASN D 277 35.02 2.41 -3.92
C ASN D 277 36.43 3.03 -4.19
N LEU D 278 36.56 4.33 -3.96
CA LEU D 278 37.85 5.07 -4.03
C LEU D 278 38.43 5.12 -5.44
N VAL D 279 37.55 5.10 -6.43
CA VAL D 279 37.88 5.30 -7.83
C VAL D 279 37.47 6.72 -8.16
N PHE D 280 38.31 7.40 -8.95
CA PHE D 280 38.10 8.80 -9.24
C PHE D 280 36.84 9.04 -10.06
N LYS D 281 36.12 10.08 -9.72
CA LYS D 281 34.95 10.50 -10.52
C LYS D 281 34.74 12.03 -10.49
N TRP D 282 34.13 12.54 -11.54
CA TRP D 282 33.88 13.98 -11.66
C TRP D 282 32.52 14.36 -11.06
N ASP D 283 32.51 15.27 -10.12
CA ASP D 283 31.28 15.76 -9.46
C ASP D 283 30.80 17.01 -10.19
N TYR D 284 29.47 17.16 -10.25
CA TYR D 284 28.84 18.40 -10.59
C TYR D 284 28.94 19.36 -9.39
N MET D 285 28.88 20.65 -9.65
CA MET D 285 28.97 21.64 -8.59
C MET D 285 27.61 21.85 -7.97
N THR D 286 27.58 22.00 -6.65
CA THR D 286 26.36 22.34 -5.90
C THR D 286 25.90 23.76 -6.25
N PRO D 287 24.61 24.06 -6.02
CA PRO D 287 24.15 25.47 -6.13
C PRO D 287 24.97 26.39 -5.23
N GLU D 288 25.17 25.97 -3.98
CA GLU D 288 25.97 26.73 -3.01
C GLU D 288 27.45 26.67 -3.35
N GLN D 289 27.82 26.61 -4.62
CA GLN D 289 29.18 26.66 -5.15
C GLN D 289 29.16 27.42 -6.52
N ARG D 290 28.28 26.94 -7.41
CA ARG D 290 28.18 27.47 -8.74
C ARG D 290 27.84 28.96 -8.78
N ARG D 291 27.05 29.44 -7.81
CA ARG D 291 26.75 30.87 -7.65
C ARG D 291 27.99 31.67 -7.28
N SER D 292 28.80 31.15 -6.34
CA SER D 292 30.06 31.78 -5.93
C SER D 292 31.14 31.86 -7.01
N ARG D 293 31.04 31.10 -8.08
CA ARG D 293 31.83 31.37 -9.32
C ARG D 293 31.10 32.23 -10.39
N GLN D 294 29.84 31.97 -10.61
CA GLN D 294 29.00 32.44 -11.74
C GLN D 294 29.26 33.84 -12.24
N GLY D 295 29.44 34.76 -11.30
CA GLY D 295 30.07 36.07 -11.55
C GLY D 295 31.60 36.07 -11.66
N ASN D 296 32.07 35.43 -12.72
CA ASN D 296 33.45 35.10 -13.06
C ASN D 296 33.50 33.59 -13.31
N PRO D 297 33.05 33.09 -14.48
CA PRO D 297 33.03 31.67 -14.73
C PRO D 297 34.39 30.95 -14.76
N VAL D 298 35.48 31.68 -15.03
CA VAL D 298 36.83 31.10 -14.95
C VAL D 298 37.57 31.23 -13.63
N ALA D 299 36.87 31.56 -12.57
CA ALA D 299 37.51 31.63 -11.22
C ALA D 299 37.90 30.21 -10.79
N PRO D 300 38.94 30.12 -9.93
CA PRO D 300 39.50 28.80 -9.66
C PRO D 300 38.53 27.89 -8.97
N ILE D 301 38.72 26.58 -9.11
CA ILE D 301 37.78 25.58 -8.56
C ILE D 301 38.48 24.85 -7.46
N LYS D 302 37.91 24.83 -6.28
CA LYS D 302 38.53 24.12 -5.13
C LYS D 302 38.12 22.66 -5.23
N THR D 303 39.04 21.81 -5.69
CA THR D 303 38.69 20.39 -5.90
C THR D 303 39.11 19.49 -4.71
N PRO D 304 38.23 18.60 -4.22
CA PRO D 304 38.60 17.61 -3.24
C PRO D 304 39.63 16.58 -3.70
N MET D 305 39.77 16.42 -4.99
CA MET D 305 40.71 15.48 -5.59
C MET D 305 41.22 15.99 -6.92
N ILE D 306 42.50 15.79 -7.21
CA ILE D 306 43.03 16.02 -8.55
C ILE D 306 43.01 14.71 -9.34
N ALA D 307 42.76 14.80 -10.63
CA ALA D 307 42.83 13.62 -11.50
C ALA D 307 44.20 12.93 -11.42
N GLY D 308 45.26 13.73 -11.27
CA GLY D 308 46.60 13.22 -10.92
C GLY D 308 47.61 13.15 -12.03
N GLY D 309 47.20 13.45 -13.26
CA GLY D 309 48.07 13.32 -14.42
C GLY D 309 48.88 14.56 -14.71
N ALA D 310 48.15 15.66 -14.87
CA ALA D 310 48.72 16.97 -15.06
C ALA D 310 48.50 17.81 -13.82
N PHE D 311 49.58 18.19 -13.14
CA PHE D 311 49.47 19.18 -12.06
C PHE D 311 50.81 19.88 -11.82
N VAL D 312 50.70 21.02 -11.14
CA VAL D 312 51.86 21.83 -10.81
C VAL D 312 51.92 21.98 -9.29
N MET D 313 53.15 21.86 -8.75
CA MET D 313 53.35 21.89 -7.32
C MET D 313 54.75 22.44 -7.03
N ASP D 314 54.88 23.24 -5.97
CA ASP D 314 56.18 23.73 -5.49
C ASP D 314 57.09 22.54 -5.20
N LYS D 315 58.33 22.58 -5.75
CA LYS D 315 59.21 21.43 -5.64
C LYS D 315 59.58 21.13 -4.19
N PHE D 316 59.91 22.19 -3.42
CA PHE D 316 60.32 21.98 -2.04
C PHE D 316 59.14 21.48 -1.23
N TYR D 317 57.93 21.99 -1.49
CA TYR D 317 56.68 21.50 -0.86
C TYR D 317 56.40 20.02 -1.18
N PHE D 318 56.67 19.63 -2.42
CA PHE D 318 56.59 18.21 -2.81
C PHE D 318 57.52 17.35 -1.95
N GLU D 319 58.75 17.79 -1.80
CA GLU D 319 59.78 17.08 -1.02
C GLU D 319 59.43 17.08 0.47
N GLU D 320 59.11 18.26 1.01
CA GLU D 320 58.72 18.42 2.41
C GLU D 320 57.56 17.50 2.76
N LEU D 321 56.50 17.49 1.93
CA LEU D 321 55.33 16.65 2.19
C LEU D 321 55.48 15.16 1.86
N GLY D 322 56.72 14.71 1.67
CA GLY D 322 57.00 13.27 1.52
C GLY D 322 56.82 12.74 0.11
N LYS D 323 56.91 13.59 -0.91
CA LYS D 323 56.91 13.18 -2.31
C LYS D 323 55.67 12.31 -2.64
N TYR D 324 55.88 11.15 -3.24
CA TYR D 324 54.82 10.14 -3.41
C TYR D 324 55.09 8.95 -2.54
N ASP D 325 54.08 8.17 -2.21
CA ASP D 325 54.23 6.94 -1.39
C ASP D 325 55.13 5.97 -2.21
N MET D 326 56.41 5.96 -1.86
CA MET D 326 57.44 5.33 -2.70
C MET D 326 57.28 3.85 -3.04
N MET D 327 56.49 3.14 -2.24
CA MET D 327 56.25 1.70 -2.38
C MET D 327 54.97 1.40 -3.13
N MET D 328 54.37 2.39 -3.79
CA MET D 328 53.20 2.13 -4.67
C MET D 328 53.75 1.74 -6.05
N ASP D 329 53.03 0.85 -6.71
CA ASP D 329 53.54 0.22 -7.92
C ASP D 329 52.61 0.44 -9.11
N VAL D 330 53.24 0.58 -10.26
CA VAL D 330 52.60 0.85 -11.55
C VAL D 330 51.55 1.94 -11.65
N TRP D 331 50.36 1.68 -11.16
CA TRP D 331 49.20 2.60 -11.35
C TRP D 331 48.24 2.49 -10.22
N GLY D 332 47.71 3.56 -9.65
CA GLY D 332 46.99 3.34 -8.40
C GLY D 332 46.20 4.41 -7.72
N GLY D 333 46.43 4.49 -6.42
CA GLY D 333 45.78 5.46 -5.54
C GLY D 333 46.66 6.66 -5.38
N GLU D 334 47.86 6.70 -5.98
CA GLU D 334 48.72 7.89 -5.89
C GLU D 334 47.99 9.25 -5.91
N ASN D 335 47.03 9.38 -6.80
CA ASN D 335 46.25 10.64 -6.95
C ASN D 335 45.39 10.86 -5.72
N LEU D 336 44.74 9.81 -5.25
CA LEU D 336 43.97 9.82 -3.99
C LEU D 336 44.85 10.15 -2.79
N GLU D 337 45.95 9.44 -2.67
CA GLU D 337 46.91 9.57 -1.59
C GLU D 337 47.39 11.00 -1.45
N ILE D 338 47.93 11.56 -2.52
CA ILE D 338 48.45 12.92 -2.51
C ILE D 338 47.34 13.94 -2.27
N SER D 339 46.17 13.68 -2.80
CA SER D 339 45.05 14.62 -2.68
C SER D 339 44.62 14.73 -1.24
N PHE D 340 44.45 13.59 -0.60
CA PHE D 340 44.16 13.53 0.85
C PHE D 340 45.25 14.22 1.63
N ARG D 341 46.49 13.81 1.39
CA ARG D 341 47.67 14.32 2.09
C ARG D 341 47.73 15.85 2.08
N VAL D 342 47.71 16.41 0.87
CA VAL D 342 47.83 17.86 0.67
C VAL D 342 46.75 18.60 1.43
N TRP D 343 45.51 18.16 1.29
CA TRP D 343 44.37 18.81 1.99
C TRP D 343 44.50 18.66 3.49
N GLN D 344 44.69 17.42 3.93
CA GLN D 344 44.81 17.09 5.34
C GLN D 344 46.01 17.75 6.05
N CYS D 345 47.12 17.96 5.34
CA CYS D 345 48.33 18.58 5.92
C CYS D 345 48.49 20.08 5.59
N GLY D 346 47.37 20.79 5.41
CA GLY D 346 47.36 22.24 5.36
C GLY D 346 47.44 22.94 4.02
N GLY D 347 47.65 22.17 2.94
CA GLY D 347 47.70 22.72 1.58
C GLY D 347 46.33 22.70 0.95
N SER D 348 46.27 23.12 -0.31
CA SER D 348 45.02 23.22 -1.06
C SER D 348 45.15 22.68 -2.50
N LEU D 349 44.05 22.16 -3.04
CA LEU D 349 44.00 21.58 -4.39
C LEU D 349 43.03 22.33 -5.27
N GLU D 350 43.44 22.66 -6.49
CA GLU D 350 42.55 23.46 -7.37
C GLU D 350 42.58 22.99 -8.82
N ILE D 351 41.46 23.23 -9.50
CA ILE D 351 41.39 23.15 -10.96
C ILE D 351 41.32 24.58 -11.48
N ILE D 352 42.19 24.88 -12.44
CA ILE D 352 42.33 26.25 -12.98
C ILE D 352 41.75 26.21 -14.42
N PRO D 353 40.60 26.86 -14.62
CA PRO D 353 39.88 26.66 -15.90
C PRO D 353 40.56 27.27 -17.13
N CYS D 354 41.41 28.27 -16.94
CA CYS D 354 42.11 28.89 -18.07
C CYS D 354 43.33 28.11 -18.52
N SER D 355 43.74 27.14 -17.71
CA SER D 355 44.76 26.19 -18.13
C SER D 355 44.06 25.00 -18.76
N ARG D 356 44.29 24.80 -20.04
CA ARG D 356 43.71 23.67 -20.79
C ARG D 356 44.81 22.77 -21.29
N VAL D 357 44.69 21.49 -20.99
CA VAL D 357 45.63 20.46 -21.46
C VAL D 357 44.84 19.26 -21.92
N GLY D 358 45.01 18.91 -23.20
CA GLY D 358 44.32 17.73 -23.74
C GLY D 358 44.96 16.45 -23.28
N HIS D 359 44.17 15.39 -23.28
CA HIS D 359 44.65 14.07 -22.83
C HIS D 359 43.93 12.94 -23.54
N VAL D 360 44.71 11.95 -23.98
CA VAL D 360 44.15 10.78 -24.64
C VAL D 360 43.60 9.86 -23.55
N PHE D 361 42.29 9.94 -23.34
CA PHE D 361 41.57 9.10 -22.43
C PHE D 361 41.34 7.77 -23.12
N ARG D 362 41.48 6.70 -22.33
CA ARG D 362 41.49 5.32 -22.82
C ARG D 362 40.55 4.44 -22.02
N LYS D 363 40.30 3.27 -22.61
CA LYS D 363 39.26 2.34 -22.09
C LYS D 363 39.92 1.17 -21.34
N GLN D 364 41.07 0.71 -21.84
CA GLN D 364 41.78 -0.46 -21.30
C GLN D 364 43.27 -0.09 -21.12
N HIS D 365 43.93 -0.75 -20.17
CA HIS D 365 45.34 -0.50 -19.88
C HIS D 365 46.29 -1.29 -20.81
N PRO D 366 47.21 -0.60 -21.51
CA PRO D 366 48.04 -1.27 -22.50
C PRO D 366 49.32 -1.91 -22.02
N TYR D 367 49.68 -1.67 -20.76
CA TYR D 367 50.97 -2.18 -20.19
C TYR D 367 50.83 -3.32 -19.18
N THR D 368 51.97 -3.91 -18.84
CA THR D 368 52.17 -5.04 -17.96
C THR D 368 51.45 -5.26 -16.66
N PHE D 369 51.34 -4.22 -15.82
CA PHE D 369 50.62 -4.27 -14.55
C PHE D 369 50.86 -5.49 -13.60
N PRO D 370 52.11 -5.91 -13.49
CA PRO D 370 52.53 -7.17 -12.89
C PRO D 370 51.70 -7.78 -11.79
N GLY D 371 51.80 -7.25 -10.57
CA GLY D 371 51.24 -7.92 -9.39
C GLY D 371 49.84 -8.52 -9.57
N GLY D 372 49.06 -7.97 -10.52
CA GLY D 372 47.79 -8.55 -10.94
C GLY D 372 46.71 -7.60 -11.40
N SER D 373 47.06 -6.52 -12.09
CA SER D 373 46.12 -5.45 -12.49
C SER D 373 45.25 -4.92 -11.36
N GLY D 374 43.98 -5.30 -11.24
CA GLY D 374 43.09 -4.79 -10.20
C GLY D 374 43.48 -5.15 -8.78
N THR D 375 44.25 -6.19 -8.61
CA THR D 375 44.95 -6.53 -7.37
C THR D 375 45.93 -5.42 -6.92
N VAL D 376 46.77 -4.96 -7.83
CA VAL D 376 47.77 -3.89 -7.59
C VAL D 376 47.10 -2.54 -7.30
N PHE D 377 46.03 -2.24 -8.03
CA PHE D 377 45.23 -1.04 -7.81
C PHE D 377 44.70 -1.04 -6.37
N ALA D 378 44.11 -2.14 -5.97
CA ALA D 378 43.65 -2.34 -4.60
C ALA D 378 44.78 -2.20 -3.58
N ARG D 379 45.96 -2.78 -3.87
CA ARG D 379 47.12 -2.67 -2.97
C ARG D 379 47.46 -1.19 -2.70
N ASN D 380 47.63 -0.44 -3.78
CA ASN D 380 47.95 0.97 -3.68
C ASN D 380 46.83 1.75 -2.98
N THR D 381 45.62 1.55 -3.45
CA THR D 381 44.45 2.23 -2.90
C THR D 381 44.36 1.99 -1.40
N ARG D 382 44.60 0.75 -1.00
CA ARG D 382 44.64 0.37 0.41
C ARG D 382 45.70 1.14 1.17
N ARG D 383 46.92 1.10 0.65
CA ARG D 383 48.07 1.81 1.21
C ARG D 383 47.77 3.30 1.51
N ALA D 384 46.96 3.91 0.65
CA ALA D 384 46.52 5.27 0.83
C ALA D 384 45.46 5.33 1.92
N ALA D 385 44.41 4.52 1.75
CA ALA D 385 43.26 4.50 2.66
C ALA D 385 43.66 4.22 4.11
N GLU D 386 44.51 3.20 4.27
CA GLU D 386 44.99 2.73 5.58
C GLU D 386 45.81 3.79 6.33
N VAL D 387 46.46 4.71 5.60
CA VAL D 387 47.21 5.78 6.22
C VAL D 387 46.36 7.02 6.56
N TRP D 388 45.46 7.38 5.64
CA TRP D 388 44.82 8.71 5.66
C TRP D 388 43.38 8.79 6.07
N MET D 389 42.64 7.71 5.80
CA MET D 389 41.22 7.60 6.12
C MET D 389 41.31 6.83 7.43
N ASP D 390 40.85 7.39 8.50
CA ASP D 390 41.04 6.88 9.86
C ASP D 390 40.02 5.73 10.01
N GLU D 391 38.96 5.90 10.82
CA GLU D 391 37.84 4.93 10.90
C GLU D 391 37.19 4.60 9.54
N TYR D 392 37.27 5.52 8.60
CA TYR D 392 36.51 5.50 7.35
C TYR D 392 37.10 4.55 6.33
N LYS D 393 38.35 4.10 6.57
CA LYS D 393 38.96 3.00 5.85
C LYS D 393 38.26 1.76 6.30
N ASN D 394 37.02 1.67 6.00
CA ASN D 394 36.05 0.58 6.33
C ASN D 394 34.89 0.68 5.30
N PHE D 395 34.46 1.92 5.08
CA PHE D 395 33.45 2.18 4.07
C PHE D 395 33.96 1.83 2.67
N TYR D 396 35.29 1.97 2.47
CA TYR D 396 35.93 1.47 1.26
C TYR D 396 35.86 -0.05 1.17
N TYR D 397 36.31 -0.71 2.23
CA TYR D 397 36.27 -2.17 2.32
C TYR D 397 34.82 -2.69 2.26
N ALA D 398 33.87 -1.90 2.74
CA ALA D 398 32.46 -2.21 2.62
C ALA D 398 32.02 -2.22 1.15
N ALA D 399 32.47 -1.21 0.41
CA ALA D 399 32.17 -1.07 -1.02
C ALA D 399 32.90 -2.09 -1.89
N VAL D 400 34.17 -2.33 -1.55
CA VAL D 400 35.03 -3.30 -2.25
C VAL D 400 35.51 -4.37 -1.26
N PRO D 401 34.64 -5.34 -0.93
CA PRO D 401 35.04 -6.36 0.06
C PRO D 401 36.29 -7.14 -0.38
N SER D 402 36.36 -7.42 -1.69
CA SER D 402 37.47 -8.07 -2.37
C SER D 402 38.85 -7.56 -1.95
N ALA D 403 38.95 -6.28 -1.68
CA ALA D 403 40.18 -5.61 -1.31
C ALA D 403 40.82 -6.14 -0.04
N ARG D 404 40.01 -6.52 0.97
CA ARG D 404 40.61 -6.95 2.26
C ARG D 404 41.61 -8.15 2.11
N ASN D 405 41.28 -9.05 1.18
CA ASN D 405 42.13 -10.18 0.84
C ASN D 405 43.54 -9.86 0.31
N VAL D 406 43.71 -8.71 -0.33
CA VAL D 406 45.00 -8.28 -0.89
C VAL D 406 45.66 -7.45 0.18
N PRO D 407 46.97 -7.69 0.47
CA PRO D 407 47.65 -6.94 1.56
C PRO D 407 48.28 -5.56 1.29
N TYR D 408 47.85 -4.58 2.04
CA TYR D 408 48.75 -3.42 2.45
C TYR D 408 50.26 -3.24 2.01
N GLY D 409 51.18 -4.07 2.45
CA GLY D 409 52.59 -3.69 2.53
C GLY D 409 53.02 -3.05 3.83
N ASN D 410 54.32 -2.72 3.92
CA ASN D 410 54.86 -2.00 5.09
C ASN D 410 54.58 -0.51 4.95
N ILE D 411 54.06 0.16 5.99
CA ILE D 411 53.78 1.58 5.95
C ILE D 411 54.30 2.36 7.16
N GLN D 412 55.29 1.83 7.84
CA GLN D 412 55.84 2.50 9.06
C GLN D 412 56.42 3.93 8.70
N SER D 413 57.15 3.94 7.59
CA SER D 413 57.75 5.16 7.09
C SER D 413 56.73 6.25 6.77
N ARG D 414 55.67 5.88 6.06
CA ARG D 414 54.59 6.80 5.71
C ARG D 414 53.74 7.24 6.90
N LEU D 415 53.61 6.35 7.86
CA LEU D 415 52.80 6.62 9.03
C LEU D 415 53.51 7.62 9.92
N GLU D 416 54.83 7.42 10.11
CA GLU D 416 55.61 8.36 10.91
C GLU D 416 55.52 9.79 10.29
N LEU D 417 55.69 9.82 8.96
CA LEU D 417 55.56 11.01 8.16
C LEU D 417 54.27 11.79 8.42
N ARG D 418 53.14 11.06 8.47
CA ARG D 418 51.83 11.66 8.74
C ARG D 418 51.82 12.46 10.04
N LYS D 419 52.30 11.84 11.14
CA LYS D 419 52.34 12.53 12.44
C LYS D 419 53.36 13.67 12.45
N LYS D 420 54.50 13.42 11.81
CA LYS D 420 55.56 14.43 11.61
C LYS D 420 55.04 15.70 10.94
N LEU D 421 54.17 15.54 9.95
CA LEU D 421 53.54 16.67 9.25
C LEU D 421 52.38 17.32 10.01
N SER D 422 52.02 16.79 11.17
CA SER D 422 51.01 17.36 12.10
C SER D 422 49.66 17.51 11.38
N CYS D 423 49.26 16.40 10.77
CA CYS D 423 48.16 16.39 9.80
C CYS D 423 46.80 16.35 10.42
N LYS D 424 45.81 16.97 9.78
CA LYS D 424 44.41 16.95 10.27
C LYS D 424 43.76 15.60 9.96
N PRO D 425 42.70 15.21 10.71
CA PRO D 425 42.11 13.88 10.56
C PRO D 425 41.16 13.81 9.36
N PHE D 426 40.85 12.60 8.92
CA PHE D 426 39.96 12.40 7.79
C PHE D 426 38.56 12.98 8.02
N LYS D 427 38.10 12.90 9.27
CA LYS D 427 36.84 13.52 9.69
C LYS D 427 36.81 15.01 9.30
N TRP D 428 37.96 15.69 9.43
CA TRP D 428 38.13 17.10 8.99
C TRP D 428 37.87 17.19 7.50
N TYR D 429 38.59 16.38 6.74
CA TYR D 429 38.48 16.36 5.28
C TYR D 429 37.03 16.15 4.85
N LEU D 430 36.36 15.17 5.47
CA LEU D 430 34.98 14.87 5.10
C LEU D 430 34.01 16.01 5.39
N GLU D 431 34.25 16.70 6.50
CA GLU D 431 33.31 17.73 6.95
C GLU D 431 33.57 19.07 6.27
N ASN D 432 34.84 19.39 5.99
CA ASN D 432 35.19 20.73 5.47
C ASN D 432 35.62 20.78 4.00
N VAL D 433 36.21 19.71 3.43
CA VAL D 433 36.53 19.62 2.02
C VAL D 433 35.44 18.98 1.17
N TYR D 434 34.82 17.91 1.64
CA TYR D 434 33.89 17.11 0.82
C TYR D 434 32.58 16.80 1.60
N PRO D 435 31.81 17.85 1.97
CA PRO D 435 30.47 17.64 2.53
C PRO D 435 29.54 16.90 1.60
N GLU D 436 29.65 17.21 0.32
CA GLU D 436 28.79 16.59 -0.73
C GLU D 436 28.74 15.04 -0.66
N LEU D 437 29.86 14.45 -0.23
CA LEU D 437 29.96 13.00 -0.12
C LEU D 437 29.08 12.49 0.99
N ARG D 438 28.12 11.64 0.63
CA ARG D 438 27.23 10.97 1.58
C ARG D 438 28.03 9.96 2.42
N VAL D 439 28.05 10.23 3.74
CA VAL D 439 28.69 9.36 4.73
C VAL D 439 27.66 8.53 5.54
N PRO D 440 27.85 7.19 5.60
CA PRO D 440 27.04 6.38 6.55
C PRO D 440 27.36 6.63 8.03
N ASP D 441 26.38 6.48 8.89
CA ASP D 441 26.57 6.56 10.34
C ASP D 441 27.42 5.40 10.81
N HIS D 442 28.29 5.64 11.80
CA HIS D 442 29.13 4.57 12.42
C HIS D 442 28.35 3.35 12.83
N GLN D 443 27.08 3.57 13.26
CA GLN D 443 26.18 2.47 13.67
C GLN D 443 25.27 1.92 12.57
N ASP D 444 25.47 2.32 11.31
CA ASP D 444 24.68 1.77 10.21
C ASP D 444 25.08 0.32 9.96
N ILE D 445 24.14 -0.48 9.48
CA ILE D 445 24.38 -1.88 9.11
C ILE D 445 24.74 -1.99 7.63
N ALA D 446 23.98 -1.28 6.81
CA ALA D 446 24.24 -1.21 5.37
C ALA D 446 23.98 0.20 4.90
N PHE D 447 24.37 0.50 3.65
CA PHE D 447 24.21 1.84 3.10
C PHE D 447 24.22 1.78 1.59
N GLY D 448 23.80 2.86 0.94
CA GLY D 448 23.84 3.03 -0.52
C GLY D 448 22.46 2.82 -1.17
N ALA D 449 22.46 2.26 -2.36
CA ALA D 449 21.21 1.93 -3.02
C ALA D 449 20.85 0.51 -2.69
N LEU D 450 19.54 0.25 -2.70
CA LEU D 450 19.05 -1.13 -2.52
C LEU D 450 18.70 -1.71 -3.89
N GLN D 451 19.58 -2.57 -4.39
CA GLN D 451 19.59 -2.96 -5.81
C GLN D 451 18.90 -4.25 -6.07
N GLN D 452 18.14 -4.33 -7.14
CA GLN D 452 17.45 -5.59 -7.58
C GLN D 452 17.67 -5.75 -9.11
N GLY D 453 18.76 -6.45 -9.46
CA GLY D 453 19.23 -6.56 -10.82
C GLY D 453 19.74 -5.20 -11.29
N THR D 454 19.14 -4.70 -12.37
CA THR D 454 19.40 -3.36 -12.88
C THR D 454 18.64 -2.27 -12.10
N ASN D 455 17.44 -2.59 -11.65
CA ASN D 455 16.60 -1.60 -10.93
C ASN D 455 17.05 -1.42 -9.50
N CYS D 456 16.81 -0.24 -8.96
CA CYS D 456 17.07 0.09 -7.55
C CYS D 456 15.81 0.62 -6.83
N LEU D 457 15.81 0.53 -5.52
CA LEU D 457 14.80 1.14 -4.66
C LEU D 457 14.87 2.64 -4.78
N ASP D 458 13.79 3.21 -5.36
CA ASP D 458 13.71 4.64 -5.64
C ASP D 458 12.51 5.19 -4.87
N THR D 459 12.64 6.43 -4.40
CA THR D 459 11.52 7.10 -3.72
C THR D 459 10.50 7.69 -4.69
N LEU D 460 10.98 7.93 -5.89
CA LEU D 460 10.18 8.50 -7.00
C LEU D 460 9.74 9.92 -6.63
N GLY D 461 10.60 10.65 -5.91
CA GLY D 461 10.31 11.96 -5.40
C GLY D 461 9.17 12.05 -4.41
N HIS D 462 8.69 10.91 -3.86
CA HIS D 462 7.56 10.89 -2.98
C HIS D 462 8.02 11.38 -1.59
N PHE D 463 7.13 12.11 -0.93
CA PHE D 463 7.35 12.59 0.42
C PHE D 463 6.57 11.69 1.36
N ALA D 464 6.36 12.14 2.61
CA ALA D 464 5.70 11.32 3.62
C ALA D 464 4.33 10.87 3.15
N ASP D 465 3.86 9.74 3.66
CA ASP D 465 2.64 9.05 3.19
C ASP D 465 2.65 8.62 1.72
N GLY D 466 3.86 8.52 1.15
CA GLY D 466 4.01 8.17 -0.27
C GLY D 466 4.23 6.69 -0.49
N VAL D 467 3.95 6.22 -1.69
CA VAL D 467 4.38 4.88 -2.10
C VAL D 467 5.84 4.95 -2.48
N VAL D 468 6.56 3.87 -2.21
CA VAL D 468 7.95 3.74 -2.66
C VAL D 468 7.96 2.83 -3.88
N GLY D 469 8.99 2.94 -4.69
CA GLY D 469 9.02 2.27 -6.00
C GLY D 469 10.39 1.69 -6.42
N VAL D 470 10.39 1.20 -7.66
CA VAL D 470 11.62 0.78 -8.33
C VAL D 470 11.78 1.58 -9.61
N TYR D 471 13.02 1.88 -9.93
CA TYR D 471 13.36 2.65 -11.12
C TYR D 471 14.78 2.25 -11.46
N GLU D 472 15.15 2.33 -12.75
CA GLU D 472 16.50 1.95 -13.18
C GLU D 472 17.59 2.55 -12.27
N CYS D 473 18.59 1.75 -11.96
CA CYS D 473 19.60 2.23 -10.99
C CYS D 473 20.64 3.00 -11.75
N HIS D 474 21.05 4.15 -11.20
CA HIS D 474 22.08 5.03 -11.89
C HIS D 474 23.22 5.40 -10.95
N ASN D 475 23.49 4.50 -9.97
CA ASN D 475 24.62 4.56 -9.01
C ASN D 475 25.20 5.94 -8.62
N ALA D 476 24.35 6.96 -8.61
CA ALA D 476 24.76 8.37 -8.45
C ALA D 476 23.90 9.14 -7.48
N GLY D 477 22.58 8.95 -7.56
CA GLY D 477 21.60 9.92 -7.04
C GLY D 477 20.94 9.57 -5.71
N GLY D 478 20.81 10.59 -4.87
CA GLY D 478 20.18 10.54 -3.57
C GLY D 478 18.75 10.10 -3.51
N ASN D 479 17.95 10.29 -4.55
CA ASN D 479 16.61 9.73 -4.63
C ASN D 479 16.55 8.17 -4.60
N GLN D 480 17.71 7.53 -4.76
CA GLN D 480 17.86 6.09 -4.50
C GLN D 480 18.88 5.76 -3.40
N GLU D 481 19.05 6.69 -2.47
CA GLU D 481 20.00 6.51 -1.36
C GLU D 481 19.19 6.04 -0.15
N TRP D 482 19.68 4.99 0.49
CA TRP D 482 19.06 4.34 1.62
C TRP D 482 20.11 3.88 2.63
N ALA D 483 19.69 3.72 3.87
CA ALA D 483 20.50 3.14 4.91
C ALA D 483 19.68 2.01 5.53
N LEU D 484 20.40 1.04 6.13
CA LEU D 484 19.79 0.09 7.03
C LEU D 484 20.39 0.36 8.42
N THR D 485 19.61 1.00 9.29
CA THR D 485 20.13 1.54 10.54
C THR D 485 20.25 0.51 11.65
N LYS D 486 20.98 0.89 12.72
CA LYS D 486 21.03 0.12 13.96
C LYS D 486 19.64 -0.07 14.58
N GLU D 487 18.77 0.95 14.43
CA GLU D 487 17.35 0.86 14.84
C GLU D 487 16.51 -0.14 13.99
N LYS D 488 17.14 -0.81 13.02
CA LYS D 488 16.54 -1.84 12.18
C LYS D 488 15.60 -1.27 11.10
N SER D 489 15.83 -0.04 10.66
CA SER D 489 14.94 0.63 9.73
C SER D 489 15.60 0.86 8.37
N VAL D 490 14.79 0.77 7.31
CA VAL D 490 15.26 1.05 5.97
C VAL D 490 14.92 2.49 5.70
N LYS D 491 15.94 3.36 5.82
CA LYS D 491 15.73 4.80 5.92
C LYS D 491 16.35 5.54 4.76
N HIS D 492 15.60 6.49 4.22
CA HIS D 492 16.07 7.50 3.25
C HIS D 492 15.82 8.85 3.90
N MET D 493 16.90 9.62 4.13
CA MET D 493 16.84 10.86 4.89
C MET D 493 16.27 10.58 6.28
N ASP D 494 15.14 11.19 6.67
CA ASP D 494 14.42 10.85 7.92
C ASP D 494 13.07 10.16 7.66
N LEU D 495 12.92 9.57 6.48
CA LEU D 495 11.74 8.83 6.10
C LEU D 495 12.12 7.35 6.01
N CYS D 496 11.29 6.47 6.57
CA CYS D 496 11.56 5.05 6.50
C CYS D 496 10.43 4.23 6.01
N LEU D 497 10.77 3.03 5.54
CA LEU D 497 9.81 2.13 4.91
C LEU D 497 8.95 1.66 6.03
N THR D 498 7.65 1.82 5.88
CA THR D 498 6.69 1.54 6.94
C THR D 498 5.62 0.55 6.44
N VAL D 499 5.42 -0.49 7.24
CA VAL D 499 4.34 -1.45 7.05
C VAL D 499 3.10 -0.92 7.78
N VAL D 500 2.29 -0.18 7.03
CA VAL D 500 1.06 0.38 7.55
C VAL D 500 -0.06 -0.60 7.62
N ASP D 501 0.04 -1.79 7.05
CA ASP D 501 -1.02 -2.79 6.97
C ASP D 501 -0.35 -4.07 6.69
N ARG D 502 -0.25 -4.93 7.73
CA ARG D 502 0.44 -6.23 7.62
C ARG D 502 -0.25 -7.26 6.74
N ALA D 503 -1.48 -7.01 6.25
CA ALA D 503 -2.18 -7.99 5.45
C ALA D 503 -1.45 -8.22 4.15
N PRO D 504 -1.24 -9.51 3.75
CA PRO D 504 -0.45 -9.76 2.51
C PRO D 504 -1.06 -9.12 1.27
N GLY D 505 -0.22 -8.57 0.42
CA GLY D 505 -0.65 -7.76 -0.71
C GLY D 505 -0.62 -6.26 -0.47
N SER D 506 -0.47 -5.85 0.78
CA SER D 506 -0.59 -4.42 1.12
C SER D 506 0.62 -3.62 0.69
N LEU D 507 0.37 -2.41 0.22
CA LEU D 507 1.42 -1.45 -0.16
C LEU D 507 2.08 -0.94 1.15
N ILE D 508 3.36 -0.61 1.02
CA ILE D 508 4.06 0.02 2.10
C ILE D 508 4.09 1.51 1.82
N LYS D 509 4.12 2.29 2.93
CA LYS D 509 4.22 3.74 2.83
C LYS D 509 5.51 4.27 3.44
N LEU D 510 6.00 5.35 2.87
CA LEU D 510 7.11 6.13 3.39
C LEU D 510 6.60 7.04 4.52
N GLN D 511 7.13 6.88 5.73
CA GLN D 511 6.71 7.71 6.88
C GLN D 511 7.91 8.22 7.66
N GLY D 512 7.66 9.19 8.55
CA GLY D 512 8.68 9.72 9.44
C GLY D 512 9.26 8.63 10.32
N CYS D 513 10.57 8.64 10.49
CA CYS D 513 11.27 7.59 11.20
C CYS D 513 11.16 7.75 12.70
N ARG D 514 10.67 6.70 13.35
CA ARG D 514 10.66 6.56 14.80
C ARG D 514 11.44 5.31 15.22
N GLU D 515 12.38 5.47 16.16
CA GLU D 515 13.02 4.32 16.87
C GLU D 515 12.09 3.41 17.67
N ASN D 516 10.82 3.82 17.81
CA ASN D 516 9.79 3.16 18.58
C ASN D 516 8.67 2.51 17.74
N ASP D 517 8.62 2.74 16.42
CA ASP D 517 7.57 2.23 15.57
C ASP D 517 7.95 0.87 15.03
N SER D 518 7.34 -0.18 15.57
CA SER D 518 7.66 -1.56 15.19
C SER D 518 7.34 -1.89 13.70
N ARG D 519 6.45 -1.07 13.12
CA ARG D 519 6.01 -1.19 11.74
C ARG D 519 7.11 -0.79 10.73
N GLN D 520 8.11 0.00 11.19
CA GLN D 520 9.24 0.46 10.40
C GLN D 520 10.52 -0.38 10.57
N LYS D 521 10.42 -1.54 11.21
CA LYS D 521 11.56 -2.38 11.54
C LYS D 521 11.72 -3.55 10.54
N TRP D 522 12.91 -3.63 9.95
CA TRP D 522 13.24 -4.63 8.93
C TRP D 522 14.55 -5.35 9.24
N GLU D 523 14.65 -6.58 8.72
CA GLU D 523 15.82 -7.44 8.89
C GLU D 523 16.13 -8.14 7.59
N GLN D 524 17.43 -8.39 7.33
CA GLN D 524 17.91 -9.06 6.13
C GLN D 524 17.98 -10.57 6.36
N ILE D 525 17.41 -11.35 5.44
CA ILE D 525 17.36 -12.80 5.54
C ILE D 525 17.82 -13.49 4.27
N GLU D 526 17.94 -14.82 4.36
CA GLU D 526 18.34 -15.70 3.26
C GLU D 526 19.62 -15.16 2.59
N GLY D 527 20.65 -15.07 3.41
CA GLY D 527 21.99 -14.65 2.98
C GLY D 527 22.07 -13.23 2.45
N ASN D 528 21.51 -12.28 3.19
CA ASN D 528 21.47 -10.87 2.81
C ASN D 528 20.70 -10.50 1.55
N SER D 529 19.94 -11.43 0.97
CA SER D 529 19.34 -11.21 -0.33
C SER D 529 17.89 -10.75 -0.24
N LYS D 530 17.18 -11.23 0.78
CA LYS D 530 15.81 -10.83 1.06
C LYS D 530 15.75 -9.78 2.15
N LEU D 531 14.58 -9.23 2.35
CA LEU D 531 14.36 -8.17 3.30
C LEU D 531 13.04 -8.38 4.03
N ARG D 532 13.11 -8.92 5.23
CA ARG D 532 11.92 -9.35 5.99
C ARG D 532 11.51 -8.29 7.02
N HIS D 533 10.20 -8.08 7.13
CA HIS D 533 9.60 -7.27 8.15
C HIS D 533 9.67 -8.07 9.47
N VAL D 534 10.26 -7.45 10.51
CA VAL D 534 10.56 -8.17 11.73
C VAL D 534 9.26 -8.53 12.46
N GLY D 535 9.28 -9.66 13.16
CA GLY D 535 8.11 -10.14 13.89
C GLY D 535 6.95 -10.51 12.97
N SER D 536 7.30 -11.07 11.82
CA SER D 536 6.34 -11.30 10.75
C SER D 536 6.84 -12.41 9.80
N ASN D 537 5.91 -12.83 8.93
CA ASN D 537 6.16 -13.73 7.83
C ASN D 537 6.20 -12.97 6.47
N LEU D 538 6.61 -11.70 6.52
CA LEU D 538 6.40 -10.75 5.44
C LEU D 538 7.72 -10.13 4.99
N CYS D 539 7.88 -10.10 3.67
CA CYS D 539 9.10 -9.66 2.99
C CYS D 539 8.76 -8.57 1.97
N LEU D 540 9.67 -7.62 1.86
CA LEU D 540 9.59 -6.54 0.88
C LEU D 540 9.62 -7.15 -0.50
N ASP D 541 8.69 -6.70 -1.36
CA ASP D 541 8.42 -7.33 -2.64
C ASP D 541 8.11 -6.28 -3.69
N SER D 542 8.70 -6.39 -4.87
CA SER D 542 8.54 -5.44 -5.98
C SER D 542 7.48 -5.82 -7.04
N ARG D 543 6.76 -6.91 -6.86
CA ARG D 543 5.83 -7.40 -7.89
C ARG D 543 4.73 -6.38 -8.21
N THR D 544 4.27 -5.67 -7.18
CA THR D 544 3.26 -4.62 -7.29
C THR D 544 3.74 -3.24 -7.68
N ALA D 545 5.01 -3.05 -8.00
CA ALA D 545 5.55 -1.75 -8.41
C ALA D 545 4.68 -1.02 -9.45
N LYS D 546 4.29 -1.72 -10.51
CA LYS D 546 3.37 -1.13 -11.51
C LYS D 546 1.93 -0.99 -10.98
N SER D 547 1.53 -1.99 -10.23
CA SER D 547 0.22 -2.08 -9.59
C SER D 547 -0.02 -1.00 -8.57
N GLY D 548 0.97 -0.30 -8.04
CA GLY D 548 0.77 0.95 -7.29
C GLY D 548 2.13 1.40 -6.72
N GLY D 549 2.63 0.60 -5.79
CA GLY D 549 4.04 0.64 -5.39
C GLY D 549 4.53 -0.70 -4.93
N LEU D 550 5.71 -0.66 -4.28
CA LEU D 550 6.25 -1.78 -3.49
C LEU D 550 5.27 -2.20 -2.42
N SER D 551 5.22 -3.50 -2.20
CA SER D 551 4.30 -4.12 -1.27
C SER D 551 5.01 -5.08 -0.35
N VAL D 552 4.33 -5.39 0.75
CA VAL D 552 4.74 -6.44 1.67
C VAL D 552 3.93 -7.67 1.22
N GLU D 553 4.62 -8.79 1.07
CA GLU D 553 4.05 -10.07 0.64
C GLU D 553 4.58 -11.16 1.54
N VAL D 554 4.03 -12.37 1.41
CA VAL D 554 4.48 -13.50 2.26
C VAL D 554 5.83 -13.96 1.72
N CYS D 555 6.80 -14.20 2.59
CA CYS D 555 8.14 -14.58 2.18
C CYS D 555 8.23 -16.00 1.56
N GLY D 556 8.06 -16.00 0.24
CA GLY D 556 8.05 -17.21 -0.57
C GLY D 556 9.22 -17.21 -1.56
N PRO D 557 9.13 -18.04 -2.62
CA PRO D 557 10.25 -18.22 -3.56
C PRO D 557 10.64 -17.01 -4.41
N ALA D 558 9.64 -16.32 -4.98
CA ALA D 558 9.76 -14.96 -5.54
C ALA D 558 11.08 -14.22 -5.77
N LEU D 559 11.40 -14.01 -7.04
CA LEU D 559 12.55 -13.19 -7.46
C LEU D 559 12.37 -11.68 -7.24
N SER D 560 11.15 -11.25 -7.08
CA SER D 560 10.76 -9.88 -6.65
C SER D 560 11.10 -9.53 -5.21
N GLN D 561 11.34 -10.52 -4.37
CA GLN D 561 11.75 -10.29 -2.94
C GLN D 561 13.28 -10.17 -2.73
N GLN D 562 14.04 -10.29 -3.83
CA GLN D 562 15.48 -10.22 -3.82
C GLN D 562 16.03 -8.78 -3.92
N TRP D 563 16.88 -8.44 -2.98
CA TRP D 563 17.55 -7.15 -2.88
C TRP D 563 19.00 -7.32 -2.30
N LYS D 564 19.95 -6.67 -2.97
CA LYS D 564 21.30 -6.46 -2.45
C LYS D 564 21.64 -5.00 -2.15
N PHE D 565 22.30 -4.77 -1.01
CA PHE D 565 22.79 -3.42 -0.66
C PHE D 565 24.13 -3.18 -1.30
N THR D 566 24.30 -2.01 -1.90
CA THR D 566 25.59 -1.63 -2.57
C THR D 566 26.74 -1.50 -1.60
N LEU D 567 26.51 -1.06 -0.38
CA LEU D 567 27.55 -1.05 0.69
C LEU D 567 27.01 -1.93 1.84
N ASN D 568 27.65 -3.12 1.94
CA ASN D 568 27.23 -4.12 2.92
C ASN D 568 28.32 -4.28 3.99
N LEU D 569 27.90 -4.14 5.26
CA LEU D 569 28.84 -4.13 6.37
C LEU D 569 28.18 -4.56 7.68
N LYS E 75 -24.96 27.93 44.93
CA LYS E 75 -24.86 28.65 46.27
C LYS E 75 -25.09 27.63 47.33
N VAL E 76 -24.16 27.44 48.25
CA VAL E 76 -24.28 26.50 49.41
C VAL E 76 -24.19 25.00 49.00
N ARG E 77 -23.20 24.34 49.57
CA ARG E 77 -22.98 22.92 49.39
C ARG E 77 -24.05 22.14 50.13
N TRP E 78 -24.29 20.90 49.72
CA TRP E 78 -25.40 20.12 50.28
C TRP E 78 -25.32 19.88 51.79
N PRO E 79 -24.12 19.63 52.37
CA PRO E 79 -24.09 19.42 53.83
C PRO E 79 -24.41 20.69 54.65
N ASP E 80 -24.09 21.85 54.07
CA ASP E 80 -24.38 23.14 54.69
C ASP E 80 -25.84 23.56 54.48
N PHE E 81 -26.57 22.84 53.62
CA PHE E 81 -28.01 23.07 53.43
C PHE E 81 -28.77 22.67 54.66
N ASN E 82 -29.82 23.43 54.96
CA ASN E 82 -30.60 23.25 56.17
C ASN E 82 -31.76 22.26 56.00
N GLN E 83 -31.45 20.97 56.20
CA GLN E 83 -32.51 19.96 56.39
C GLN E 83 -33.25 20.38 57.67
N GLU E 84 -34.32 19.70 58.03
CA GLU E 84 -35.16 20.10 59.19
C GLU E 84 -35.80 21.43 58.97
N ALA E 85 -35.12 22.47 58.42
CA ALA E 85 -35.84 23.70 58.01
C ALA E 85 -36.67 23.45 56.74
N TYR E 86 -36.02 22.77 55.79
CA TYR E 86 -36.66 22.36 54.55
C TYR E 86 -37.73 21.31 54.81
N VAL E 87 -37.42 20.17 55.38
CA VAL E 87 -38.38 19.19 55.90
C VAL E 87 -39.11 19.96 57.04
N GLY E 88 -39.84 20.99 56.62
CA GLY E 88 -40.59 21.84 57.53
C GLY E 88 -41.09 20.86 58.58
N GLY E 89 -42.34 20.43 58.39
CA GLY E 89 -42.92 19.45 59.31
C GLY E 89 -43.70 18.40 58.54
N THR E 90 -44.82 17.95 59.14
CA THR E 90 -45.62 16.85 58.61
C THR E 90 -46.96 17.36 58.10
N ASP E 97 -52.78 10.44 59.72
CA ASP E 97 -52.78 9.65 58.49
C ASP E 97 -51.51 9.97 57.64
N PRO E 98 -50.36 9.39 58.05
CA PRO E 98 -49.06 9.70 57.37
C PRO E 98 -48.95 9.22 55.92
N TYR E 99 -49.59 8.10 55.62
CA TYR E 99 -49.62 7.47 54.31
C TYR E 99 -50.56 8.10 53.28
N ALA E 100 -51.50 8.94 53.72
CA ALA E 100 -52.37 9.61 52.78
C ALA E 100 -51.67 10.69 51.96
N ARG E 101 -50.75 11.41 52.59
CA ARG E 101 -49.87 12.36 51.93
C ARG E 101 -49.11 11.95 50.65
N ASN E 102 -48.24 10.94 50.76
CA ASN E 102 -47.47 10.44 49.58
C ASN E 102 -47.64 8.95 49.39
N LYS E 103 -48.65 8.35 50.04
CA LYS E 103 -48.92 6.90 50.01
C LYS E 103 -47.74 6.03 50.43
N PHE E 104 -46.90 6.57 51.31
CA PHE E 104 -45.81 5.85 51.95
C PHE E 104 -45.56 6.65 53.24
N ASN E 105 -45.03 5.97 54.26
CA ASN E 105 -44.93 6.64 55.54
C ASN E 105 -44.15 7.91 55.25
N GLN E 106 -44.52 9.00 55.87
CA GLN E 106 -43.70 10.24 55.67
C GLN E 106 -42.97 10.51 56.93
N VAL E 107 -43.47 9.94 58.02
CA VAL E 107 -42.85 10.20 59.35
C VAL E 107 -41.47 9.60 59.35
N GLU E 108 -41.37 8.35 58.94
CA GLU E 108 -40.08 7.66 58.90
C GLU E 108 -39.07 8.28 57.94
N SER E 109 -39.60 8.74 56.79
CA SER E 109 -38.81 9.45 55.80
C SER E 109 -38.31 10.78 56.38
N ASP E 110 -39.19 11.56 56.99
CA ASP E 110 -38.82 12.85 57.59
C ASP E 110 -37.79 12.67 58.72
N LYS E 111 -37.95 11.62 59.52
CA LYS E 111 -37.03 11.27 60.63
C LYS E 111 -35.62 11.02 60.16
N LEU E 112 -35.46 10.47 58.97
CA LEU E 112 -34.13 10.09 58.45
C LEU E 112 -33.37 11.30 57.95
N ARG E 113 -32.05 11.22 58.10
CA ARG E 113 -31.15 12.32 57.70
C ARG E 113 -31.15 12.45 56.18
N MET E 114 -30.82 13.62 55.68
CA MET E 114 -30.60 13.81 54.21
C MET E 114 -29.43 12.95 53.73
N ASP E 115 -28.40 12.86 54.56
CA ASP E 115 -27.12 12.22 54.33
C ASP E 115 -27.07 10.74 54.78
N ARG E 116 -28.25 10.19 55.14
CA ARG E 116 -28.47 8.84 55.58
C ARG E 116 -27.54 7.75 55.20
N ALA E 117 -27.08 6.95 56.16
CA ALA E 117 -26.16 5.84 55.86
C ALA E 117 -27.00 4.70 55.32
N ILE E 118 -26.56 4.09 54.22
CA ILE E 118 -27.26 2.93 53.66
C ILE E 118 -26.25 1.80 53.44
N PRO E 119 -26.69 0.54 53.59
CA PRO E 119 -25.74 -0.58 53.46
C PRO E 119 -25.33 -0.82 52.02
N ASP E 120 -24.05 -1.14 51.84
CA ASP E 120 -23.50 -1.43 50.51
C ASP E 120 -24.01 -2.80 50.09
N THR E 121 -25.06 -2.80 49.25
CA THR E 121 -25.76 -4.01 48.85
C THR E 121 -25.29 -4.65 47.55
N ARG E 122 -24.00 -4.69 47.36
CA ARG E 122 -23.39 -5.18 46.09
C ARG E 122 -22.28 -6.17 46.27
N HIS E 123 -22.10 -7.03 45.30
CA HIS E 123 -21.15 -8.16 45.38
C HIS E 123 -19.76 -7.61 45.57
N ASP E 124 -18.96 -8.33 46.35
CA ASP E 124 -17.57 -7.94 46.59
C ASP E 124 -16.82 -7.73 45.27
N GLN E 125 -17.09 -8.56 44.25
CA GLN E 125 -16.53 -8.38 42.90
C GLN E 125 -16.79 -7.04 42.22
N CYS E 126 -17.37 -6.03 42.91
CA CYS E 126 -17.53 -4.70 42.41
C CYS E 126 -16.44 -3.77 42.89
N GLN E 127 -15.84 -4.12 44.03
CA GLN E 127 -14.78 -3.38 44.67
C GLN E 127 -13.43 -3.60 44.04
N GLN E 130 -13.58 -1.88 37.49
CA GLN E 130 -12.90 -1.14 36.44
C GLN E 130 -13.87 -0.34 35.64
N TRP E 131 -13.73 0.99 35.73
CA TRP E 131 -14.40 1.97 34.79
C TRP E 131 -13.50 2.94 33.91
N ARG E 132 -12.33 2.45 33.56
CA ARG E 132 -11.28 3.20 32.91
C ARG E 132 -11.09 4.54 33.60
N VAL E 133 -10.95 5.65 32.88
CA VAL E 133 -10.64 6.94 33.54
C VAL E 133 -11.54 8.08 32.98
N ASP E 134 -11.65 8.10 31.64
CA ASP E 134 -11.99 9.41 30.97
C ASP E 134 -13.49 9.62 30.86
N LEU E 135 -14.25 9.43 31.93
CA LEU E 135 -15.69 9.25 31.81
C LEU E 135 -16.52 10.54 31.75
N PRO E 136 -17.58 10.51 30.93
CA PRO E 136 -18.29 11.77 30.66
C PRO E 136 -19.22 12.13 31.79
N ALA E 137 -19.38 13.39 32.05
CA ALA E 137 -20.31 13.89 33.06
C ALA E 137 -21.75 13.75 32.59
N THR E 138 -22.68 13.82 33.54
CA THR E 138 -24.11 13.64 33.24
C THR E 138 -25.00 14.68 33.87
N SER E 139 -26.08 15.01 33.16
CA SER E 139 -27.16 15.82 33.68
C SER E 139 -28.21 14.88 34.27
N VAL E 140 -28.41 14.95 35.56
CA VAL E 140 -29.37 14.10 36.26
C VAL E 140 -30.73 14.78 36.25
N VAL E 141 -31.70 14.12 35.61
CA VAL E 141 -33.06 14.65 35.45
C VAL E 141 -34.07 13.97 36.38
N ILE E 142 -34.57 14.72 37.35
CA ILE E 142 -35.52 14.20 38.31
C ILE E 142 -36.81 14.97 38.11
N THR E 143 -37.90 14.22 37.92
CA THR E 143 -39.21 14.79 37.72
C THR E 143 -40.05 14.48 38.97
N PHE E 144 -40.87 15.44 39.39
CA PHE E 144 -41.71 15.26 40.57
C PHE E 144 -43.01 16.09 40.60
N HIS E 145 -43.99 15.50 41.28
CA HIS E 145 -45.29 16.11 41.49
C HIS E 145 -45.75 15.72 42.92
N ASN E 146 -45.76 16.70 43.81
CA ASN E 146 -46.17 16.54 45.21
C ASN E 146 -45.32 15.50 45.95
N GLU E 147 -44.01 15.55 45.78
CA GLU E 147 -43.12 14.60 46.44
C GLU E 147 -42.95 15.01 47.87
N ALA E 148 -42.59 14.06 48.72
CA ALA E 148 -42.22 14.38 50.11
C ALA E 148 -40.89 15.12 50.14
N ARG E 149 -40.85 16.27 50.78
CA ARG E 149 -39.61 17.06 50.91
C ARG E 149 -38.39 16.23 51.31
N SER E 150 -38.56 15.42 52.35
CA SER E 150 -37.52 14.54 52.87
C SER E 150 -37.00 13.59 51.78
N ALA E 151 -37.89 12.99 51.03
CA ALA E 151 -37.54 11.99 50.00
C ALA E 151 -36.87 12.63 48.79
N LEU E 152 -37.39 13.76 48.36
CA LEU E 152 -36.81 14.53 47.27
C LEU E 152 -35.40 14.97 47.62
N LEU E 153 -35.22 15.53 48.81
CA LEU E 153 -33.91 15.98 49.28
C LEU E 153 -32.94 14.83 49.32
N ARG E 154 -33.31 13.75 49.99
CA ARG E 154 -32.49 12.52 50.11
C ARG E 154 -32.02 12.02 48.73
N THR E 155 -32.89 12.08 47.73
CA THR E 155 -32.56 11.72 46.37
C THR E 155 -31.42 12.61 45.89
N VAL E 156 -31.67 13.90 45.88
CA VAL E 156 -30.71 14.93 45.41
C VAL E 156 -29.36 14.78 46.10
N VAL E 157 -29.37 14.69 47.43
CA VAL E 157 -28.12 14.59 48.19
C VAL E 157 -27.39 13.28 47.86
N SER E 158 -28.14 12.18 47.73
CA SER E 158 -27.53 10.88 47.43
C SER E 158 -26.78 10.90 46.11
N VAL E 159 -27.31 11.62 45.13
CA VAL E 159 -26.63 11.84 43.85
C VAL E 159 -25.30 12.55 44.04
N LEU E 160 -25.33 13.66 44.79
CA LEU E 160 -24.17 14.49 45.00
C LEU E 160 -23.15 13.86 45.90
N LYS E 161 -23.60 13.25 46.99
CA LYS E 161 -22.68 12.57 47.92
C LYS E 161 -21.98 11.38 47.29
N LYS E 162 -22.71 10.55 46.55
CA LYS E 162 -22.18 9.25 46.12
C LYS E 162 -21.61 9.25 44.70
N SER E 163 -21.91 10.29 43.92
CA SER E 163 -21.27 10.48 42.62
C SER E 163 -20.04 11.38 42.78
N PRO E 164 -18.93 11.06 42.09
CA PRO E 164 -17.78 11.98 42.08
C PRO E 164 -18.16 13.35 41.52
N PRO E 165 -17.78 14.44 42.20
CA PRO E 165 -18.32 15.77 41.87
C PRO E 165 -18.27 16.25 40.37
N HIS E 166 -17.21 15.89 39.74
CA HIS E 166 -16.90 16.27 38.34
C HIS E 166 -17.73 15.53 37.34
N LEU E 167 -18.32 14.39 37.72
CA LEU E 167 -19.22 13.62 36.86
C LEU E 167 -20.69 14.08 36.91
N ILE E 168 -21.01 14.94 37.87
CA ILE E 168 -22.34 15.56 37.96
C ILE E 168 -22.25 16.97 37.43
N LYS E 169 -22.66 17.17 36.17
CA LYS E 169 -22.68 18.51 35.58
C LYS E 169 -23.74 19.34 36.29
N GLU E 170 -24.93 18.78 36.38
CA GLU E 170 -26.02 19.42 37.11
C GLU E 170 -27.09 18.41 37.49
N ILE E 171 -27.89 18.79 38.49
CA ILE E 171 -29.12 18.09 38.82
C ILE E 171 -30.28 18.98 38.40
N ILE E 172 -31.03 18.53 37.42
CA ILE E 172 -32.17 19.28 36.90
C ILE E 172 -33.42 18.71 37.57
N LEU E 173 -34.06 19.52 38.41
CA LEU E 173 -35.36 19.21 38.94
C LEU E 173 -36.46 19.81 38.04
N VAL E 174 -37.33 18.96 37.52
CA VAL E 174 -38.52 19.40 36.80
C VAL E 174 -39.73 19.22 37.71
N ASP E 175 -40.15 20.33 38.32
CA ASP E 175 -41.42 20.41 39.04
C ASP E 175 -42.59 20.30 38.09
N ASP E 176 -43.22 19.10 38.03
CA ASP E 176 -44.43 18.92 37.23
C ASP E 176 -45.70 19.41 37.95
N TYR E 177 -45.85 20.71 38.02
CA TYR E 177 -46.98 21.38 38.63
C TYR E 177 -47.42 20.82 40.00
N SER E 178 -46.47 20.83 40.93
CA SER E 178 -46.79 20.53 42.32
C SER E 178 -47.65 21.63 42.93
N ASN E 179 -48.25 21.32 44.05
CA ASN E 179 -48.98 22.32 44.88
C ASN E 179 -48.17 23.62 45.16
N ASP E 180 -47.48 23.76 46.32
CA ASP E 180 -46.84 24.96 46.72
C ASP E 180 -45.34 24.97 46.26
N PRO E 181 -44.97 25.79 45.25
CA PRO E 181 -43.73 25.63 44.50
C PRO E 181 -42.43 25.64 45.27
N GLU E 182 -42.47 26.09 46.51
CA GLU E 182 -41.41 25.94 47.50
C GLU E 182 -40.93 24.49 47.68
N ASP E 183 -41.84 23.52 47.47
CA ASP E 183 -41.58 22.10 47.49
C ASP E 183 -40.26 21.72 46.85
N GLY E 184 -40.06 22.12 45.60
CA GLY E 184 -38.78 21.90 44.93
C GLY E 184 -37.96 23.12 44.77
N ALA E 185 -38.60 24.30 44.59
CA ALA E 185 -37.86 25.50 44.14
C ALA E 185 -36.67 25.81 45.06
N LEU E 186 -36.93 25.77 46.37
CA LEU E 186 -35.92 26.11 47.33
C LEU E 186 -34.69 25.19 47.36
N LEU E 187 -34.74 23.99 46.79
CA LEU E 187 -33.54 23.17 46.62
C LEU E 187 -32.54 23.77 45.63
N GLY E 188 -33.04 24.62 44.73
CA GLY E 188 -32.22 25.50 43.89
C GLY E 188 -31.06 26.19 44.57
N LYS E 189 -31.20 26.50 45.85
CA LYS E 189 -30.08 26.93 46.70
C LYS E 189 -28.86 25.98 46.69
N ILE E 190 -29.06 24.67 46.41
CA ILE E 190 -27.98 23.68 46.52
C ILE E 190 -27.08 23.69 45.28
N GLU E 191 -25.78 23.52 45.49
CA GLU E 191 -24.79 23.37 44.42
C GLU E 191 -25.25 22.45 43.30
N LYS E 192 -25.10 22.90 42.08
CA LYS E 192 -25.46 22.13 40.86
C LYS E 192 -26.96 21.84 40.64
N VAL E 193 -27.82 22.36 41.51
CA VAL E 193 -29.27 22.06 41.41
C VAL E 193 -29.96 23.16 40.65
N ARG E 194 -30.57 22.82 39.54
CA ARG E 194 -31.34 23.76 38.69
C ARG E 194 -32.81 23.29 38.70
N VAL E 195 -33.71 24.24 38.65
CA VAL E 195 -35.15 23.93 38.91
C VAL E 195 -36.01 24.53 37.84
N LEU E 196 -36.83 23.70 37.20
CA LEU E 196 -37.70 24.08 36.10
C LEU E 196 -39.14 23.79 36.50
N ARG E 197 -39.92 24.86 36.56
CA ARG E 197 -41.36 24.79 36.83
C ARG E 197 -42.17 24.52 35.56
N ASN E 198 -43.07 23.54 35.63
CA ASN E 198 -44.10 23.38 34.59
C ASN E 198 -45.25 24.33 34.77
N ASP E 199 -45.46 25.19 33.76
CA ASP E 199 -46.60 26.12 33.60
C ASP E 199 -47.99 25.65 34.09
N ARG E 200 -48.32 24.45 33.69
CA ARG E 200 -49.54 23.71 34.19
C ARG E 200 -49.12 22.26 34.24
N ARG E 201 -50.05 21.34 34.52
CA ARG E 201 -49.75 19.93 34.65
C ARG E 201 -49.55 19.23 33.33
N GLU E 202 -48.30 18.85 33.06
CA GLU E 202 -47.91 18.07 31.90
C GLU E 202 -47.70 16.81 32.73
N GLY E 203 -46.75 15.99 32.52
CA GLY E 203 -46.81 14.58 32.94
C GLY E 203 -45.42 14.02 33.02
N LEU E 204 -45.27 12.80 33.52
CA LEU E 204 -43.97 12.18 33.75
C LEU E 204 -43.05 12.25 32.52
N MET E 205 -43.55 11.68 31.44
CA MET E 205 -42.82 11.69 30.18
C MET E 205 -42.54 13.07 29.64
N ARG E 206 -43.53 13.94 29.50
CA ARG E 206 -43.29 15.29 28.97
C ARG E 206 -42.24 16.06 29.80
N SER E 207 -42.37 15.94 31.13
CA SER E 207 -41.49 16.60 32.07
C SER E 207 -40.05 16.15 31.93
N ARG E 208 -39.87 14.85 31.77
CA ARG E 208 -38.56 14.29 31.51
C ARG E 208 -37.94 14.82 30.23
N VAL E 209 -38.76 15.00 29.19
CA VAL E 209 -38.27 15.46 27.90
C VAL E 209 -37.75 16.89 28.01
N ARG E 210 -38.50 17.73 28.77
CA ARG E 210 -38.10 19.10 29.00
C ARG E 210 -36.71 19.14 29.60
N GLY E 211 -36.55 18.43 30.73
CA GLY E 211 -35.29 18.41 31.43
C GLY E 211 -34.14 17.94 30.57
N ALA E 212 -34.40 16.93 29.73
CA ALA E 212 -33.38 16.35 28.87
C ALA E 212 -32.91 17.31 27.81
N ASP E 213 -33.88 18.01 27.22
CA ASP E 213 -33.56 18.96 26.12
C ASP E 213 -32.86 20.20 26.65
N ALA E 214 -33.22 20.55 27.89
CA ALA E 214 -32.62 21.64 28.66
C ALA E 214 -31.42 21.19 29.48
N ALA E 215 -30.82 20.04 29.17
CA ALA E 215 -29.59 19.56 29.80
C ALA E 215 -28.36 20.01 29.05
N GLN E 216 -27.33 20.48 29.77
CA GLN E 216 -26.07 20.83 29.17
C GLN E 216 -25.15 19.64 28.89
N ALA E 217 -25.26 18.60 29.69
CA ALA E 217 -24.27 17.50 29.62
C ALA E 217 -24.43 16.63 28.38
N LYS E 218 -23.43 15.82 28.12
CA LYS E 218 -23.35 14.94 26.97
C LYS E 218 -24.24 13.69 27.17
N VAL E 219 -24.46 13.33 28.45
CA VAL E 219 -25.12 12.09 28.86
C VAL E 219 -26.24 12.41 29.86
N LEU E 220 -27.39 11.75 29.70
CA LEU E 220 -28.53 11.87 30.59
C LEU E 220 -28.58 10.75 31.59
N THR E 221 -28.95 11.10 32.83
CA THR E 221 -29.33 10.14 33.85
C THR E 221 -30.73 10.56 34.32
N PHE E 222 -31.69 9.65 34.22
CA PHE E 222 -33.02 9.85 34.78
C PHE E 222 -33.16 9.15 36.10
N LEU E 223 -33.96 9.73 36.98
CA LEU E 223 -34.18 9.18 38.31
C LEU E 223 -35.54 9.58 38.80
N ASP E 224 -36.20 8.68 39.53
CA ASP E 224 -37.44 9.03 40.22
C ASP E 224 -37.08 9.86 41.43
N SER E 225 -38.03 10.67 41.89
CA SER E 225 -37.82 11.63 42.96
C SER E 225 -37.87 11.07 44.41
N HIS E 226 -37.81 9.74 44.54
CA HIS E 226 -37.78 9.09 45.84
C HIS E 226 -36.81 7.93 45.80
N CYS E 227 -35.57 8.25 45.37
CA CYS E 227 -34.51 7.25 45.23
C CYS E 227 -33.36 7.56 46.17
N GLU E 228 -32.44 6.62 46.30
CA GLU E 228 -31.22 6.77 47.11
C GLU E 228 -30.06 6.02 46.46
N CYS E 229 -29.20 6.77 45.80
CA CYS E 229 -28.02 6.24 45.17
C CYS E 229 -27.08 5.62 46.18
N ASN E 230 -26.49 4.48 45.82
CA ASN E 230 -25.57 3.75 46.66
C ASN E 230 -24.12 4.02 46.24
N GLU E 231 -23.19 3.28 46.85
CA GLU E 231 -21.77 3.46 46.64
C GLU E 231 -21.38 3.25 45.20
N HIS E 232 -20.55 4.16 44.71
CA HIS E 232 -20.03 4.21 43.32
C HIS E 232 -21.03 3.65 42.30
N TRP E 233 -22.22 4.23 42.36
CA TRP E 233 -23.35 3.82 41.56
C TRP E 233 -23.23 4.25 40.11
N LEU E 234 -22.76 5.46 39.89
CA LEU E 234 -22.84 6.09 38.57
C LEU E 234 -21.76 5.59 37.58
N GLU E 235 -20.55 5.39 38.09
CA GLU E 235 -19.41 5.03 37.26
C GLU E 235 -19.66 3.78 36.37
N PRO E 236 -20.13 2.68 36.96
CA PRO E 236 -20.34 1.49 36.13
C PRO E 236 -21.38 1.69 35.03
N LEU E 237 -22.35 2.58 35.23
CA LEU E 237 -23.34 2.89 34.20
C LEU E 237 -22.68 3.64 33.05
N LEU E 238 -21.98 4.70 33.38
CA LEU E 238 -21.28 5.53 32.38
C LEU E 238 -20.22 4.75 31.62
N GLU E 239 -19.41 3.96 32.29
CA GLU E 239 -18.43 3.09 31.63
C GLU E 239 -19.02 2.34 30.41
N ARG E 240 -20.23 1.83 30.59
CA ARG E 240 -20.94 1.09 29.52
C ARG E 240 -21.34 2.04 28.38
N VAL E 241 -21.96 3.15 28.74
CA VAL E 241 -22.43 4.10 27.73
C VAL E 241 -21.25 4.78 27.01
N ALA E 242 -20.20 5.08 27.73
CA ALA E 242 -18.98 5.70 27.17
C ALA E 242 -18.29 4.82 26.14
N GLU E 243 -18.28 3.52 26.40
CA GLU E 243 -17.78 2.51 25.46
C GLU E 243 -18.89 1.87 24.67
N ASP E 244 -19.96 2.52 24.34
CA ASP E 244 -20.93 2.22 23.30
C ASP E 244 -22.16 3.07 23.58
N ARG E 245 -22.27 4.17 22.85
CA ARG E 245 -23.33 5.15 23.05
C ARG E 245 -24.75 4.64 22.79
N THR E 246 -24.88 3.52 22.08
CA THR E 246 -26.21 2.93 21.81
C THR E 246 -26.78 2.14 23.00
N ARG E 247 -25.96 1.83 23.98
CA ARG E 247 -26.42 1.14 25.20
C ARG E 247 -27.18 2.09 26.10
N VAL E 248 -28.35 1.64 26.54
CA VAL E 248 -29.12 2.29 27.58
C VAL E 248 -29.06 1.40 28.82
N VAL E 249 -28.55 1.93 29.90
CA VAL E 249 -28.22 1.12 31.08
C VAL E 249 -29.00 1.62 32.30
N SER E 250 -29.42 0.67 33.12
CA SER E 250 -30.17 0.92 34.34
C SER E 250 -29.45 0.25 35.52
N PRO E 251 -29.55 0.83 36.73
CA PRO E 251 -28.99 0.12 37.87
C PRO E 251 -29.95 -0.94 38.35
N ILE E 252 -29.50 -1.75 39.30
CA ILE E 252 -30.39 -2.62 40.06
C ILE E 252 -31.15 -1.71 41.00
N ALA E 253 -32.47 -1.88 41.06
CA ALA E 253 -33.34 -1.10 41.90
C ALA E 253 -33.49 -1.76 43.24
N ASP E 254 -32.68 -1.32 44.21
CA ASP E 254 -32.82 -1.72 45.58
C ASP E 254 -34.12 -1.19 46.14
N VAL E 255 -34.58 -1.80 47.22
CA VAL E 255 -35.93 -1.55 47.75
C VAL E 255 -35.83 -0.70 49.03
N ILE E 256 -36.50 0.45 49.02
CA ILE E 256 -36.70 1.23 50.20
C ILE E 256 -38.11 0.90 50.67
N ASN E 257 -38.20 0.37 51.91
CA ASN E 257 -39.47 -0.07 52.45
C ASN E 257 -40.40 1.13 52.66
N MET E 258 -41.59 1.03 52.11
CA MET E 258 -42.57 2.15 52.15
C MET E 258 -43.10 2.42 53.59
N ASP E 259 -42.99 1.43 54.48
CA ASP E 259 -43.41 1.52 55.83
C ASP E 259 -42.28 1.86 56.80
N ASN E 260 -41.22 1.04 56.81
CA ASN E 260 -40.10 1.25 57.75
C ASN E 260 -39.03 2.24 57.23
N PHE E 261 -38.99 2.43 55.90
CA PHE E 261 -37.93 3.17 55.19
C PHE E 261 -36.51 2.57 55.28
N GLN E 262 -36.47 1.27 55.57
CA GLN E 262 -35.23 0.50 55.59
C GLN E 262 -34.76 0.30 54.17
N TYR E 263 -33.44 0.41 53.94
CA TYR E 263 -32.85 0.27 52.62
C TYR E 263 -32.53 -1.20 52.49
N VAL E 264 -33.12 -1.89 51.52
CA VAL E 264 -32.96 -3.35 51.42
C VAL E 264 -32.35 -3.69 50.08
N GLY E 265 -31.37 -4.59 50.08
CA GLY E 265 -30.70 -5.01 48.86
C GLY E 265 -31.58 -5.93 48.03
N ALA E 266 -31.62 -5.68 46.73
CA ALA E 266 -32.49 -6.42 45.80
C ALA E 266 -31.71 -7.44 45.00
N SER E 267 -32.43 -8.30 44.30
CA SER E 267 -31.80 -9.41 43.58
C SER E 267 -31.08 -8.92 42.32
N ALA E 268 -29.87 -9.42 42.11
CA ALA E 268 -29.11 -9.25 40.86
C ALA E 268 -29.29 -10.45 39.93
N ASP E 269 -30.21 -11.35 40.26
CA ASP E 269 -30.59 -12.49 39.40
C ASP E 269 -31.92 -12.28 38.68
N LEU E 270 -32.33 -11.02 38.52
CA LEU E 270 -33.53 -10.68 37.83
C LEU E 270 -33.26 -9.74 36.69
N LYS E 271 -34.03 -9.91 35.63
CA LYS E 271 -34.09 -8.98 34.52
C LYS E 271 -35.50 -8.57 34.30
N GLY E 272 -35.72 -7.49 33.58
CA GLY E 272 -37.03 -6.92 33.36
C GLY E 272 -37.76 -7.57 32.22
N GLY E 273 -39.09 -7.53 32.27
CA GLY E 273 -39.91 -8.12 31.22
C GLY E 273 -41.39 -7.76 31.32
N PHE E 274 -42.22 -8.60 30.70
CA PHE E 274 -43.67 -8.38 30.67
C PHE E 274 -44.44 -9.63 30.20
N ASP E 275 -45.70 -9.71 30.64
CA ASP E 275 -46.69 -10.57 30.02
C ASP E 275 -47.47 -9.82 29.00
N TRP E 276 -48.34 -10.51 28.28
CA TRP E 276 -49.11 -9.92 27.18
C TRP E 276 -50.05 -8.77 27.59
N ASN E 277 -50.39 -8.66 28.87
CA ASN E 277 -51.07 -7.46 29.40
C ASN E 277 -50.22 -6.16 29.41
N LEU E 278 -48.93 -6.29 29.08
CA LEU E 278 -47.99 -5.15 28.89
C LEU E 278 -47.75 -4.35 30.17
N VAL E 279 -47.79 -5.07 31.30
CA VAL E 279 -47.46 -4.53 32.61
C VAL E 279 -46.05 -5.00 32.92
N PHE E 280 -45.24 -4.14 33.54
CA PHE E 280 -43.85 -4.50 33.81
C PHE E 280 -43.79 -5.60 34.85
N LYS E 281 -42.88 -6.57 34.64
CA LYS E 281 -42.59 -7.58 35.66
C LYS E 281 -41.16 -8.06 35.58
N TRP E 282 -40.64 -8.51 36.71
CA TRP E 282 -39.27 -9.02 36.81
C TRP E 282 -39.23 -10.51 36.50
N ASP E 283 -38.43 -10.91 35.51
CA ASP E 283 -38.24 -12.31 35.12
C ASP E 283 -37.06 -12.89 35.84
N TYR E 284 -37.04 -14.19 35.99
CA TYR E 284 -35.81 -14.94 36.26
C TYR E 284 -35.03 -15.04 34.95
N MET E 285 -33.71 -15.11 35.03
CA MET E 285 -32.88 -15.29 33.83
C MET E 285 -33.01 -16.74 33.37
N THR E 286 -32.98 -16.96 32.06
CA THR E 286 -33.06 -18.29 31.46
C THR E 286 -31.84 -19.12 31.83
N PRO E 287 -31.96 -20.46 31.73
CA PRO E 287 -30.79 -21.31 31.95
C PRO E 287 -29.60 -20.94 31.11
N GLU E 288 -29.83 -20.62 29.83
CA GLU E 288 -28.74 -20.16 28.92
C GLU E 288 -27.92 -18.97 29.48
N GLN E 289 -28.66 -18.03 30.08
CA GLN E 289 -28.08 -16.82 30.68
C GLN E 289 -27.36 -17.13 31.97
N ARG E 290 -28.07 -17.78 32.88
CA ARG E 290 -27.54 -18.18 34.19
C ARG E 290 -26.24 -18.96 34.11
N ARG E 291 -26.06 -19.81 33.06
CA ARG E 291 -24.75 -20.51 32.90
C ARG E 291 -23.65 -19.49 32.50
N SER E 292 -23.99 -18.65 31.54
CA SER E 292 -23.04 -17.70 30.96
C SER E 292 -22.54 -16.60 31.88
N ARG E 293 -23.33 -16.31 32.92
CA ARG E 293 -23.07 -15.24 33.88
C ARG E 293 -22.72 -15.84 35.21
N GLN E 294 -22.90 -17.17 35.48
CA GLN E 294 -22.51 -17.75 36.78
C GLN E 294 -21.01 -17.54 37.07
N GLY E 295 -20.21 -17.78 36.04
CA GLY E 295 -18.85 -17.34 35.90
C GLY E 295 -18.91 -15.88 35.40
N ASN E 296 -18.92 -15.00 36.39
CA ASN E 296 -18.86 -13.54 36.33
C ASN E 296 -20.19 -12.91 36.77
N PRO E 297 -20.53 -12.99 38.07
CA PRO E 297 -21.88 -12.58 38.50
C PRO E 297 -22.17 -11.06 38.37
N VAL E 298 -21.12 -10.23 38.39
CA VAL E 298 -21.26 -8.79 38.22
C VAL E 298 -21.21 -8.26 36.76
N ALA E 299 -21.22 -9.18 35.79
CA ALA E 299 -21.32 -8.78 34.41
C ALA E 299 -22.66 -8.10 34.12
N PRO E 300 -22.72 -7.26 33.10
CA PRO E 300 -24.00 -6.65 32.76
C PRO E 300 -25.07 -7.70 32.42
N ILE E 301 -26.33 -7.36 32.62
CA ILE E 301 -27.46 -8.19 32.30
C ILE E 301 -28.15 -7.55 31.12
N LYS E 302 -28.38 -8.32 30.07
CA LYS E 302 -29.10 -7.80 28.89
C LYS E 302 -30.59 -7.90 29.17
N THR E 303 -31.22 -6.80 29.50
CA THR E 303 -32.68 -6.84 29.83
C THR E 303 -33.58 -6.46 28.63
N PRO E 304 -34.62 -7.25 28.35
CA PRO E 304 -35.59 -6.90 27.30
C PRO E 304 -36.44 -5.68 27.60
N MET E 305 -36.51 -5.33 28.88
CA MET E 305 -37.20 -4.11 29.32
C MET E 305 -36.48 -3.47 30.49
N ILE E 306 -36.39 -2.15 30.48
CA ILE E 306 -35.89 -1.39 31.63
C ILE E 306 -37.08 -0.97 32.48
N ALA E 307 -36.85 -0.92 33.79
CA ALA E 307 -37.81 -0.49 34.77
C ALA E 307 -38.48 0.85 34.38
N GLY E 308 -37.63 1.77 33.88
CA GLY E 308 -38.09 3.09 33.39
C GLY E 308 -37.82 4.25 34.29
N GLY E 309 -37.49 4.01 35.56
CA GLY E 309 -37.29 5.06 36.53
C GLY E 309 -35.90 5.61 36.56
N ALA E 310 -34.95 4.72 36.78
CA ALA E 310 -33.53 5.06 36.83
C ALA E 310 -32.84 4.47 35.64
N PHE E 311 -32.33 5.31 34.75
CA PHE E 311 -31.47 4.82 33.65
C PHE E 311 -30.59 5.94 33.12
N VAL E 312 -29.53 5.52 32.42
CA VAL E 312 -28.54 6.41 31.85
C VAL E 312 -28.53 6.16 30.33
N MET E 313 -28.51 7.25 29.59
CA MET E 313 -28.64 7.21 28.14
C MET E 313 -27.88 8.37 27.56
N ASP E 314 -27.15 8.12 26.46
CA ASP E 314 -26.42 9.20 25.76
C ASP E 314 -27.43 10.25 25.31
N LYS E 315 -27.17 11.53 25.59
CA LYS E 315 -28.16 12.57 25.33
C LYS E 315 -28.50 12.67 23.83
N PHE E 316 -27.46 12.63 22.97
CA PHE E 316 -27.70 12.70 21.55
C PHE E 316 -28.47 11.48 21.06
N TYR E 317 -28.12 10.31 21.55
CA TYR E 317 -28.86 9.03 21.25
C TYR E 317 -30.33 9.08 21.67
N PHE E 318 -30.59 9.67 22.84
CA PHE E 318 -31.95 9.95 23.30
C PHE E 318 -32.73 10.78 22.28
N GLU E 319 -32.11 11.86 21.82
CA GLU E 319 -32.72 12.77 20.83
C GLU E 319 -32.87 12.10 19.48
N GLU E 320 -31.81 11.48 18.99
CA GLU E 320 -31.81 10.75 17.71
C GLU E 320 -32.95 9.71 17.68
N LEU E 321 -33.05 8.90 18.74
CA LEU E 321 -34.09 7.87 18.81
C LEU E 321 -35.51 8.36 19.10
N GLY E 322 -35.74 9.67 19.08
CA GLY E 322 -37.09 10.23 19.25
C GLY E 322 -37.54 10.56 20.66
N LYS E 323 -36.61 10.70 21.59
CA LYS E 323 -36.90 11.16 22.96
C LYS E 323 -38.02 10.32 23.61
N TYR E 324 -39.08 10.88 24.16
CA TYR E 324 -40.23 10.09 24.58
C TYR E 324 -41.47 10.42 23.73
N ASP E 325 -42.42 9.50 23.71
CA ASP E 325 -43.70 9.69 23.02
C ASP E 325 -44.48 10.81 23.62
N MET E 326 -44.40 11.98 23.01
CA MET E 326 -44.91 13.24 23.57
C MET E 326 -46.40 13.27 23.95
N MET E 327 -47.23 12.37 23.40
CA MET E 327 -48.65 12.37 23.63
C MET E 327 -49.12 11.54 24.86
N MET E 328 -48.14 10.91 25.53
CA MET E 328 -48.37 10.10 26.67
C MET E 328 -48.46 10.96 27.91
N ASP E 329 -49.38 10.59 28.80
CA ASP E 329 -49.78 11.49 29.89
C ASP E 329 -49.63 10.81 31.20
N VAL E 330 -49.37 11.61 32.25
CA VAL E 330 -49.20 11.13 33.63
C VAL E 330 -48.17 10.01 33.85
N TRP E 331 -48.50 8.78 33.49
CA TRP E 331 -47.79 7.60 33.97
C TRP E 331 -47.98 6.42 33.03
N GLY E 332 -47.00 5.54 33.04
CA GLY E 332 -47.11 4.29 32.31
C GLY E 332 -46.95 4.31 30.85
N GLY E 333 -46.42 3.23 30.31
CA GLY E 333 -46.27 3.03 28.86
C GLY E 333 -44.89 3.40 28.36
N GLU E 334 -44.44 4.59 28.71
CA GLU E 334 -43.12 5.10 28.28
C GLU E 334 -41.98 4.11 28.45
N ASN E 335 -41.97 3.32 29.52
CA ASN E 335 -40.88 2.35 29.75
C ASN E 335 -40.90 1.24 28.69
N LEU E 336 -42.10 0.76 28.39
CA LEU E 336 -42.35 -0.20 27.31
C LEU E 336 -41.95 0.35 25.95
N GLU E 337 -42.46 1.55 25.66
CA GLU E 337 -42.22 2.26 24.39
C GLU E 337 -40.74 2.38 24.11
N ILE E 338 -40.01 2.97 25.04
CA ILE E 338 -38.59 3.21 24.85
C ILE E 338 -37.82 1.90 24.79
N SER E 339 -38.24 0.91 25.56
CA SER E 339 -37.53 -0.36 25.62
C SER E 339 -37.62 -1.07 24.29
N PHE E 340 -38.83 -1.14 23.75
CA PHE E 340 -39.05 -1.68 22.41
C PHE E 340 -38.23 -0.91 21.37
N ARG E 341 -38.41 0.40 21.38
CA ARG E 341 -37.75 1.30 20.44
C ARG E 341 -36.25 1.12 20.39
N VAL E 342 -35.61 1.22 21.53
CA VAL E 342 -34.14 1.09 21.65
C VAL E 342 -33.65 -0.21 21.06
N TRP E 343 -34.29 -1.31 21.45
CA TRP E 343 -33.90 -2.65 20.98
C TRP E 343 -34.14 -2.77 19.47
N GLN E 344 -35.37 -2.44 19.07
CA GLN E 344 -35.80 -2.53 17.68
C GLN E 344 -35.02 -1.63 16.72
N CYS E 345 -34.57 -0.45 17.18
CA CYS E 345 -33.84 0.52 16.34
C CYS E 345 -32.32 0.48 16.57
N GLY E 346 -31.78 -0.68 16.91
CA GLY E 346 -30.33 -0.92 16.84
C GLY E 346 -29.59 -0.99 18.15
N GLY E 347 -30.13 -0.38 19.20
CA GLY E 347 -29.43 -0.25 20.49
C GLY E 347 -29.70 -1.40 21.41
N SER E 348 -29.18 -1.28 22.64
CA SER E 348 -29.41 -2.35 23.65
C SER E 348 -29.74 -1.77 25.03
N LEU E 349 -30.38 -2.58 25.85
CA LEU E 349 -30.77 -2.24 27.23
C LEU E 349 -30.05 -3.17 28.22
N GLU E 350 -29.54 -2.61 29.30
CA GLU E 350 -28.83 -3.39 30.31
C GLU E 350 -29.18 -3.03 31.74
N ILE E 351 -29.10 -4.03 32.62
CA ILE E 351 -29.10 -3.81 34.07
C ILE E 351 -27.66 -4.08 34.54
N ILE E 352 -27.10 -3.12 35.28
CA ILE E 352 -25.69 -3.16 35.70
C ILE E 352 -25.66 -3.49 37.21
N PRO E 353 -25.17 -4.67 37.57
CA PRO E 353 -25.29 -5.10 38.98
C PRO E 353 -24.48 -4.31 40.00
N CYS E 354 -23.40 -3.67 39.56
CA CYS E 354 -22.57 -2.89 40.47
C CYS E 354 -23.11 -1.50 40.71
N SER E 355 -24.08 -1.09 39.90
CA SER E 355 -24.79 0.14 40.12
C SER E 355 -26.01 -0.15 40.95
N ARG E 356 -26.06 0.39 42.16
CA ARG E 356 -27.21 0.19 43.05
C ARG E 356 -27.87 1.51 43.33
N VAL E 357 -29.17 1.59 43.09
CA VAL E 357 -29.98 2.77 43.44
C VAL E 357 -31.26 2.29 44.13
N GLY E 358 -31.48 2.73 45.35
CA GLY E 358 -32.70 2.40 46.08
C GLY E 358 -33.91 3.14 45.57
N HIS E 359 -35.09 2.57 45.77
CA HIS E 359 -36.33 3.19 45.32
C HIS E 359 -37.52 2.80 46.20
N VAL E 360 -38.35 3.77 46.53
CA VAL E 360 -39.55 3.54 47.32
C VAL E 360 -40.62 2.96 46.39
N PHE E 361 -40.78 1.65 46.42
CA PHE E 361 -41.86 1.00 45.65
C PHE E 361 -43.16 1.16 46.43
N ARG E 362 -44.27 1.36 45.71
CA ARG E 362 -45.61 1.41 46.30
C ARG E 362 -46.62 0.49 45.61
N LYS E 363 -47.82 0.42 46.18
CA LYS E 363 -49.01 -0.14 45.56
C LYS E 363 -50.05 0.86 45.18
N GLN E 364 -49.95 2.15 45.50
CA GLN E 364 -50.98 3.14 45.08
C GLN E 364 -50.31 4.38 44.50
N HIS E 365 -50.89 5.01 43.48
CA HIS E 365 -50.38 6.31 43.03
C HIS E 365 -51.03 7.45 43.82
N PRO E 366 -50.23 8.36 44.41
CA PRO E 366 -50.80 9.68 44.81
C PRO E 366 -51.00 10.66 43.62
N TYR E 367 -50.26 10.47 42.54
CA TYR E 367 -50.20 11.43 41.46
C TYR E 367 -51.50 11.19 40.76
N THR E 368 -52.44 12.12 40.95
CA THR E 368 -53.85 11.97 40.58
C THR E 368 -54.08 12.18 39.08
N PHE E 369 -54.98 11.41 38.51
CA PHE E 369 -55.02 11.16 37.06
C PHE E 369 -56.27 11.79 36.43
N PRO E 370 -56.10 12.58 35.33
CA PRO E 370 -57.23 12.89 34.42
C PRO E 370 -57.55 11.76 33.41
N GLY E 371 -58.20 10.69 33.86
CA GLY E 371 -58.19 9.43 33.13
C GLY E 371 -58.08 8.24 34.08
N GLY E 372 -59.07 8.18 34.96
CA GLY E 372 -59.31 7.04 35.91
C GLY E 372 -58.24 5.98 36.10
N SER E 373 -57.01 6.46 36.35
CA SER E 373 -55.80 5.64 36.44
C SER E 373 -55.62 4.69 35.24
N GLY E 374 -56.37 3.60 35.21
CA GLY E 374 -56.26 2.58 34.18
C GLY E 374 -56.63 3.03 32.79
N THR E 375 -57.39 4.10 32.65
CA THR E 375 -57.70 4.67 31.34
C THR E 375 -56.43 5.21 30.64
N VAL E 376 -55.67 6.03 31.39
CA VAL E 376 -54.44 6.65 30.87
C VAL E 376 -53.36 5.63 30.59
N PHE E 377 -53.25 4.63 31.49
CA PHE E 377 -52.30 3.53 31.32
C PHE E 377 -52.56 2.82 29.99
N ALA E 378 -53.83 2.45 29.76
CA ALA E 378 -54.24 1.85 28.51
C ALA E 378 -53.95 2.73 27.30
N ARG E 379 -54.23 4.03 27.42
CA ARG E 379 -53.98 4.96 26.32
C ARG E 379 -52.51 4.93 25.88
N ASN E 380 -51.65 5.12 26.85
CA ASN E 380 -50.22 5.15 26.62
C ASN E 380 -49.73 3.80 26.11
N THR E 381 -50.11 2.74 26.81
CA THR E 381 -49.71 1.38 26.43
C THR E 381 -50.09 1.09 25.00
N ARG E 382 -51.30 1.51 24.62
CA ARG E 382 -51.79 1.38 23.25
C ARG E 382 -50.90 2.11 22.27
N ARG E 383 -50.66 3.38 22.56
CA ARG E 383 -49.79 4.25 21.75
C ARG E 383 -48.43 3.62 21.45
N ALA E 384 -47.90 2.88 22.42
CA ALA E 384 -46.66 2.16 22.26
C ALA E 384 -46.88 0.93 21.39
N ALA E 385 -47.85 0.11 21.79
CA ALA E 385 -48.16 -1.16 21.11
C ALA E 385 -48.46 -0.96 19.62
N GLU E 386 -49.30 0.03 19.35
CA GLU E 386 -49.75 0.36 17.99
C GLU E 386 -48.66 0.83 17.07
N VAL E 387 -47.58 1.39 17.62
CA VAL E 387 -46.42 1.80 16.82
C VAL E 387 -45.41 0.67 16.59
N TRP E 388 -45.14 -0.12 17.63
CA TRP E 388 -43.95 -0.98 17.66
C TRP E 388 -44.19 -2.49 17.55
N MET E 389 -45.36 -2.94 18.01
CA MET E 389 -45.68 -4.36 18.08
C MET E 389 -46.14 -5.08 16.82
N ASP E 390 -46.33 -4.40 15.72
CA ASP E 390 -46.83 -5.01 14.46
C ASP E 390 -48.13 -5.86 14.72
N GLU E 391 -48.22 -7.03 14.12
CA GLU E 391 -49.37 -7.93 14.27
C GLU E 391 -49.65 -8.31 15.77
N TYR E 392 -48.58 -8.33 16.57
CA TYR E 392 -48.63 -8.89 17.90
C TYR E 392 -49.36 -7.96 18.91
N LYS E 393 -49.62 -6.73 18.49
CA LYS E 393 -50.57 -5.82 19.15
C LYS E 393 -51.89 -6.47 19.63
N ASN E 394 -52.29 -7.52 18.92
CA ASN E 394 -53.53 -8.20 19.18
C ASN E 394 -53.46 -9.05 20.43
N PHE E 395 -52.30 -9.62 20.69
CA PHE E 395 -52.09 -10.42 21.89
C PHE E 395 -52.25 -9.59 23.15
N TYR E 396 -51.89 -8.30 23.06
CA TYR E 396 -52.19 -7.35 24.14
C TYR E 396 -53.71 -7.16 24.30
N TYR E 397 -54.36 -6.83 23.20
CA TYR E 397 -55.81 -6.67 23.18
C TYR E 397 -56.55 -7.96 23.57
N ALA E 398 -55.93 -9.10 23.27
CA ALA E 398 -56.45 -10.40 23.70
C ALA E 398 -56.41 -10.52 25.23
N ALA E 399 -55.30 -10.08 25.82
CA ALA E 399 -55.14 -10.09 27.28
C ALA E 399 -56.02 -9.03 27.98
N VAL E 400 -56.06 -7.84 27.40
CA VAL E 400 -56.78 -6.69 27.94
C VAL E 400 -57.88 -6.27 26.92
N PRO E 401 -59.06 -6.93 26.99
CA PRO E 401 -60.19 -6.52 26.17
C PRO E 401 -60.55 -5.04 26.29
N SER E 402 -60.51 -4.53 27.53
CA SER E 402 -61.00 -3.18 27.87
C SER E 402 -60.37 -2.08 26.99
N ALA E 403 -59.11 -2.32 26.59
CA ALA E 403 -58.32 -1.35 25.90
C ALA E 403 -58.87 -0.89 24.55
N ARG E 404 -59.43 -1.84 23.80
CA ARG E 404 -59.95 -1.49 22.44
C ARG E 404 -61.05 -0.41 22.46
N ASN E 405 -61.82 -0.40 23.54
CA ASN E 405 -62.79 0.69 23.81
C ASN E 405 -62.14 1.88 24.54
N VAL E 406 -61.00 2.37 24.06
CA VAL E 406 -60.38 3.61 24.54
C VAL E 406 -59.59 4.31 23.40
N PRO E 407 -59.94 5.57 23.10
CA PRO E 407 -59.22 6.32 22.06
C PRO E 407 -57.84 6.80 22.58
N TYR E 408 -56.96 7.10 21.67
CA TYR E 408 -55.55 7.37 22.00
C TYR E 408 -54.88 8.27 21.00
N GLY E 409 -55.64 9.05 20.25
CA GLY E 409 -55.10 10.13 19.38
C GLY E 409 -54.38 9.65 18.12
N ASN E 410 -53.57 10.56 17.57
CA ASN E 410 -52.76 10.33 16.39
C ASN E 410 -51.48 9.63 16.79
N ILE E 411 -51.02 8.69 15.98
CA ILE E 411 -49.74 7.99 16.24
C ILE E 411 -48.72 8.02 15.08
N GLN E 412 -49.01 8.83 14.05
CA GLN E 412 -48.31 8.80 12.77
C GLN E 412 -46.97 9.52 12.79
N SER E 413 -46.81 10.45 13.72
CA SER E 413 -45.49 11.03 14.08
C SER E 413 -44.48 9.93 14.47
N ARG E 414 -44.91 9.01 15.35
CA ARG E 414 -44.03 7.93 15.80
C ARG E 414 -43.81 6.87 14.75
N LEU E 415 -44.78 6.68 13.89
CA LEU E 415 -44.68 5.73 12.80
C LEU E 415 -43.68 6.21 11.77
N GLU E 416 -43.74 7.51 11.43
CA GLU E 416 -42.79 8.09 10.50
C GLU E 416 -41.33 7.87 11.00
N LEU E 417 -41.17 8.20 12.28
CA LEU E 417 -39.91 7.98 13.00
C LEU E 417 -39.34 6.58 12.82
N ARG E 418 -40.21 5.58 13.01
CA ARG E 418 -39.83 4.17 12.88
C ARG E 418 -39.23 3.85 11.51
N LYS E 419 -39.89 4.27 10.44
CA LYS E 419 -39.37 4.00 9.08
C LYS E 419 -38.15 4.85 8.78
N LYS E 420 -38.14 6.09 9.27
CA LYS E 420 -36.97 6.99 9.20
C LYS E 420 -35.71 6.34 9.80
N LEU E 421 -35.87 5.66 10.93
CA LEU E 421 -34.77 4.95 11.58
C LEU E 421 -34.40 3.60 10.98
N SER E 422 -35.18 3.14 10.01
CA SER E 422 -35.06 1.79 9.41
C SER E 422 -35.10 0.69 10.48
N CYS E 423 -36.11 0.79 11.35
CA CYS E 423 -36.17 0.02 12.60
C CYS E 423 -36.67 -1.42 12.36
N LYS E 424 -36.18 -2.36 13.15
CA LYS E 424 -36.47 -3.79 12.96
C LYS E 424 -37.87 -4.16 13.47
N PRO E 425 -38.46 -5.26 12.97
CA PRO E 425 -39.84 -5.61 13.31
C PRO E 425 -39.96 -6.28 14.67
N PHE E 426 -41.16 -6.29 15.23
CA PHE E 426 -41.39 -6.88 16.54
C PHE E 426 -41.05 -8.37 16.61
N LYS E 427 -41.29 -9.07 15.52
CA LYS E 427 -40.89 -10.48 15.36
C LYS E 427 -39.40 -10.66 15.66
N TRP E 428 -38.58 -9.69 15.24
CA TRP E 428 -37.14 -9.67 15.55
C TRP E 428 -36.93 -9.58 17.05
N TYR E 429 -37.57 -8.60 17.65
CA TYR E 429 -37.51 -8.39 19.10
C TYR E 429 -37.88 -9.66 19.86
N LEU E 430 -38.96 -10.28 19.46
CA LEU E 430 -39.46 -11.49 20.15
C LEU E 430 -38.51 -12.66 20.01
N GLU E 431 -37.85 -12.80 18.88
CA GLU E 431 -37.00 -13.94 18.61
C GLU E 431 -35.58 -13.76 19.21
N ASN E 432 -35.09 -12.53 19.15
CA ASN E 432 -33.70 -12.23 19.57
C ASN E 432 -33.50 -11.63 20.98
N VAL E 433 -34.42 -10.75 21.37
CA VAL E 433 -34.38 -10.07 22.66
C VAL E 433 -35.18 -10.77 23.77
N TYR E 434 -36.39 -11.24 23.47
CA TYR E 434 -37.27 -11.82 24.48
C TYR E 434 -37.89 -13.14 24.03
N PRO E 435 -37.05 -14.14 23.69
CA PRO E 435 -37.58 -15.44 23.26
C PRO E 435 -38.39 -16.13 24.36
N GLU E 436 -37.99 -15.95 25.60
CA GLU E 436 -38.67 -16.57 26.74
C GLU E 436 -40.18 -16.26 26.81
N LEU E 437 -40.64 -15.16 26.21
CA LEU E 437 -42.07 -14.87 26.15
C LEU E 437 -42.77 -15.87 25.26
N ARG E 438 -43.72 -16.60 25.83
CA ARG E 438 -44.58 -17.52 25.07
C ARG E 438 -45.48 -16.77 24.07
N VAL E 439 -45.22 -17.00 22.79
CA VAL E 439 -45.99 -16.47 21.67
C VAL E 439 -46.79 -17.63 20.99
N PRO E 440 -48.11 -17.47 20.79
CA PRO E 440 -48.94 -18.48 20.22
C PRO E 440 -48.65 -18.88 18.80
N ASP E 441 -48.90 -20.16 18.48
CA ASP E 441 -48.67 -20.67 17.14
C ASP E 441 -49.75 -20.07 16.21
N HIS E 442 -49.37 -19.81 14.95
CA HIS E 442 -50.37 -19.75 13.82
C HIS E 442 -51.84 -20.41 14.00
N GLN E 443 -52.73 -19.53 14.46
CA GLN E 443 -54.16 -19.71 14.42
C GLN E 443 -54.83 -20.28 15.69
N ASP E 444 -54.26 -19.95 16.82
CA ASP E 444 -54.91 -20.29 18.15
C ASP E 444 -56.09 -19.39 18.36
N ILE E 445 -57.11 -19.86 19.06
CA ILE E 445 -58.30 -19.05 19.43
C ILE E 445 -58.10 -18.42 20.81
N ALA E 446 -57.62 -19.25 21.75
CA ALA E 446 -57.27 -18.82 23.08
C ALA E 446 -55.91 -19.37 23.48
N PHE E 447 -55.30 -18.80 24.49
CA PHE E 447 -53.94 -19.16 24.92
C PHE E 447 -53.72 -18.74 26.37
N GLY E 448 -52.71 -19.36 26.98
CA GLY E 448 -52.27 -19.01 28.32
C GLY E 448 -52.48 -20.15 29.28
N ALA E 449 -52.77 -19.85 30.53
CA ALA E 449 -53.17 -20.86 31.49
C ALA E 449 -54.70 -20.86 31.49
N LEU E 450 -55.27 -21.89 32.13
CA LEU E 450 -56.70 -21.99 32.30
C LEU E 450 -57.09 -21.87 33.76
N GLN E 451 -57.52 -20.68 34.16
CA GLN E 451 -57.66 -20.29 35.56
C GLN E 451 -59.06 -20.49 36.14
N GLN E 452 -59.13 -21.04 37.35
CA GLN E 452 -60.35 -20.96 38.17
C GLN E 452 -60.29 -19.68 39.03
N GLY E 453 -59.78 -19.85 40.21
CA GLY E 453 -59.56 -18.74 41.17
C GLY E 453 -58.08 -18.74 41.44
N THR E 454 -57.67 -19.08 42.68
CA THR E 454 -56.28 -19.44 42.98
C THR E 454 -55.96 -20.89 42.55
N ASN E 455 -56.50 -21.30 41.41
CA ASN E 455 -56.25 -22.66 40.86
C ASN E 455 -56.14 -22.59 39.31
N CYS E 456 -55.22 -23.35 38.75
CA CYS E 456 -54.99 -23.37 37.30
C CYS E 456 -54.94 -24.80 36.80
N LEU E 457 -55.35 -25.01 35.54
CA LEU E 457 -55.28 -26.33 34.91
C LEU E 457 -53.83 -26.70 34.72
N ASP E 458 -53.40 -27.76 35.42
CA ASP E 458 -52.01 -28.20 35.45
C ASP E 458 -51.94 -29.62 35.06
N THR E 459 -50.75 -30.20 35.16
CA THR E 459 -50.59 -31.68 35.17
C THR E 459 -49.49 -32.04 36.05
N LEU E 460 -49.46 -33.26 36.63
CA LEU E 460 -48.28 -33.88 37.26
C LEU E 460 -47.08 -33.88 36.32
N GLY E 461 -47.37 -34.22 35.07
CA GLY E 461 -46.42 -34.00 33.95
C GLY E 461 -46.24 -35.30 33.11
N HIS E 462 -47.36 -35.87 32.75
CA HIS E 462 -47.43 -37.22 32.21
C HIS E 462 -47.08 -37.13 30.73
N PHE E 463 -46.38 -38.13 30.22
CA PHE E 463 -46.00 -38.24 28.82
C PHE E 463 -47.22 -38.36 27.85
N ALA E 464 -48.22 -39.06 28.35
CA ALA E 464 -49.45 -39.37 27.59
C ALA E 464 -50.28 -40.38 28.38
N ASP E 465 -51.57 -40.45 28.08
CA ASP E 465 -52.55 -41.37 28.68
C ASP E 465 -52.83 -41.16 30.15
N GLY E 466 -52.04 -40.33 30.88
CA GLY E 466 -52.26 -39.99 32.24
C GLY E 466 -53.15 -38.74 32.41
N VAL E 467 -53.68 -38.62 33.64
CA VAL E 467 -54.73 -37.66 33.86
C VAL E 467 -54.08 -36.31 34.10
N VAL E 468 -54.81 -35.26 33.76
CA VAL E 468 -54.46 -33.90 34.08
C VAL E 468 -55.21 -33.48 35.37
N GLY E 469 -54.67 -32.43 35.99
CA GLY E 469 -55.05 -31.95 37.30
C GLY E 469 -55.21 -30.45 37.49
N VAL E 470 -55.15 -30.02 38.76
CA VAL E 470 -55.40 -28.60 39.12
C VAL E 470 -54.36 -27.75 39.83
N TYR E 471 -53.19 -28.28 40.16
CA TYR E 471 -52.24 -27.65 41.04
C TYR E 471 -52.43 -26.13 41.16
N GLU E 472 -52.36 -25.60 42.38
CA GLU E 472 -52.55 -24.17 42.61
C GLU E 472 -51.69 -23.32 41.63
N CYS E 473 -52.24 -22.24 41.14
CA CYS E 473 -51.70 -21.55 39.97
C CYS E 473 -50.36 -20.84 40.27
N HIS E 474 -49.42 -20.91 39.33
CA HIS E 474 -48.10 -20.32 39.51
C HIS E 474 -47.70 -19.28 38.46
N ASN E 475 -48.67 -18.79 37.65
CA ASN E 475 -48.44 -17.74 36.63
C ASN E 475 -47.25 -17.88 35.68
N ALA E 476 -46.25 -18.75 35.85
CA ALA E 476 -45.21 -19.00 34.91
C ALA E 476 -45.47 -20.38 34.31
N GLY E 477 -46.48 -20.34 33.45
CA GLY E 477 -47.09 -21.57 32.86
C GLY E 477 -46.29 -22.40 31.86
N GLY E 478 -45.66 -23.49 32.32
CA GLY E 478 -45.14 -24.53 31.42
C GLY E 478 -45.84 -25.87 31.65
N ASN E 479 -45.79 -26.35 32.89
CA ASN E 479 -46.66 -27.43 33.36
C ASN E 479 -48.19 -27.08 33.27
N GLN E 480 -48.51 -25.78 33.27
CA GLN E 480 -49.85 -25.26 33.15
C GLN E 480 -50.10 -24.37 31.94
N GLU E 481 -49.44 -24.69 30.84
CA GLU E 481 -49.60 -23.91 29.57
C GLU E 481 -50.62 -24.62 28.69
N TRP E 482 -51.59 -23.88 28.20
CA TRP E 482 -52.67 -24.45 27.39
C TRP E 482 -53.10 -23.56 26.25
N ALA E 483 -53.55 -24.16 25.18
CA ALA E 483 -54.02 -23.41 24.01
C ALA E 483 -55.37 -23.97 23.62
N LEU E 484 -56.16 -23.18 22.94
CA LEU E 484 -57.41 -23.63 22.35
C LEU E 484 -57.32 -23.38 20.88
N THR E 485 -57.10 -24.40 20.08
CA THR E 485 -56.77 -24.25 18.64
C THR E 485 -58.01 -23.99 17.77
N LYS E 486 -57.74 -23.49 16.55
CA LYS E 486 -58.77 -23.34 15.53
C LYS E 486 -59.45 -24.68 15.18
N GLU E 487 -58.66 -25.77 15.25
CA GLU E 487 -59.19 -27.14 15.12
C GLU E 487 -60.12 -27.60 16.26
N LYS E 488 -60.37 -26.72 17.23
CA LYS E 488 -61.33 -26.92 18.34
C LYS E 488 -60.80 -27.85 19.43
N SER E 489 -59.48 -27.93 19.60
CA SER E 489 -58.88 -28.80 20.61
C SER E 489 -58.20 -27.99 21.72
N VAL E 490 -58.26 -28.48 22.94
CA VAL E 490 -57.62 -27.88 24.08
C VAL E 490 -56.30 -28.59 24.24
N LYS E 491 -55.22 -27.94 23.79
CA LYS E 491 -53.91 -28.57 23.76
C LYS E 491 -52.90 -27.99 24.73
N HIS E 492 -52.11 -28.93 25.28
CA HIS E 492 -50.85 -28.66 25.96
C HIS E 492 -49.69 -29.24 25.16
N MET E 493 -48.80 -28.37 24.66
CA MET E 493 -47.75 -28.75 23.71
C MET E 493 -48.38 -29.39 22.46
N ASP E 494 -48.09 -30.66 22.16
CA ASP E 494 -48.74 -31.41 21.08
C ASP E 494 -49.67 -32.54 21.60
N LEU E 495 -50.12 -32.42 22.84
CA LEU E 495 -51.06 -33.33 23.45
C LEU E 495 -52.36 -32.56 23.66
N CYS E 496 -53.52 -33.24 23.48
CA CYS E 496 -54.83 -32.60 23.62
C CYS E 496 -55.66 -33.28 24.71
N LEU E 497 -56.63 -32.56 25.21
CA LEU E 497 -57.48 -33.06 26.28
C LEU E 497 -58.38 -34.02 25.56
N THR E 498 -58.41 -35.25 26.06
CA THR E 498 -59.07 -36.36 25.41
C THR E 498 -60.12 -36.96 26.34
N VAL E 499 -61.33 -37.10 25.79
CA VAL E 499 -62.48 -37.64 26.51
C VAL E 499 -62.56 -39.10 26.22
N VAL E 500 -61.70 -39.88 26.82
CA VAL E 500 -61.48 -41.31 26.47
C VAL E 500 -62.51 -42.10 27.26
N ASP E 501 -63.75 -41.64 27.32
CA ASP E 501 -64.76 -42.08 28.27
C ASP E 501 -66.03 -41.41 27.78
N ARG E 502 -66.62 -41.92 26.72
CA ARG E 502 -67.45 -41.17 25.76
C ARG E 502 -68.76 -40.56 26.27
N ALA E 503 -69.07 -40.71 27.55
CA ALA E 503 -70.27 -40.23 28.17
C ALA E 503 -70.01 -39.61 29.61
N PRO E 504 -71.00 -38.88 30.13
CA PRO E 504 -70.84 -38.19 31.39
C PRO E 504 -70.35 -39.03 32.57
N GLY E 505 -69.53 -38.46 33.38
CA GLY E 505 -69.13 -39.04 34.70
C GLY E 505 -67.63 -39.33 34.63
N SER E 506 -67.18 -39.86 33.49
CA SER E 506 -65.82 -40.38 33.37
C SER E 506 -64.73 -39.29 33.27
N LEU E 507 -63.56 -39.69 33.73
CA LEU E 507 -62.36 -38.92 33.73
C LEU E 507 -61.79 -38.66 32.38
N ILE E 508 -61.13 -37.54 32.20
CA ILE E 508 -60.49 -37.16 30.92
C ILE E 508 -58.98 -37.27 31.09
N LYS E 509 -58.29 -37.61 30.01
CA LYS E 509 -56.85 -37.92 29.98
C LYS E 509 -56.16 -37.11 28.89
N LEU E 510 -54.85 -36.93 29.03
CA LEU E 510 -54.02 -36.24 28.04
C LEU E 510 -53.50 -37.23 27.00
N GLN E 511 -53.82 -37.04 25.73
CA GLN E 511 -53.28 -37.92 24.65
C GLN E 511 -52.76 -37.13 23.44
N GLY E 512 -52.04 -37.81 22.58
CA GLY E 512 -51.51 -37.20 21.35
C GLY E 512 -52.69 -36.76 20.46
N CYS E 513 -52.48 -35.61 19.85
CA CYS E 513 -53.51 -34.90 19.10
C CYS E 513 -53.74 -35.52 17.74
N ARG E 514 -54.97 -35.93 17.48
CA ARG E 514 -55.41 -36.55 16.22
C ARG E 514 -56.62 -35.78 15.67
N GLU E 515 -56.47 -35.21 14.46
CA GLU E 515 -57.42 -34.22 13.92
C GLU E 515 -58.84 -34.72 13.64
N ASN E 516 -59.06 -36.04 13.76
CA ASN E 516 -60.44 -36.60 13.56
C ASN E 516 -61.21 -36.73 14.90
N ASP E 517 -60.52 -37.18 15.94
CA ASP E 517 -61.20 -37.73 17.14
C ASP E 517 -62.13 -36.71 17.78
N SER E 518 -63.47 -36.95 17.75
CA SER E 518 -64.42 -36.03 18.37
C SER E 518 -64.28 -35.92 19.90
N ARG E 519 -63.60 -36.87 20.51
CA ARG E 519 -63.28 -36.89 21.94
C ARG E 519 -62.25 -35.83 22.33
N GLN E 520 -61.43 -35.36 21.39
CA GLN E 520 -60.43 -34.31 21.61
C GLN E 520 -60.88 -32.88 21.23
N LYS E 521 -62.15 -32.77 20.83
CA LYS E 521 -62.73 -31.53 20.32
C LYS E 521 -63.60 -30.88 21.39
N TRP E 522 -63.33 -29.60 21.64
CA TRP E 522 -64.01 -28.80 22.67
C TRP E 522 -64.52 -27.46 22.11
N GLU E 523 -65.44 -26.82 22.83
CA GLU E 523 -66.18 -25.61 22.43
C GLU E 523 -66.30 -24.67 23.66
N GLN E 524 -66.34 -23.39 23.40
CA GLN E 524 -66.40 -22.36 24.48
C GLN E 524 -67.80 -21.91 24.73
N ILE E 525 -68.31 -21.92 25.94
CA ILE E 525 -69.73 -21.62 26.20
C ILE E 525 -69.96 -20.61 27.32
N GLU E 526 -71.24 -20.28 27.52
CA GLU E 526 -71.74 -19.45 28.62
C GLU E 526 -71.00 -18.13 28.56
N GLY E 527 -71.19 -17.46 27.41
CA GLY E 527 -70.51 -16.22 27.02
C GLY E 527 -69.18 -16.75 26.49
N ASN E 528 -68.28 -16.93 27.42
CA ASN E 528 -67.02 -17.75 27.24
C ASN E 528 -66.29 -18.05 28.59
N SER E 529 -67.11 -18.30 29.59
CA SER E 529 -66.70 -18.57 30.96
C SER E 529 -66.58 -20.05 31.25
N LYS E 530 -67.42 -20.88 30.59
CA LYS E 530 -67.34 -22.32 30.70
C LYS E 530 -66.70 -22.93 29.47
N LEU E 531 -66.49 -24.23 29.53
CA LEU E 531 -65.78 -24.95 28.48
C LEU E 531 -66.49 -26.28 28.23
N ARG E 532 -67.18 -26.35 27.10
CA ARG E 532 -68.00 -27.52 26.75
C ARG E 532 -67.32 -28.51 25.86
N HIS E 533 -67.57 -29.79 26.05
CA HIS E 533 -67.24 -30.85 25.06
C HIS E 533 -68.09 -30.69 23.84
N VAL E 534 -67.50 -30.53 22.67
CA VAL E 534 -68.28 -30.15 21.45
C VAL E 534 -69.06 -31.37 21.01
N GLY E 535 -70.24 -31.15 20.43
CA GLY E 535 -71.12 -32.24 20.01
C GLY E 535 -71.65 -33.05 21.18
N SER E 536 -71.91 -32.36 22.29
CA SER E 536 -72.26 -32.98 23.55
C SER E 536 -73.00 -32.03 24.48
N ASN E 537 -73.59 -32.58 25.53
CA ASN E 537 -74.21 -31.79 26.61
C ASN E 537 -73.34 -31.81 27.89
N LEU E 538 -72.00 -31.91 27.68
CA LEU E 538 -71.05 -32.10 28.77
C LEU E 538 -69.97 -31.00 28.81
N CYS E 539 -69.52 -30.68 30.01
CA CYS E 539 -68.60 -29.53 30.28
C CYS E 539 -67.44 -29.97 31.15
N LEU E 540 -66.26 -29.44 30.88
CA LEU E 540 -65.05 -29.71 31.68
C LEU E 540 -65.27 -29.25 33.10
N ASP E 541 -64.94 -30.11 34.06
CA ASP E 541 -65.34 -29.95 35.46
C ASP E 541 -64.25 -30.44 36.42
N SER E 542 -64.23 -29.82 37.60
CA SER E 542 -63.25 -30.21 38.68
C SER E 542 -63.98 -30.79 39.90
N ARG E 543 -64.76 -31.80 39.64
CA ARG E 543 -65.45 -32.57 40.77
C ARG E 543 -64.66 -33.73 41.27
N THR E 544 -63.37 -33.58 41.35
CA THR E 544 -62.40 -34.66 41.77
C THR E 544 -61.01 -33.96 41.94
N ALA E 545 -60.60 -33.39 40.83
CA ALA E 545 -59.31 -32.67 40.74
C ALA E 545 -58.14 -33.04 41.65
N LYS E 546 -58.05 -32.52 42.87
CA LYS E 546 -56.95 -32.90 43.78
C LYS E 546 -57.07 -34.36 44.28
N SER E 547 -58.27 -34.92 44.25
CA SER E 547 -58.51 -36.37 44.32
C SER E 547 -58.09 -36.98 43.01
N GLY E 548 -58.87 -37.85 42.36
CA GLY E 548 -58.48 -38.56 41.14
C GLY E 548 -57.91 -37.76 39.97
N GLY E 549 -58.74 -36.91 39.40
CA GLY E 549 -58.30 -35.94 38.40
C GLY E 549 -59.28 -35.70 37.28
N LEU E 550 -60.08 -34.65 37.40
CA LEU E 550 -60.84 -34.01 36.38
C LEU E 550 -61.78 -34.85 35.63
N SER E 551 -62.95 -34.31 35.36
CA SER E 551 -64.05 -35.04 34.76
C SER E 551 -64.82 -34.23 33.77
N VAL E 552 -65.57 -34.91 32.90
CA VAL E 552 -66.66 -34.35 32.14
C VAL E 552 -67.92 -34.56 33.00
N GLU E 553 -68.72 -33.50 33.17
CA GLU E 553 -69.98 -33.64 33.97
C GLU E 553 -71.14 -33.05 33.21
N VAL E 554 -72.34 -33.23 33.74
CA VAL E 554 -73.54 -32.50 33.31
C VAL E 554 -73.35 -31.00 33.67
N CYS E 555 -73.64 -30.14 32.71
CA CYS E 555 -73.30 -28.72 32.83
C CYS E 555 -74.28 -27.97 33.72
N ALA E 558 -72.52 -25.20 39.15
CA ALA E 558 -71.31 -25.40 39.95
C ALA E 558 -70.25 -24.40 39.54
N LEU E 559 -69.49 -23.92 40.51
CA LEU E 559 -68.29 -23.10 40.28
C LEU E 559 -67.10 -23.91 39.70
N SER E 560 -67.16 -25.23 39.81
CA SER E 560 -66.15 -26.15 39.34
C SER E 560 -65.97 -26.26 37.81
N GLN E 561 -67.02 -25.89 37.07
CA GLN E 561 -67.01 -25.95 35.59
C GLN E 561 -66.66 -24.60 34.96
N GLN E 562 -66.34 -23.61 35.78
CA GLN E 562 -66.08 -22.24 35.27
C GLN E 562 -64.61 -22.03 35.03
N TRP E 563 -64.23 -21.69 33.79
CA TRP E 563 -62.80 -21.56 33.44
C TRP E 563 -62.50 -20.30 32.63
N LYS E 564 -61.53 -19.52 33.07
CA LYS E 564 -61.10 -18.32 32.35
C LYS E 564 -59.68 -18.53 31.78
N PHE E 565 -59.61 -18.55 30.45
CA PHE E 565 -58.38 -18.45 29.72
C PHE E 565 -57.77 -17.05 29.89
N THR E 566 -56.46 -17.01 30.09
CA THR E 566 -55.70 -15.75 30.13
C THR E 566 -55.88 -14.82 28.91
N LEU E 567 -55.91 -15.43 27.72
CA LEU E 567 -56.00 -14.73 26.42
C LEU E 567 -57.14 -15.37 25.65
N ASN E 568 -58.14 -14.64 25.15
CA ASN E 568 -59.20 -15.16 24.33
C ASN E 568 -59.34 -14.45 23.01
N LEU E 569 -59.64 -15.19 21.94
CA LEU E 569 -59.90 -14.68 20.59
C LEU E 569 -58.75 -13.95 19.93
N ASN F 82 24.92 15.14 65.96
CA ASN F 82 23.91 15.44 64.92
C ASN F 82 22.69 16.11 65.48
N GLN F 83 22.76 17.46 65.59
CA GLN F 83 21.57 18.32 65.82
C GLN F 83 20.97 18.83 64.46
N GLU F 84 19.74 19.30 64.55
CA GLU F 84 18.89 19.46 63.33
C GLU F 84 19.47 20.37 62.21
N ALA F 85 20.32 19.79 61.38
CA ALA F 85 20.67 20.42 60.06
C ALA F 85 19.51 20.42 59.07
N TYR F 86 19.58 21.38 58.16
CA TYR F 86 18.53 21.61 57.13
C TYR F 86 19.01 21.96 55.73
N VAL F 87 18.37 21.38 54.73
CA VAL F 87 18.63 21.76 53.29
C VAL F 87 17.41 21.65 52.34
N GLY F 88 16.64 22.74 52.22
CA GLY F 88 15.49 22.78 51.34
C GLY F 88 15.69 23.53 50.07
N GLY F 89 16.90 23.95 49.72
CA GLY F 89 17.14 24.73 48.52
C GLY F 89 17.22 23.85 47.27
N THR F 90 16.05 23.32 46.88
CA THR F 90 15.89 22.35 45.80
C THR F 90 14.64 22.62 44.96
N SER F 94 5.26 22.66 42.70
CA SER F 94 4.24 22.41 41.66
C SER F 94 4.03 20.91 41.35
N GLY F 95 4.75 20.40 40.37
CA GLY F 95 4.78 18.99 39.99
C GLY F 95 5.84 18.70 38.94
N GLN F 96 7.01 19.33 39.11
CA GLN F 96 8.18 19.14 38.24
C GLN F 96 8.93 17.84 38.57
N ASP F 97 9.54 17.23 37.57
CA ASP F 97 9.80 15.75 37.51
C ASP F 97 10.70 15.23 38.63
N PRO F 98 10.14 14.51 39.63
CA PRO F 98 10.98 14.14 40.82
C PRO F 98 12.08 13.13 40.54
N TYR F 99 11.81 12.20 39.62
CA TYR F 99 12.71 11.06 39.31
C TYR F 99 13.64 11.43 38.15
N ALA F 100 14.24 12.61 38.22
CA ALA F 100 14.82 13.27 37.03
C ALA F 100 16.31 13.57 37.16
N ARG F 101 16.68 14.30 38.21
CA ARG F 101 18.08 14.61 38.50
C ARG F 101 18.85 13.36 38.97
N ASN F 102 18.18 12.39 39.58
CA ASN F 102 18.80 11.15 40.07
C ASN F 102 18.33 9.86 39.36
N LYS F 103 17.00 9.71 39.32
CA LYS F 103 16.28 8.43 39.03
C LYS F 103 15.77 7.73 40.31
N PHE F 104 15.32 8.52 41.26
CA PHE F 104 14.56 7.98 42.44
C PHE F 104 13.51 8.97 42.88
N ASN F 105 12.48 8.53 43.58
CA ASN F 105 11.33 9.44 43.85
C ASN F 105 11.66 10.53 44.88
N GLN F 106 12.15 11.66 44.42
CA GLN F 106 12.67 12.68 45.34
C GLN F 106 11.61 13.32 46.20
N VAL F 107 10.39 13.37 45.74
CA VAL F 107 9.25 13.89 46.52
C VAL F 107 9.14 13.20 47.86
N GLU F 108 9.21 11.87 47.85
CA GLU F 108 9.08 11.07 49.06
C GLU F 108 10.39 10.91 49.85
N SER F 109 11.54 11.04 49.18
CA SER F 109 12.84 11.20 49.82
C SER F 109 12.88 12.47 50.64
N ASP F 110 12.53 13.58 50.02
CA ASP F 110 12.48 14.89 50.69
C ASP F 110 11.51 14.91 51.86
N LYS F 111 10.36 14.28 51.67
CA LYS F 111 9.31 14.16 52.74
C LYS F 111 9.84 13.49 54.01
N LEU F 112 10.75 12.53 53.87
CA LEU F 112 11.25 11.76 54.99
C LEU F 112 12.25 12.53 55.84
N ARG F 113 12.25 12.18 57.13
CA ARG F 113 13.14 12.73 58.12
C ARG F 113 14.61 12.39 57.80
N MET F 114 15.51 13.26 58.29
CA MET F 114 16.95 13.05 58.19
C MET F 114 17.37 11.74 58.86
N ASP F 115 16.75 11.40 59.98
CA ASP F 115 16.83 10.00 60.51
C ASP F 115 15.47 9.29 60.55
N ARG F 116 14.99 8.89 59.39
CA ARG F 116 13.70 8.25 59.22
C ARG F 116 13.48 6.92 60.01
N ALA F 117 12.28 6.43 59.83
CA ALA F 117 11.84 5.15 60.48
C ALA F 117 12.24 3.96 59.64
N ILE F 118 13.00 3.04 60.24
CA ILE F 118 13.35 1.79 59.55
C ILE F 118 12.85 0.56 60.36
N PRO F 119 12.35 -0.45 59.66
CA PRO F 119 12.05 -1.73 60.36
C PRO F 119 13.33 -2.51 60.61
N ASP F 120 13.43 -3.11 61.79
CA ASP F 120 14.63 -3.88 62.12
C ASP F 120 14.57 -5.20 61.35
N THR F 121 15.26 -5.27 60.25
CA THR F 121 14.95 -6.40 59.25
C THR F 121 16.07 -7.41 59.25
N ARG F 122 16.51 -7.73 60.40
CA ARG F 122 17.55 -8.78 60.63
C ARG F 122 16.82 -10.02 61.04
N HIS F 123 17.52 -11.15 61.15
CA HIS F 123 16.95 -12.36 61.77
C HIS F 123 16.58 -12.05 63.19
N ASP F 124 15.55 -12.72 63.69
CA ASP F 124 15.21 -12.77 65.12
C ASP F 124 16.47 -12.98 65.99
N GLN F 125 17.35 -13.90 65.57
CA GLN F 125 18.60 -14.20 66.29
C GLN F 125 19.56 -13.02 66.43
N CYS F 126 19.64 -12.19 65.38
CA CYS F 126 20.59 -11.07 65.31
C CYS F 126 20.17 -9.91 66.19
N GLN F 127 18.84 -9.77 66.33
CA GLN F 127 18.27 -8.80 67.26
C GLN F 127 18.66 -9.02 68.74
N ARG F 128 19.12 -10.22 69.09
CA ARG F 128 19.50 -10.60 70.44
C ARG F 128 21.01 -10.55 70.74
N LYS F 129 21.83 -11.28 70.01
CA LYS F 129 23.24 -11.51 70.41
C LYS F 129 24.01 -10.20 70.69
N GLN F 130 24.16 -9.86 71.96
CA GLN F 130 24.82 -8.59 72.32
C GLN F 130 26.24 -8.56 71.70
N TRP F 131 26.36 -7.67 70.74
CA TRP F 131 27.48 -7.55 69.83
C TRP F 131 28.68 -6.89 70.52
N ARG F 132 29.86 -7.45 70.27
CA ARG F 132 31.13 -6.88 70.67
C ARG F 132 31.20 -5.41 70.30
N VAL F 133 32.00 -4.72 70.98
CA VAL F 133 32.12 -3.20 70.93
C VAL F 133 33.57 -2.80 71.17
N ASP F 134 34.36 -3.62 71.85
CA ASP F 134 35.82 -3.58 71.93
C ASP F 134 36.48 -4.04 70.62
N LEU F 135 36.28 -3.23 69.60
CA LEU F 135 36.68 -3.48 68.24
C LEU F 135 37.50 -2.34 67.75
N PRO F 136 38.24 -2.52 66.63
CA PRO F 136 38.93 -1.37 66.04
C PRO F 136 37.95 -0.45 65.33
N ALA F 137 38.19 0.85 65.41
CA ALA F 137 37.28 1.85 64.84
C ALA F 137 37.59 1.90 63.33
N THR F 138 36.67 2.51 62.59
CA THR F 138 36.82 2.57 61.12
C THR F 138 36.60 3.96 60.55
N SER F 139 37.30 4.22 59.47
CA SER F 139 37.12 5.43 58.65
C SER F 139 36.10 5.07 57.56
N VAL F 140 34.94 5.69 57.62
CA VAL F 140 33.84 5.38 56.72
C VAL F 140 33.93 6.30 55.51
N VAL F 141 34.16 5.72 54.33
CA VAL F 141 34.42 6.44 53.09
C VAL F 141 33.23 6.41 52.13
N ILE F 142 32.64 7.56 51.93
CA ILE F 142 31.50 7.72 51.00
C ILE F 142 31.99 8.62 49.86
N THR F 143 31.78 8.14 48.64
CA THR F 143 32.12 8.94 47.46
C THR F 143 30.84 9.37 46.77
N PHE F 144 30.80 10.61 46.31
CA PHE F 144 29.54 11.18 45.76
C PHE F 144 29.69 12.29 44.73
N HIS F 145 28.85 12.21 43.69
CA HIS F 145 28.82 13.17 42.63
C HIS F 145 27.40 13.59 42.38
N ASN F 146 27.06 14.83 42.81
CA ASN F 146 25.74 15.43 42.59
C ASN F 146 24.61 14.60 43.19
N GLU F 147 24.81 14.16 44.44
CA GLU F 147 23.93 13.20 45.05
C GLU F 147 22.68 13.98 45.51
N ALA F 148 21.61 13.23 45.68
CA ALA F 148 20.28 13.74 45.86
C ALA F 148 20.15 14.53 47.15
N ARG F 149 19.65 15.77 47.04
CA ARG F 149 19.69 16.76 48.10
C ARG F 149 18.70 16.24 49.13
N SER F 150 19.20 15.43 50.06
CA SER F 150 18.35 14.71 51.04
C SER F 150 19.10 13.37 51.48
N ALA F 151 19.49 12.64 50.42
CA ALA F 151 20.01 11.31 50.52
C ALA F 151 21.41 11.26 51.10
N LEU F 152 22.25 12.22 50.71
CA LEU F 152 23.60 12.32 51.23
C LEU F 152 23.59 12.55 52.72
N LEU F 153 22.74 13.48 53.19
CA LEU F 153 22.59 13.68 54.64
C LEU F 153 22.10 12.39 55.31
N ARG F 154 21.01 11.84 54.78
CA ARG F 154 20.40 10.65 55.34
C ARG F 154 21.39 9.47 55.58
N THR F 155 22.25 9.27 54.59
CA THR F 155 23.29 8.25 54.65
C THR F 155 24.21 8.57 55.80
N VAL F 156 24.80 9.77 55.78
CA VAL F 156 25.78 10.17 56.81
C VAL F 156 25.21 10.08 58.20
N VAL F 157 24.02 10.61 58.39
CA VAL F 157 23.34 10.56 59.72
C VAL F 157 23.07 9.12 60.14
N SER F 158 22.62 8.28 59.20
CA SER F 158 22.29 6.88 59.54
C SER F 158 23.49 6.15 60.08
N VAL F 159 24.69 6.45 59.53
CA VAL F 159 25.94 5.91 60.06
C VAL F 159 26.14 6.30 61.53
N LEU F 160 26.00 7.58 61.85
CA LEU F 160 26.26 8.04 63.21
C LEU F 160 25.15 7.72 64.16
N LYS F 161 23.91 7.83 63.73
CA LYS F 161 22.75 7.44 64.56
C LYS F 161 22.74 5.95 64.95
N LYS F 162 23.07 5.07 64.02
CA LYS F 162 23.04 3.64 64.28
C LYS F 162 24.32 2.97 64.77
N SER F 163 25.46 3.53 64.47
CA SER F 163 26.75 2.96 64.86
C SER F 163 27.23 3.53 66.21
N PRO F 164 27.78 2.67 67.07
CA PRO F 164 28.33 3.16 68.33
C PRO F 164 29.46 4.17 68.09
N PRO F 165 29.38 5.36 68.75
CA PRO F 165 30.23 6.49 68.42
C PRO F 165 31.73 6.27 68.40
N HIS F 166 32.22 5.40 69.29
CA HIS F 166 33.69 5.20 69.38
C HIS F 166 34.24 4.36 68.24
N LEU F 167 33.35 3.62 67.58
CA LEU F 167 33.75 2.81 66.40
C LEU F 167 33.80 3.58 65.06
N ILE F 168 33.33 4.84 65.10
CA ILE F 168 33.47 5.75 63.96
C ILE F 168 34.62 6.71 64.28
N LYS F 169 35.78 6.47 63.70
CA LYS F 169 36.93 7.39 63.82
C LYS F 169 36.58 8.68 63.09
N GLU F 170 36.14 8.53 61.84
CA GLU F 170 35.76 9.64 60.99
C GLU F 170 34.86 9.20 59.85
N ILE F 171 34.11 10.13 59.32
CA ILE F 171 33.33 9.96 58.09
C ILE F 171 34.01 10.81 57.02
N ILE F 172 34.55 10.16 56.02
CA ILE F 172 35.21 10.84 54.90
C ILE F 172 34.23 10.94 53.77
N LEU F 173 33.85 12.16 53.42
CA LEU F 173 33.13 12.38 52.13
C LEU F 173 34.12 12.78 51.07
N VAL F 174 34.26 12.00 49.99
CA VAL F 174 35.05 12.41 48.82
C VAL F 174 34.08 12.97 47.74
N ASP F 175 34.01 14.30 47.75
CA ASP F 175 33.10 15.00 46.89
C ASP F 175 33.66 15.02 45.46
N ASP F 176 33.16 14.14 44.60
CA ASP F 176 33.75 13.87 43.30
C ASP F 176 33.20 14.81 42.25
N TYR F 177 33.74 16.04 42.23
CA TYR F 177 33.47 17.02 41.13
C TYR F 177 31.94 17.28 41.02
N SER F 178 31.31 17.51 42.16
CA SER F 178 29.90 17.79 42.23
C SER F 178 29.61 19.17 41.67
N ASN F 179 28.48 19.31 40.98
CA ASN F 179 27.88 20.62 40.74
C ASN F 179 27.19 20.92 42.04
N ASP F 180 26.93 22.19 42.19
CA ASP F 180 26.52 22.86 43.54
C ASP F 180 27.30 22.59 44.91
N PRO F 181 28.63 22.87 44.93
CA PRO F 181 29.53 22.35 45.94
C PRO F 181 29.26 22.65 47.38
N GLU F 182 28.35 23.56 47.65
CA GLU F 182 27.73 23.73 48.99
C GLU F 182 27.13 22.44 49.58
N ASP F 183 26.63 21.58 48.69
CA ASP F 183 26.10 20.25 49.08
C ASP F 183 27.07 19.50 49.95
N GLY F 184 28.27 19.37 49.43
CA GLY F 184 29.36 18.60 50.05
C GLY F 184 30.16 19.41 51.04
N ALA F 185 30.47 20.66 50.67
CA ALA F 185 31.14 21.61 51.54
C ALA F 185 30.53 21.69 52.95
N LEU F 186 29.20 21.81 53.00
CA LEU F 186 28.53 22.16 54.24
C LEU F 186 28.57 21.14 55.30
N LEU F 187 29.07 19.90 55.11
CA LEU F 187 29.26 18.99 56.27
C LEU F 187 30.71 19.06 56.84
N GLY F 188 31.62 19.48 55.95
CA GLY F 188 33.01 19.75 56.29
C GLY F 188 33.56 19.78 57.67
N LYS F 189 32.85 20.51 58.54
CA LYS F 189 33.22 20.66 59.99
C LYS F 189 32.06 20.19 60.94
N ILE F 190 31.25 19.22 60.50
CA ILE F 190 30.32 18.47 61.36
C ILE F 190 30.99 17.39 62.16
N GLU F 191 30.48 17.05 63.32
CA GLU F 191 30.81 15.75 64.05
C GLU F 191 31.47 14.59 63.22
N LYS F 192 32.81 14.59 63.22
CA LYS F 192 33.62 13.57 62.59
C LYS F 192 33.58 13.50 61.03
N VAL F 193 32.91 14.41 60.40
CA VAL F 193 32.76 14.46 58.94
C VAL F 193 33.81 15.31 58.26
N ARG F 194 34.42 14.80 57.19
CA ARG F 194 35.38 15.55 56.38
C ARG F 194 34.95 15.75 54.94
N VAL F 195 35.72 16.56 54.19
CA VAL F 195 35.65 16.63 52.74
C VAL F 195 36.83 16.03 52.00
N LEU F 196 37.80 16.72 51.38
CA LEU F 196 38.68 16.22 50.33
C LEU F 196 37.93 16.03 48.97
N ARG F 197 38.34 16.78 47.98
CA ARG F 197 37.62 16.91 46.72
C ARG F 197 38.54 16.84 45.48
N ASN F 198 38.12 16.06 44.51
CA ASN F 198 38.77 16.09 43.18
C ASN F 198 38.17 17.22 42.35
N ASP F 199 38.91 18.29 42.07
CA ASP F 199 38.42 19.32 41.11
C ASP F 199 38.20 18.84 39.68
N ARG F 200 38.92 17.81 39.28
CA ARG F 200 38.72 17.15 37.99
C ARG F 200 37.94 15.86 38.20
N ARG F 201 37.57 15.21 37.10
CA ARG F 201 36.83 13.93 37.27
C ARG F 201 37.76 12.75 37.23
N GLU F 202 38.11 12.18 38.38
CA GLU F 202 38.78 10.89 38.46
C GLU F 202 37.58 10.16 39.01
N GLY F 203 37.48 8.85 38.84
CA GLY F 203 36.18 8.18 38.93
C GLY F 203 35.82 7.65 40.28
N LEU F 204 34.79 6.82 40.32
CA LEU F 204 34.35 6.13 41.53
C LEU F 204 35.52 5.46 42.28
N MET F 205 36.21 4.58 41.56
CA MET F 205 37.39 3.95 42.09
C MET F 205 38.48 4.87 42.56
N ARG F 206 38.95 5.80 41.75
CA ARG F 206 39.99 6.74 42.19
C ARG F 206 39.58 7.53 43.47
N SER F 207 38.34 7.96 43.51
CA SER F 207 37.80 8.72 44.63
C SER F 207 37.81 7.92 45.91
N ARG F 208 37.43 6.66 45.81
CA ARG F 208 37.53 5.74 46.94
C ARG F 208 38.98 5.60 47.48
N VAL F 209 39.93 5.56 46.55
CA VAL F 209 41.33 5.39 46.89
C VAL F 209 41.86 6.63 47.65
N ARG F 210 41.43 7.80 47.22
CA ARG F 210 41.76 9.05 47.90
C ARG F 210 41.33 9.00 49.35
N GLY F 211 40.06 8.71 49.56
CA GLY F 211 39.47 8.55 50.91
C GLY F 211 40.21 7.53 51.74
N ALA F 212 40.66 6.44 51.15
CA ALA F 212 41.40 5.40 51.84
C ALA F 212 42.78 5.92 52.35
N ASP F 213 43.43 6.80 51.62
CA ASP F 213 44.70 7.42 52.06
C ASP F 213 44.45 8.50 53.12
N ALA F 214 43.31 9.16 53.03
CA ALA F 214 42.82 10.11 54.05
C ALA F 214 42.18 9.44 55.30
N ALA F 215 42.11 8.09 55.30
CA ALA F 215 41.69 7.31 56.40
C ALA F 215 42.80 7.22 57.43
N GLN F 216 42.46 7.66 58.64
CA GLN F 216 43.38 7.62 59.78
C GLN F 216 43.29 6.24 60.47
N ALA F 217 42.08 5.68 60.52
CA ALA F 217 41.84 4.42 61.19
C ALA F 217 42.51 3.23 60.51
N LYS F 218 42.61 2.13 61.25
CA LYS F 218 43.24 0.91 60.77
C LYS F 218 42.31 0.11 59.89
N VAL F 219 40.99 0.39 59.95
CA VAL F 219 39.98 -0.31 59.14
C VAL F 219 39.19 0.65 58.25
N LEU F 220 39.00 0.25 57.00
CA LEU F 220 38.19 1.04 56.04
C LEU F 220 36.78 0.45 55.94
N THR F 221 35.79 1.31 55.89
CA THR F 221 34.42 0.94 55.50
C THR F 221 34.02 1.83 54.34
N PHE F 222 33.66 1.22 53.22
CA PHE F 222 33.16 1.95 52.05
C PHE F 222 31.65 1.84 52.00
N LEU F 223 31.01 2.88 51.51
CA LEU F 223 29.56 2.96 51.43
C LEU F 223 29.16 3.79 50.24
N ASP F 224 28.04 3.39 49.62
CA ASP F 224 27.46 4.20 48.58
C ASP F 224 26.77 5.39 49.25
N SER F 225 26.64 6.45 48.45
CA SER F 225 26.14 7.73 48.94
C SER F 225 24.61 7.87 49.12
N HIS F 226 23.90 6.76 48.98
CA HIS F 226 22.44 6.72 49.12
C HIS F 226 22.09 5.41 49.82
N CYS F 227 22.66 5.26 51.02
CA CYS F 227 22.44 4.12 51.89
C CYS F 227 21.78 4.53 53.18
N GLU F 228 21.33 3.53 53.94
CA GLU F 228 20.74 3.71 55.26
C GLU F 228 21.11 2.55 56.16
N CYS F 229 22.05 2.83 57.07
CA CYS F 229 22.48 1.79 58.02
C CYS F 229 21.36 1.41 58.94
N ASN F 230 21.25 0.11 59.24
CA ASN F 230 20.20 -0.42 60.13
C ASN F 230 20.84 -0.70 61.50
N GLU F 231 20.07 -1.37 62.36
CA GLU F 231 20.45 -1.62 63.73
C GLU F 231 21.71 -2.45 63.82
N HIS F 232 22.61 -2.05 64.70
CA HIS F 232 23.89 -2.70 64.97
C HIS F 232 24.51 -3.35 63.73
N TRP F 233 24.61 -2.50 62.71
CA TRP F 233 25.08 -2.89 61.39
C TRP F 233 26.58 -3.10 61.36
N LEU F 234 27.31 -2.23 62.04
CA LEU F 234 28.76 -2.16 61.90
C LEU F 234 29.51 -3.25 62.65
N GLU F 235 29.05 -3.56 63.86
CA GLU F 235 29.76 -4.48 64.75
C GLU F 235 30.05 -5.85 64.10
N PRO F 236 29.03 -6.50 63.52
CA PRO F 236 29.30 -7.81 62.93
C PRO F 236 30.35 -7.77 61.81
N LEU F 237 30.44 -6.65 61.07
CA LEU F 237 31.41 -6.50 60.00
C LEU F 237 32.82 -6.40 60.58
N LEU F 238 32.99 -5.46 61.54
CA LEU F 238 34.27 -5.25 62.20
C LEU F 238 34.80 -6.52 62.91
N GLU F 239 33.91 -7.16 63.69
CA GLU F 239 34.33 -8.35 64.40
C GLU F 239 34.99 -9.39 63.47
N ARG F 240 34.47 -9.53 62.25
CA ARG F 240 35.02 -10.45 61.27
C ARG F 240 36.39 -10.05 60.81
N VAL F 241 36.55 -8.77 60.48
CA VAL F 241 37.87 -8.29 60.03
C VAL F 241 38.87 -8.33 61.19
N ALA F 242 38.41 -8.01 62.41
CA ALA F 242 39.24 -8.04 63.59
C ALA F 242 39.84 -9.43 63.89
N GLU F 243 39.05 -10.46 63.70
CA GLU F 243 39.48 -11.84 63.89
C GLU F 243 40.49 -12.27 62.81
N ASP F 244 40.17 -11.92 61.57
CA ASP F 244 40.96 -12.33 60.39
C ASP F 244 40.98 -11.16 59.41
N ARG F 245 42.13 -10.52 59.39
CA ARG F 245 42.38 -9.35 58.56
C ARG F 245 42.18 -9.53 57.05
N THR F 246 42.28 -10.78 56.58
CA THR F 246 42.15 -11.11 55.16
C THR F 246 40.70 -11.14 54.69
N ARG F 247 39.74 -11.19 55.60
CA ARG F 247 38.32 -11.14 55.21
C ARG F 247 37.93 -9.73 54.78
N VAL F 248 37.27 -9.64 53.64
CA VAL F 248 36.59 -8.44 53.19
C VAL F 248 35.09 -8.76 53.26
N VAL F 249 34.38 -7.97 54.05
CA VAL F 249 33.02 -8.32 54.43
C VAL F 249 32.04 -7.24 54.02
N SER F 250 30.87 -7.66 53.57
CA SER F 250 29.81 -6.78 53.09
C SER F 250 28.52 -7.08 53.86
N PRO F 251 27.65 -6.08 54.04
CA PRO F 251 26.36 -6.37 54.64
C PRO F 251 25.40 -6.94 53.62
N ILE F 252 24.24 -7.38 54.08
CA ILE F 252 23.11 -7.65 53.22
C ILE F 252 22.59 -6.30 52.77
N ALA F 253 22.34 -6.17 51.47
CA ALA F 253 21.88 -4.91 50.89
C ALA F 253 20.38 -4.89 50.85
N ASP F 254 19.79 -4.27 51.86
CA ASP F 254 18.35 -4.04 51.90
C ASP F 254 17.98 -3.04 50.82
N VAL F 255 16.70 -3.05 50.43
CA VAL F 255 16.23 -2.23 49.32
C VAL F 255 15.45 -1.02 49.80
N ILE F 256 15.87 0.15 49.37
CA ILE F 256 15.11 1.38 49.54
C ILE F 256 14.32 1.62 48.27
N ASN F 257 12.99 1.61 48.37
CA ASN F 257 12.15 1.50 47.15
C ASN F 257 12.24 2.78 46.35
N MET F 258 12.57 2.62 45.07
CA MET F 258 12.76 3.74 44.15
C MET F 258 11.50 4.59 43.92
N ASP F 259 10.32 4.01 44.11
CA ASP F 259 9.06 4.76 43.89
C ASP F 259 8.47 5.24 45.20
N ASN F 260 8.23 4.29 46.16
CA ASN F 260 7.53 4.71 47.41
C ASN F 260 8.50 5.13 48.53
N PHE F 261 9.78 4.79 48.39
CA PHE F 261 10.84 5.14 49.35
C PHE F 261 10.74 4.46 50.71
N GLN F 262 9.96 3.39 50.80
CA GLN F 262 9.91 2.55 52.00
C GLN F 262 11.19 1.74 52.03
N TYR F 263 11.69 1.49 53.24
CA TYR F 263 12.85 0.61 53.49
C TYR F 263 12.36 -0.83 53.50
N VAL F 264 12.88 -1.66 52.63
CA VAL F 264 12.38 -3.05 52.52
C VAL F 264 13.51 -4.03 52.83
N GLY F 265 13.24 -5.03 53.65
CA GLY F 265 14.17 -6.08 53.96
C GLY F 265 14.43 -7.00 52.80
N ALA F 266 15.70 -7.32 52.56
CA ALA F 266 16.11 -8.18 51.46
C ALA F 266 16.35 -9.62 51.93
N SER F 267 16.56 -10.53 50.98
CA SER F 267 16.78 -11.92 51.30
C SER F 267 18.16 -12.16 51.94
N ALA F 268 18.17 -12.98 53.00
CA ALA F 268 19.40 -13.46 53.63
C ALA F 268 19.93 -14.77 53.02
N ASP F 269 19.23 -15.28 51.98
CA ASP F 269 19.55 -16.56 51.40
C ASP F 269 20.18 -16.44 50.00
N LEU F 270 20.91 -15.35 49.79
CA LEU F 270 21.55 -15.08 48.52
C LEU F 270 23.04 -14.85 48.72
N LYS F 271 23.81 -15.20 47.69
CA LYS F 271 25.21 -14.85 47.54
C LYS F 271 25.31 -13.99 46.27
N GLY F 272 26.41 -13.26 46.15
CA GLY F 272 26.70 -12.52 44.94
C GLY F 272 27.36 -13.40 43.90
N GLY F 273 27.18 -13.04 42.63
CA GLY F 273 27.79 -13.78 41.52
C GLY F 273 27.74 -13.04 40.19
N PHE F 274 27.88 -13.81 39.11
CA PHE F 274 27.85 -13.31 37.74
C PHE F 274 27.64 -14.41 36.70
N ASP F 275 27.11 -14.03 35.54
CA ASP F 275 27.13 -14.81 34.31
C ASP F 275 28.37 -14.41 33.49
N TRP F 276 28.63 -15.13 32.40
CA TRP F 276 29.79 -14.86 31.57
C TRP F 276 29.93 -13.44 30.97
N ASN F 277 28.83 -12.71 30.90
CA ASN F 277 28.87 -11.27 30.58
C ASN F 277 29.51 -10.37 31.67
N LEU F 278 29.84 -10.95 32.80
CA LEU F 278 30.60 -10.30 33.91
C LEU F 278 29.82 -9.17 34.58
N VAL F 279 28.49 -9.28 34.55
CA VAL F 279 27.58 -8.32 35.14
C VAL F 279 27.08 -8.96 36.44
N PHE F 280 26.92 -8.14 37.47
CA PHE F 280 26.58 -8.65 38.78
C PHE F 280 25.19 -9.26 38.81
N LYS F 281 25.06 -10.40 39.50
CA LYS F 281 23.76 -10.98 39.79
C LYS F 281 23.77 -11.74 41.13
N TRP F 282 22.59 -11.87 41.73
CA TRP F 282 22.41 -12.64 42.92
C TRP F 282 22.17 -14.13 42.67
N ASP F 283 23.00 -14.98 43.24
CA ASP F 283 22.83 -16.44 43.21
C ASP F 283 22.05 -16.95 44.37
N TYR F 284 21.37 -18.07 44.22
CA TYR F 284 20.97 -18.91 45.37
C TYR F 284 22.19 -19.71 45.82
N MET F 285 22.18 -20.14 47.06
CA MET F 285 23.21 -21.05 47.60
C MET F 285 23.01 -22.44 47.02
N THR F 286 24.10 -23.17 46.83
CA THR F 286 24.11 -24.56 46.42
C THR F 286 23.35 -25.47 47.41
N PRO F 287 22.90 -26.65 46.93
CA PRO F 287 22.28 -27.61 47.85
C PRO F 287 23.18 -27.97 49.02
N GLU F 288 24.46 -28.21 48.72
CA GLU F 288 25.47 -28.53 49.74
C GLU F 288 25.58 -27.46 50.82
N GLN F 289 25.48 -26.20 50.41
CA GLN F 289 25.58 -25.04 51.29
C GLN F 289 24.34 -24.88 52.15
N ARG F 290 23.18 -24.88 51.51
CA ARG F 290 21.90 -24.78 52.19
C ARG F 290 21.70 -25.82 53.32
N ARG F 291 22.21 -27.03 53.11
CA ARG F 291 22.20 -28.08 54.17
C ARG F 291 23.11 -27.69 55.35
N SER F 292 24.32 -27.22 55.03
CA SER F 292 25.29 -26.80 56.04
C SER F 292 24.90 -25.58 56.88
N ARG F 293 23.98 -24.77 56.33
CA ARG F 293 23.47 -23.56 56.95
C ARG F 293 22.12 -23.76 57.63
N GLN F 294 21.39 -24.84 57.26
CA GLN F 294 20.00 -25.08 57.66
C GLN F 294 19.72 -24.91 59.14
N GLY F 295 20.61 -25.46 59.94
CA GLY F 295 20.62 -25.21 61.39
C GLY F 295 21.57 -24.14 61.85
N ASN F 296 21.54 -22.96 61.24
CA ASN F 296 22.37 -21.80 61.61
C ASN F 296 22.22 -20.73 60.51
N PRO F 297 21.08 -20.01 60.51
CA PRO F 297 20.79 -19.13 59.37
C PRO F 297 21.73 -17.91 59.23
N VAL F 298 22.25 -17.42 60.36
CA VAL F 298 22.89 -16.08 60.34
C VAL F 298 24.42 -16.11 60.27
N ALA F 299 24.97 -17.24 59.93
CA ALA F 299 26.43 -17.38 59.80
C ALA F 299 26.92 -16.55 58.63
N PRO F 300 28.21 -16.18 58.63
CA PRO F 300 28.77 -15.52 57.45
C PRO F 300 28.61 -16.34 56.18
N ILE F 301 28.46 -15.66 55.05
CA ILE F 301 28.09 -16.29 53.79
C ILE F 301 29.31 -16.06 52.92
N LYS F 302 29.99 -17.15 52.46
CA LYS F 302 31.19 -17.00 51.70
C LYS F 302 30.82 -16.70 50.25
N THR F 303 30.90 -15.42 49.86
CA THR F 303 30.39 -15.01 48.55
C THR F 303 31.53 -14.90 47.53
N PRO F 304 31.35 -15.47 46.31
CA PRO F 304 32.36 -15.33 45.26
C PRO F 304 32.54 -13.93 44.73
N MET F 305 31.52 -13.10 44.95
CA MET F 305 31.57 -11.69 44.54
C MET F 305 30.86 -10.83 45.57
N ILE F 306 31.44 -9.64 45.82
CA ILE F 306 30.74 -8.61 46.60
C ILE F 306 30.04 -7.67 45.61
N ALA F 307 28.89 -7.16 46.00
CA ALA F 307 28.20 -6.16 45.17
C ALA F 307 29.10 -4.92 44.95
N GLY F 308 29.92 -4.56 45.91
CA GLY F 308 31.00 -3.59 45.75
C GLY F 308 30.80 -2.18 46.25
N GLY F 309 29.59 -1.91 46.74
CA GLY F 309 29.20 -0.59 47.24
C GLY F 309 29.52 -0.42 48.70
N ALA F 310 28.95 -1.31 49.50
CA ALA F 310 29.15 -1.33 50.94
C ALA F 310 29.99 -2.52 51.33
N PHE F 311 31.19 -2.29 51.84
CA PHE F 311 32.02 -3.32 52.41
C PHE F 311 33.07 -2.75 53.34
N VAL F 312 33.62 -3.61 54.18
CA VAL F 312 34.63 -3.26 55.18
C VAL F 312 35.86 -4.10 54.94
N MET F 313 37.02 -3.49 55.06
CA MET F 313 38.31 -4.11 54.70
C MET F 313 39.40 -3.49 55.58
N ASP F 314 40.33 -4.30 56.06
CA ASP F 314 41.50 -3.81 56.81
C ASP F 314 42.31 -2.86 55.94
N LYS F 315 42.63 -1.67 56.43
CA LYS F 315 43.35 -0.68 55.62
C LYS F 315 44.71 -1.18 55.17
N PHE F 316 45.47 -1.80 56.06
CA PHE F 316 46.80 -2.31 55.74
C PHE F 316 46.68 -3.41 54.68
N TYR F 317 45.68 -4.29 54.83
CA TYR F 317 45.38 -5.32 53.81
C TYR F 317 45.00 -4.72 52.45
N PHE F 318 44.20 -3.68 52.48
CA PHE F 318 43.74 -2.99 51.26
C PHE F 318 44.90 -2.50 50.44
N GLU F 319 45.85 -1.81 51.11
CA GLU F 319 47.02 -1.26 50.42
C GLU F 319 47.94 -2.38 49.89
N GLU F 320 48.26 -3.28 50.79
CA GLU F 320 49.14 -4.42 50.48
C GLU F 320 48.62 -5.22 49.30
N LEU F 321 47.32 -5.55 49.34
CA LEU F 321 46.67 -6.35 48.28
C LEU F 321 46.31 -5.55 47.02
N GLY F 322 46.89 -4.38 46.83
CA GLY F 322 46.80 -3.66 45.58
C GLY F 322 45.56 -2.82 45.38
N LYS F 323 45.08 -2.20 46.47
CA LYS F 323 44.01 -1.15 46.42
C LYS F 323 43.40 -0.88 45.07
N TYR F 324 42.14 -1.13 44.78
CA TYR F 324 41.44 -0.62 43.54
C TYR F 324 42.23 -0.10 42.28
N ASP F 325 42.10 -0.81 41.16
CA ASP F 325 42.89 -0.56 39.99
C ASP F 325 42.62 0.83 39.42
N MET F 326 43.57 1.72 39.74
CA MET F 326 43.50 3.15 39.46
C MET F 326 43.17 3.58 38.04
N MET F 327 43.36 2.69 37.03
CA MET F 327 43.20 3.10 35.62
C MET F 327 41.83 2.72 35.04
N MET F 328 40.84 2.60 35.93
CA MET F 328 39.43 2.32 35.59
C MET F 328 38.32 3.38 35.26
N ASP F 329 38.18 4.42 36.05
CA ASP F 329 37.31 5.52 35.92
C ASP F 329 35.78 5.23 35.78
N VAL F 330 35.02 6.27 36.01
CA VAL F 330 33.55 6.29 36.08
C VAL F 330 32.93 5.36 37.12
N TRP F 331 32.79 4.09 36.79
CA TRP F 331 31.78 3.16 37.41
C TRP F 331 31.95 1.81 36.72
N GLY F 332 31.61 0.76 37.44
CA GLY F 332 31.57 -0.58 36.88
C GLY F 332 32.93 -1.25 36.78
N GLY F 333 32.96 -2.55 37.04
CA GLY F 333 34.15 -3.36 36.88
C GLY F 333 34.88 -3.61 38.20
N GLU F 334 35.17 -2.53 38.89
CA GLU F 334 35.85 -2.50 40.18
C GLU F 334 35.45 -3.61 41.13
N ASN F 335 34.16 -3.90 41.23
CA ASN F 335 33.64 -4.91 42.18
C ASN F 335 34.10 -6.30 41.79
N LEU F 336 34.03 -6.59 40.49
CA LEU F 336 34.52 -7.84 39.89
C LEU F 336 36.04 -7.97 40.12
N GLU F 337 36.77 -6.91 39.75
CA GLU F 337 38.22 -6.86 39.83
C GLU F 337 38.71 -7.20 41.25
N ILE F 338 38.22 -6.45 42.22
CA ILE F 338 38.63 -6.64 43.60
C ILE F 338 38.20 -7.99 44.15
N SER F 339 37.03 -8.45 43.73
CA SER F 339 36.49 -9.72 44.23
C SER F 339 37.38 -10.87 43.79
N PHE F 340 37.71 -10.87 42.50
CA PHE F 340 38.64 -11.85 41.95
C PHE F 340 39.99 -11.78 42.67
N ARG F 341 40.54 -10.57 42.73
CA ARG F 341 41.84 -10.32 43.32
C ARG F 341 41.95 -10.89 44.75
N VAL F 342 41.03 -10.47 45.60
CA VAL F 342 41.03 -10.86 47.01
C VAL F 342 40.99 -12.38 47.17
N TRP F 343 40.09 -13.02 46.44
CA TRP F 343 39.96 -14.50 46.49
C TRP F 343 41.20 -15.18 45.95
N GLN F 344 41.60 -14.77 44.75
CA GLN F 344 42.75 -15.36 44.08
C GLN F 344 44.07 -15.15 44.81
N CYS F 345 44.23 -14.04 45.53
CA CYS F 345 45.48 -13.73 46.27
C CYS F 345 45.38 -14.04 47.78
N GLY F 346 44.59 -15.05 48.15
CA GLY F 346 44.62 -15.63 49.49
C GLY F 346 43.59 -15.19 50.51
N GLY F 347 42.85 -14.13 50.20
CA GLY F 347 41.85 -13.57 51.14
C GLY F 347 40.48 -14.16 50.88
N SER F 348 39.49 -13.61 51.56
CA SER F 348 38.12 -14.11 51.47
C SER F 348 37.12 -12.92 51.39
N LEU F 349 35.96 -13.20 50.79
CA LEU F 349 34.83 -12.29 50.72
C LEU F 349 33.63 -12.89 51.44
N GLU F 350 32.95 -12.06 52.23
CA GLU F 350 31.77 -12.53 52.96
C GLU F 350 30.59 -11.56 52.91
N ILE F 351 29.38 -12.10 52.99
CA ILE F 351 28.18 -11.35 53.31
C ILE F 351 27.80 -11.72 54.72
N ILE F 352 27.55 -10.70 55.55
CA ILE F 352 27.21 -10.89 56.96
C ILE F 352 25.73 -10.59 57.15
N PRO F 353 24.88 -11.63 57.39
CA PRO F 353 23.44 -11.40 57.48
C PRO F 353 22.93 -10.49 58.57
N CYS F 354 23.68 -10.36 59.65
CA CYS F 354 23.24 -9.50 60.78
C CYS F 354 23.61 -8.04 60.55
N SER F 355 24.44 -7.77 59.55
CA SER F 355 24.72 -6.42 59.13
C SER F 355 23.75 -6.05 58.04
N ARG F 356 22.87 -5.08 58.32
CA ARG F 356 21.88 -4.65 57.33
C ARG F 356 22.10 -3.21 56.94
N VAL F 357 22.24 -2.96 55.65
CA VAL F 357 22.40 -1.60 55.13
C VAL F 357 21.49 -1.44 53.90
N GLY F 358 20.58 -0.49 53.98
CA GLY F 358 19.69 -0.23 52.84
C GLY F 358 20.38 0.52 51.71
N HIS F 359 19.84 0.39 50.51
CA HIS F 359 20.40 1.05 49.32
C HIS F 359 19.31 1.36 48.28
N VAL F 360 19.35 2.57 47.74
CA VAL F 360 18.37 2.96 46.71
C VAL F 360 18.86 2.38 45.37
N PHE F 361 18.24 1.25 45.00
CA PHE F 361 18.52 0.68 43.68
C PHE F 361 17.76 1.44 42.63
N ARG F 362 18.40 1.58 41.47
CA ARG F 362 17.86 2.33 40.31
C ARG F 362 18.07 1.53 39.03
N LYS F 363 17.46 1.99 37.93
CA LYS F 363 17.68 1.37 36.62
C LYS F 363 18.75 2.09 35.77
N GLN F 364 18.76 3.41 35.86
CA GLN F 364 19.63 4.27 35.01
C GLN F 364 20.29 5.34 35.86
N HIS F 365 21.49 5.77 35.47
CA HIS F 365 22.30 6.71 36.27
C HIS F 365 22.49 8.07 35.61
N PRO F 366 22.63 9.15 36.41
CA PRO F 366 22.70 10.52 35.86
C PRO F 366 24.12 11.05 35.58
N TYR F 367 25.04 10.23 35.05
CA TYR F 367 26.38 10.72 34.71
C TYR F 367 27.06 9.98 33.55
N THR F 368 28.15 10.56 33.04
CA THR F 368 29.19 9.84 32.28
C THR F 368 30.24 10.80 31.73
N PHE F 369 31.41 10.24 31.41
CA PHE F 369 32.37 10.77 30.41
C PHE F 369 33.07 9.61 29.70
N GLY F 372 28.75 5.84 24.54
CA GLY F 372 29.53 6.76 25.40
C GLY F 372 29.37 6.58 26.89
N SER F 373 29.27 5.34 27.36
CA SER F 373 28.87 4.97 28.74
C SER F 373 28.96 3.46 28.94
N GLY F 374 28.24 2.70 28.14
CA GLY F 374 28.44 1.24 27.98
C GLY F 374 29.83 0.84 27.47
N THR F 375 30.47 1.75 26.75
CA THR F 375 31.87 1.64 26.39
C THR F 375 32.80 1.60 27.61
N VAL F 376 32.62 2.49 28.56
CA VAL F 376 33.43 2.54 29.79
C VAL F 376 33.25 1.34 30.70
N PHE F 377 32.03 0.86 30.81
CA PHE F 377 31.71 -0.38 31.58
C PHE F 377 32.53 -1.54 30.98
N ALA F 378 32.43 -1.69 29.67
CA ALA F 378 33.21 -2.69 28.95
C ALA F 378 34.73 -2.49 29.13
N ARG F 379 35.20 -1.26 29.08
CA ARG F 379 36.64 -0.95 29.26
C ARG F 379 37.12 -1.45 30.59
N ASN F 380 36.43 -1.08 31.65
CA ASN F 380 36.79 -1.51 33.01
C ASN F 380 36.70 -3.00 33.14
N THR F 381 35.56 -3.55 32.74
CA THR F 381 35.33 -4.99 32.84
C THR F 381 36.46 -5.76 32.14
N ARG F 382 36.84 -5.26 30.96
CA ARG F 382 37.95 -5.82 30.19
C ARG F 382 39.26 -5.76 30.97
N ARG F 383 39.57 -4.57 31.42
CA ARG F 383 40.77 -4.27 32.24
C ARG F 383 40.93 -5.19 33.42
N ALA F 384 39.80 -5.59 34.01
CA ALA F 384 39.78 -6.57 35.10
C ALA F 384 40.04 -7.95 34.53
N ALA F 385 39.22 -8.33 33.57
CA ALA F 385 39.25 -9.68 32.96
C ALA F 385 40.62 -10.02 32.40
N GLU F 386 41.20 -9.09 31.66
CA GLU F 386 42.53 -9.23 31.05
C GLU F 386 43.69 -9.46 32.05
N VAL F 387 43.54 -9.00 33.25
CA VAL F 387 44.55 -9.19 34.31
C VAL F 387 44.32 -10.51 35.09
N TRP F 388 43.07 -10.80 35.41
CA TRP F 388 42.74 -11.81 36.42
C TRP F 388 42.14 -13.13 35.97
N MET F 389 41.43 -13.08 34.85
CA MET F 389 40.80 -14.26 34.24
C MET F 389 41.86 -14.61 33.20
N ASP F 390 42.38 -15.80 33.25
CA ASP F 390 43.44 -16.29 32.36
C ASP F 390 42.79 -16.58 30.99
N GLU F 391 42.82 -17.84 30.51
CA GLU F 391 42.19 -18.25 29.26
C GLU F 391 40.67 -17.89 29.15
N TYR F 392 40.02 -17.73 30.28
CA TYR F 392 38.59 -17.58 30.42
C TYR F 392 38.10 -16.19 30.03
N LYS F 393 39.02 -15.23 29.94
CA LYS F 393 38.86 -13.92 29.25
C LYS F 393 37.88 -13.93 28.04
N ASN F 394 38.04 -15.01 27.30
CA ASN F 394 37.40 -15.17 26.00
C ASN F 394 35.92 -15.43 26.13
N PHE F 395 35.56 -16.17 27.18
CA PHE F 395 34.16 -16.46 27.44
C PHE F 395 33.37 -15.20 27.73
N TYR F 396 34.02 -14.19 28.30
CA TYR F 396 33.40 -12.87 28.46
C TYR F 396 33.17 -12.22 27.08
N TYR F 397 34.24 -12.16 26.29
CA TYR F 397 34.16 -11.59 24.96
C TYR F 397 33.19 -12.40 24.07
N ALA F 398 33.08 -13.70 24.34
CA ALA F 398 32.12 -14.54 23.66
C ALA F 398 30.69 -14.13 23.98
N ALA F 399 30.44 -13.86 25.26
CA ALA F 399 29.11 -13.45 25.74
C ALA F 399 28.77 -12.02 25.35
N VAL F 400 29.76 -11.12 25.42
CA VAL F 400 29.60 -9.71 25.05
C VAL F 400 30.60 -9.40 23.92
N PRO F 401 30.27 -9.79 22.67
CA PRO F 401 31.18 -9.55 21.56
C PRO F 401 31.57 -8.09 21.38
N SER F 402 30.63 -7.19 21.60
CA SER F 402 30.81 -5.73 21.56
C SER F 402 32.09 -5.21 22.18
N ALA F 403 32.51 -5.84 23.27
CA ALA F 403 33.81 -5.49 23.93
C ALA F 403 35.01 -5.79 22.96
N ARG F 404 36.25 -5.84 23.39
CA ARG F 404 37.36 -6.12 22.53
C ARG F 404 37.71 -4.81 21.90
N ASN F 405 36.87 -4.12 21.14
CA ASN F 405 37.11 -2.82 20.53
C ASN F 405 36.81 -1.69 21.55
N VAL F 406 37.66 -1.61 22.55
CA VAL F 406 37.46 -0.81 23.80
C VAL F 406 38.83 -0.80 24.49
N PRO F 407 39.38 0.38 24.87
CA PRO F 407 40.66 0.46 25.53
C PRO F 407 40.86 -0.38 26.84
N TYR F 408 41.10 -1.67 26.57
CA TYR F 408 41.52 -2.60 27.61
C TYR F 408 42.91 -2.21 28.20
N GLY F 409 43.62 -1.29 27.56
CA GLY F 409 44.63 -0.47 28.24
C GLY F 409 45.98 -1.10 28.35
N ASN F 410 46.94 -0.29 28.81
CA ASN F 410 48.29 -0.81 29.26
C ASN F 410 48.10 -1.36 30.66
N ILE F 411 48.59 -2.57 30.93
CA ILE F 411 48.20 -3.26 32.20
C ILE F 411 49.40 -3.80 33.00
N GLN F 412 50.62 -3.49 32.54
CA GLN F 412 51.81 -4.10 33.13
C GLN F 412 51.99 -3.72 34.58
N SER F 413 51.71 -2.48 34.95
CA SER F 413 51.80 -2.06 36.37
C SER F 413 50.89 -2.88 37.28
N ARG F 414 49.63 -3.00 36.87
CA ARG F 414 48.61 -3.76 37.66
C ARG F 414 48.86 -5.28 37.61
N LEU F 415 49.37 -5.71 36.48
CA LEU F 415 49.62 -7.11 36.21
C LEU F 415 50.77 -7.62 37.07
N GLU F 416 51.82 -6.81 37.15
CA GLU F 416 53.00 -7.11 37.97
C GLU F 416 52.61 -7.40 39.41
N LEU F 417 51.71 -6.56 39.94
CA LEU F 417 51.05 -6.80 41.24
C LEU F 417 50.62 -8.24 41.49
N ARG F 418 49.92 -8.83 40.53
CA ARG F 418 49.50 -10.25 40.60
C ARG F 418 50.63 -11.23 40.93
N LYS F 419 51.72 -11.15 40.18
CA LYS F 419 52.90 -12.01 40.40
C LYS F 419 53.60 -11.67 41.71
N LYS F 420 53.70 -10.36 42.00
CA LYS F 420 54.23 -9.86 43.27
C LYS F 420 53.51 -10.47 44.50
N LEU F 421 52.18 -10.56 44.40
CA LEU F 421 51.36 -11.13 45.47
C LEU F 421 51.35 -12.67 45.50
N SER F 422 51.99 -13.31 44.52
CA SER F 422 52.05 -14.75 44.33
C SER F 422 50.62 -15.36 44.25
N CYS F 423 49.82 -14.78 43.39
CA CYS F 423 48.38 -15.02 43.33
C CYS F 423 48.01 -16.31 42.59
N LYS F 424 46.92 -16.96 43.00
CA LYS F 424 46.46 -18.22 42.38
C LYS F 424 45.77 -17.95 41.03
N PRO F 425 45.68 -18.96 40.16
CA PRO F 425 45.09 -18.79 38.82
C PRO F 425 43.57 -18.78 38.83
N PHE F 426 42.98 -18.26 37.76
CA PHE F 426 41.51 -18.18 37.66
C PHE F 426 40.84 -19.55 37.70
N LYS F 427 41.49 -20.55 37.13
CA LYS F 427 41.05 -21.95 37.22
C LYS F 427 40.80 -22.35 38.68
N TRP F 428 41.66 -21.88 39.60
CA TRP F 428 41.49 -22.11 41.05
C TRP F 428 40.19 -21.48 41.49
N TYR F 429 40.02 -20.19 41.18
CA TYR F 429 38.83 -19.44 41.55
C TYR F 429 37.57 -20.14 41.06
N LEU F 430 37.58 -20.58 39.81
CA LEU F 430 36.40 -21.20 39.22
C LEU F 430 36.05 -22.52 39.86
N GLU F 431 37.06 -23.29 40.24
CA GLU F 431 36.81 -24.63 40.74
C GLU F 431 36.52 -24.62 42.24
N ASN F 432 37.14 -23.70 42.98
CA ASN F 432 36.97 -23.65 44.45
C ASN F 432 35.98 -22.61 45.02
N VAL F 433 35.97 -21.42 44.41
CA VAL F 433 35.14 -20.30 44.86
C VAL F 433 33.78 -20.21 44.13
N TYR F 434 33.75 -20.42 42.83
CA TYR F 434 32.54 -20.24 42.04
C TYR F 434 32.27 -21.45 41.06
N PRO F 435 32.16 -22.66 41.61
CA PRO F 435 32.00 -23.84 40.77
C PRO F 435 30.74 -23.82 39.94
N GLU F 436 29.66 -23.28 40.52
CA GLU F 436 28.34 -23.26 39.86
C GLU F 436 28.37 -22.66 38.44
N LEU F 437 29.33 -21.75 38.19
CA LEU F 437 29.41 -21.08 36.92
C LEU F 437 29.71 -22.04 35.77
N ARG F 438 28.76 -22.13 34.84
CA ARG F 438 28.76 -23.26 33.88
C ARG F 438 29.77 -22.93 32.80
N VAL F 439 30.84 -23.72 32.70
CA VAL F 439 32.00 -23.35 31.85
C VAL F 439 32.09 -24.24 30.59
N PRO F 440 32.13 -23.62 29.38
CA PRO F 440 32.18 -24.41 28.14
C PRO F 440 33.47 -25.19 27.93
N ASP F 441 33.36 -26.31 27.24
CA ASP F 441 34.51 -27.22 27.05
C ASP F 441 35.47 -26.54 26.06
N HIS F 442 36.78 -26.77 26.27
CA HIS F 442 37.88 -26.13 25.55
C HIS F 442 37.71 -26.08 24.04
N GLN F 443 37.10 -27.13 23.48
CA GLN F 443 36.73 -27.17 22.02
C GLN F 443 35.23 -26.99 21.82
N ASP F 444 34.67 -25.96 22.46
CA ASP F 444 33.23 -25.56 22.20
C ASP F 444 33.08 -24.21 21.46
N ILE F 445 32.14 -24.20 20.51
CA ILE F 445 31.94 -23.10 19.56
C ILE F 445 30.90 -22.12 20.08
N ALA F 446 29.83 -22.64 20.61
CA ALA F 446 28.74 -21.81 21.20
C ALA F 446 28.19 -22.55 22.36
N PHE F 447 27.91 -21.86 23.48
CA PHE F 447 27.37 -22.51 24.70
C PHE F 447 26.20 -21.67 25.23
N GLY F 448 25.39 -22.26 26.11
CA GLY F 448 24.23 -21.54 26.70
C GLY F 448 22.93 -22.14 26.32
N ALA F 449 21.87 -21.39 26.26
CA ALA F 449 20.56 -21.91 25.76
C ALA F 449 20.49 -21.59 24.29
N LEU F 450 19.69 -22.36 23.58
CA LEU F 450 19.33 -22.04 22.19
C LEU F 450 17.97 -21.38 22.15
N GLN F 451 17.96 -20.06 22.00
CA GLN F 451 16.78 -19.22 22.22
C GLN F 451 16.03 -18.93 20.93
N GLN F 452 14.68 -18.93 21.03
CA GLN F 452 13.86 -18.39 19.91
C GLN F 452 12.77 -17.45 20.48
N GLY F 453 13.08 -16.17 20.58
CA GLY F 453 12.18 -15.19 21.18
C GLY F 453 12.21 -15.37 22.68
N THR F 454 11.04 -15.53 23.27
CA THR F 454 10.91 -15.77 24.74
C THR F 454 11.17 -17.27 25.06
N ASN F 455 10.77 -18.13 24.12
CA ASN F 455 10.91 -19.57 24.28
C ASN F 455 12.34 -20.02 24.01
N CYS F 456 12.73 -21.10 24.69
CA CYS F 456 14.07 -21.69 24.55
C CYS F 456 14.01 -23.16 24.23
N LEU F 457 15.04 -23.71 23.61
CA LEU F 457 15.20 -25.14 23.36
C LEU F 457 15.30 -25.87 24.67
N ASP F 458 14.28 -26.70 24.93
CA ASP F 458 14.13 -27.44 26.19
C ASP F 458 14.19 -28.94 25.87
N THR F 459 14.74 -29.70 26.83
CA THR F 459 14.84 -31.13 26.75
C THR F 459 13.52 -31.86 26.95
N LEU F 460 12.56 -31.22 27.63
CA LEU F 460 11.17 -31.61 27.58
C LEU F 460 10.96 -33.01 28.16
N GLY F 461 11.72 -33.28 29.23
CA GLY F 461 11.80 -34.64 29.78
C GLY F 461 13.23 -35.12 29.96
N HIS F 462 13.99 -34.94 28.90
CA HIS F 462 15.43 -35.29 28.86
C HIS F 462 15.45 -36.82 28.60
N PHE F 463 16.40 -37.51 29.18
CA PHE F 463 16.79 -38.89 28.95
C PHE F 463 17.02 -39.27 27.48
N ALA F 464 17.72 -40.36 27.29
CA ALA F 464 18.09 -40.79 25.90
C ALA F 464 16.80 -41.11 25.14
N ASP F 465 16.93 -41.09 23.83
CA ASP F 465 15.87 -41.47 22.86
C ASP F 465 14.57 -40.67 22.91
N GLY F 466 14.63 -39.51 23.57
CA GLY F 466 13.44 -38.71 23.87
C GLY F 466 13.20 -37.61 22.86
N VAL F 467 11.94 -37.24 22.66
CA VAL F 467 11.66 -36.13 21.74
C VAL F 467 11.92 -34.80 22.42
N VAL F 468 12.55 -33.89 21.71
CA VAL F 468 13.10 -32.67 22.29
C VAL F 468 12.19 -31.53 21.83
N GLY F 469 12.14 -30.43 22.58
CA GLY F 469 11.14 -29.39 22.31
C GLY F 469 11.42 -28.00 22.67
N VAL F 470 10.37 -27.17 22.79
CA VAL F 470 10.48 -25.78 23.22
C VAL F 470 9.62 -25.60 24.46
N TYR F 471 10.00 -24.66 25.31
CA TYR F 471 9.02 -24.09 26.27
C TYR F 471 9.67 -22.81 26.78
N GLU F 472 8.90 -22.07 27.55
CA GLU F 472 9.28 -20.71 27.97
C GLU F 472 10.68 -20.72 28.59
N CYS F 473 11.46 -19.67 28.33
CA CYS F 473 12.69 -19.43 29.12
C CYS F 473 12.59 -19.43 30.68
N HIS F 474 13.33 -20.34 31.31
CA HIS F 474 13.62 -20.35 32.73
C HIS F 474 15.16 -20.34 32.98
N ASN F 475 15.74 -19.18 32.79
CA ASN F 475 17.21 -18.93 32.70
C ASN F 475 18.07 -19.67 33.75
N ALA F 476 18.16 -20.98 33.54
CA ALA F 476 18.97 -21.90 34.39
C ALA F 476 20.02 -22.68 33.57
N GLY F 477 20.36 -23.90 33.99
CA GLY F 477 20.90 -24.90 33.07
C GLY F 477 19.89 -26.04 32.77
N GLY F 478 20.34 -27.26 33.05
CA GLY F 478 19.47 -28.43 33.09
C GLY F 478 18.62 -28.78 31.88
N ASN F 479 17.47 -28.15 31.82
CA ASN F 479 16.58 -28.42 30.63
C ASN F 479 17.02 -27.60 29.44
N GLN F 480 17.56 -26.39 29.64
CA GLN F 480 17.83 -25.43 28.53
C GLN F 480 19.33 -25.10 28.39
N GLU F 481 20.20 -26.04 28.79
CA GLU F 481 21.61 -25.94 28.56
C GLU F 481 21.96 -26.73 27.32
N TRP F 482 22.65 -26.09 26.39
CA TRP F 482 23.06 -26.67 25.12
C TRP F 482 24.43 -26.16 24.69
N ALA F 483 25.14 -26.94 23.92
CA ALA F 483 26.50 -26.62 23.49
C ALA F 483 26.59 -26.91 22.02
N LEU F 484 27.47 -26.23 21.31
CA LEU F 484 27.74 -26.52 19.90
C LEU F 484 29.22 -26.81 19.81
N THR F 485 29.57 -28.07 19.59
CA THR F 485 30.98 -28.51 19.66
C THR F 485 31.73 -28.31 18.35
N LYS F 486 33.06 -28.35 18.47
CA LYS F 486 33.96 -28.35 17.31
C LYS F 486 33.71 -29.57 16.41
N GLU F 487 33.32 -30.71 17.02
CA GLU F 487 32.88 -31.91 16.30
C GLU F 487 31.55 -31.74 15.52
N LYS F 488 30.97 -30.52 15.56
CA LYS F 488 29.80 -30.14 14.79
C LYS F 488 28.47 -30.67 15.34
N SER F 489 28.42 -30.94 16.64
CA SER F 489 27.23 -31.54 17.25
C SER F 489 26.59 -30.55 18.22
N VAL F 490 25.26 -30.58 18.24
CA VAL F 490 24.48 -29.74 19.14
C VAL F 490 24.14 -30.61 20.32
N LYS F 491 24.86 -30.42 21.42
CA LYS F 491 24.83 -31.29 22.59
C LYS F 491 24.14 -30.70 23.83
N HIS F 492 23.40 -31.53 24.55
CA HIS F 492 23.05 -31.30 25.96
C HIS F 492 23.69 -32.42 26.83
N MET F 493 24.58 -32.05 27.71
CA MET F 493 25.28 -33.01 28.59
C MET F 493 26.09 -34.01 27.73
N ASP F 494 25.78 -35.32 27.77
CA ASP F 494 26.37 -36.33 26.91
C ASP F 494 25.60 -36.66 25.62
N LEU F 495 24.37 -36.12 25.52
CA LEU F 495 23.41 -36.47 24.48
C LEU F 495 23.33 -35.34 23.46
N CYS F 496 23.02 -35.62 22.24
CA CYS F 496 22.94 -34.61 21.16
C CYS F 496 21.73 -34.69 20.32
N LEU F 497 21.42 -33.60 19.64
CA LEU F 497 20.33 -33.52 18.70
C LEU F 497 20.68 -34.46 17.58
N THR F 498 19.74 -35.40 17.37
CA THR F 498 19.89 -36.45 16.41
C THR F 498 18.70 -36.48 15.45
N VAL F 499 19.01 -36.52 14.16
CA VAL F 499 18.01 -36.43 13.09
C VAL F 499 17.52 -37.85 12.74
N VAL F 500 16.44 -38.22 13.40
CA VAL F 500 15.91 -39.58 13.38
C VAL F 500 15.50 -40.21 12.06
N ASP F 501 14.60 -39.59 11.31
CA ASP F 501 14.14 -40.16 10.04
C ASP F 501 14.44 -39.08 8.99
N ARG F 502 15.69 -39.08 8.58
CA ARG F 502 16.39 -37.84 8.11
C ARG F 502 15.81 -37.08 6.88
N ALA F 503 14.65 -36.50 7.10
CA ALA F 503 13.83 -35.94 6.01
C ALA F 503 12.78 -34.92 6.54
N PRO F 504 12.20 -34.11 5.64
CA PRO F 504 11.21 -33.12 6.02
C PRO F 504 10.03 -33.66 6.85
N GLY F 505 9.72 -32.90 7.92
CA GLY F 505 8.69 -33.25 8.85
C GLY F 505 9.16 -33.99 10.10
N SER F 506 10.37 -34.53 10.07
CA SER F 506 10.78 -35.57 11.01
C SER F 506 11.00 -35.05 12.41
N LEU F 507 10.54 -35.86 13.39
CA LEU F 507 10.82 -35.54 14.80
C LEU F 507 12.30 -35.84 15.05
N ILE F 508 12.97 -34.94 15.76
CA ILE F 508 14.34 -35.17 16.14
C ILE F 508 14.35 -35.66 17.56
N LYS F 509 15.31 -36.53 17.86
CA LYS F 509 15.43 -37.21 19.15
C LYS F 509 16.80 -36.90 19.78
N LEU F 510 16.79 -36.98 21.12
CA LEU F 510 17.99 -36.75 21.91
C LEU F 510 18.72 -38.06 22.14
N GLN F 511 19.93 -38.23 21.62
CA GLN F 511 20.62 -39.55 21.60
C GLN F 511 22.11 -39.44 21.85
N GLY F 512 22.73 -40.55 22.16
CA GLY F 512 24.11 -40.57 22.71
C GLY F 512 25.09 -40.04 21.75
N CYS F 513 25.94 -39.07 22.13
CA CYS F 513 26.88 -38.49 21.16
C CYS F 513 28.11 -39.35 21.05
N ARG F 514 28.41 -39.83 19.86
CA ARG F 514 29.79 -40.33 19.56
C ARG F 514 30.53 -39.53 18.46
N GLU F 515 29.86 -38.52 17.95
CA GLU F 515 30.52 -37.45 17.13
C GLU F 515 31.00 -37.90 15.74
N ASN F 516 30.64 -39.13 15.37
CA ASN F 516 30.99 -39.74 14.07
C ASN F 516 29.81 -40.15 13.20
N ASP F 517 28.61 -39.67 13.50
CA ASP F 517 27.29 -40.12 12.97
C ASP F 517 26.69 -38.94 12.19
N SER F 518 26.39 -39.08 10.89
CA SER F 518 25.93 -38.00 10.06
C SER F 518 24.65 -37.26 10.57
N ARG F 519 23.81 -38.04 11.29
CA ARG F 519 22.51 -37.50 11.73
C ARG F 519 22.64 -36.58 12.94
N GLN F 520 23.78 -36.67 13.65
CA GLN F 520 24.07 -35.83 14.83
C GLN F 520 24.95 -34.60 14.53
N LYS F 521 25.24 -34.38 13.23
CA LYS F 521 26.17 -33.34 12.80
C LYS F 521 25.36 -32.15 12.24
N TRP F 522 25.64 -30.97 12.80
CA TRP F 522 24.92 -29.73 12.45
C TRP F 522 25.92 -28.60 12.11
N GLU F 523 25.44 -27.65 11.33
CA GLU F 523 26.20 -26.45 10.95
C GLU F 523 25.33 -25.21 11.12
N GLN F 524 25.97 -24.15 11.58
CA GLN F 524 25.28 -22.86 11.93
C GLN F 524 25.39 -21.96 10.70
N ILE F 525 24.26 -21.39 10.27
CA ILE F 525 24.25 -20.60 9.04
C ILE F 525 23.62 -19.21 9.25
N GLU F 526 23.84 -18.38 8.23
CA GLU F 526 23.21 -17.09 8.09
C GLU F 526 23.36 -16.26 9.34
N GLY F 527 24.63 -15.98 9.61
CA GLY F 527 25.03 -15.08 10.72
C GLY F 527 24.71 -15.63 12.08
N ASN F 528 24.97 -16.94 12.30
CA ASN F 528 24.70 -17.63 13.57
C ASN F 528 23.22 -17.66 14.02
N SER F 529 22.29 -17.42 13.09
CA SER F 529 20.88 -17.28 13.39
C SER F 529 20.10 -18.55 13.10
N LYS F 530 20.56 -19.38 12.20
CA LYS F 530 19.92 -20.65 11.87
C LYS F 530 20.80 -21.81 12.22
N LEU F 531 20.25 -23.00 12.11
CA LEU F 531 20.95 -24.24 12.51
C LEU F 531 20.58 -25.34 11.51
N ARG F 532 21.49 -25.61 10.60
CA ARG F 532 21.23 -26.52 9.47
C ARG F 532 21.84 -27.87 9.70
N HIS F 533 21.12 -28.92 9.31
CA HIS F 533 21.63 -30.31 9.31
C HIS F 533 22.60 -30.42 8.13
N VAL F 534 23.81 -30.88 8.43
CA VAL F 534 24.91 -30.80 7.46
C VAL F 534 24.67 -31.74 6.30
N GLY F 535 25.13 -31.34 5.10
CA GLY F 535 24.94 -32.15 3.89
C GLY F 535 23.49 -32.28 3.49
N SER F 536 22.74 -31.21 3.70
CA SER F 536 21.29 -31.22 3.55
C SER F 536 20.74 -29.80 3.33
N ASN F 537 19.48 -29.73 2.95
CA ASN F 537 18.71 -28.46 2.94
C ASN F 537 17.64 -28.54 4.01
N LEU F 538 18.04 -29.03 5.18
CA LEU F 538 17.20 -29.20 6.35
C LEU F 538 17.74 -28.39 7.55
N CYS F 539 16.83 -27.62 8.13
CA CYS F 539 17.11 -26.70 9.23
C CYS F 539 16.17 -26.98 10.41
N LEU F 540 16.70 -26.78 11.61
CA LEU F 540 15.93 -26.95 12.83
C LEU F 540 14.77 -25.99 12.86
N ASP F 541 13.58 -26.49 13.20
CA ASP F 541 12.34 -25.74 13.00
C ASP F 541 11.34 -26.00 14.13
N SER F 542 10.74 -24.96 14.65
CA SER F 542 9.69 -25.09 15.72
C SER F 542 8.34 -25.60 15.22
N ARG F 543 7.95 -25.13 14.04
CA ARG F 543 6.57 -25.30 13.51
C ARG F 543 5.41 -25.86 14.38
N THR F 544 5.53 -27.12 14.84
CA THR F 544 4.67 -27.69 15.85
C THR F 544 5.55 -28.55 16.82
N ALA F 545 6.38 -27.82 17.49
CA ALA F 545 7.28 -28.35 18.55
C ALA F 545 6.45 -28.62 19.80
N LYS F 546 5.52 -27.75 20.12
CA LYS F 546 4.56 -27.99 21.24
C LYS F 546 3.57 -29.10 20.92
N SER F 547 3.31 -29.36 19.63
CA SER F 547 2.40 -30.36 19.13
C SER F 547 3.15 -31.48 18.33
N GLY F 548 3.91 -32.27 19.05
CA GLY F 548 4.46 -33.54 18.49
C GLY F 548 5.93 -33.52 18.20
N GLY F 549 6.70 -33.19 19.22
CA GLY F 549 8.18 -33.01 19.13
C GLY F 549 8.87 -31.65 18.93
N LEU F 550 9.72 -31.62 17.94
CA LEU F 550 10.30 -30.42 17.31
C LEU F 550 11.13 -30.92 16.13
N SER F 551 11.10 -30.22 15.00
CA SER F 551 11.31 -30.99 13.72
C SER F 551 12.42 -30.46 12.89
N VAL F 552 12.95 -31.32 12.03
CA VAL F 552 13.82 -30.84 10.92
C VAL F 552 12.89 -30.64 9.72
N GLU F 553 12.97 -29.47 9.10
CA GLU F 553 12.13 -29.07 7.96
C GLU F 553 13.03 -28.40 6.93
N VAL F 554 12.46 -28.02 5.79
CA VAL F 554 13.26 -27.49 4.66
C VAL F 554 13.67 -26.06 4.98
N CYS F 555 14.93 -25.71 4.80
CA CYS F 555 15.47 -24.40 5.15
C CYS F 555 14.97 -23.15 4.40
N GLY F 556 13.70 -22.86 4.54
CA GLY F 556 13.04 -21.73 3.92
C GLY F 556 13.20 -20.49 4.79
N PRO F 557 12.77 -19.30 4.28
CA PRO F 557 12.80 -18.06 5.08
C PRO F 557 11.80 -18.04 6.28
N ALA F 558 11.75 -19.10 7.07
CA ALA F 558 10.72 -19.29 8.08
C ALA F 558 11.16 -18.57 9.34
N LEU F 559 10.19 -17.98 10.03
CA LEU F 559 10.38 -17.39 11.37
C LEU F 559 10.62 -18.46 12.46
N SER F 560 10.13 -19.69 12.20
CA SER F 560 10.26 -20.81 13.12
C SER F 560 11.70 -21.38 13.21
N GLN F 561 12.52 -21.11 12.15
CA GLN F 561 13.83 -21.66 12.00
C GLN F 561 14.95 -20.77 12.55
N GLN F 562 14.58 -19.67 13.22
CA GLN F 562 15.59 -18.73 13.72
C GLN F 562 15.97 -19.09 15.17
N TRP F 563 17.25 -19.37 15.38
CA TRP F 563 17.79 -19.78 16.66
C TRP F 563 19.06 -19.05 17.02
N LYS F 564 19.03 -18.40 18.19
CA LYS F 564 20.20 -17.65 18.66
C LYS F 564 20.75 -18.36 19.91
N PHE F 565 22.02 -18.80 19.78
CA PHE F 565 22.78 -19.25 20.93
C PHE F 565 23.15 -18.07 21.81
N THR F 566 22.95 -18.21 23.12
CA THR F 566 23.04 -17.05 24.05
C THR F 566 24.51 -16.85 24.47
N LEU F 567 25.46 -16.98 23.58
CA LEU F 567 26.86 -17.15 23.82
C LEU F 567 27.41 -17.84 22.59
N ASN F 568 27.97 -17.06 21.69
CA ASN F 568 28.60 -17.57 20.45
C ASN F 568 30.06 -17.09 20.49
N LEU F 569 31.02 -18.00 20.26
CA LEU F 569 32.45 -17.65 20.41
C LEU F 569 32.98 -16.76 19.27
MN MN G . -14.08 15.47 -41.37
O4 LR7 H . -20.23 23.81 -37.49
C4 LR7 H . -19.72 23.16 -38.40
N3 LR7 H . -19.94 23.52 -39.71
C2 LR7 H . -19.45 22.91 -40.83
O2 LR7 H . -19.67 23.34 -41.94
C5 LR7 H . -18.89 22.00 -38.22
C6 LR7 H . -18.42 21.37 -39.30
N1 LR7 H . -18.66 21.80 -40.58
C1B LR7 H . -18.11 21.06 -41.75
C2B LR7 H . -16.59 20.85 -41.69
O2' LR7 H . -15.89 21.84 -42.42
C3B LR7 H . -16.44 19.45 -42.30
O3B LR7 H . -16.30 19.49 -43.71
O4B LR7 H . -18.73 19.79 -41.78
C4B LR7 H . -17.75 18.73 -41.93
C5B LR7 H . -17.75 17.84 -40.70
O5B LR7 H . -16.84 18.32 -39.66
PA LR7 H . -15.43 17.59 -39.36
O1A LR7 H . -14.96 16.89 -40.60
O2A LR7 H . -14.52 18.54 -38.67
O3A LR7 H . -15.78 16.45 -38.28
PB LR7 H . -15.26 14.94 -38.20
O1B LR7 H . -14.12 14.75 -39.14
O2B LR7 H . -14.90 14.78 -36.76
O1' LR7 H . -16.63 14.15 -38.64
C1' LR7 H . -17.40 12.93 -38.40
O5' LR7 H . -18.54 12.99 -37.54
C5' LR7 H . -19.40 14.10 -37.86
C6' LR7 H . -20.41 14.16 -36.74
O6' LR7 H . -21.47 14.99 -37.10
C4' LR7 H . -20.08 13.86 -39.19
O4' LR7 H . -20.95 12.74 -39.08
C3' LR7 H . -18.98 13.67 -40.21
O3' LR7 H . -19.59 13.42 -41.45
C2' LR7 H . -18.02 12.56 -39.75
N2' LR7 H . -16.94 12.28 -40.67
C7' LR7 H . -16.75 11.12 -41.29
O7' LR7 H . -17.57 10.21 -41.23
C8' LR7 H . -15.49 11.00 -42.11
C40 LR7 H . -15.65 10.14 -43.35
C41 LR7 H . -15.30 10.85 -44.65
C42 LR7 H . -14.91 9.88 -45.70
C43 LR7 H . -14.68 9.07 -46.51
MN MN I . -5.58 23.00 3.67
O4 LR7 J . -13.02 30.25 -0.10
C4 LR7 J . -12.32 29.72 0.74
N3 LR7 J . -12.56 30.00 2.08
C2 LR7 J . -11.88 29.51 3.17
O2 LR7 J . -12.15 29.81 4.33
C5 LR7 J . -11.23 28.82 0.49
C6 LR7 J . -10.53 28.33 1.53
N1 LR7 J . -10.85 28.64 2.84
C1B LR7 J . -10.03 28.09 3.91
C2B LR7 J . -10.21 26.58 4.07
O2' LR7 J . -10.95 26.32 5.23
C3B LR7 J . -8.78 26.09 4.28
O3B LR7 J . -8.49 26.03 5.67
O4B LR7 J . -8.71 28.35 3.52
C4B LR7 J . -7.87 27.19 3.71
C5B LR7 J . -7.17 26.86 2.42
O5B LR7 J . -6.65 25.54 2.53
PA LR7 J . -7.17 24.37 1.59
O1A LR7 J . -7.05 23.09 2.35
O2A LR7 J . -8.50 24.71 0.99
O3A LR7 J . -6.03 24.42 0.48
PB LR7 J . -4.73 23.51 0.29
O1B LR7 J . -4.47 23.36 -1.17
O2B LR7 J . -4.96 22.26 1.08
O1' LR7 J . -3.57 24.39 0.96
C1' LR7 J . -2.17 24.70 0.90
O5' LR7 J . -1.74 25.84 0.14
C5' LR7 J . -2.60 26.99 0.30
C6' LR7 J . -1.88 27.97 -0.60
O6' LR7 J . -1.32 27.34 -1.75
C4' LR7 J . -2.56 27.57 1.70
O4' LR7 J . -1.37 28.28 2.04
C3' LR7 J . -2.89 26.40 2.59
O3' LR7 J . -2.90 26.78 3.95
C2' LR7 J . -1.92 25.23 2.30
N2' LR7 J . -1.77 24.21 3.31
C7' LR7 J . -0.75 24.21 4.18
O7' LR7 J . 0.14 25.06 4.17
C8' LR7 J . -0.78 23.10 5.18
C40 LR7 J . 0.59 22.67 5.64
C41 LR7 J . 1.07 23.46 6.85
C42 LR7 J . 0.44 22.98 8.09
C43 LR7 J . -0.09 22.58 9.06
MN MN K . -9.51 -37.61 -14.98
O4 LR7 L . -2.68 -46.08 -17.91
C4 LR7 L . -3.74 -45.52 -17.59
N3 LR7 L . -4.89 -46.26 -17.41
C2 LR7 L . -6.13 -45.80 -17.04
O2 LR7 L . -7.09 -46.54 -16.93
C5 LR7 L . -3.89 -44.12 -17.36
C6 LR7 L . -5.09 -43.63 -16.99
N1 LR7 L . -6.19 -44.43 -16.82
C1B LR7 L . -7.51 -43.89 -16.44
C2B LR7 L . -7.49 -42.95 -15.23
O2' LR7 L . -7.38 -43.65 -14.01
C3B LR7 L . -8.86 -42.31 -15.44
O3B LR7 L . -9.98 -43.14 -15.15
O4B LR7 L . -7.98 -43.08 -17.50
C4B LR7 L . -8.84 -42.03 -16.95
C5B LR7 L . -8.34 -40.67 -17.39
O5B LR7 L . -7.01 -40.39 -16.85
PA LR7 L . -6.80 -39.08 -15.91
O1A LR7 L . -5.45 -39.15 -15.27
O2A LR7 L . -7.98 -38.92 -15.00
O3A LR7 L . -6.77 -37.87 -16.96
PB LR7 L . -7.41 -36.40 -17.09
O1B LR7 L . -6.39 -35.45 -17.62
O2B LR7 L . -8.09 -36.10 -15.80
O1' LR7 L . -8.51 -36.71 -18.23
C1' LR7 L . -9.00 -36.08 -19.40
O5' LR7 L . -8.35 -36.34 -20.64
C5' LR7 L . -8.09 -37.75 -20.85
C6' LR7 L . -7.31 -37.80 -22.14
O6' LR7 L . -7.15 -39.14 -22.58
C4' LR7 L . -9.41 -38.49 -21.02
O4' LR7 L . -10.07 -38.09 -22.21
C3' LR7 L . -10.24 -38.22 -19.78
O3' LR7 L . -11.48 -38.89 -19.85
C2' LR7 L . -10.38 -36.69 -19.58
N2' LR7 L . -11.29 -36.29 -18.52
C7' LR7 L . -12.49 -35.74 -18.75
O7' LR7 L . -12.95 -35.65 -19.88
C8' LR7 L . -13.23 -35.25 -17.55
C40 LR7 L . -14.69 -35.67 -17.54
C41 LR7 L . -15.23 -35.61 -16.14
C42 LR7 L . -16.69 -35.86 -15.98
C43 LR7 L . -17.85 -35.99 -15.86
MN MN M . 46.98 9.01 -19.25
O4 LR7 N . 55.68 2.09 -15.16
C4 LR7 N . 55.13 3.13 -15.56
N3 LR7 N . 53.79 3.11 -15.88
C2 LR7 N . 53.05 4.17 -16.33
O2 LR7 N . 51.86 4.05 -16.57
C5 LR7 N . 55.77 4.39 -15.74
C6 LR7 N . 55.07 5.44 -16.18
N1 LR7 N . 53.74 5.35 -16.51
C1B LR7 N . 53.02 6.56 -16.96
C2B LR7 N . 52.22 6.47 -18.25
O2' LR7 N . 53.07 6.70 -19.36
C3B LR7 N . 51.26 7.64 -18.05
O3B LR7 N . 51.85 8.81 -18.57
O4B LR7 N . 52.09 6.86 -15.96
C4B LR7 N . 51.11 7.75 -16.52
C5B LR7 N . 49.78 7.40 -15.90
O5B LR7 N . 48.74 7.72 -16.82
PA LR7 N . 48.10 6.55 -17.70
O1A LR7 N . 49.00 5.36 -17.63
O2A LR7 N . 47.82 7.12 -19.04
O3A LR7 N . 46.70 6.33 -16.92
PB LR7 N . 45.41 7.29 -16.91
O1B LR7 N . 44.29 6.44 -16.41
O2B LR7 N . 45.29 7.84 -18.28
O1' LR7 N . 45.70 8.54 -15.85
C1' LR7 N . 45.72 8.12 -14.48
O5' LR7 N . 46.77 7.87 -13.57
C5' LR7 N . 46.87 8.99 -12.65
C6' LR7 N . 48.25 9.08 -12.13
O6' LR7 N . 49.05 9.51 -13.23
C4' LR7 N . 45.64 8.91 -11.75
O4' LR7 N . 45.67 7.57 -11.27
C3' LR7 N . 44.37 9.15 -12.56
O3' LR7 N . 43.20 8.81 -11.82
C2' LR7 N . 44.39 8.23 -13.76
N2' LR7 N . 44.17 9.42 -14.61
C7' LR7 N . 45.11 10.39 -14.90
O7' LR7 N . 46.33 10.24 -14.75
C8' LR7 N . 44.61 11.74 -15.46
C40 LR7 N . 45.29 12.10 -16.83
C41 LR7 N . 44.99 13.52 -17.36
C42 LR7 N . 43.54 13.75 -17.22
C43 LR7 N . 42.41 13.90 -16.86
MN MN O . -41.19 5.75 41.60
O4 LR7 P . -47.82 12.86 36.77
C4 LR7 P . -46.74 12.49 37.22
N3 LR7 P . -45.69 13.38 37.29
C2 LR7 P . -44.42 13.13 37.76
O2 LR7 P . -43.55 13.99 37.77
C5 LR7 P . -46.44 11.17 37.70
C6 LR7 P . -45.22 10.90 38.16
N1 LR7 P . -44.21 11.84 38.20
C1B LR7 P . -42.88 11.51 38.72
C2B LR7 P . -42.90 10.97 40.16
O2' LR7 P . -42.96 12.00 41.13
C3B LR7 P . -41.59 10.19 40.12
O3B LR7 P . -40.42 11.01 40.11
O4B LR7 P . -42.32 10.49 37.91
C4B LR7 P . -41.72 9.47 38.76
C5B LR7 P . -42.55 8.21 38.74
O5B LR7 P . -42.91 7.80 40.09
PA LR7 P . -44.27 7.02 40.43
O1A LR7 P . -45.46 7.75 39.84
O2A LR7 P . -44.26 6.63 41.86
O3A LR7 P . -44.07 5.68 39.59
PB LR7 P . -43.35 4.30 39.94
O1B LR7 P . -44.15 3.68 41.03
O2B LR7 P . -41.93 4.60 40.30
O1' LR7 P . -43.58 3.63 38.46
C1' LR7 P . -42.72 2.96 37.52
O5' LR7 P . -43.15 2.75 36.18
C5' LR7 P . -43.56 3.91 35.43
C6' LR7 P . -44.00 3.18 34.20
O6' LR7 P . -43.29 1.90 34.25
C4' LR7 P . -42.36 4.82 35.16
O4' LR7 P . -41.39 4.23 34.30
C3' LR7 P . -41.74 5.13 36.50
O3' LR7 P . -40.52 5.84 36.37
C2' LR7 P . -41.45 3.79 37.20
N2' LR7 P . -40.41 3.72 38.20
C7' LR7 P . -39.51 2.72 38.20
O7' LR7 P . -39.30 2.02 37.22
C8' LR7 P . -38.79 2.49 39.51
C40 LR7 P . -37.30 2.38 39.37
C41 LR7 P . -36.63 2.79 40.66
C42 LR7 P . -35.15 2.71 40.69
C43 LR7 P . -33.98 2.81 40.75
MN MN Q . 24.37 3.05 44.64
O4 LR7 R . 32.44 9.30 38.93
C4 LR7 R . 31.76 8.79 39.81
N3 LR7 R . 32.07 9.02 41.14
C2 LR7 R . 31.42 8.55 42.24
O2 LR7 R . 31.78 8.82 43.38
C5 LR7 R . 30.62 7.94 39.61
C6 LR7 R . 29.96 7.45 40.68
N1 LR7 R . 30.31 7.75 41.96
C1B LR7 R . 29.62 7.16 43.11
C2B LR7 R . 28.17 7.58 43.29
O2' LR7 R . 28.12 8.88 43.83
C3B LR7 R . 27.71 6.47 44.25
O3B LR7 R . 28.01 6.76 45.60
O4B LR7 R . 29.57 5.77 42.93
C4B LR7 R . 28.54 5.25 43.82
C5B LR7 R . 27.80 4.15 43.09
O5B LR7 R . 27.15 4.70 41.94
PA LR7 R . 25.70 4.10 41.59
O1A LR7 R . 25.18 4.79 40.37
O2A LR7 R . 24.83 4.16 42.80
O3A LR7 R . 26.00 2.54 41.26
PB LR7 R . 25.15 1.27 41.75
O1B LR7 R . 23.86 1.28 40.99
O2B LR7 R . 24.97 1.47 43.23
O1' LR7 R . 26.04 -0.06 41.43
C1' LR7 R . 26.56 -1.19 42.17
O5' LR7 R . 27.75 -1.72 41.59
C5' LR7 R . 28.74 -0.71 41.35
C6' LR7 R . 29.83 -1.41 40.55
O6' LR7 R . 30.73 -0.47 40.01
C4' LR7 R . 29.28 -0.16 42.67
O4' LR7 R . 30.03 -1.10 43.43
C3' LR7 R . 28.08 0.38 43.45
O3' LR7 R . 28.50 0.89 44.70
C2' LR7 R . 27.04 -0.74 43.56
N2' LR7 R . 26.00 -0.63 44.58
C7' LR7 R . 25.88 -1.46 45.62
O7' LR7 R . 26.72 -2.34 45.90
C8' LR7 R . 24.65 -1.25 46.47
C40 LR7 R . 24.76 -1.76 47.89
C41 LR7 R . 25.28 -0.72 48.87
C42 LR7 R . 24.76 -1.03 50.23
C43 LR7 R . 24.36 -1.30 51.29
#